data_5NMI
#
_entry.id   5NMI
#
_cell.length_a   129.477
_cell.length_b   129.477
_cell.length_c   720.294
_cell.angle_alpha   90.00
_cell.angle_beta   90.00
_cell.angle_gamma   120.00
#
_symmetry.space_group_name_H-M   'P 65'
#
loop_
_entity.id
_entity.type
_entity.pdbx_description
1 polymer 'Cytochrome b-c1 complex subunit 1, mitochondrial'
2 polymer 'Cytochrome b-c1 complex subunit 2, mitochondrial'
3 polymer 'Cytochrome b'
4 polymer 'Cytochrome c1, heme protein, mitochondrial'
5 polymer 'Cytochrome b-c1 complex subunit Rieske, mitochondrial'
6 polymer 'Cytochrome b-c1 complex subunit 7'
7 polymer 'Cytochrome b-c1 complex subunit 8'
8 polymer 'Cytochrome b-c1 complex subunit 6, mitochondrial'
9 polymer 'Cytochrome b-c1 complex subunit 9'
10 polymer ARG-ASN-TRP-VAL-PRO-THR-ALA-GLN-LEU-TRP-GLY-ALA-VAL-GLY-ALA-VAL-GLY-LEU-VAL-SER-ALA-THR
11 non-polymer 'PROTOPORPHYRIN IX CONTAINING FE'
12 non-polymer (4aS)-2-methyl-3-(4-phenoxyphenyl)-5,6,7,8-tetrahydroquinolin-4(4aH)-one
13 non-polymer 1,2-dioleoyl-sn-glycero-3-phosphoethanolamine
14 non-polymer CARDIOLIPIN
15 non-polymer 'HEME C'
16 non-polymer 'FE2/S2 (INORGANIC) CLUSTER'
#
loop_
_entity_poly.entity_id
_entity_poly.type
_entity_poly.pdbx_seq_one_letter_code
_entity_poly.pdbx_strand_id
1 'polypeptide(L)'
;ATYAQALQSVPETQVSQLDNGLRVASEQSSQPTCTVGVWIDAGSRYESEKNNGAGYFVEHLAFKGTKNRPGNALEKEVES
MGAHLNAYSTREHTAYYIKALSKDLPKAVELLADIVQNCSLEDSQIEKERDVILQELQENDTSMRDVVFNYLHATAFQGT
PLAQSVEGPSENVRKLSRADLTEYLSRHYKAPRMVLAAAGGLEHRQLLDLAQKHFSGLSGTYDEDAVPTLSPCRFTGSQI
CHREDGLPLAHVAIAVEGPGWAHPDNVALQVANAIIGHYDCTYGGGAHLSSPLASIAATNKLCQSFQTFNICYADTGLLG
AHFVCDHMSIDDMMFVLQGQWMRLCTSATESEVLRGKNLLRNALVSHLDGTTPVCEDIGRSLLTYGRRIPLAEWESRIAE
VDARVVREVCSKYFYDQCPAVAGFGPIEQLPDYNRIRSGMFWLR
;
A,N
2 'polypeptide(L)'
;VPPHPQDLEFTRLPNGLVIASLENYAPASRIGLFIKAGSRYENSNNLGTSHLLRLASSLTTKGASSFKITRGIEAVGGKL
SVTSTRENMAYTVECLRDDVDILMEFLLNVTTAPEFRRWEVAALQPQLRIDKAVALQNPQAHVIENLHAAAYRNALANSL
YCPDYRIGKVTPVELHDYVQNHFTSARMALIGLGVSHPVLKQVAEQFLNIRGGLGLSGAKAKYHGGEIREQNGDSLVHAA
LVAESAAIGSAEANAFSVLQHVLGAGPHVKRGSNATSSLYQAVAKGVHQPFDVSAFNASYSDSGLFGFYTISQAASAGDV
IKAAYNQVKTIAQGNLSNPDVQAAKNKLKAGYLMSVESSEGFLDEVGSQALAAGSYTPPSTVLQQIDAVADADVINAAKK
FVSGRKSMAASGNLGHTPFIDEL
;
B,O
3 'polypeptide(L)'
;HPLMKIVNNAFIDLPAPSNISSWWNFGSLLGICLILQILTGLFLAMHYTSDTTTAFSSVTHICRDVNYGWIIRYMHANGA
SMFFICLYMHVGRGLYYGSYTFLETWNIGVILLLTVMATAFMGYVLPWGQMSFWGATVITNLLSAIPYIGTNLVEWIWGG
FSVDKATLTRFFAFHFILPFIIMAIAMVHLLFLHETGSNNPTGISSDVDKIPFHPYYTIKDILGALLLILALMLLVLFAP
DLLGDPDNYTPANPLNTPPHIKPEWYFLFAYAILRSIPNKLGGVLALAFSILILALIPLLHTSKQRSMMFRPLSQCLFWA
LVADLLTLTWIGGQPVEHPYITIGQLASVLYFLLILVLMPTAGTIENKLLKW
;
C,P
4 'polypeptide(L)'
;DLELHPPSYPWSHRGLLSSLDHTSIRRGFQVYKQVCSSCHSMDYVAYRHLVGVCYTEDEAKALAEEVEVQDGPNEDGEMF
MRPGKLSDYFPKPYPNPEAARAANNGALPPDLSYIVRARHGGEDYVFSLLTGYCEPPTGVSLREGLYFNPYFPGQAIGMA
PPIYNEVLEFDDGTPATMSQVAKDVCTFLRWAAEPEHDHRKRMGLKMLLMMGLLLPLVYAMKRHKWSVLKSRKLAYRPPK
;
D,Q
5 'polypeptide(L)'
;MLSVAARSGPFAPVLSATSRGVAGALRPLVQAAVPATSESPVLDLKRSVLCRESLRGQAAGRPLVASVSLNVPASVRYSH
TDIKVPDFSDYRRPEVLDSTKSSKESSEARKGFSYLVTATTTVGVAYAAKNVVSQFVSSMSASADVLAMSKIEIKLSDIP
EGKNMAFKWRGKPLFVRHRTKKEIDQEAAVEVSQLRDPQHDLERVKKPEWVILIGVCTHLGCVPIANAGDFGGYYCPCHG
SHYDASGRIRKGPAPLNLEVPSYEFTSDDMVIVG
;
E,I,R,V
6 'polypeptide(L)'
;MAGRPAVSASSRWLEGIRKWYYNAAGFNKLGLMRDDTIHENDDVKEAIRRLPENLYNDRVFRIKRALDLSMRQQILPKEQ
WTKYEEDKSYLEPYLKEVIRERKEREEWAKK
;
F,S
7 'polypeptide(L)'
;MGRQFGHLTRVRHVITYSLSPFEQRAFPHYFSKGIPNVLRRTRACILRVAPPFVAFYLVYTWGTQEFEKSKRKNPAAYEN
DR
;
G,T
8 'polypeptide(L)'
;MGLEDEQRMLTGSGDPKEEEEEEEELVDPLTTVREQCEQLEKCVKARERLELCDERVSSRSQTEEDCTEELLDFLHARDH
CVAHKLFNSLK
;
H,U
9 'polypeptide(L)' MVAPTLTARLYSLLFRRTSTFALTIVVGALFFERAFDQGADAIYEHINEGKLWKHIKHKYENKE J,W
10 'polypeptide(L)' RNWVPTAQLWGAVGAVGLVSAT K,X
#
# COMPACT_ATOMS: atom_id res chain seq x y z
N ALA A 1 -39.69 -9.07 48.77
CA ALA A 1 -40.40 -8.80 47.47
C ALA A 1 -39.45 -8.89 46.28
N THR A 2 -40.00 -9.18 45.11
CA THR A 2 -39.23 -9.28 43.85
C THR A 2 -39.78 -8.34 42.78
N TYR A 3 -39.02 -8.22 41.69
CA TYR A 3 -39.38 -7.40 40.52
C TYR A 3 -40.77 -7.75 39.96
N ALA A 4 -41.05 -9.05 39.83
CA ALA A 4 -42.36 -9.53 39.35
C ALA A 4 -43.53 -9.13 40.26
N GLN A 5 -43.27 -9.06 41.57
CA GLN A 5 -44.28 -8.63 42.56
C GLN A 5 -44.47 -7.12 42.50
N ALA A 6 -43.36 -6.39 42.45
CA ALA A 6 -43.37 -4.93 42.35
C ALA A 6 -44.20 -4.42 41.16
N LEU A 7 -44.05 -5.08 40.01
CA LEU A 7 -44.85 -4.77 38.84
C LEU A 7 -46.35 -4.92 39.10
N GLN A 8 -46.72 -6.00 39.79
CA GLN A 8 -48.11 -6.27 40.15
C GLN A 8 -48.65 -5.28 41.18
N SER A 9 -47.82 -4.90 42.16
CA SER A 9 -48.22 -3.97 43.22
C SER A 9 -48.20 -2.49 42.80
N VAL A 10 -47.68 -2.17 41.61
CA VAL A 10 -47.69 -0.79 41.09
C VAL A 10 -49.14 -0.27 40.97
N PRO A 11 -49.37 1.03 41.29
CA PRO A 11 -50.71 1.64 41.18
C PRO A 11 -51.35 1.48 39.80
N GLU A 12 -52.56 0.94 39.77
CA GLU A 12 -53.28 0.69 38.52
C GLU A 12 -53.90 1.97 37.98
N THR A 13 -53.58 2.29 36.73
CA THR A 13 -54.12 3.47 36.05
C THR A 13 -55.62 3.31 35.81
N GLN A 14 -56.36 4.41 35.90
CA GLN A 14 -57.82 4.39 35.76
C GLN A 14 -58.30 5.48 34.79
N VAL A 15 -59.31 5.12 34.00
CA VAL A 15 -59.79 5.95 32.90
C VAL A 15 -61.32 6.08 32.96
N SER A 16 -61.82 7.31 32.79
CA SER A 16 -63.24 7.57 32.63
C SER A 16 -63.47 8.39 31.36
N GLN A 17 -64.71 8.41 30.89
CA GLN A 17 -65.06 9.09 29.64
C GLN A 17 -66.28 9.99 29.80
N LEU A 18 -66.16 11.23 29.36
CA LEU A 18 -67.29 12.18 29.39
C LEU A 18 -68.27 11.87 28.25
N ASP A 19 -69.51 12.35 28.41
CA ASP A 19 -70.55 12.17 27.40
C ASP A 19 -70.22 12.88 26.08
N ASN A 20 -69.55 14.03 26.17
CA ASN A 20 -69.16 14.80 24.97
C ASN A 20 -68.00 14.19 24.17
N GLY A 21 -67.31 13.19 24.73
CA GLY A 21 -66.32 12.41 23.99
C GLY A 21 -64.95 12.27 24.63
N LEU A 22 -64.60 13.22 25.50
CA LEU A 22 -63.26 13.28 26.11
C LEU A 22 -62.98 12.07 27.00
N ARG A 23 -61.78 11.50 26.83
CA ARG A 23 -61.26 10.48 27.75
C ARG A 23 -60.45 11.18 28.85
N VAL A 24 -60.62 10.71 30.08
CA VAL A 24 -59.98 11.29 31.26
C VAL A 24 -59.28 10.17 32.03
N ALA A 25 -57.96 10.28 32.20
CA ALA A 25 -57.15 9.22 32.80
C ALA A 25 -56.27 9.74 33.93
N SER A 26 -55.92 8.85 34.86
CA SER A 26 -55.21 9.22 36.08
C SER A 26 -54.36 8.09 36.69
N GLU A 27 -53.24 8.47 37.29
CA GLU A 27 -52.35 7.56 38.03
C GLU A 27 -52.11 8.16 39.41
N GLN A 28 -52.63 7.50 40.45
CA GLN A 28 -52.53 8.02 41.82
C GLN A 28 -51.26 7.54 42.52
N SER A 29 -50.66 8.43 43.29
CA SER A 29 -49.46 8.15 44.10
C SER A 29 -49.53 8.91 45.43
N SER A 30 -48.48 8.82 46.24
CA SER A 30 -48.39 9.54 47.51
C SER A 30 -47.62 10.86 47.43
N GLN A 31 -46.97 11.10 46.29
CA GLN A 31 -46.21 12.33 46.09
C GLN A 31 -47.13 13.55 46.21
N PRO A 32 -46.55 14.71 46.55
CA PRO A 32 -47.34 15.96 46.69
C PRO A 32 -47.48 16.84 45.45
N THR A 33 -46.50 16.83 44.54
CA THR A 33 -46.62 17.49 43.25
C THR A 33 -47.24 16.52 42.26
N CYS A 34 -47.64 17.03 41.09
CA CYS A 34 -48.30 16.22 40.08
C CYS A 34 -48.13 16.84 38.70
N THR A 35 -48.31 16.02 37.66
CA THR A 35 -48.39 16.52 36.29
C THR A 35 -49.78 16.21 35.76
N VAL A 36 -50.37 17.18 35.07
CA VAL A 36 -51.69 17.05 34.47
C VAL A 36 -51.65 17.76 33.11
N GLY A 37 -52.31 17.18 32.11
CA GLY A 37 -52.25 17.71 30.76
C GLY A 37 -53.26 17.18 29.79
N VAL A 38 -53.14 17.66 28.55
CA VAL A 38 -54.05 17.36 27.47
C VAL A 38 -53.26 16.84 26.28
N TRP A 39 -53.62 15.64 25.81
CA TRP A 39 -52.98 15.03 24.63
C TRP A 39 -54.00 14.95 23.49
N ILE A 40 -53.52 15.26 22.27
CA ILE A 40 -54.37 15.45 21.10
C ILE A 40 -53.81 14.68 19.92
N ASP A 41 -54.67 13.94 19.21
CA ASP A 41 -54.28 13.33 17.92
C ASP A 41 -54.26 14.42 16.83
N ALA A 42 -53.16 15.17 16.83
CA ALA A 42 -52.98 16.30 15.91
C ALA A 42 -51.49 16.53 15.67
N GLY A 43 -51.16 17.01 14.47
CA GLY A 43 -49.77 17.24 14.09
C GLY A 43 -49.54 17.28 12.59
N SER A 44 -48.32 16.95 12.18
CA SER A 44 -47.90 17.05 10.77
C SER A 44 -48.60 16.06 9.84
N ARG A 45 -48.83 14.83 10.32
CA ARG A 45 -49.49 13.80 9.52
C ARG A 45 -50.94 14.18 9.18
N TYR A 46 -51.61 14.89 10.10
CA TYR A 46 -52.96 15.39 9.86
C TYR A 46 -52.97 16.65 8.98
N GLU A 47 -51.90 17.45 9.05
CA GLU A 47 -51.73 18.63 8.19
C GLU A 47 -51.62 18.27 6.70
N SER A 48 -51.83 19.28 5.86
CA SER A 48 -51.79 19.11 4.40
C SER A 48 -50.82 20.12 3.79
N GLU A 49 -50.69 20.05 2.46
CA GLU A 49 -49.70 20.86 1.73
C GLU A 49 -49.99 22.36 1.78
N LYS A 50 -51.26 22.71 1.96
CA LYS A 50 -51.69 24.10 2.19
C LYS A 50 -51.27 24.56 3.59
N ASN A 51 -51.75 23.86 4.61
CA ASN A 51 -51.64 24.30 6.01
C ASN A 51 -50.56 23.58 6.84
N ASN A 52 -49.46 23.21 6.19
CA ASN A 52 -48.30 22.62 6.88
C ASN A 52 -47.63 23.70 7.74
N GLY A 53 -47.48 23.42 9.03
CA GLY A 53 -46.98 24.38 10.02
C GLY A 53 -48.04 24.96 10.96
N ALA A 54 -49.30 24.53 10.80
CA ALA A 54 -50.41 25.02 11.62
C ALA A 54 -50.28 24.58 13.08
N GLY A 55 -50.09 23.27 13.28
CA GLY A 55 -49.88 22.70 14.61
C GLY A 55 -48.72 23.34 15.38
N TYR A 56 -47.70 23.77 14.66
CA TYR A 56 -46.55 24.41 15.29
C TYR A 56 -46.90 25.83 15.74
N PHE A 57 -47.51 26.60 14.83
CA PHE A 57 -47.92 27.95 15.13
C PHE A 57 -48.85 28.01 16.32
N VAL A 58 -49.82 27.10 16.34
CA VAL A 58 -50.79 27.03 17.40
C VAL A 58 -50.04 26.80 18.71
N GLU A 59 -49.13 25.84 18.70
CA GLU A 59 -48.29 25.60 19.88
C GLU A 59 -47.53 26.86 20.29
N HIS A 60 -47.03 27.59 19.29
CA HIS A 60 -46.42 28.90 19.49
C HIS A 60 -47.35 29.93 20.12
N LEU A 61 -48.58 30.01 19.60
CA LEU A 61 -49.58 30.97 20.10
C LEU A 61 -50.33 30.53 21.36
N ALA A 62 -50.34 29.23 21.66
CA ALA A 62 -51.14 28.63 22.72
C ALA A 62 -51.06 29.33 24.07
N PHE A 63 -49.83 29.58 24.52
CA PHE A 63 -49.56 30.06 25.88
C PHE A 63 -49.55 31.58 25.98
N LYS A 64 -49.75 32.24 24.85
CA LYS A 64 -49.99 33.68 24.81
C LYS A 64 -51.48 33.84 25.12
N GLY A 65 -51.84 34.99 25.66
CA GLY A 65 -53.13 35.22 26.30
C GLY A 65 -54.36 34.55 25.70
N THR A 66 -55.14 33.87 26.54
CA THR A 66 -56.41 33.27 26.13
C THR A 66 -57.48 34.36 26.06
N LYS A 67 -58.67 34.00 25.58
CA LYS A 67 -59.76 34.97 25.41
C LYS A 67 -60.24 35.57 26.73
N ASN A 68 -60.20 34.79 27.81
CA ASN A 68 -60.58 35.27 29.15
C ASN A 68 -59.41 35.69 30.04
N ARG A 69 -58.18 35.33 29.65
CA ARG A 69 -56.96 35.75 30.36
C ARG A 69 -55.94 36.27 29.33
N PRO A 70 -55.94 37.60 29.08
CA PRO A 70 -55.23 38.17 27.93
C PRO A 70 -53.71 38.37 28.11
N GLY A 71 -53.03 38.60 26.99
CA GLY A 71 -51.60 38.91 26.95
C GLY A 71 -50.71 37.89 27.63
N ASN A 72 -50.15 38.28 28.78
CA ASN A 72 -49.30 37.40 29.59
C ASN A 72 -49.88 37.24 31.00
N ALA A 73 -51.22 37.21 31.08
CA ALA A 73 -51.93 36.98 32.35
C ALA A 73 -51.86 35.50 32.72
N LEU A 74 -52.13 34.63 31.74
CA LEU A 74 -51.95 33.19 31.88
C LEU A 74 -50.53 32.86 32.32
N GLU A 75 -49.56 33.48 31.65
CA GLU A 75 -48.13 33.29 31.95
C GLU A 75 -47.79 33.71 33.39
N LYS A 76 -48.25 34.89 33.78
CA LYS A 76 -48.08 35.39 35.16
C LYS A 76 -48.76 34.50 36.21
N GLU A 77 -49.96 34.02 35.88
CA GLU A 77 -50.77 33.22 36.82
C GLU A 77 -50.18 31.83 37.06
N VAL A 78 -49.67 31.21 35.99
CA VAL A 78 -48.98 29.92 36.10
C VAL A 78 -47.66 30.05 36.86
N GLU A 79 -46.88 31.08 36.52
CA GLU A 79 -45.58 31.33 37.15
C GLU A 79 -45.71 31.66 38.65
N SER A 80 -46.63 32.57 38.98
CA SER A 80 -46.83 33.02 40.35
C SER A 80 -47.37 31.94 41.31
N MET A 81 -48.02 30.90 40.75
CA MET A 81 -48.55 29.82 41.59
C MET A 81 -47.50 28.75 41.92
N GLY A 82 -46.28 28.89 41.39
CA GLY A 82 -45.23 27.89 41.57
C GLY A 82 -45.49 26.64 40.76
N ALA A 83 -45.53 26.80 39.44
CA ALA A 83 -45.83 25.71 38.53
C ALA A 83 -45.14 25.91 37.19
N HIS A 84 -45.03 24.83 36.42
CA HIS A 84 -44.45 24.86 35.08
C HIS A 84 -45.52 24.53 34.04
N LEU A 85 -45.40 25.17 32.88
CA LEU A 85 -46.31 24.94 31.76
C LEU A 85 -45.48 24.62 30.53
N ASN A 86 -45.86 23.57 29.80
CA ASN A 86 -45.05 23.07 28.69
C ASN A 86 -45.89 22.44 27.57
N ALA A 87 -45.28 22.34 26.39
CA ALA A 87 -45.96 21.87 25.18
C ALA A 87 -45.00 21.24 24.19
N TYR A 88 -45.54 20.44 23.27
CA TYR A 88 -44.79 19.97 22.09
C TYR A 88 -45.71 19.53 20.95
N SER A 89 -45.10 19.30 19.79
CA SER A 89 -45.78 18.77 18.62
C SER A 89 -44.96 17.65 17.98
N THR A 90 -45.49 16.44 18.06
CA THR A 90 -44.99 15.30 17.28
C THR A 90 -45.73 15.31 15.94
N ARG A 91 -45.21 14.58 14.96
CA ARG A 91 -45.90 14.38 13.67
C ARG A 91 -47.34 13.83 13.82
N GLU A 92 -47.58 13.03 14.85
CA GLU A 92 -48.91 12.44 15.11
C GLU A 92 -49.60 12.86 16.43
N HIS A 93 -48.89 13.62 17.28
CA HIS A 93 -49.38 13.94 18.64
C HIS A 93 -48.96 15.34 19.10
N THR A 94 -49.93 16.24 19.23
CA THR A 94 -49.72 17.53 19.88
C THR A 94 -50.17 17.40 21.33
N ALA A 95 -49.52 18.12 22.24
CA ALA A 95 -49.83 18.01 23.67
C ALA A 95 -49.40 19.23 24.47
N TYR A 96 -50.30 19.69 25.35
CA TYR A 96 -50.01 20.73 26.35
C TYR A 96 -50.19 20.10 27.72
N TYR A 97 -49.33 20.48 28.67
CA TYR A 97 -49.42 19.94 30.03
C TYR A 97 -48.81 20.87 31.08
N ILE A 98 -49.35 20.78 32.29
CA ILE A 98 -48.89 21.59 33.42
C ILE A 98 -48.34 20.66 34.51
N LYS A 99 -47.12 20.98 34.96
CA LYS A 99 -46.53 20.38 36.14
C LYS A 99 -46.77 21.34 37.30
N ALA A 100 -47.34 20.83 38.40
CA ALA A 100 -47.77 21.68 39.51
C ALA A 100 -47.83 20.92 40.83
N LEU A 101 -48.20 21.63 41.90
CA LEU A 101 -48.54 21.01 43.18
C LEU A 101 -49.88 20.31 43.05
N SER A 102 -50.09 19.23 43.80
CA SER A 102 -51.39 18.52 43.84
C SER A 102 -52.54 19.43 44.29
N LYS A 103 -52.24 20.24 45.29
CA LYS A 103 -53.11 21.34 45.74
C LYS A 103 -53.64 22.20 44.59
N ASP A 104 -52.76 22.52 43.63
CA ASP A 104 -53.10 23.38 42.50
C ASP A 104 -53.90 22.72 41.36
N LEU A 105 -54.25 21.44 41.50
CA LEU A 105 -54.89 20.65 40.43
C LEU A 105 -56.13 21.29 39.75
N PRO A 106 -57.08 21.84 40.53
CA PRO A 106 -58.24 22.48 39.89
C PRO A 106 -57.92 23.63 38.95
N LYS A 107 -57.03 24.53 39.37
CA LYS A 107 -56.62 25.67 38.56
C LYS A 107 -55.86 25.22 37.31
N ALA A 108 -54.98 24.23 37.47
CA ALA A 108 -54.23 23.65 36.36
C ALA A 108 -55.15 23.11 35.26
N VAL A 109 -56.14 22.32 35.66
CA VAL A 109 -57.13 21.75 34.73
C VAL A 109 -57.95 22.85 34.04
N GLU A 110 -58.26 23.91 34.78
CA GLU A 110 -58.99 25.06 34.23
C GLU A 110 -58.17 25.82 33.18
N LEU A 111 -56.91 26.09 33.50
CA LEU A 111 -56.01 26.79 32.57
C LEU A 111 -55.71 25.98 31.31
N LEU A 112 -55.67 24.64 31.44
CA LEU A 112 -55.55 23.75 30.28
C LEU A 112 -56.77 23.86 29.38
N ALA A 113 -57.97 23.74 29.98
CA ALA A 113 -59.24 23.92 29.27
C ALA A 113 -59.34 25.29 28.60
N ASP A 114 -58.80 26.30 29.25
CA ASP A 114 -58.77 27.67 28.72
C ASP A 114 -57.85 27.80 27.50
N ILE A 115 -56.66 27.20 27.59
CA ILE A 115 -55.69 27.18 26.46
C ILE A 115 -56.27 26.49 25.23
N VAL A 116 -56.87 25.32 25.44
CA VAL A 116 -57.41 24.51 24.34
C VAL A 116 -58.63 25.15 23.69
N GLN A 117 -59.69 25.34 24.47
CA GLN A 117 -61.00 25.79 23.94
C GLN A 117 -60.96 27.20 23.34
N ASN A 118 -60.73 28.19 24.20
CA ASN A 118 -60.85 29.61 23.80
C ASN A 118 -59.48 30.29 23.73
N CYS A 119 -58.79 30.02 22.62
CA CYS A 119 -57.51 30.66 22.30
C CYS A 119 -57.77 31.96 21.55
N SER A 120 -56.99 33.00 21.87
CA SER A 120 -57.18 34.33 21.28
C SER A 120 -56.77 34.39 19.82
N LEU A 121 -55.51 34.02 19.56
CA LEU A 121 -54.88 34.16 18.24
C LEU A 121 -54.87 35.63 17.79
N GLU A 122 -54.15 36.45 18.56
CA GLU A 122 -54.04 37.88 18.29
C GLU A 122 -53.25 38.09 17.00
N ASP A 123 -53.73 39.00 16.16
CA ASP A 123 -53.16 39.22 14.82
C ASP A 123 -51.77 39.86 14.88
N SER A 124 -51.60 40.82 15.79
CA SER A 124 -50.28 41.41 16.07
C SER A 124 -49.29 40.37 16.60
N GLN A 125 -49.80 39.37 17.32
CA GLN A 125 -49.00 38.29 17.89
C GLN A 125 -48.66 37.18 16.89
N ILE A 126 -49.54 36.94 15.92
CA ILE A 126 -49.22 36.05 14.79
C ILE A 126 -48.05 36.62 13.97
N GLU A 127 -48.04 37.92 13.75
CA GLU A 127 -46.95 38.59 13.00
C GLU A 127 -45.60 38.55 13.71
N LYS A 128 -45.61 38.44 15.05
CA LYS A 128 -44.38 38.29 15.83
C LYS A 128 -43.90 36.84 15.88
N GLU A 129 -44.83 35.92 16.14
CA GLU A 129 -44.53 34.47 16.11
C GLU A 129 -44.14 33.96 14.71
N ARG A 130 -44.55 34.69 13.67
CA ARG A 130 -44.07 34.43 12.31
C ARG A 130 -42.55 34.57 12.20
N ASP A 131 -42.02 35.66 12.76
CA ASP A 131 -40.57 35.90 12.81
C ASP A 131 -39.85 34.93 13.75
N VAL A 132 -40.50 34.60 14.86
CA VAL A 132 -39.93 33.66 15.84
C VAL A 132 -39.75 32.27 15.24
N ILE A 133 -40.76 31.80 14.51
CA ILE A 133 -40.67 30.51 13.81
C ILE A 133 -39.64 30.58 12.68
N LEU A 134 -39.61 31.70 11.96
CA LEU A 134 -38.59 31.94 10.92
C LEU A 134 -37.15 31.99 11.46
N GLN A 135 -36.99 32.45 12.71
CA GLN A 135 -35.71 32.33 13.42
C GLN A 135 -35.46 30.86 13.77
N GLU A 136 -36.45 30.24 14.43
CA GLU A 136 -36.35 28.84 14.86
C GLU A 136 -36.10 27.81 13.74
N LEU A 137 -36.56 28.09 12.52
CA LEU A 137 -36.28 27.24 11.37
C LEU A 137 -34.81 27.34 10.92
N GLN A 138 -34.19 28.49 11.13
CA GLN A 138 -32.74 28.67 10.94
C GLN A 138 -31.93 28.07 12.09
N GLU A 139 -32.50 28.07 13.29
CA GLU A 139 -31.91 27.39 14.45
C GLU A 139 -31.86 25.88 14.27
N ASN A 140 -32.89 25.33 13.63
CA ASN A 140 -32.93 23.90 13.30
C ASN A 140 -32.01 23.55 12.14
N ASP A 141 -31.86 24.46 11.17
CA ASP A 141 -30.95 24.27 10.03
C ASP A 141 -29.49 23.97 10.44
N THR A 142 -29.03 24.61 11.52
CA THR A 142 -27.67 24.36 12.02
C THR A 142 -27.55 23.03 12.77
N SER A 143 -28.62 22.61 13.46
CA SER A 143 -28.66 21.30 14.13
C SER A 143 -28.72 20.17 13.11
N MET A 144 -27.57 19.53 12.89
CA MET A 144 -27.46 18.42 11.94
C MET A 144 -28.25 17.18 12.36
N ARG A 145 -28.39 16.97 13.67
CA ARG A 145 -29.16 15.83 14.20
C ARG A 145 -30.60 15.85 13.73
N ASP A 146 -31.22 17.02 13.74
CA ASP A 146 -32.62 17.19 13.33
C ASP A 146 -32.81 17.15 11.81
N VAL A 147 -31.91 17.82 11.10
CA VAL A 147 -31.97 17.91 9.63
C VAL A 147 -31.97 16.53 8.97
N VAL A 148 -31.06 15.67 9.42
CA VAL A 148 -30.94 14.31 8.86
C VAL A 148 -32.18 13.44 9.16
N PHE A 149 -32.82 13.66 10.32
CA PHE A 149 -34.06 12.96 10.66
C PHE A 149 -35.27 13.44 9.86
N ASN A 150 -35.36 14.76 9.65
CA ASN A 150 -36.41 15.32 8.77
C ASN A 150 -36.24 14.86 7.32
N TYR A 151 -34.99 14.74 6.87
CA TYR A 151 -34.68 14.14 5.57
C TYR A 151 -35.02 12.66 5.51
N LEU A 152 -34.76 11.93 6.59
CA LEU A 152 -35.11 10.51 6.66
C LEU A 152 -36.61 10.33 6.45
N HIS A 153 -37.40 11.11 7.17
CA HIS A 153 -38.86 11.13 6.99
C HIS A 153 -39.27 11.52 5.57
N ALA A 154 -38.67 12.60 5.07
CA ALA A 154 -38.97 13.13 3.73
C ALA A 154 -38.75 12.13 2.61
N THR A 155 -37.74 11.28 2.75
CA THR A 155 -37.38 10.28 1.75
C THR A 155 -37.99 8.90 2.03
N ALA A 156 -38.15 8.55 3.30
CA ALA A 156 -38.83 7.31 3.70
C ALA A 156 -40.30 7.34 3.32
N PHE A 157 -40.97 8.45 3.64
CA PHE A 157 -42.39 8.60 3.42
C PHE A 157 -42.72 9.61 2.30
N GLN A 158 -41.87 9.65 1.27
CA GLN A 158 -41.98 10.64 0.18
C GLN A 158 -43.35 10.62 -0.52
N GLY A 159 -43.90 11.81 -0.76
CA GLY A 159 -45.22 11.97 -1.39
C GLY A 159 -46.42 11.67 -0.50
N THR A 160 -46.21 11.66 0.82
CA THR A 160 -47.25 11.37 1.80
C THR A 160 -47.17 12.40 2.95
N PRO A 161 -48.17 12.43 3.84
CA PRO A 161 -48.14 13.35 5.01
C PRO A 161 -46.93 13.24 5.94
N LEU A 162 -46.46 12.02 6.22
CA LEU A 162 -45.34 11.80 7.15
C LEU A 162 -44.01 12.41 6.69
N ALA A 163 -43.82 12.55 5.38
CA ALA A 163 -42.67 13.29 4.82
C ALA A 163 -42.54 14.72 5.31
N GLN A 164 -43.69 15.34 5.64
CA GLN A 164 -43.72 16.73 6.08
C GLN A 164 -43.09 16.91 7.45
N SER A 165 -42.31 17.98 7.58
CA SER A 165 -41.79 18.41 8.88
C SER A 165 -42.94 18.95 9.73
N VAL A 166 -42.77 18.88 11.04
CA VAL A 166 -43.79 19.36 11.99
C VAL A 166 -43.81 20.89 11.98
N GLU A 167 -42.64 21.49 11.78
CA GLU A 167 -42.49 22.95 11.78
C GLU A 167 -43.03 23.58 10.50
N GLY A 168 -42.82 22.89 9.37
CA GLY A 168 -43.36 23.30 8.08
C GLY A 168 -42.39 24.17 7.29
N PRO A 169 -42.60 24.28 5.96
CA PRO A 169 -41.69 25.07 5.11
C PRO A 169 -41.79 26.57 5.41
N SER A 170 -40.69 27.27 5.20
CA SER A 170 -40.60 28.71 5.50
C SER A 170 -41.64 29.54 4.76
N GLU A 171 -41.99 29.12 3.54
CA GLU A 171 -43.01 29.81 2.74
C GLU A 171 -44.39 29.74 3.39
N ASN A 172 -44.78 28.56 3.88
CA ASN A 172 -46.04 28.41 4.63
C ASN A 172 -46.05 29.24 5.91
N VAL A 173 -44.93 29.27 6.63
CA VAL A 173 -44.79 30.10 7.83
C VAL A 173 -44.99 31.58 7.49
N ARG A 174 -44.40 32.03 6.38
CA ARG A 174 -44.54 33.42 5.91
C ARG A 174 -45.96 33.80 5.47
N LYS A 175 -46.72 32.84 4.96
CA LYS A 175 -48.06 33.09 4.38
C LYS A 175 -49.24 32.45 5.13
N LEU A 176 -48.99 31.78 6.26
CA LEU A 176 -50.07 31.13 7.02
C LEU A 176 -51.00 32.17 7.65
N SER A 177 -52.27 32.14 7.26
CA SER A 177 -53.28 33.10 7.72
C SER A 177 -53.99 32.58 8.97
N ARG A 178 -54.67 33.50 9.65
CA ARG A 178 -55.47 33.17 10.84
C ARG A 178 -56.65 32.23 10.52
N ALA A 179 -57.19 32.36 9.30
CA ALA A 179 -58.23 31.46 8.80
C ALA A 179 -57.80 29.99 8.81
N ASP A 180 -56.55 29.73 8.42
CA ASP A 180 -56.00 28.36 8.41
C ASP A 180 -55.83 27.79 9.81
N LEU A 181 -55.32 28.62 10.73
CA LEU A 181 -55.06 28.20 12.12
C LEU A 181 -56.35 27.87 12.85
N THR A 182 -57.33 28.77 12.74
CA THR A 182 -58.65 28.60 13.37
C THR A 182 -59.43 27.41 12.80
N GLU A 183 -59.33 27.20 11.49
CA GLU A 183 -59.97 26.06 10.83
C GLU A 183 -59.30 24.73 11.21
N TYR A 184 -57.97 24.74 11.29
CA TYR A 184 -57.20 23.60 11.79
C TYR A 184 -57.57 23.27 13.24
N LEU A 185 -57.70 24.33 14.06
CA LEU A 185 -58.14 24.18 15.46
C LEU A 185 -59.56 23.63 15.56
N SER A 186 -60.50 24.26 14.87
CA SER A 186 -61.91 23.86 14.90
C SER A 186 -62.13 22.41 14.47
N ARG A 187 -61.40 21.99 13.44
CA ARG A 187 -61.41 20.60 12.98
C ARG A 187 -60.82 19.65 14.01
N HIS A 188 -59.52 19.78 14.24
CA HIS A 188 -58.74 18.74 14.92
C HIS A 188 -58.84 18.75 16.44
N TYR A 189 -58.86 19.93 17.05
CA TYR A 189 -58.95 20.06 18.50
C TYR A 189 -60.41 19.83 18.94
N LYS A 190 -60.74 18.58 19.25
CA LYS A 190 -62.08 18.20 19.70
C LYS A 190 -62.04 17.04 20.70
N ALA A 191 -63.17 16.82 21.37
CA ALA A 191 -63.24 15.92 22.54
C ALA A 191 -62.93 14.44 22.27
N PRO A 192 -63.58 13.80 21.28
CA PRO A 192 -63.29 12.37 21.02
C PRO A 192 -61.86 12.11 20.54
N ARG A 193 -61.24 13.10 19.91
CA ARG A 193 -59.84 13.06 19.47
C ARG A 193 -58.83 13.47 20.56
N MET A 194 -59.31 13.80 21.76
CA MET A 194 -58.48 14.30 22.85
C MET A 194 -58.48 13.38 24.06
N VAL A 195 -57.45 13.53 24.90
CA VAL A 195 -57.31 12.80 26.16
C VAL A 195 -56.80 13.76 27.23
N LEU A 196 -57.37 13.66 28.43
CA LEU A 196 -56.88 14.40 29.60
C LEU A 196 -56.18 13.42 30.53
N ALA A 197 -54.85 13.54 30.61
CA ALA A 197 -54.04 12.68 31.47
C ALA A 197 -53.65 13.42 32.75
N ALA A 198 -53.44 12.65 33.82
CA ALA A 198 -52.93 13.18 35.08
C ALA A 198 -52.13 12.13 35.83
N ALA A 199 -51.19 12.59 36.66
CA ALA A 199 -50.35 11.69 37.45
C ALA A 199 -49.73 12.42 38.63
N GLY A 200 -49.79 11.78 39.80
CA GLY A 200 -49.29 12.36 41.05
C GLY A 200 -50.19 11.98 42.21
N GLY A 201 -50.20 12.81 43.24
CA GLY A 201 -51.11 12.65 44.37
C GLY A 201 -52.42 13.34 44.07
N LEU A 202 -53.35 12.62 43.45
CA LEU A 202 -54.65 13.16 43.09
C LEU A 202 -55.71 12.08 42.92
N GLU A 203 -56.96 12.43 43.19
CA GLU A 203 -58.08 11.50 43.20
C GLU A 203 -58.81 11.51 41.87
N HIS A 204 -58.92 10.34 41.24
CA HIS A 204 -59.55 10.16 39.92
C HIS A 204 -60.94 10.79 39.81
N ARG A 205 -61.75 10.61 40.85
CA ARG A 205 -63.06 11.24 41.00
C ARG A 205 -63.00 12.77 40.83
N GLN A 206 -62.02 13.40 41.47
CA GLN A 206 -61.84 14.85 41.42
C GLN A 206 -61.44 15.35 40.03
N LEU A 207 -60.51 14.65 39.39
CA LEU A 207 -60.10 14.96 38.02
C LEU A 207 -61.29 14.88 37.06
N LEU A 208 -62.10 13.84 37.24
CA LEU A 208 -63.31 13.63 36.43
C LEU A 208 -64.35 14.73 36.66
N ASP A 209 -64.47 15.21 37.90
CA ASP A 209 -65.33 16.37 38.20
C ASP A 209 -64.82 17.66 37.54
N LEU A 210 -63.50 17.86 37.58
CA LEU A 210 -62.88 19.04 36.93
C LEU A 210 -63.02 19.00 35.41
N ALA A 211 -62.82 17.82 34.83
CA ALA A 211 -63.00 17.61 33.39
C ALA A 211 -64.46 17.77 32.97
N GLN A 212 -65.37 17.25 33.80
CA GLN A 212 -66.81 17.44 33.56
C GLN A 212 -67.22 18.91 33.67
N LYS A 213 -66.64 19.63 34.63
CA LYS A 213 -67.01 21.02 34.89
C LYS A 213 -66.40 22.01 33.88
N HIS A 214 -65.21 21.70 33.36
CA HIS A 214 -64.51 22.60 32.43
C HIS A 214 -64.40 22.12 30.97
N PHE A 215 -64.11 20.84 30.76
CA PHE A 215 -63.90 20.30 29.41
C PHE A 215 -65.17 19.82 28.67
N SER A 216 -66.26 19.57 29.39
CA SER A 216 -67.52 19.12 28.75
C SER A 216 -68.16 20.15 27.81
N GLY A 217 -67.67 21.39 27.84
CA GLY A 217 -68.02 22.41 26.85
C GLY A 217 -67.53 22.16 25.43
N LEU A 218 -66.58 21.24 25.23
CA LEU A 218 -66.12 20.88 23.88
C LEU A 218 -67.19 20.09 23.10
N SER A 219 -67.23 20.31 21.79
CA SER A 219 -68.14 19.60 20.90
C SER A 219 -67.77 18.13 20.81
N GLY A 220 -68.72 17.24 20.54
CA GLY A 220 -68.50 15.79 20.56
C GLY A 220 -68.69 14.97 19.29
N THR A 221 -69.08 15.69 18.24
CA THR A 221 -69.46 15.13 16.96
C THR A 221 -69.08 16.02 15.78
N TYR A 222 -69.23 15.45 14.59
CA TYR A 222 -68.86 16.10 13.35
C TYR A 222 -70.01 16.90 12.76
N ASP A 223 -69.72 17.55 11.63
CA ASP A 223 -70.68 18.38 10.91
C ASP A 223 -71.12 17.39 9.83
N GLU A 224 -70.77 16.13 10.03
CA GLU A 224 -71.07 15.05 9.15
C GLU A 224 -70.15 15.08 7.94
N ASP A 225 -69.23 16.04 7.82
CA ASP A 225 -68.48 16.09 6.56
C ASP A 225 -66.96 16.36 6.54
N ALA A 226 -66.44 16.73 7.75
CA ALA A 226 -65.03 17.09 7.59
C ALA A 226 -64.10 16.28 8.51
N VAL A 227 -64.50 15.06 8.86
CA VAL A 227 -63.77 14.22 9.81
C VAL A 227 -62.56 13.56 9.13
N PRO A 228 -61.34 14.09 9.35
CA PRO A 228 -60.18 13.45 8.73
C PRO A 228 -59.75 12.19 9.47
N THR A 229 -59.58 11.10 8.71
CA THR A 229 -59.06 9.84 9.23
C THR A 229 -57.80 9.47 8.42
N LEU A 230 -56.81 8.93 9.12
CA LEU A 230 -55.47 8.75 8.56
C LEU A 230 -55.41 7.73 7.42
N SER A 231 -55.09 8.19 6.22
CA SER A 231 -54.76 7.32 5.10
C SER A 231 -53.35 6.78 5.33
N PRO A 232 -53.10 5.48 5.05
CA PRO A 232 -51.76 4.93 5.30
C PRO A 232 -50.70 5.55 4.39
N CYS A 233 -49.49 5.76 4.92
CA CYS A 233 -48.39 6.38 4.18
C CYS A 233 -47.48 5.36 3.51
N ARG A 234 -47.22 5.60 2.23
CA ARG A 234 -46.29 4.81 1.43
C ARG A 234 -44.83 4.91 1.86
N PHE A 235 -44.27 3.80 2.35
CA PHE A 235 -42.83 3.75 2.64
C PHE A 235 -42.09 3.48 1.34
N THR A 236 -41.06 4.27 1.10
CA THR A 236 -40.25 4.14 -0.11
C THR A 236 -38.78 3.98 0.27
N GLY A 237 -38.20 2.84 -0.09
CA GLY A 237 -36.76 2.62 0.01
C GLY A 237 -36.05 3.56 -0.95
N SER A 238 -35.28 4.50 -0.40
CA SER A 238 -34.68 5.58 -1.19
C SER A 238 -33.62 6.33 -0.39
N GLN A 239 -32.87 7.20 -1.08
CA GLN A 239 -31.75 7.92 -0.50
C GLN A 239 -31.82 9.41 -0.73
N ILE A 240 -31.28 10.17 0.23
CA ILE A 240 -31.11 11.62 0.13
C ILE A 240 -29.73 11.95 0.68
N CYS A 241 -28.92 12.65 -0.11
CA CYS A 241 -27.51 12.86 0.19
C CYS A 241 -27.14 14.33 0.10
N HIS A 242 -27.43 15.06 1.17
CA HIS A 242 -27.03 16.46 1.26
C HIS A 242 -25.52 16.54 1.47
N ARG A 243 -24.81 16.64 0.35
CA ARG A 243 -23.35 16.75 0.36
C ARG A 243 -22.94 18.14 0.83
N GLU A 244 -22.19 18.19 1.93
CA GLU A 244 -21.73 19.46 2.51
C GLU A 244 -20.41 19.23 3.28
N ASP A 245 -19.30 19.42 2.58
CA ASP A 245 -17.96 19.19 3.16
C ASP A 245 -17.55 20.21 4.22
N GLY A 246 -18.10 21.42 4.16
CA GLY A 246 -17.81 22.47 5.14
C GLY A 246 -18.11 22.11 6.59
N LEU A 247 -19.17 21.33 6.81
CA LEU A 247 -19.53 20.86 8.14
C LEU A 247 -18.55 19.77 8.61
N PRO A 248 -18.30 19.70 9.94
CA PRO A 248 -17.19 18.90 10.45
C PRO A 248 -17.40 17.38 10.42
N LEU A 249 -18.61 16.91 10.73
CA LEU A 249 -18.88 15.47 10.87
C LEU A 249 -20.10 15.05 10.08
N ALA A 250 -19.99 13.92 9.38
CA ALA A 250 -21.08 13.36 8.61
C ALA A 250 -22.12 12.74 9.54
N HIS A 251 -23.39 13.04 9.29
CA HIS A 251 -24.51 12.38 9.95
C HIS A 251 -25.22 11.47 8.94
N VAL A 252 -25.44 10.23 9.36
CA VAL A 252 -26.13 9.25 8.53
C VAL A 252 -27.30 8.70 9.35
N ALA A 253 -28.44 8.54 8.71
CA ALA A 253 -29.60 7.89 9.31
C ALA A 253 -30.18 6.90 8.31
N ILE A 254 -30.15 5.62 8.66
CA ILE A 254 -30.65 4.55 7.80
C ILE A 254 -31.73 3.80 8.55
N ALA A 255 -32.82 3.47 7.85
CA ALA A 255 -33.96 2.77 8.46
C ALA A 255 -34.77 1.99 7.44
N VAL A 256 -35.41 0.93 7.91
CA VAL A 256 -36.37 0.13 7.12
C VAL A 256 -37.77 0.43 7.65
N GLU A 257 -38.80 -0.01 6.92
CA GLU A 257 -40.18 0.28 7.29
C GLU A 257 -40.52 -0.33 8.66
N GLY A 258 -41.20 0.46 9.48
CA GLY A 258 -41.51 0.10 10.86
C GLY A 258 -42.80 -0.69 10.99
N PRO A 259 -43.11 -1.14 12.22
CA PRO A 259 -44.29 -1.95 12.47
C PRO A 259 -45.60 -1.17 12.60
N GLY A 260 -45.56 0.00 13.23
CA GLY A 260 -46.75 0.73 13.65
C GLY A 260 -47.03 0.47 15.12
N TRP A 261 -47.68 1.43 15.78
CA TRP A 261 -47.96 1.36 17.23
C TRP A 261 -48.60 0.06 17.70
N ALA A 262 -49.51 -0.49 16.89
CA ALA A 262 -50.30 -1.65 17.28
C ALA A 262 -49.54 -2.98 17.37
N HIS A 263 -48.48 -3.12 16.59
CA HIS A 263 -47.86 -4.45 16.36
C HIS A 263 -47.07 -4.95 17.59
N PRO A 264 -47.42 -6.15 18.10
CA PRO A 264 -46.66 -6.81 19.18
C PRO A 264 -45.15 -6.95 18.94
N ASP A 265 -44.79 -7.18 17.68
CA ASP A 265 -43.40 -7.23 17.22
C ASP A 265 -42.51 -6.10 17.79
N ASN A 266 -43.07 -4.90 17.94
CA ASN A 266 -42.38 -3.76 18.58
C ASN A 266 -41.53 -4.11 19.80
N VAL A 267 -42.05 -4.99 20.67
CA VAL A 267 -41.32 -5.44 21.85
C VAL A 267 -40.03 -6.15 21.45
N ALA A 268 -40.15 -7.13 20.55
CA ALA A 268 -38.99 -7.84 20.02
C ALA A 268 -38.03 -6.93 19.25
N LEU A 269 -38.57 -5.91 18.58
CA LEU A 269 -37.76 -4.88 17.90
C LEU A 269 -37.04 -3.94 18.87
N GLN A 270 -37.66 -3.66 20.03
CA GLN A 270 -36.99 -2.89 21.10
C GLN A 270 -35.86 -3.71 21.72
N VAL A 271 -36.11 -5.00 21.95
CA VAL A 271 -35.07 -5.94 22.40
C VAL A 271 -33.94 -5.98 21.37
N ALA A 272 -34.30 -6.06 20.09
CA ALA A 272 -33.33 -6.08 18.99
C ALA A 272 -32.44 -4.84 18.96
N ASN A 273 -33.06 -3.67 19.02
CA ASN A 273 -32.33 -2.39 19.07
C ASN A 273 -31.51 -2.22 20.36
N ALA A 274 -31.94 -2.85 21.45
CA ALA A 274 -31.18 -2.86 22.70
C ALA A 274 -29.90 -3.72 22.62
N ILE A 275 -29.91 -4.78 21.83
CA ILE A 275 -28.74 -5.66 21.64
C ILE A 275 -27.64 -4.93 20.86
N ILE A 276 -28.03 -4.31 19.75
CA ILE A 276 -27.12 -3.46 18.95
C ILE A 276 -26.73 -2.24 19.79
N GLY A 277 -27.70 -1.74 20.54
CA GLY A 277 -27.46 -0.70 21.54
C GLY A 277 -27.17 0.65 20.95
N HIS A 278 -26.43 1.45 21.71
CA HIS A 278 -26.12 2.83 21.35
C HIS A 278 -24.80 3.21 22.03
N TYR A 279 -24.05 4.10 21.40
CA TYR A 279 -22.74 4.52 21.90
C TYR A 279 -22.52 6.01 21.72
N ASP A 280 -21.70 6.57 22.61
CA ASP A 280 -21.20 7.93 22.51
C ASP A 280 -19.75 7.92 22.98
N CYS A 281 -18.93 8.84 22.46
CA CYS A 281 -17.50 8.89 22.80
C CYS A 281 -17.19 9.21 24.27
N THR A 282 -18.18 9.71 25.01
CA THR A 282 -18.05 9.94 26.45
C THR A 282 -18.35 8.70 27.33
N TYR A 283 -18.78 7.60 26.72
CA TYR A 283 -19.06 6.36 27.46
C TYR A 283 -17.80 5.80 28.13
N GLY A 284 -18.00 5.14 29.28
CA GLY A 284 -16.89 4.57 30.05
C GLY A 284 -16.36 3.28 29.48
N GLY A 285 -17.27 2.32 29.26
CA GLY A 285 -16.93 0.94 28.87
C GLY A 285 -15.99 0.78 27.69
N GLY A 286 -16.24 1.53 26.62
CA GLY A 286 -15.39 1.54 25.42
C GLY A 286 -15.14 0.18 24.78
N ALA A 287 -13.90 -0.28 24.87
CA ALA A 287 -13.47 -1.53 24.22
C ALA A 287 -14.15 -2.80 24.76
N HIS A 288 -14.56 -2.76 26.02
CA HIS A 288 -15.22 -3.89 26.68
C HIS A 288 -16.75 -3.87 26.61
N LEU A 289 -17.34 -2.93 25.87
CA LEU A 289 -18.81 -2.82 25.76
C LEU A 289 -19.44 -4.09 25.16
N SER A 290 -20.67 -4.38 25.59
CA SER A 290 -21.36 -5.62 25.25
C SER A 290 -21.75 -5.68 23.78
N SER A 291 -22.42 -4.62 23.30
CA SER A 291 -22.85 -4.56 21.91
C SER A 291 -21.62 -4.44 21.00
N PRO A 292 -21.40 -5.44 20.10
CA PRO A 292 -20.19 -5.43 19.26
C PRO A 292 -19.98 -4.16 18.43
N LEU A 293 -21.07 -3.55 17.95
CA LEU A 293 -20.97 -2.30 17.18
C LEU A 293 -20.32 -1.18 18.00
N ALA A 294 -20.72 -1.05 19.27
CA ALA A 294 -20.12 -0.08 20.18
C ALA A 294 -18.67 -0.43 20.51
N SER A 295 -18.43 -1.70 20.82
CA SER A 295 -17.09 -2.21 21.10
C SER A 295 -16.14 -1.94 19.93
N ILE A 296 -16.55 -2.32 18.72
CA ILE A 296 -15.77 -2.10 17.50
C ILE A 296 -15.60 -0.60 17.24
N ALA A 297 -16.68 0.16 17.38
CA ALA A 297 -16.65 1.61 17.19
C ALA A 297 -15.82 2.34 18.24
N ALA A 298 -15.75 1.79 19.45
CA ALA A 298 -14.95 2.39 20.53
C ALA A 298 -13.46 2.10 20.35
N THR A 299 -13.13 0.84 20.08
CA THR A 299 -11.73 0.40 19.90
C THR A 299 -11.07 1.10 18.73
N ASN A 300 -11.67 0.99 17.56
CA ASN A 300 -11.15 1.61 16.34
C ASN A 300 -11.41 3.11 16.26
N LYS A 301 -12.36 3.60 17.08
CA LYS A 301 -12.83 4.99 17.06
C LYS A 301 -13.40 5.34 15.70
N LEU A 302 -14.44 4.58 15.34
CA LEU A 302 -15.13 4.76 14.06
C LEU A 302 -16.03 5.99 14.10
N CYS A 303 -16.84 6.13 15.15
CA CYS A 303 -17.83 7.19 15.24
C CYS A 303 -17.82 7.93 16.57
N GLN A 304 -18.41 9.13 16.54
CA GLN A 304 -18.61 9.94 17.75
C GLN A 304 -19.81 9.43 18.53
N SER A 305 -20.89 9.11 17.83
CA SER A 305 -22.05 8.47 18.43
C SER A 305 -22.86 7.66 17.42
N PHE A 306 -23.56 6.63 17.91
CA PHE A 306 -24.63 6.01 17.14
C PHE A 306 -25.79 5.62 18.06
N GLN A 307 -26.99 5.61 17.49
CA GLN A 307 -28.21 5.32 18.25
C GLN A 307 -29.22 4.57 17.37
N THR A 308 -29.60 3.37 17.82
CA THR A 308 -30.65 2.60 17.16
C THR A 308 -32.01 3.12 17.61
N PHE A 309 -32.90 3.38 16.65
CA PHE A 309 -34.23 3.92 16.95
C PHE A 309 -35.33 3.06 16.36
N ASN A 310 -36.49 3.07 17.01
CA ASN A 310 -37.74 2.60 16.42
C ASN A 310 -38.79 3.70 16.60
N ILE A 311 -38.89 4.57 15.59
CA ILE A 311 -39.90 5.61 15.55
C ILE A 311 -41.20 4.94 15.11
N CYS A 312 -42.27 5.12 15.89
CA CYS A 312 -43.56 4.49 15.62
C CYS A 312 -44.65 5.49 15.26
N TYR A 313 -45.52 5.09 14.35
CA TYR A 313 -46.72 5.85 13.96
C TYR A 313 -47.92 4.89 13.92
N ALA A 314 -49.07 5.33 13.39
CA ALA A 314 -50.33 4.59 13.48
C ALA A 314 -50.27 3.19 12.87
N ASP A 315 -49.86 3.12 11.61
CA ASP A 315 -49.79 1.85 10.86
C ASP A 315 -48.42 1.63 10.18
N THR A 316 -47.41 2.39 10.59
CA THR A 316 -46.05 2.29 10.04
C THR A 316 -45.04 2.97 10.96
N GLY A 317 -43.77 3.00 10.55
CA GLY A 317 -42.72 3.64 11.35
C GLY A 317 -41.35 3.66 10.68
N LEU A 318 -40.32 3.92 11.47
CA LEU A 318 -38.93 3.87 11.01
C LEU A 318 -38.08 3.08 12.00
N LEU A 319 -37.70 1.87 11.58
CA LEU A 319 -36.83 0.99 12.36
C LEU A 319 -35.45 1.00 11.74
N GLY A 320 -34.45 1.44 12.50
CA GLY A 320 -33.09 1.52 11.98
C GLY A 320 -32.06 2.06 12.94
N ALA A 321 -31.24 2.99 12.46
CA ALA A 321 -30.14 3.55 13.27
C ALA A 321 -29.60 4.86 12.73
N HIS A 322 -28.88 5.56 13.60
CA HIS A 322 -28.35 6.90 13.36
C HIS A 322 -26.89 6.86 13.80
N PHE A 323 -25.98 7.44 13.02
CA PHE A 323 -24.61 7.67 13.49
C PHE A 323 -23.94 8.96 13.00
N VAL A 324 -23.01 9.44 13.83
CA VAL A 324 -22.25 10.67 13.61
C VAL A 324 -20.77 10.27 13.57
N CYS A 325 -20.09 10.54 12.47
CA CYS A 325 -18.70 10.09 12.34
C CYS A 325 -17.82 10.93 11.41
N ASP A 326 -16.52 10.68 11.51
CA ASP A 326 -15.52 11.28 10.62
C ASP A 326 -15.79 10.82 9.18
N HIS A 327 -15.47 11.69 8.23
CA HIS A 327 -15.77 11.44 6.80
C HIS A 327 -15.11 10.19 6.20
N MET A 328 -14.03 9.71 6.83
CA MET A 328 -13.37 8.45 6.42
C MET A 328 -13.88 7.20 7.15
N SER A 329 -14.93 7.32 7.97
CA SER A 329 -15.43 6.21 8.80
C SER A 329 -16.84 5.74 8.46
N ILE A 330 -17.42 6.28 7.37
CA ILE A 330 -18.84 6.05 7.06
C ILE A 330 -19.06 4.62 6.53
N ASP A 331 -18.24 4.22 5.56
CA ASP A 331 -18.31 2.86 4.98
C ASP A 331 -18.16 1.79 6.06
N ASP A 332 -17.18 1.98 6.95
CA ASP A 332 -16.91 1.03 8.03
C ASP A 332 -18.08 0.96 9.03
N MET A 333 -18.52 2.11 9.55
CA MET A 333 -19.68 2.16 10.44
C MET A 333 -20.91 1.48 9.85
N MET A 334 -21.20 1.81 8.60
CA MET A 334 -22.29 1.19 7.83
C MET A 334 -22.11 -0.33 7.75
N PHE A 335 -20.89 -0.76 7.47
CA PHE A 335 -20.57 -2.19 7.37
C PHE A 335 -20.75 -2.95 8.69
N VAL A 336 -20.35 -2.34 9.80
CA VAL A 336 -20.52 -2.96 11.12
C VAL A 336 -22.00 -2.98 11.50
N LEU A 337 -22.69 -1.87 11.27
CA LEU A 337 -24.13 -1.73 11.58
C LEU A 337 -24.99 -2.75 10.85
N GLN A 338 -24.84 -2.79 9.52
CA GLN A 338 -25.58 -3.77 8.70
C GLN A 338 -25.17 -5.19 9.03
N GLY A 339 -23.86 -5.39 9.27
CA GLY A 339 -23.33 -6.65 9.78
C GLY A 339 -24.04 -7.12 11.03
N GLN A 340 -24.30 -6.20 11.95
CA GLN A 340 -25.05 -6.49 13.18
C GLN A 340 -26.53 -6.81 12.92
N TRP A 341 -27.17 -6.09 11.99
CA TRP A 341 -28.55 -6.39 11.60
C TRP A 341 -28.65 -7.79 11.02
N MET A 342 -27.85 -8.06 9.99
CA MET A 342 -27.82 -9.36 9.33
C MET A 342 -27.53 -10.49 10.29
N ARG A 343 -26.55 -10.28 11.17
CA ARG A 343 -26.21 -11.24 12.22
C ARG A 343 -27.44 -11.52 13.08
N LEU A 344 -28.04 -10.46 13.65
CA LEU A 344 -29.24 -10.63 14.49
C LEU A 344 -30.42 -11.31 13.79
N CYS A 345 -30.60 -11.03 12.50
CA CYS A 345 -31.61 -11.72 11.69
C CYS A 345 -31.34 -13.23 11.60
N THR A 346 -30.10 -13.59 11.32
CA THR A 346 -29.72 -14.99 11.04
C THR A 346 -29.26 -15.78 12.26
N SER A 347 -28.48 -15.15 13.14
CA SER A 347 -27.90 -15.79 14.33
C SER A 347 -27.97 -14.87 15.53
N ALA A 348 -28.63 -15.32 16.60
CA ALA A 348 -28.85 -14.51 17.78
C ALA A 348 -28.74 -15.39 19.01
N THR A 349 -27.72 -15.12 19.84
CA THR A 349 -27.47 -15.94 21.03
C THR A 349 -28.52 -15.65 22.09
N GLU A 350 -28.80 -16.66 22.91
CA GLU A 350 -29.79 -16.56 23.99
C GLU A 350 -29.36 -15.56 25.06
N SER A 351 -28.05 -15.53 25.33
CA SER A 351 -27.45 -14.62 26.31
C SER A 351 -27.64 -13.15 25.94
N GLU A 352 -27.30 -12.77 24.71
CA GLU A 352 -27.40 -11.37 24.28
C GLU A 352 -28.85 -10.90 24.19
N VAL A 353 -29.76 -11.81 23.88
CA VAL A 353 -31.20 -11.52 23.87
C VAL A 353 -31.71 -11.29 25.29
N LEU A 354 -31.21 -12.05 26.27
CA LEU A 354 -31.52 -11.81 27.69
C LEU A 354 -31.01 -10.45 28.16
N ARG A 355 -29.79 -10.09 27.74
CA ARG A 355 -29.25 -8.75 27.93
C ARG A 355 -30.16 -7.71 27.28
N GLY A 356 -30.57 -7.98 26.04
CA GLY A 356 -31.51 -7.13 25.30
C GLY A 356 -32.84 -6.92 26.01
N LYS A 357 -33.36 -8.00 26.60
CA LYS A 357 -34.58 -7.93 27.42
C LYS A 357 -34.37 -7.08 28.67
N ASN A 358 -33.31 -7.39 29.42
CA ASN A 358 -32.99 -6.69 30.68
C ASN A 358 -32.73 -5.20 30.50
N LEU A 359 -32.08 -4.83 29.40
CA LEU A 359 -31.91 -3.42 29.02
C LEU A 359 -33.27 -2.73 28.84
N LEU A 360 -34.20 -3.43 28.17
CA LEU A 360 -35.54 -2.92 27.94
C LEU A 360 -36.38 -2.93 29.22
N ARG A 361 -36.26 -4.00 30.02
CA ARG A 361 -36.89 -4.07 31.35
C ARG A 361 -36.51 -2.85 32.18
N ASN A 362 -35.20 -2.60 32.28
CA ASN A 362 -34.67 -1.43 32.99
C ASN A 362 -35.09 -0.10 32.36
N ALA A 363 -35.17 -0.07 31.03
CA ALA A 363 -35.60 1.14 30.30
C ALA A 363 -37.02 1.57 30.65
N LEU A 364 -37.95 0.61 30.71
CA LEU A 364 -39.35 0.89 31.06
C LEU A 364 -39.50 1.47 32.46
N VAL A 365 -38.86 0.83 33.43
CA VAL A 365 -38.94 1.26 34.84
C VAL A 365 -38.14 2.55 35.10
N SER A 366 -37.03 2.74 34.41
CA SER A 366 -36.26 4.00 34.48
C SER A 366 -37.05 5.19 33.92
N HIS A 367 -37.73 4.97 32.80
CA HIS A 367 -38.45 6.04 32.10
C HIS A 367 -39.68 6.52 32.87
N LEU A 368 -40.44 5.60 33.46
CA LEU A 368 -41.63 5.95 34.25
C LEU A 368 -41.27 6.21 35.71
N ASP A 369 -40.50 7.27 35.93
CA ASP A 369 -40.09 7.72 37.25
C ASP A 369 -40.19 9.24 37.27
N GLY A 370 -40.93 9.77 38.25
CA GLY A 370 -41.46 11.12 38.19
C GLY A 370 -42.85 11.07 37.58
N THR A 371 -43.59 12.16 37.70
CA THR A 371 -44.98 12.22 37.26
C THR A 371 -45.13 12.55 35.78
N THR A 372 -44.25 13.43 35.27
CA THR A 372 -44.33 13.89 33.88
C THR A 372 -44.17 12.79 32.82
N PRO A 373 -43.21 11.86 33.02
CA PRO A 373 -43.12 10.72 32.09
C PRO A 373 -44.33 9.77 32.15
N VAL A 374 -44.91 9.60 33.34
CA VAL A 374 -46.08 8.74 33.53
C VAL A 374 -47.32 9.41 32.93
N CYS A 375 -47.45 10.72 33.13
CA CYS A 375 -48.53 11.51 32.51
C CYS A 375 -48.44 11.52 30.98
N GLU A 376 -47.21 11.62 30.46
CA GLU A 376 -46.94 11.43 29.03
C GLU A 376 -47.34 10.04 28.56
N ASP A 377 -46.88 9.02 29.28
CA ASP A 377 -47.17 7.62 28.95
C ASP A 377 -48.68 7.37 28.86
N ILE A 378 -49.44 7.91 29.81
CA ILE A 378 -50.91 7.80 29.82
C ILE A 378 -51.50 8.49 28.59
N GLY A 379 -51.21 9.78 28.45
CA GLY A 379 -51.74 10.60 27.35
C GLY A 379 -51.39 10.08 25.97
N ARG A 380 -50.18 9.57 25.81
CA ARG A 380 -49.73 8.96 24.56
C ARG A 380 -50.40 7.59 24.34
N SER A 381 -50.38 6.75 25.39
CA SER A 381 -50.96 5.40 25.32
C SER A 381 -52.41 5.36 24.85
N LEU A 382 -53.22 6.27 25.40
CA LEU A 382 -54.64 6.33 25.07
C LEU A 382 -54.90 6.80 23.64
N LEU A 383 -54.04 7.68 23.11
CA LEU A 383 -54.12 8.08 21.70
C LEU A 383 -53.62 7.00 20.74
N THR A 384 -52.58 6.28 21.14
CA THR A 384 -51.93 5.27 20.28
C THR A 384 -52.48 3.86 20.51
N TYR A 385 -52.21 3.32 21.70
CA TYR A 385 -52.59 1.94 22.03
C TYR A 385 -54.10 1.82 22.26
N GLY A 386 -54.74 2.90 22.70
CA GLY A 386 -56.17 2.91 23.04
C GLY A 386 -56.42 2.86 24.54
N ARG A 387 -55.63 2.04 25.23
CA ARG A 387 -55.66 1.91 26.69
C ARG A 387 -54.25 2.05 27.25
N ARG A 388 -54.15 2.29 28.55
CA ARG A 388 -52.87 2.24 29.25
C ARG A 388 -52.49 0.78 29.42
N ILE A 389 -51.22 0.47 29.12
CA ILE A 389 -50.69 -0.89 29.23
C ILE A 389 -49.93 -0.96 30.55
N PRO A 390 -50.27 -1.93 31.42
CA PRO A 390 -49.52 -2.06 32.67
C PRO A 390 -48.11 -2.64 32.46
N LEU A 391 -47.24 -2.39 33.43
CA LEU A 391 -45.86 -2.89 33.38
C LEU A 391 -45.77 -4.43 33.42
N ALA A 392 -46.76 -5.06 34.07
CA ALA A 392 -46.87 -6.51 34.09
C ALA A 392 -47.16 -7.09 32.69
N GLU A 393 -48.01 -6.41 31.94
CA GLU A 393 -48.31 -6.80 30.55
C GLU A 393 -47.06 -6.65 29.69
N TRP A 394 -46.35 -5.53 29.84
CA TRP A 394 -45.08 -5.34 29.13
C TRP A 394 -44.07 -6.44 29.44
N GLU A 395 -43.92 -6.75 30.73
CA GLU A 395 -43.06 -7.84 31.19
C GLU A 395 -43.46 -9.21 30.61
N SER A 396 -44.77 -9.44 30.49
CA SER A 396 -45.28 -10.66 29.84
C SER A 396 -44.81 -10.77 28.38
N ARG A 397 -44.84 -9.64 27.66
CA ARG A 397 -44.37 -9.58 26.28
C ARG A 397 -42.85 -9.61 26.13
N ILE A 398 -42.12 -9.12 27.14
CA ILE A 398 -40.66 -9.21 27.15
C ILE A 398 -40.21 -10.64 27.44
N ALA A 399 -40.78 -11.22 28.50
CA ALA A 399 -40.53 -12.63 28.86
C ALA A 399 -40.92 -13.60 27.74
N GLU A 400 -41.95 -13.23 26.97
CA GLU A 400 -42.34 -13.95 25.74
C GLU A 400 -41.20 -14.05 24.73
N VAL A 401 -40.46 -12.95 24.55
CA VAL A 401 -39.35 -12.90 23.59
C VAL A 401 -38.18 -13.78 24.03
N ASP A 402 -37.79 -14.70 23.15
CA ASP A 402 -36.52 -15.45 23.27
C ASP A 402 -35.74 -15.27 21.97
N ALA A 403 -34.65 -16.03 21.80
CA ALA A 403 -33.76 -15.89 20.64
C ALA A 403 -34.45 -16.09 19.28
N ARG A 404 -35.26 -17.14 19.19
CA ARG A 404 -35.98 -17.46 17.95
C ARG A 404 -36.93 -16.33 17.52
N VAL A 405 -37.58 -15.71 18.50
CA VAL A 405 -38.51 -14.58 18.23
C VAL A 405 -37.76 -13.37 17.67
N VAL A 406 -36.59 -13.06 18.24
CA VAL A 406 -35.77 -11.94 17.77
C VAL A 406 -35.33 -12.16 16.33
N ARG A 407 -34.89 -13.38 16.03
CA ARG A 407 -34.45 -13.74 14.67
C ARG A 407 -35.59 -13.68 13.66
N GLU A 408 -36.71 -14.33 13.98
CA GLU A 408 -37.93 -14.29 13.15
C GLU A 408 -38.44 -12.86 12.89
N VAL A 409 -38.32 -11.99 13.89
CA VAL A 409 -38.82 -10.60 13.79
C VAL A 409 -37.80 -9.68 13.10
N CYS A 410 -36.54 -9.75 13.50
CA CYS A 410 -35.50 -8.94 12.85
C CYS A 410 -35.41 -9.25 11.36
N SER A 411 -35.33 -10.54 11.03
CA SER A 411 -35.30 -11.00 9.64
C SER A 411 -36.56 -10.60 8.85
N LYS A 412 -37.71 -10.56 9.52
CA LYS A 412 -38.96 -10.10 8.91
C LYS A 412 -38.87 -8.64 8.46
N TYR A 413 -38.45 -7.75 9.36
CA TYR A 413 -38.40 -6.32 9.06
C TYR A 413 -37.12 -5.83 8.37
N PHE A 414 -35.98 -6.48 8.58
CA PHE A 414 -34.70 -5.98 8.04
C PHE A 414 -34.04 -6.78 6.90
N TYR A 415 -34.11 -8.11 6.90
CA TYR A 415 -33.46 -8.90 5.86
C TYR A 415 -34.09 -8.67 4.49
N ASP A 416 -33.23 -8.42 3.50
CA ASP A 416 -33.64 -8.18 2.10
C ASP A 416 -34.80 -7.18 1.96
N GLN A 417 -34.61 -6.00 2.53
CA GLN A 417 -35.56 -4.89 2.48
C GLN A 417 -34.82 -3.63 2.07
N CYS A 418 -35.44 -2.83 1.20
CA CYS A 418 -34.88 -1.54 0.80
C CYS A 418 -34.99 -0.56 1.96
N PRO A 419 -33.85 -0.03 2.45
CA PRO A 419 -33.91 0.90 3.57
C PRO A 419 -33.92 2.36 3.14
N ALA A 420 -34.58 3.21 3.91
CA ALA A 420 -34.58 4.65 3.70
C ALA A 420 -33.34 5.23 4.35
N VAL A 421 -32.48 5.87 3.55
CA VAL A 421 -31.19 6.38 4.01
C VAL A 421 -31.15 7.89 3.85
N ALA A 422 -30.58 8.58 4.85
CA ALA A 422 -30.45 10.03 4.84
C ALA A 422 -29.06 10.40 5.29
N GLY A 423 -28.34 11.13 4.43
CA GLY A 423 -26.95 11.54 4.71
C GLY A 423 -26.80 13.05 4.61
N PHE A 424 -26.25 13.66 5.67
CA PHE A 424 -25.95 15.09 5.68
C PHE A 424 -24.55 15.34 6.24
N GLY A 425 -23.75 16.13 5.50
CA GLY A 425 -22.38 16.46 5.91
C GLY A 425 -21.34 16.01 4.89
N PRO A 426 -20.07 15.82 5.31
CA PRO A 426 -19.03 15.33 4.41
C PRO A 426 -19.20 13.84 4.12
N ILE A 427 -20.10 13.54 3.19
CA ILE A 427 -20.58 12.18 2.95
C ILE A 427 -20.11 11.61 1.60
N GLU A 428 -18.88 11.94 1.20
CA GLU A 428 -18.30 11.39 -0.04
C GLU A 428 -18.10 9.87 0.06
N GLN A 429 -17.83 9.38 1.26
CA GLN A 429 -17.64 7.95 1.48
C GLN A 429 -18.94 7.16 1.60
N LEU A 430 -20.05 7.83 1.91
CA LEU A 430 -21.34 7.15 2.13
C LEU A 430 -21.61 6.16 1.01
N PRO A 431 -21.69 4.85 1.33
CA PRO A 431 -21.79 3.83 0.29
C PRO A 431 -22.96 4.03 -0.67
N ASP A 432 -22.79 3.56 -1.90
CA ASP A 432 -23.83 3.61 -2.91
C ASP A 432 -25.06 2.82 -2.46
N TYR A 433 -26.24 3.27 -2.88
CA TYR A 433 -27.48 2.63 -2.45
C TYR A 433 -27.56 1.15 -2.82
N ASN A 434 -27.05 0.80 -4.01
CA ASN A 434 -26.97 -0.62 -4.40
C ASN A 434 -26.10 -1.44 -3.45
N ARG A 435 -25.01 -0.84 -2.98
CA ARG A 435 -24.12 -1.49 -2.02
C ARG A 435 -24.75 -1.57 -0.63
N ILE A 436 -25.48 -0.53 -0.23
CA ILE A 436 -26.27 -0.54 1.01
C ILE A 436 -27.37 -1.59 0.91
N ARG A 437 -28.08 -1.61 -0.22
CA ARG A 437 -29.14 -2.59 -0.48
C ARG A 437 -28.60 -4.02 -0.54
N SER A 438 -27.39 -4.18 -1.08
CA SER A 438 -26.69 -5.47 -1.06
C SER A 438 -26.34 -5.92 0.36
N GLY A 439 -26.01 -4.95 1.23
CA GLY A 439 -25.76 -5.20 2.64
C GLY A 439 -26.98 -5.54 3.49
N MET A 440 -28.18 -5.28 2.97
CA MET A 440 -29.46 -5.58 3.67
C MET A 440 -29.89 -7.06 3.61
N PHE A 441 -29.19 -7.87 2.80
CA PHE A 441 -29.24 -9.32 2.90
C PHE A 441 -27.78 -9.79 3.05
N TRP A 442 -27.57 -11.09 3.22
CA TRP A 442 -26.24 -11.62 3.47
C TRP A 442 -25.72 -12.53 2.36
N LEU A 443 -24.51 -13.02 2.53
CA LEU A 443 -23.83 -13.84 1.53
C LEU A 443 -24.59 -15.09 1.09
N ARG A 444 -25.16 -15.86 2.01
CA ARG A 444 -24.96 -15.72 3.44
C ARG A 444 -23.83 -16.68 3.71
N VAL B 1 -55.43 2.38 42.92
CA VAL B 1 -55.43 2.35 44.41
C VAL B 1 -54.12 2.97 44.93
N PRO B 2 -54.22 3.88 45.94
CA PRO B 2 -53.02 4.51 46.48
C PRO B 2 -52.26 3.62 47.48
N PRO B 3 -50.93 3.45 47.30
CA PRO B 3 -50.12 2.70 48.25
C PRO B 3 -49.55 3.57 49.37
N HIS B 4 -49.26 2.94 50.52
CA HIS B 4 -48.78 3.66 51.71
C HIS B 4 -47.30 4.11 51.56
N PRO B 5 -46.97 5.33 52.04
CA PRO B 5 -45.58 5.78 52.04
C PRO B 5 -44.85 5.34 53.31
N GLN B 6 -43.65 4.79 53.17
CA GLN B 6 -42.84 4.33 54.30
C GLN B 6 -41.80 5.37 54.70
N ASP B 7 -41.41 5.33 55.98
CA ASP B 7 -40.38 6.24 56.50
C ASP B 7 -39.01 5.94 55.91
N LEU B 8 -38.29 7.00 55.55
CA LEU B 8 -36.88 6.89 55.20
C LEU B 8 -36.09 6.60 56.48
N GLU B 9 -35.70 5.34 56.66
CA GLU B 9 -34.86 4.93 57.79
C GLU B 9 -33.45 5.53 57.72
N PHE B 10 -32.77 5.49 58.85
CA PHE B 10 -31.49 6.18 59.01
C PHE B 10 -30.64 5.53 60.11
N THR B 11 -29.38 5.22 59.79
CA THR B 11 -28.44 4.67 60.77
C THR B 11 -27.08 5.30 60.57
N ARG B 12 -26.40 5.62 61.66
CA ARG B 12 -25.03 6.14 61.60
C ARG B 12 -24.11 5.22 62.40
N LEU B 13 -23.16 4.61 61.70
CA LEU B 13 -22.26 3.60 62.29
C LEU B 13 -21.29 4.21 63.32
N PRO B 14 -20.68 3.37 64.18
CA PRO B 14 -19.69 3.88 65.14
C PRO B 14 -18.42 4.48 64.50
N ASN B 15 -17.94 3.87 63.42
CA ASN B 15 -16.78 4.40 62.68
C ASN B 15 -17.04 5.71 61.92
N GLY B 16 -18.31 6.11 61.78
CA GLY B 16 -18.69 7.42 61.25
C GLY B 16 -19.52 7.42 59.97
N LEU B 17 -19.67 6.24 59.35
CA LEU B 17 -20.36 6.13 58.06
C LEU B 17 -21.88 6.30 58.21
N VAL B 18 -22.45 7.16 57.38
CA VAL B 18 -23.89 7.44 57.40
C VAL B 18 -24.61 6.49 56.43
N ILE B 19 -25.68 5.86 56.92
CA ILE B 19 -26.48 4.92 56.13
C ILE B 19 -27.94 5.41 56.10
N ALA B 20 -28.60 5.19 54.97
CA ALA B 20 -29.99 5.60 54.81
C ALA B 20 -30.68 4.84 53.67
N SER B 21 -31.64 4.00 54.03
CA SER B 21 -32.39 3.21 53.04
C SER B 21 -33.87 3.60 53.07
N LEU B 22 -34.52 3.49 51.91
CA LEU B 22 -35.96 3.65 51.79
C LEU B 22 -36.54 2.44 51.08
N GLU B 23 -37.28 1.62 51.81
CA GLU B 23 -37.99 0.49 51.23
C GLU B 23 -39.17 1.04 50.43
N ASN B 24 -38.99 1.12 49.11
CA ASN B 24 -39.96 1.72 48.19
C ASN B 24 -41.02 0.74 47.70
N TYR B 25 -40.69 -0.56 47.69
CA TYR B 25 -41.45 -1.59 46.96
C TYR B 25 -41.53 -1.29 45.45
N ALA B 26 -40.47 -0.65 44.94
CA ALA B 26 -40.43 -0.24 43.53
C ALA B 26 -39.96 -1.40 42.65
N PRO B 27 -40.22 -1.32 41.33
CA PRO B 27 -39.63 -2.30 40.41
C PRO B 27 -38.11 -2.18 40.30
N ALA B 28 -37.61 -0.95 40.27
CA ALA B 28 -36.18 -0.66 40.18
C ALA B 28 -35.58 -0.36 41.55
N SER B 29 -34.27 -0.58 41.66
CA SER B 29 -33.48 -0.15 42.81
C SER B 29 -32.64 1.06 42.42
N ARG B 30 -32.16 1.79 43.42
CA ARG B 30 -31.36 3.00 43.19
C ARG B 30 -30.46 3.28 44.40
N ILE B 31 -29.21 2.86 44.29
CA ILE B 31 -28.25 2.91 45.40
C ILE B 31 -27.12 3.87 45.03
N GLY B 32 -26.70 4.66 46.01
CA GLY B 32 -25.62 5.64 45.82
C GLY B 32 -24.70 5.69 47.03
N LEU B 33 -23.39 5.73 46.78
CA LEU B 33 -22.40 5.96 47.82
C LEU B 33 -21.82 7.35 47.64
N PHE B 34 -22.26 8.28 48.49
CA PHE B 34 -21.83 9.68 48.43
C PHE B 34 -20.59 9.86 49.28
N ILE B 35 -19.64 10.63 48.78
CA ILE B 35 -18.34 10.79 49.43
C ILE B 35 -17.94 12.25 49.41
N LYS B 36 -17.41 12.75 50.52
CA LYS B 36 -16.76 14.07 50.55
C LYS B 36 -15.42 13.92 49.84
N ALA B 37 -15.47 14.04 48.53
CA ALA B 37 -14.29 13.98 47.67
C ALA B 37 -14.69 14.70 46.40
N GLY B 38 -13.82 15.55 45.88
CA GLY B 38 -14.18 16.40 44.75
C GLY B 38 -13.12 17.41 44.41
N SER B 39 -13.46 18.36 43.53
CA SER B 39 -12.50 19.33 43.01
C SER B 39 -11.79 20.13 44.12
N ARG B 40 -12.52 20.43 45.19
CA ARG B 40 -11.97 21.24 46.28
C ARG B 40 -10.84 20.57 47.06
N TYR B 41 -10.92 19.25 47.23
CA TYR B 41 -9.95 18.51 48.03
C TYR B 41 -8.68 18.13 47.26
N GLU B 42 -8.64 18.47 45.97
CA GLU B 42 -7.38 18.56 45.23
C GLU B 42 -6.60 19.75 45.78
N ASN B 43 -5.32 19.85 45.42
CA ASN B 43 -4.48 20.98 45.83
C ASN B 43 -3.63 21.47 44.66
N SER B 44 -2.82 22.49 44.92
CA SER B 44 -1.88 23.07 43.95
C SER B 44 -1.17 22.04 43.06
N ASN B 45 -0.73 20.93 43.65
CA ASN B 45 0.00 19.89 42.93
C ASN B 45 -0.92 18.93 42.18
N ASN B 46 -1.66 18.09 42.91
CA ASN B 46 -2.48 17.02 42.28
C ASN B 46 -3.85 17.51 41.81
N LEU B 47 -3.86 18.22 40.67
CA LEU B 47 -5.09 18.74 40.06
C LEU B 47 -5.65 17.77 39.04
N GLY B 48 -6.94 17.94 38.74
CA GLY B 48 -7.68 17.04 37.84
C GLY B 48 -7.74 15.57 38.24
N THR B 49 -7.40 15.27 39.50
CA THR B 49 -7.31 13.90 39.99
C THR B 49 -8.71 13.33 40.30
N SER B 50 -9.62 14.20 40.75
CA SER B 50 -11.03 13.86 40.89
C SER B 50 -11.70 13.63 39.54
N HIS B 51 -11.30 14.40 38.52
CA HIS B 51 -11.85 14.26 37.18
C HIS B 51 -11.50 12.92 36.53
N LEU B 52 -10.22 12.54 36.62
CA LEU B 52 -9.77 11.24 36.13
C LEU B 52 -10.38 10.10 36.94
N LEU B 53 -10.50 10.28 38.26
CA LEU B 53 -11.13 9.29 39.14
C LEU B 53 -12.63 9.12 38.82
N ARG B 54 -13.29 10.23 38.52
CA ARG B 54 -14.68 10.21 38.02
C ARG B 54 -14.82 9.39 36.73
N LEU B 55 -13.87 9.56 35.82
CA LEU B 55 -13.82 8.82 34.55
C LEU B 55 -13.43 7.35 34.72
N ALA B 56 -12.53 7.08 35.67
CA ALA B 56 -11.93 5.75 35.85
C ALA B 56 -12.78 4.71 36.60
N SER B 57 -14.07 4.98 36.81
CA SER B 57 -14.92 4.12 37.64
C SER B 57 -15.08 2.67 37.14
N SER B 58 -14.91 2.45 35.82
CA SER B 58 -14.97 1.11 35.25
C SER B 58 -13.60 0.43 35.04
N LEU B 59 -12.51 1.01 35.55
CA LEU B 59 -11.18 0.40 35.48
C LEU B 59 -11.06 -0.78 36.45
N THR B 60 -10.02 -1.59 36.25
CA THR B 60 -9.82 -2.83 36.99
C THR B 60 -9.72 -2.59 38.50
N THR B 61 -10.53 -3.33 39.25
CA THR B 61 -10.51 -3.32 40.71
C THR B 61 -9.81 -4.58 41.21
N LYS B 62 -9.60 -4.66 42.52
CA LYS B 62 -8.94 -5.81 43.14
C LYS B 62 -9.78 -7.09 43.10
N GLY B 63 -11.10 -6.94 43.23
CA GLY B 63 -12.04 -8.07 43.16
C GLY B 63 -12.67 -8.35 41.80
N ALA B 64 -12.68 -7.35 40.90
CA ALA B 64 -13.28 -7.51 39.57
C ALA B 64 -12.48 -6.78 38.49
N SER B 65 -12.31 -7.43 37.34
CA SER B 65 -11.61 -6.83 36.20
C SER B 65 -12.51 -5.82 35.49
N SER B 66 -11.88 -4.87 34.78
CA SER B 66 -12.58 -3.85 34.01
C SER B 66 -13.62 -4.44 33.05
N PHE B 67 -13.24 -5.55 32.42
CA PHE B 67 -14.13 -6.33 31.55
C PHE B 67 -15.36 -6.85 32.32
N LYS B 68 -15.12 -7.43 33.50
CA LYS B 68 -16.20 -7.96 34.34
C LYS B 68 -17.18 -6.88 34.83
N ILE B 69 -16.64 -5.71 35.18
CA ILE B 69 -17.47 -4.59 35.63
C ILE B 69 -18.42 -4.13 34.53
N THR B 70 -17.87 -3.89 33.34
CA THR B 70 -18.65 -3.42 32.19
C THR B 70 -19.72 -4.44 31.77
N ARG B 71 -19.27 -5.67 31.51
CA ARG B 71 -20.15 -6.71 30.98
C ARG B 71 -21.14 -7.27 32.01
N GLY B 72 -20.72 -7.37 33.27
CA GLY B 72 -21.59 -7.85 34.35
C GLY B 72 -22.75 -6.93 34.66
N ILE B 73 -22.47 -5.63 34.67
CA ILE B 73 -23.50 -4.59 34.87
C ILE B 73 -24.42 -4.49 33.65
N GLU B 74 -23.85 -4.48 32.45
CA GLU B 74 -24.62 -4.41 31.22
C GLU B 74 -25.52 -5.63 30.98
N ALA B 75 -25.05 -6.82 31.38
CA ALA B 75 -25.81 -8.06 31.21
C ALA B 75 -27.08 -8.16 32.06
N VAL B 76 -27.11 -7.43 33.18
CA VAL B 76 -28.32 -7.29 34.00
C VAL B 76 -29.11 -6.01 33.70
N GLY B 77 -28.75 -5.32 32.61
CA GLY B 77 -29.38 -4.07 32.23
C GLY B 77 -29.14 -2.89 33.16
N GLY B 78 -28.12 -2.99 34.01
CA GLY B 78 -27.84 -1.95 35.00
C GLY B 78 -27.01 -0.81 34.45
N LYS B 79 -26.67 0.14 35.31
CA LYS B 79 -25.78 1.24 34.94
C LYS B 79 -25.12 1.89 36.16
N LEU B 80 -23.79 2.07 36.07
CA LEU B 80 -22.98 2.64 37.14
C LEU B 80 -22.50 4.02 36.73
N SER B 81 -22.94 5.04 37.45
CA SER B 81 -22.56 6.43 37.19
C SER B 81 -21.74 7.02 38.32
N VAL B 82 -21.08 8.13 38.02
CA VAL B 82 -20.40 8.96 39.03
C VAL B 82 -20.77 10.41 38.75
N THR B 83 -21.21 11.12 39.79
CA THR B 83 -21.63 12.51 39.68
C THR B 83 -20.82 13.36 40.66
N SER B 84 -19.88 14.14 40.12
CA SER B 84 -19.04 15.02 40.94
C SER B 84 -19.61 16.42 41.03
N THR B 85 -19.62 16.96 42.25
CA THR B 85 -19.75 18.40 42.47
C THR B 85 -18.33 18.92 42.75
N ARG B 86 -18.21 20.17 43.20
CA ARG B 86 -16.94 20.65 43.74
C ARG B 86 -16.57 19.98 45.06
N GLU B 87 -17.59 19.66 45.86
CA GLU B 87 -17.39 19.05 47.18
C GLU B 87 -17.49 17.54 47.16
N ASN B 88 -18.57 17.01 46.57
CA ASN B 88 -18.95 15.60 46.72
C ASN B 88 -18.86 14.78 45.44
N MET B 89 -18.47 13.51 45.60
CA MET B 89 -18.47 12.52 44.52
C MET B 89 -19.52 11.47 44.82
N ALA B 90 -20.48 11.32 43.91
CA ALA B 90 -21.64 10.45 44.11
C ALA B 90 -21.62 9.25 43.17
N TYR B 91 -21.01 8.15 43.63
CA TYR B 91 -21.01 6.88 42.89
C TYR B 91 -22.38 6.24 43.03
N THR B 92 -23.10 6.07 41.91
CA THR B 92 -24.48 5.58 41.93
C THR B 92 -24.71 4.42 40.97
N VAL B 93 -25.39 3.39 41.46
CA VAL B 93 -25.75 2.21 40.66
C VAL B 93 -27.27 2.10 40.56
N GLU B 94 -27.75 1.69 39.39
CA GLU B 94 -29.19 1.46 39.15
C GLU B 94 -29.40 0.13 38.46
N CYS B 95 -30.48 -0.56 38.81
CA CYS B 95 -30.79 -1.90 38.28
C CYS B 95 -32.19 -2.36 38.66
N LEU B 96 -32.56 -3.55 38.20
CA LEU B 96 -33.76 -4.24 38.68
C LEU B 96 -33.57 -4.73 40.11
N ARG B 97 -34.68 -5.06 40.75
CA ARG B 97 -34.74 -5.40 42.18
C ARG B 97 -34.03 -6.71 42.54
N ASP B 98 -33.99 -7.66 41.60
CA ASP B 98 -33.33 -8.96 41.83
C ASP B 98 -31.80 -8.93 41.60
N ASP B 99 -31.30 -7.86 41.00
CA ASP B 99 -29.86 -7.74 40.67
C ASP B 99 -29.13 -6.72 41.55
N VAL B 100 -29.59 -6.55 42.78
CA VAL B 100 -29.04 -5.51 43.69
C VAL B 100 -27.67 -5.89 44.21
N ASP B 101 -27.61 -7.05 44.86
CA ASP B 101 -26.38 -7.58 45.45
C ASP B 101 -25.20 -7.50 44.48
N ILE B 102 -25.52 -7.73 43.21
CA ILE B 102 -24.56 -7.69 42.15
C ILE B 102 -24.02 -6.27 41.93
N LEU B 103 -24.90 -5.32 41.61
CA LEU B 103 -24.48 -3.92 41.42
C LEU B 103 -23.75 -3.38 42.65
N MET B 104 -24.24 -3.75 43.83
CA MET B 104 -23.61 -3.38 45.08
C MET B 104 -22.17 -3.89 45.14
N GLU B 105 -21.97 -5.16 44.78
CA GLU B 105 -20.64 -5.78 44.74
C GLU B 105 -19.66 -4.96 43.89
N PHE B 106 -20.08 -4.61 42.67
CA PHE B 106 -19.26 -3.78 41.78
C PHE B 106 -19.05 -2.37 42.34
N LEU B 107 -20.11 -1.78 42.91
CA LEU B 107 -20.04 -0.46 43.53
C LEU B 107 -18.97 -0.39 44.62
N LEU B 108 -18.96 -1.40 45.49
CA LEU B 108 -18.00 -1.48 46.59
C LEU B 108 -16.59 -1.71 46.07
N ASN B 109 -16.46 -2.63 45.12
CA ASN B 109 -15.18 -2.89 44.43
C ASN B 109 -14.55 -1.64 43.80
N VAL B 110 -15.38 -0.82 43.17
CA VAL B 110 -14.92 0.42 42.55
C VAL B 110 -14.50 1.45 43.62
N THR B 111 -15.30 1.59 44.66
CA THR B 111 -15.13 2.65 45.66
C THR B 111 -14.14 2.32 46.80
N THR B 112 -14.09 1.06 47.22
CA THR B 112 -13.18 0.64 48.31
C THR B 112 -11.86 0.07 47.81
N ALA B 113 -11.92 -0.79 46.78
CA ALA B 113 -10.78 -1.60 46.35
C ALA B 113 -10.40 -1.49 44.86
N PRO B 114 -10.18 -0.26 44.36
CA PRO B 114 -9.64 -0.08 43.00
C PRO B 114 -8.13 -0.29 42.95
N GLU B 115 -7.62 -0.76 41.80
CA GLU B 115 -6.19 -1.02 41.61
C GLU B 115 -5.41 0.13 40.96
N PHE B 116 -6.04 0.84 40.01
CA PHE B 116 -5.40 1.91 39.25
C PHE B 116 -4.10 1.46 38.59
N ARG B 117 -4.23 0.57 37.61
CA ARG B 117 -3.07 0.02 36.90
C ARG B 117 -2.42 1.07 36.00
N ARG B 118 -1.09 1.08 35.99
CA ARG B 118 -0.29 2.08 35.27
C ARG B 118 -0.71 2.23 33.81
N TRP B 119 -0.83 1.09 33.12
CA TRP B 119 -1.24 1.05 31.70
C TRP B 119 -2.69 1.46 31.48
N GLU B 120 -3.59 1.04 32.38
CA GLU B 120 -5.01 1.41 32.30
C GLU B 120 -5.24 2.91 32.50
N VAL B 121 -4.54 3.48 33.49
CA VAL B 121 -4.57 4.91 33.75
C VAL B 121 -3.96 5.69 32.58
N ALA B 122 -2.82 5.21 32.08
CA ALA B 122 -2.17 5.79 30.91
C ALA B 122 -3.04 5.73 29.65
N ALA B 123 -3.78 4.62 29.50
CA ALA B 123 -4.76 4.46 28.42
C ALA B 123 -5.95 5.43 28.55
N LEU B 124 -6.35 5.70 29.79
CA LEU B 124 -7.47 6.59 30.08
C LEU B 124 -7.16 8.10 29.96
N GLN B 125 -5.88 8.48 30.00
CA GLN B 125 -5.48 9.90 30.01
C GLN B 125 -6.12 10.82 28.95
N PRO B 126 -6.18 10.38 27.67
CA PRO B 126 -6.78 11.24 26.64
C PRO B 126 -8.31 11.39 26.72
N GLN B 127 -9.00 10.49 27.43
CA GLN B 127 -10.45 10.58 27.62
C GLN B 127 -10.88 11.86 28.32
N LEU B 128 -10.06 12.34 29.27
CA LEU B 128 -10.38 13.58 29.99
C LEU B 128 -10.17 14.86 29.15
N ARG B 129 -9.38 14.78 28.08
CA ARG B 129 -9.32 15.87 27.09
C ARG B 129 -10.64 15.93 26.29
N ILE B 130 -11.16 14.75 25.95
CA ILE B 130 -12.47 14.63 25.29
C ILE B 130 -13.57 15.11 26.24
N ASP B 131 -13.73 14.41 27.36
CA ASP B 131 -14.78 14.71 28.35
C ASP B 131 -14.84 16.19 28.77
N LYS B 132 -13.67 16.83 28.86
CA LYS B 132 -13.59 18.27 29.10
C LYS B 132 -14.14 19.04 27.90
N ALA B 133 -13.57 18.77 26.72
CA ALA B 133 -13.95 19.45 25.48
C ALA B 133 -15.44 19.32 25.13
N VAL B 134 -16.04 18.19 25.51
CA VAL B 134 -17.48 17.94 25.34
C VAL B 134 -18.29 18.93 26.16
N ALA B 135 -18.01 18.99 27.46
CA ALA B 135 -18.73 19.86 28.39
C ALA B 135 -18.47 21.35 28.16
N LEU B 136 -17.23 21.69 27.78
CA LEU B 136 -16.85 23.09 27.52
C LEU B 136 -17.47 23.71 26.26
N GLN B 137 -18.15 22.91 25.43
CA GLN B 137 -19.01 23.44 24.38
C GLN B 137 -20.11 24.33 24.94
N ASN B 138 -20.64 23.96 26.12
CA ASN B 138 -21.56 24.81 26.88
C ASN B 138 -20.73 25.94 27.53
N PRO B 139 -20.82 27.19 27.00
CA PRO B 139 -19.97 28.26 27.54
C PRO B 139 -20.26 28.63 29.00
N GLN B 140 -21.49 28.35 29.45
CA GLN B 140 -21.85 28.36 30.87
C GLN B 140 -20.75 27.72 31.71
N ALA B 141 -20.37 26.50 31.32
CA ALA B 141 -19.39 25.72 32.07
C ALA B 141 -18.09 26.47 32.30
N HIS B 142 -17.51 27.00 31.22
CA HIS B 142 -16.21 27.69 31.32
C HIS B 142 -16.26 29.02 32.07
N VAL B 143 -17.38 29.74 31.93
CA VAL B 143 -17.60 30.98 32.69
C VAL B 143 -17.68 30.68 34.19
N ILE B 144 -18.35 29.59 34.56
CA ILE B 144 -18.45 29.17 35.97
C ILE B 144 -17.10 28.71 36.54
N GLU B 145 -16.29 28.00 35.73
CA GLU B 145 -14.92 27.63 36.14
C GLU B 145 -14.10 28.87 36.46
N ASN B 146 -14.11 29.81 35.51
CA ASN B 146 -13.47 31.11 35.66
C ASN B 146 -14.04 31.95 36.83
N LEU B 147 -15.34 31.85 37.07
CA LEU B 147 -15.99 32.56 38.18
C LEU B 147 -15.48 32.05 39.52
N HIS B 148 -15.59 30.75 39.75
CA HIS B 148 -15.08 30.11 40.97
C HIS B 148 -13.57 30.33 41.15
N ALA B 149 -12.83 30.23 40.05
CA ALA B 149 -11.38 30.48 40.03
C ALA B 149 -11.04 31.90 40.50
N ALA B 150 -11.77 32.88 39.98
CA ALA B 150 -11.57 34.29 40.33
C ALA B 150 -12.19 34.68 41.67
N ALA B 151 -13.29 34.02 42.05
CA ALA B 151 -14.02 34.35 43.28
C ALA B 151 -13.27 33.91 44.54
N TYR B 152 -12.87 32.64 44.57
CA TYR B 152 -12.15 32.07 45.71
C TYR B 152 -10.64 32.03 45.46
N ARG B 153 -9.88 31.70 46.50
CA ARG B 153 -8.42 31.59 46.42
C ARG B 153 -7.98 30.14 46.14
N ASN B 154 -8.11 29.29 47.15
CA ASN B 154 -7.50 27.95 47.10
C ASN B 154 -8.52 26.82 46.92
N ALA B 155 -9.55 26.79 47.76
CA ALA B 155 -10.41 25.61 47.90
C ALA B 155 -11.32 25.38 46.71
N LEU B 156 -12.35 26.22 46.56
CA LEU B 156 -13.37 26.03 45.52
C LEU B 156 -12.97 26.62 44.17
N ALA B 157 -11.86 27.35 44.12
CA ALA B 157 -11.25 27.81 42.87
C ALA B 157 -10.72 26.68 41.97
N ASN B 158 -10.55 25.49 42.53
CA ASN B 158 -10.20 24.30 41.75
C ASN B 158 -11.29 23.99 40.73
N SER B 159 -10.87 23.85 39.48
CA SER B 159 -11.78 23.53 38.38
C SER B 159 -12.29 22.10 38.52
N LEU B 160 -13.55 21.88 38.17
CA LEU B 160 -14.15 20.55 38.23
C LEU B 160 -13.55 19.63 37.18
N TYR B 161 -13.32 20.17 35.99
CA TYR B 161 -12.59 19.47 34.94
C TYR B 161 -11.09 19.70 35.10
N CYS B 162 -10.31 18.81 34.53
CA CYS B 162 -8.86 18.76 34.75
C CYS B 162 -8.19 19.93 34.03
N PRO B 163 -7.21 20.59 34.67
CA PRO B 163 -6.43 21.62 33.98
C PRO B 163 -5.74 21.06 32.74
N ASP B 164 -5.67 21.85 31.67
CA ASP B 164 -5.18 21.38 30.37
C ASP B 164 -3.74 20.85 30.41
N TYR B 165 -2.88 21.49 31.21
CA TYR B 165 -1.49 21.03 31.38
C TYR B 165 -1.40 19.69 32.13
N ARG B 166 -2.34 19.44 33.04
CA ARG B 166 -2.41 18.19 33.80
C ARG B 166 -2.97 17.00 33.01
N ILE B 167 -3.46 17.25 31.80
CA ILE B 167 -3.92 16.17 30.91
C ILE B 167 -2.73 15.30 30.55
N GLY B 168 -2.75 14.03 30.98
CA GLY B 168 -1.64 13.10 30.79
C GLY B 168 -0.71 12.97 31.98
N LYS B 169 -0.64 14.01 32.82
CA LYS B 169 0.28 14.06 33.96
C LYS B 169 -0.26 13.47 35.26
N VAL B 170 -1.55 13.13 35.31
CA VAL B 170 -2.13 12.55 36.52
C VAL B 170 -1.60 11.12 36.65
N THR B 171 -1.07 10.78 37.82
CA THR B 171 -0.40 9.49 38.02
C THR B 171 -1.36 8.45 38.61
N PRO B 172 -1.01 7.15 38.52
CA PRO B 172 -1.77 6.12 39.24
C PRO B 172 -1.56 6.18 40.76
N VAL B 173 -0.41 6.72 41.19
CA VAL B 173 -0.08 6.88 42.60
C VAL B 173 -0.93 8.01 43.21
N GLU B 174 -1.11 9.10 42.47
CA GLU B 174 -1.97 10.21 42.90
C GLU B 174 -3.43 9.77 43.10
N LEU B 175 -3.92 8.91 42.22
CA LEU B 175 -5.29 8.35 42.35
C LEU B 175 -5.39 7.45 43.58
N HIS B 176 -4.46 6.51 43.70
CA HIS B 176 -4.32 5.67 44.90
C HIS B 176 -4.41 6.50 46.19
N ASP B 177 -3.57 7.52 46.25
CA ASP B 177 -3.47 8.38 47.44
C ASP B 177 -4.72 9.25 47.62
N TYR B 178 -5.24 9.80 46.53
CA TYR B 178 -6.48 10.60 46.59
C TYR B 178 -7.68 9.77 47.06
N VAL B 179 -7.72 8.48 46.71
CA VAL B 179 -8.76 7.56 47.22
C VAL B 179 -8.51 7.26 48.69
N GLN B 180 -7.29 6.80 49.01
CA GLN B 180 -6.91 6.45 50.40
C GLN B 180 -7.15 7.58 51.41
N ASN B 181 -6.93 8.82 50.99
CA ASN B 181 -7.14 9.99 51.84
C ASN B 181 -8.61 10.31 52.04
N HIS B 182 -9.39 10.34 50.96
CA HIS B 182 -10.74 10.89 50.97
C HIS B 182 -11.88 9.87 51.03
N PHE B 183 -11.71 8.72 50.38
CA PHE B 183 -12.75 7.68 50.33
C PHE B 183 -12.75 6.89 51.65
N THR B 184 -13.23 7.52 52.71
CA THR B 184 -13.16 6.98 54.06
C THR B 184 -14.49 7.13 54.83
N SER B 185 -14.59 6.41 55.95
CA SER B 185 -15.84 6.20 56.67
C SER B 185 -16.57 7.48 57.07
N ALA B 186 -15.89 8.36 57.81
CA ALA B 186 -16.47 9.63 58.25
C ALA B 186 -16.83 10.56 57.09
N ARG B 187 -16.15 10.41 55.95
CA ARG B 187 -16.41 11.21 54.76
C ARG B 187 -17.46 10.60 53.82
N MET B 188 -17.68 9.29 53.91
CA MET B 188 -18.64 8.59 53.04
C MET B 188 -20.07 8.57 53.60
N ALA B 189 -21.02 8.21 52.73
CA ALA B 189 -22.44 8.11 53.08
C ALA B 189 -23.21 7.26 52.07
N LEU B 190 -23.60 6.06 52.48
CA LEU B 190 -24.29 5.11 51.60
C LEU B 190 -25.81 5.30 51.65
N ILE B 191 -26.40 5.63 50.50
CA ILE B 191 -27.84 5.84 50.37
C ILE B 191 -28.44 4.69 49.57
N GLY B 192 -29.69 4.35 49.86
CA GLY B 192 -30.40 3.25 49.18
C GLY B 192 -31.86 3.60 48.87
N LEU B 193 -32.39 2.95 47.83
CA LEU B 193 -33.79 3.11 47.43
C LEU B 193 -34.25 1.82 46.74
N GLY B 194 -35.44 1.34 47.11
CA GLY B 194 -35.94 0.05 46.63
C GLY B 194 -35.14 -1.11 47.19
N VAL B 195 -34.83 -1.05 48.48
CA VAL B 195 -33.95 -2.02 49.13
C VAL B 195 -34.20 -2.05 50.65
N SER B 196 -34.02 -3.22 51.25
CA SER B 196 -34.20 -3.40 52.70
C SER B 196 -32.99 -2.83 53.47
N HIS B 197 -33.26 -2.30 54.66
CA HIS B 197 -32.24 -1.61 55.47
C HIS B 197 -31.18 -2.53 56.10
N PRO B 198 -31.58 -3.69 56.67
CA PRO B 198 -30.61 -4.56 57.36
C PRO B 198 -29.44 -5.04 56.50
N VAL B 199 -29.74 -5.50 55.29
CA VAL B 199 -28.70 -5.92 54.33
C VAL B 199 -27.79 -4.75 53.91
N LEU B 200 -28.38 -3.57 53.76
CA LEU B 200 -27.63 -2.36 53.39
C LEU B 200 -26.73 -1.92 54.55
N LYS B 201 -27.20 -2.08 55.79
CA LYS B 201 -26.38 -1.83 56.97
C LYS B 201 -25.25 -2.85 57.12
N GLN B 202 -25.59 -4.13 56.98
CA GLN B 202 -24.61 -5.22 57.13
C GLN B 202 -23.50 -5.15 56.09
N VAL B 203 -23.87 -4.84 54.85
CA VAL B 203 -22.89 -4.60 53.78
C VAL B 203 -22.01 -3.38 54.09
N ALA B 204 -22.62 -2.32 54.60
CA ALA B 204 -21.89 -1.09 54.99
C ALA B 204 -20.92 -1.30 56.14
N GLU B 205 -21.25 -2.19 57.07
CA GLU B 205 -20.34 -2.60 58.16
C GLU B 205 -19.23 -3.53 57.65
N GLN B 206 -19.63 -4.51 56.84
CA GLN B 206 -18.74 -5.57 56.36
C GLN B 206 -17.67 -5.07 55.39
N PHE B 207 -18.07 -4.25 54.42
CA PHE B 207 -17.15 -3.77 53.37
C PHE B 207 -16.70 -2.32 53.54
N LEU B 208 -17.64 -1.40 53.81
CA LEU B 208 -17.33 0.03 53.91
C LEU B 208 -16.83 0.38 55.33
N ASN B 209 -15.70 -0.18 55.72
CA ASN B 209 -15.03 0.21 56.95
C ASN B 209 -13.57 0.41 56.64
N ILE B 210 -13.25 1.56 56.09
CA ILE B 210 -11.88 1.95 55.76
C ILE B 210 -11.70 3.41 56.16
N ARG B 211 -10.70 3.66 56.99
CA ARG B 211 -10.53 4.95 57.67
C ARG B 211 -9.05 5.36 57.58
N GLY B 212 -8.82 6.62 57.23
CA GLY B 212 -7.46 7.12 57.01
C GLY B 212 -7.29 8.56 57.43
N GLY B 213 -6.13 9.13 57.09
CA GLY B 213 -5.90 10.57 57.27
C GLY B 213 -6.91 11.44 56.52
N LEU B 214 -7.00 12.71 56.93
CA LEU B 214 -7.93 13.75 56.40
C LEU B 214 -9.41 13.69 56.86
N GLY B 215 -9.62 13.31 58.11
CA GLY B 215 -10.97 13.27 58.66
C GLY B 215 -11.15 14.19 59.86
N LEU B 216 -11.95 15.25 59.74
CA LEU B 216 -12.57 15.71 58.50
C LEU B 216 -12.95 17.20 58.50
N SER B 217 -12.66 17.88 59.61
CA SER B 217 -13.01 19.28 59.75
C SER B 217 -13.09 19.88 58.35
N GLY B 218 -11.95 19.92 57.69
CA GLY B 218 -11.90 20.41 56.32
C GLY B 218 -10.95 21.58 56.09
N ALA B 219 -11.16 22.23 54.94
CA ALA B 219 -10.42 23.41 54.46
C ALA B 219 -11.25 24.71 54.33
N LYS B 220 -10.49 25.69 54.26
CA LYS B 220 -11.04 27.05 54.27
C LYS B 220 -11.40 27.52 52.86
N ALA B 221 -12.65 27.92 52.66
CA ALA B 221 -13.06 28.53 51.40
C ALA B 221 -12.71 30.01 51.54
N LYS B 222 -11.45 30.34 51.27
CA LYS B 222 -10.97 31.72 51.42
C LYS B 222 -11.58 32.51 50.29
N TYR B 223 -12.53 33.37 50.62
CA TYR B 223 -13.18 34.20 49.62
C TYR B 223 -12.28 35.39 49.27
N HIS B 224 -12.35 35.82 48.02
CA HIS B 224 -11.48 36.83 47.44
C HIS B 224 -12.36 37.66 46.48
N GLY B 225 -11.78 38.64 45.80
CA GLY B 225 -12.44 39.34 44.70
C GLY B 225 -11.57 39.25 43.47
N GLY B 226 -12.14 38.80 42.35
CA GLY B 226 -11.41 38.66 41.10
C GLY B 226 -12.25 38.80 39.86
N GLU B 227 -11.58 39.03 38.74
CA GLU B 227 -12.20 39.03 37.43
C GLU B 227 -11.21 38.48 36.40
N ILE B 228 -11.59 37.40 35.74
CA ILE B 228 -10.87 36.90 34.57
C ILE B 228 -11.81 37.02 33.37
N ARG B 229 -11.29 37.61 32.30
CA ARG B 229 -12.08 38.00 31.13
C ARG B 229 -11.48 37.38 29.88
N GLU B 230 -12.07 36.26 29.44
CA GLU B 230 -11.56 35.49 28.32
C GLU B 230 -12.16 35.97 26.99
N GLN B 231 -11.35 36.62 26.16
CA GLN B 231 -11.79 37.07 24.84
C GLN B 231 -12.00 35.86 23.92
N ASN B 232 -13.24 35.72 23.44
CA ASN B 232 -13.73 34.48 22.83
C ASN B 232 -13.90 34.55 21.31
N GLY B 233 -14.50 35.63 20.81
CA GLY B 233 -14.90 35.74 19.41
C GLY B 233 -16.08 34.84 19.10
N ASP B 234 -17.09 34.91 19.98
CA ASP B 234 -18.26 34.04 19.91
C ASP B 234 -19.47 34.85 19.43
N SER B 235 -20.56 34.16 19.13
CA SER B 235 -21.82 34.79 18.75
C SER B 235 -22.38 35.69 19.85
N LEU B 236 -22.43 35.15 21.07
CA LEU B 236 -22.98 35.85 22.24
C LEU B 236 -21.85 36.35 23.15
N VAL B 237 -22.24 37.00 24.25
CA VAL B 237 -21.31 37.42 25.30
C VAL B 237 -21.81 36.92 26.64
N HIS B 238 -21.38 35.72 27.01
CA HIS B 238 -21.72 35.12 28.30
C HIS B 238 -20.92 35.76 29.42
N ALA B 239 -21.60 36.13 30.51
CA ALA B 239 -20.96 36.76 31.66
C ALA B 239 -21.69 36.45 32.96
N ALA B 240 -21.00 36.67 34.08
CA ALA B 240 -21.55 36.44 35.41
C ALA B 240 -20.91 37.40 36.43
N LEU B 241 -21.72 37.85 37.39
CA LEU B 241 -21.27 38.77 38.44
C LEU B 241 -21.90 38.36 39.77
N VAL B 242 -21.05 37.96 40.72
CA VAL B 242 -21.51 37.45 42.02
C VAL B 242 -20.76 38.08 43.20
N ALA B 243 -21.29 37.82 44.39
CA ALA B 243 -20.63 38.15 45.66
C ALA B 243 -20.82 36.99 46.64
N GLU B 244 -20.10 37.03 47.76
CA GLU B 244 -20.17 35.93 48.73
C GLU B 244 -21.54 35.88 49.43
N SER B 245 -22.30 34.84 49.12
CA SER B 245 -23.57 34.56 49.78
C SER B 245 -23.31 33.82 51.11
N ALA B 246 -24.33 33.14 51.63
CA ALA B 246 -24.19 32.33 52.84
C ALA B 246 -23.95 30.86 52.50
N ALA B 247 -23.41 30.14 53.49
CA ALA B 247 -23.24 28.70 53.39
C ALA B 247 -24.59 28.00 53.58
N ILE B 248 -24.64 26.75 53.13
CA ILE B 248 -25.91 26.00 52.99
C ILE B 248 -26.68 25.74 54.31
N GLY B 249 -25.96 25.66 55.43
CA GLY B 249 -26.55 25.28 56.72
C GLY B 249 -27.52 26.26 57.39
N SER B 250 -27.34 27.56 57.12
CA SER B 250 -28.08 28.61 57.83
C SER B 250 -29.38 29.02 57.12
N ALA B 251 -30.17 29.84 57.81
CA ALA B 251 -31.39 30.45 57.25
C ALA B 251 -31.09 31.51 56.18
N GLU B 252 -29.88 32.08 56.22
CA GLU B 252 -29.40 33.01 55.19
C GLU B 252 -29.38 32.37 53.80
N ALA B 253 -28.98 31.10 53.74
CA ALA B 253 -29.06 30.32 52.49
C ALA B 253 -30.45 30.33 51.89
N ASN B 254 -31.46 30.15 52.73
CA ASN B 254 -32.86 30.18 52.29
C ASN B 254 -33.31 31.58 51.86
N ALA B 255 -32.77 32.63 52.49
CA ALA B 255 -33.03 34.02 52.09
C ALA B 255 -32.47 34.32 50.69
N PHE B 256 -31.20 33.96 50.48
CA PHE B 256 -30.58 34.03 49.14
C PHE B 256 -31.31 33.16 48.12
N SER B 257 -31.69 31.95 48.52
CA SER B 257 -32.42 31.03 47.66
C SER B 257 -33.81 31.57 47.28
N VAL B 258 -34.47 32.25 48.21
CA VAL B 258 -35.72 32.97 47.92
C VAL B 258 -35.44 34.18 47.02
N LEU B 259 -34.41 34.95 47.37
CA LEU B 259 -34.00 36.12 46.57
C LEU B 259 -33.69 35.79 45.12
N GLN B 260 -33.12 34.60 44.89
CA GLN B 260 -32.94 34.05 43.55
C GLN B 260 -34.27 33.96 42.79
N HIS B 261 -35.28 33.42 43.45
CA HIS B 261 -36.63 33.28 42.88
C HIS B 261 -37.43 34.58 42.82
N VAL B 262 -37.12 35.54 43.70
CA VAL B 262 -37.67 36.90 43.61
C VAL B 262 -37.15 37.55 42.33
N LEU B 263 -35.84 37.47 42.14
CA LEU B 263 -35.22 37.84 40.87
C LEU B 263 -35.53 36.76 39.82
N GLY B 264 -35.00 36.91 38.61
CA GLY B 264 -35.23 35.96 37.54
C GLY B 264 -34.45 34.67 37.73
N ALA B 265 -35.07 33.65 38.32
CA ALA B 265 -34.41 32.36 38.54
C ALA B 265 -34.23 31.59 37.24
N GLY B 266 -35.35 31.28 36.58
CA GLY B 266 -35.33 30.54 35.33
C GLY B 266 -36.75 30.22 34.86
N PRO B 267 -37.00 30.28 33.53
CA PRO B 267 -38.36 30.27 32.96
C PRO B 267 -39.21 29.04 33.28
N HIS B 268 -40.52 29.24 33.45
CA HIS B 268 -41.47 28.16 33.68
C HIS B 268 -42.40 27.87 32.49
N VAL B 269 -42.68 28.88 31.67
CA VAL B 269 -43.63 28.77 30.56
C VAL B 269 -42.86 28.62 29.24
N LYS B 270 -43.15 27.58 28.48
CA LYS B 270 -42.50 27.34 27.20
C LYS B 270 -42.80 28.47 26.21
N ARG B 271 -41.74 29.08 25.68
CA ARG B 271 -41.81 30.23 24.77
C ARG B 271 -42.54 31.46 25.37
N GLY B 272 -42.46 31.62 26.69
CA GLY B 272 -42.99 32.80 27.35
C GLY B 272 -42.06 33.99 27.21
N SER B 273 -42.52 35.15 27.67
CA SER B 273 -41.72 36.38 27.72
C SER B 273 -41.03 36.61 29.08
N ASN B 274 -41.00 35.59 29.94
CA ASN B 274 -40.50 35.69 31.33
C ASN B 274 -41.20 36.82 32.10
N ALA B 275 -42.44 36.56 32.50
CA ALA B 275 -43.32 37.59 33.07
C ALA B 275 -42.93 37.97 34.50
N THR B 276 -43.03 37.01 35.42
CA THR B 276 -42.78 37.27 36.85
C THR B 276 -41.28 37.41 37.20
N SER B 277 -40.39 37.03 36.28
CA SER B 277 -38.95 37.25 36.42
C SER B 277 -38.65 38.74 36.55
N SER B 278 -37.94 39.12 37.62
CA SER B 278 -37.64 40.53 37.89
C SER B 278 -36.55 41.07 36.96
N LEU B 279 -35.43 40.37 36.92
CA LEU B 279 -34.24 40.79 36.16
C LEU B 279 -34.52 40.91 34.65
N TYR B 280 -35.21 39.92 34.10
CA TYR B 280 -35.59 39.91 32.68
C TYR B 280 -36.44 41.14 32.32
N GLN B 281 -37.38 41.48 33.18
CA GLN B 281 -38.25 42.65 32.99
C GLN B 281 -37.50 43.98 33.16
N ALA B 282 -36.52 44.01 34.07
CA ALA B 282 -35.68 45.19 34.27
C ALA B 282 -34.78 45.51 33.07
N VAL B 283 -34.17 44.47 32.51
CA VAL B 283 -33.31 44.62 31.32
C VAL B 283 -34.11 44.81 30.02
N ALA B 284 -35.28 44.17 29.92
CA ALA B 284 -36.14 44.24 28.72
C ALA B 284 -36.61 45.66 28.42
N LYS B 285 -37.03 46.37 29.47
CA LYS B 285 -37.46 47.76 29.36
C LYS B 285 -36.31 48.69 28.93
N GLY B 286 -35.09 48.37 29.37
CA GLY B 286 -33.90 49.11 28.98
C GLY B 286 -33.47 48.92 27.53
N VAL B 287 -33.00 47.72 27.21
CA VAL B 287 -32.43 47.42 25.87
C VAL B 287 -33.29 46.39 25.12
N HIS B 288 -33.45 46.62 23.81
CA HIS B 288 -34.39 45.86 22.97
C HIS B 288 -33.66 44.94 21.99
N GLN B 289 -33.24 43.78 22.49
CA GLN B 289 -32.50 42.79 21.69
C GLN B 289 -32.85 41.35 22.10
N PRO B 290 -32.24 40.35 21.42
CA PRO B 290 -32.21 39.00 21.98
C PRO B 290 -31.21 38.89 23.13
N PHE B 291 -31.70 38.51 24.31
CA PHE B 291 -30.85 38.37 25.50
C PHE B 291 -31.40 37.30 26.42
N ASP B 292 -30.64 37.01 27.48
CA ASP B 292 -31.15 36.31 28.65
C ASP B 292 -30.31 36.66 29.87
N VAL B 293 -30.99 36.79 31.01
CA VAL B 293 -30.34 37.02 32.29
C VAL B 293 -31.05 36.15 33.33
N SER B 294 -30.29 35.66 34.32
CA SER B 294 -30.88 34.90 35.42
C SER B 294 -30.05 34.96 36.69
N ALA B 295 -30.72 34.71 37.81
CA ALA B 295 -30.12 34.78 39.14
C ALA B 295 -29.39 33.48 39.44
N PHE B 296 -28.10 33.59 39.72
CA PHE B 296 -27.23 32.44 39.98
C PHE B 296 -26.96 32.38 41.47
N ASN B 297 -27.20 31.21 42.06
CA ASN B 297 -27.03 30.99 43.50
C ASN B 297 -26.34 29.66 43.78
N ALA B 298 -25.10 29.72 44.26
CA ALA B 298 -24.35 28.55 44.69
C ALA B 298 -24.20 28.59 46.21
N SER B 299 -24.54 27.50 46.88
CA SER B 299 -24.34 27.35 48.32
C SER B 299 -23.66 26.03 48.62
N TYR B 300 -22.58 26.10 49.42
CA TYR B 300 -21.82 24.93 49.83
C TYR B 300 -21.83 24.83 51.35
N SER B 301 -21.29 23.74 51.88
CA SER B 301 -21.20 23.54 53.32
C SER B 301 -20.19 24.49 54.00
N ASP B 302 -19.23 25.00 53.23
CA ASP B 302 -18.25 25.96 53.73
C ASP B 302 -18.68 27.40 53.43
N SER B 303 -18.94 27.69 52.15
CA SER B 303 -19.25 29.06 51.70
C SER B 303 -20.36 29.04 50.64
N GLY B 304 -20.56 30.17 49.96
CA GLY B 304 -21.50 30.25 48.85
C GLY B 304 -21.34 31.52 48.01
N LEU B 305 -21.81 31.46 46.76
CA LEU B 305 -21.84 32.60 45.86
C LEU B 305 -23.28 32.94 45.47
N PHE B 306 -23.56 34.23 45.29
CA PHE B 306 -24.84 34.69 44.75
C PHE B 306 -24.68 35.91 43.85
N GLY B 307 -25.48 35.95 42.79
CA GLY B 307 -25.51 37.10 41.89
C GLY B 307 -26.39 36.82 40.68
N PHE B 308 -25.84 36.98 39.49
CA PHE B 308 -26.59 36.69 38.27
C PHE B 308 -25.69 36.46 37.06
N TYR B 309 -26.27 35.79 36.06
CA TYR B 309 -25.58 35.44 34.82
C TYR B 309 -26.28 36.18 33.68
N THR B 310 -25.50 36.79 32.79
CA THR B 310 -26.04 37.56 31.65
C THR B 310 -25.53 37.02 30.31
N ILE B 311 -26.45 36.88 29.35
CA ILE B 311 -26.12 36.49 27.97
C ILE B 311 -26.69 37.57 27.06
N SER B 312 -25.89 38.01 26.08
CA SER B 312 -26.20 39.21 25.29
C SER B 312 -25.30 39.35 24.06
N GLN B 313 -25.54 40.39 23.26
CA GLN B 313 -24.67 40.77 22.14
C GLN B 313 -23.40 41.48 22.65
N ALA B 314 -22.54 41.90 21.72
CA ALA B 314 -21.33 42.67 22.04
C ALA B 314 -21.61 43.91 22.89
N ALA B 315 -22.38 44.85 22.35
CA ALA B 315 -22.66 46.14 23.01
C ALA B 315 -23.69 46.03 24.13
N SER B 316 -24.69 45.16 23.97
CA SER B 316 -25.79 45.01 24.94
C SER B 316 -25.35 44.57 26.34
N ALA B 317 -24.26 43.81 26.44
CA ALA B 317 -23.72 43.33 27.72
C ALA B 317 -23.51 44.44 28.74
N GLY B 318 -22.95 45.57 28.30
CA GLY B 318 -22.78 46.75 29.14
C GLY B 318 -24.05 47.23 29.79
N ASP B 319 -25.10 47.37 28.98
CA ASP B 319 -26.42 47.79 29.47
C ASP B 319 -27.10 46.70 30.31
N VAL B 320 -27.08 45.47 29.82
CA VAL B 320 -27.75 44.32 30.47
C VAL B 320 -27.22 44.06 31.88
N ILE B 321 -25.90 44.08 32.05
CA ILE B 321 -25.28 43.83 33.36
C ILE B 321 -25.60 44.97 34.33
N LYS B 322 -25.48 46.21 33.88
CA LYS B 322 -25.82 47.39 34.69
C LYS B 322 -27.29 47.41 35.12
N ALA B 323 -28.19 47.22 34.16
CA ALA B 323 -29.64 47.25 34.42
C ALA B 323 -30.09 46.13 35.37
N ALA B 324 -29.52 44.95 35.18
CA ALA B 324 -29.72 43.83 36.10
C ALA B 324 -29.13 44.14 37.47
N TYR B 325 -27.93 44.72 37.49
CA TYR B 325 -27.27 45.11 38.74
C TYR B 325 -28.09 46.14 39.50
N ASN B 326 -28.60 47.14 38.78
CA ASN B 326 -29.46 48.18 39.37
C ASN B 326 -30.80 47.64 39.90
N GLN B 327 -31.35 46.62 39.23
CA GLN B 327 -32.55 45.92 39.72
C GLN B 327 -32.27 45.11 40.99
N VAL B 328 -31.04 44.63 41.17
CA VAL B 328 -30.63 44.02 42.44
C VAL B 328 -30.47 45.13 43.50
N LYS B 329 -29.90 46.26 43.10
CA LYS B 329 -29.74 47.42 43.99
C LYS B 329 -31.05 48.08 44.41
N THR B 330 -32.08 48.05 43.56
CA THR B 330 -33.38 48.67 43.89
C THR B 330 -34.20 47.85 44.90
N ILE B 331 -34.04 46.52 44.86
CA ILE B 331 -34.71 45.63 45.80
C ILE B 331 -33.99 45.68 47.12
N ALA B 332 -32.66 45.87 47.11
CA ALA B 332 -31.87 46.04 48.33
C ALA B 332 -32.35 47.16 49.26
N GLN B 333 -33.04 48.16 48.70
CA GLN B 333 -33.54 49.31 49.45
C GLN B 333 -35.04 49.23 49.82
N GLY B 334 -35.53 48.01 50.07
CA GLY B 334 -36.90 47.85 50.58
C GLY B 334 -37.95 48.40 49.64
N ASN B 335 -37.90 47.98 48.39
CA ASN B 335 -38.91 48.33 47.38
C ASN B 335 -39.70 47.06 47.04
N LEU B 336 -39.76 46.15 48.00
CA LEU B 336 -40.21 44.78 47.77
C LEU B 336 -41.53 44.52 48.52
N SER B 337 -42.59 44.25 47.76
CA SER B 337 -43.90 43.97 48.35
C SER B 337 -43.97 42.54 48.90
N ASN B 338 -44.96 42.29 49.75
CA ASN B 338 -45.12 40.98 50.41
C ASN B 338 -45.56 39.85 49.45
N PRO B 339 -46.44 40.14 48.46
CA PRO B 339 -46.80 39.14 47.45
C PRO B 339 -45.64 38.64 46.56
N ASP B 340 -44.62 39.47 46.34
CA ASP B 340 -43.42 39.07 45.55
C ASP B 340 -42.67 37.95 46.25
N VAL B 341 -42.46 38.12 47.55
CA VAL B 341 -41.79 37.12 48.39
C VAL B 341 -42.67 35.87 48.52
N GLN B 342 -43.97 36.07 48.70
CA GLN B 342 -44.92 34.97 48.89
C GLN B 342 -45.11 34.13 47.61
N ALA B 343 -44.96 34.75 46.45
CA ALA B 343 -44.90 34.02 45.18
C ALA B 343 -43.58 33.25 45.07
N ALA B 344 -42.47 33.96 45.30
CA ALA B 344 -41.12 33.39 45.22
C ALA B 344 -40.91 32.19 46.15
N LYS B 345 -41.41 32.28 47.37
CA LYS B 345 -41.41 31.15 48.32
C LYS B 345 -42.19 29.95 47.77
N ASN B 346 -43.34 30.24 47.17
CA ASN B 346 -44.20 29.21 46.56
C ASN B 346 -43.53 28.58 45.34
N LYS B 347 -42.83 29.39 44.55
CA LYS B 347 -42.02 28.90 43.42
C LYS B 347 -40.87 28.01 43.90
N LEU B 348 -40.19 28.45 44.95
CA LEU B 348 -39.05 27.72 45.51
C LEU B 348 -39.48 26.37 46.09
N LYS B 349 -40.47 26.40 46.99
CA LYS B 349 -40.93 25.20 47.68
C LYS B 349 -41.63 24.20 46.73
N ALA B 350 -42.22 24.71 45.65
CA ALA B 350 -42.75 23.85 44.59
C ALA B 350 -41.60 23.22 43.83
N GLY B 351 -40.67 24.05 43.39
CA GLY B 351 -39.45 23.60 42.71
C GLY B 351 -38.61 22.60 43.49
N TYR B 352 -38.57 22.75 44.81
CA TYR B 352 -37.91 21.78 45.69
C TYR B 352 -38.65 20.43 45.68
N LEU B 353 -39.96 20.48 45.88
CA LEU B 353 -40.80 19.26 45.85
C LEU B 353 -40.74 18.54 44.50
N MET B 354 -40.62 19.33 43.42
CA MET B 354 -40.42 18.78 42.08
C MET B 354 -39.03 18.16 41.89
N SER B 355 -38.00 18.77 42.50
CA SER B 355 -36.62 18.26 42.43
C SER B 355 -36.46 16.91 43.14
N VAL B 356 -37.22 16.68 44.21
CA VAL B 356 -37.21 15.40 44.94
C VAL B 356 -38.26 14.39 44.43
N GLU B 357 -38.90 14.68 43.29
CA GLU B 357 -39.98 13.86 42.76
C GLU B 357 -39.44 12.59 42.12
N SER B 358 -38.55 12.76 41.15
CA SER B 358 -37.85 11.63 40.52
C SER B 358 -36.85 11.06 41.53
N SER B 359 -36.73 9.73 41.53
CA SER B 359 -35.89 9.02 42.51
C SER B 359 -34.39 9.36 42.41
N GLU B 360 -33.94 9.80 41.23
CA GLU B 360 -32.56 10.25 41.04
C GLU B 360 -32.28 11.53 41.83
N GLY B 361 -33.20 12.49 41.72
CA GLY B 361 -33.10 13.74 42.47
C GLY B 361 -33.33 13.56 43.97
N PHE B 362 -34.25 12.66 44.32
CA PHE B 362 -34.50 12.28 45.71
C PHE B 362 -33.22 11.74 46.36
N LEU B 363 -32.62 10.73 45.71
CA LEU B 363 -31.39 10.10 46.20
C LEU B 363 -30.24 11.10 46.34
N ASP B 364 -30.14 12.03 45.38
CA ASP B 364 -29.14 13.10 45.42
C ASP B 364 -29.38 14.06 46.59
N GLU B 365 -30.65 14.29 46.93
CA GLU B 365 -31.02 15.09 48.10
C GLU B 365 -30.80 14.39 49.45
N VAL B 366 -31.05 13.08 49.50
CA VAL B 366 -30.78 12.30 50.73
C VAL B 366 -29.27 12.18 50.94
N GLY B 367 -28.53 11.94 49.87
CA GLY B 367 -27.07 11.92 49.89
C GLY B 367 -26.41 13.27 50.14
N SER B 368 -27.06 14.34 49.69
CA SER B 368 -26.62 15.71 50.00
C SER B 368 -26.63 15.95 51.51
N GLN B 369 -27.73 15.61 52.15
CA GLN B 369 -27.91 15.83 53.60
C GLN B 369 -27.07 14.88 54.46
N ALA B 370 -26.93 13.63 54.03
CA ALA B 370 -26.11 12.64 54.73
C ALA B 370 -24.64 13.06 54.88
N LEU B 371 -24.11 13.80 53.90
CA LEU B 371 -22.76 14.36 53.98
C LEU B 371 -22.75 15.74 54.64
N ALA B 372 -23.59 16.64 54.14
CA ALA B 372 -23.62 18.03 54.59
C ALA B 372 -23.76 18.18 56.10
N ALA B 373 -24.78 17.53 56.66
CA ALA B 373 -25.06 17.55 58.10
C ALA B 373 -24.66 16.24 58.80
N GLY B 374 -25.07 15.12 58.23
CA GLY B 374 -25.07 13.82 58.91
C GLY B 374 -26.45 13.44 59.44
N SER B 375 -27.50 13.96 58.79
CA SER B 375 -28.88 13.79 59.24
C SER B 375 -29.83 13.79 58.03
N TYR B 376 -31.13 13.66 58.28
CA TYR B 376 -32.16 13.85 57.27
C TYR B 376 -33.29 14.72 57.82
N THR B 377 -33.74 15.67 57.00
CA THR B 377 -34.82 16.59 57.38
C THR B 377 -35.87 16.58 56.26
N PRO B 378 -37.03 15.91 56.48
CA PRO B 378 -38.00 15.66 55.40
C PRO B 378 -38.61 16.94 54.78
N PRO B 379 -39.20 16.83 53.57
CA PRO B 379 -39.66 17.99 52.79
C PRO B 379 -40.48 19.02 53.57
N SER B 380 -41.44 18.55 54.36
CA SER B 380 -42.32 19.40 55.17
C SER B 380 -41.57 20.43 56.04
N THR B 381 -40.47 19.99 56.66
CA THR B 381 -39.61 20.90 57.45
C THR B 381 -38.85 21.89 56.56
N VAL B 382 -38.50 21.47 55.35
CA VAL B 382 -37.88 22.36 54.36
C VAL B 382 -38.91 23.38 53.86
N LEU B 383 -40.18 22.96 53.73
CA LEU B 383 -41.27 23.87 53.40
C LEU B 383 -41.47 24.92 54.49
N GLN B 384 -41.43 24.48 55.75
CA GLN B 384 -41.46 25.38 56.91
C GLN B 384 -40.25 26.31 56.95
N GLN B 385 -39.07 25.76 56.66
CA GLN B 385 -37.82 26.54 56.55
C GLN B 385 -37.92 27.68 55.53
N ILE B 386 -38.54 27.40 54.38
CA ILE B 386 -38.75 28.40 53.34
C ILE B 386 -39.78 29.44 53.79
N ASP B 387 -40.94 28.97 54.22
CA ASP B 387 -42.05 29.86 54.66
C ASP B 387 -41.69 30.77 55.84
N ALA B 388 -40.77 30.32 56.69
CA ALA B 388 -40.31 31.10 57.85
C ALA B 388 -39.30 32.23 57.51
N VAL B 389 -38.80 32.28 56.29
CA VAL B 389 -37.85 33.33 55.87
C VAL B 389 -38.57 34.68 55.80
N ALA B 390 -38.10 35.64 56.59
CA ALA B 390 -38.70 36.98 56.65
C ALA B 390 -38.31 37.83 55.44
N ASP B 391 -39.07 38.88 55.20
CA ASP B 391 -38.75 39.86 54.14
C ASP B 391 -37.44 40.61 54.44
N ALA B 392 -37.18 40.87 55.71
CA ALA B 392 -35.92 41.50 56.15
C ALA B 392 -34.69 40.67 55.76
N ASP B 393 -34.80 39.35 55.85
CA ASP B 393 -33.71 38.45 55.45
C ASP B 393 -33.42 38.53 53.95
N VAL B 394 -34.47 38.71 53.15
CA VAL B 394 -34.35 38.88 51.70
C VAL B 394 -33.69 40.22 51.35
N ILE B 395 -34.09 41.27 52.07
CA ILE B 395 -33.50 42.61 51.87
C ILE B 395 -32.05 42.66 52.38
N ASN B 396 -31.77 41.96 53.48
CA ASN B 396 -30.39 41.85 54.00
C ASN B 396 -29.47 41.03 53.10
N ALA B 397 -30.00 39.95 52.53
CA ALA B 397 -29.26 39.13 51.57
C ALA B 397 -28.92 39.93 50.31
N ALA B 398 -29.94 40.58 49.75
CA ALA B 398 -29.78 41.48 48.61
C ALA B 398 -28.81 42.63 48.89
N LYS B 399 -28.81 43.11 50.14
CA LYS B 399 -27.89 44.15 50.57
C LYS B 399 -26.45 43.63 50.74
N LYS B 400 -26.31 42.40 51.27
CA LYS B 400 -24.99 41.77 51.40
C LYS B 400 -24.30 41.57 50.05
N PHE B 401 -25.08 41.31 49.01
CA PHE B 401 -24.59 41.23 47.64
C PHE B 401 -23.91 42.54 47.21
N VAL B 402 -24.65 43.63 47.33
CA VAL B 402 -24.19 44.95 46.85
C VAL B 402 -23.01 45.46 47.68
N SER B 403 -23.09 45.26 49.00
CA SER B 403 -22.04 45.71 49.92
C SER B 403 -20.76 44.86 49.85
N GLY B 404 -20.93 43.54 49.69
CA GLY B 404 -19.80 42.62 49.71
C GLY B 404 -18.87 42.70 48.51
N ARG B 405 -17.68 42.09 48.68
CA ARG B 405 -16.67 42.02 47.60
C ARG B 405 -17.21 41.26 46.39
N LYS B 406 -16.80 41.71 45.21
CA LYS B 406 -17.37 41.23 43.94
C LYS B 406 -16.45 40.27 43.19
N SER B 407 -17.07 39.32 42.50
CA SER B 407 -16.36 38.33 41.69
C SER B 407 -17.04 38.26 40.33
N MET B 408 -16.29 38.54 39.27
CA MET B 408 -16.84 38.60 37.92
C MET B 408 -16.09 37.67 36.99
N ALA B 409 -16.81 37.11 36.02
CA ALA B 409 -16.22 36.26 34.99
C ALA B 409 -17.03 36.41 33.71
N ALA B 410 -16.36 36.61 32.59
CA ALA B 410 -17.04 36.77 31.32
C ALA B 410 -16.24 36.22 30.17
N SER B 411 -16.96 35.82 29.12
CA SER B 411 -16.35 35.32 27.89
C SER B 411 -17.24 35.60 26.68
N GLY B 412 -16.61 36.14 25.63
CA GLY B 412 -17.31 36.61 24.44
C GLY B 412 -16.44 37.66 23.77
N ASN B 413 -17.06 38.51 22.95
CA ASN B 413 -16.40 39.73 22.50
C ASN B 413 -16.71 40.80 23.54
N LEU B 414 -15.72 41.13 24.36
CA LEU B 414 -15.93 41.90 25.59
C LEU B 414 -15.59 43.40 25.48
N GLY B 415 -15.56 43.93 24.25
CA GLY B 415 -15.18 45.33 24.00
C GLY B 415 -16.03 46.36 24.73
N HIS B 416 -17.34 46.11 24.77
CA HIS B 416 -18.28 46.93 25.54
C HIS B 416 -18.91 46.11 26.67
N THR B 417 -18.08 45.33 27.37
CA THR B 417 -18.50 44.56 28.54
C THR B 417 -17.64 45.04 29.71
N PRO B 418 -18.28 45.57 30.78
CA PRO B 418 -17.55 46.32 31.79
C PRO B 418 -16.68 45.48 32.74
N PHE B 419 -15.75 46.15 33.41
CA PHE B 419 -14.99 45.57 34.52
C PHE B 419 -15.81 45.71 35.81
N ILE B 420 -15.30 45.17 36.91
CA ILE B 420 -15.96 45.30 38.22
C ILE B 420 -15.88 46.75 38.73
N ASP B 421 -14.71 47.37 38.59
CA ASP B 421 -14.53 48.77 39.01
C ASP B 421 -15.42 49.77 38.24
N GLU B 422 -15.79 49.44 37.01
CA GLU B 422 -16.71 50.25 36.20
C GLU B 422 -18.19 50.12 36.62
N LEU B 423 -18.50 49.18 37.51
CA LEU B 423 -19.87 49.01 38.02
C LEU B 423 -20.26 50.15 38.97
N HIS C 1 -5.44 -10.39 4.49
CA HIS C 1 -6.12 -9.62 3.42
C HIS C 1 -5.29 -8.63 2.55
N PRO C 2 -3.95 -8.80 2.41
CA PRO C 2 -3.27 -7.89 1.48
C PRO C 2 -3.45 -8.23 -0.02
N LEU C 3 -4.17 -9.30 -0.37
CA LEU C 3 -4.58 -9.55 -1.76
C LEU C 3 -5.95 -8.96 -2.01
N MET C 4 -6.92 -9.30 -1.17
CA MET C 4 -8.27 -8.76 -1.27
C MET C 4 -8.29 -7.23 -1.35
N LYS C 5 -7.43 -6.58 -0.58
CA LYS C 5 -7.30 -5.12 -0.62
C LYS C 5 -6.81 -4.60 -1.98
N ILE C 6 -5.91 -5.36 -2.63
CA ILE C 6 -5.50 -5.05 -4.01
C ILE C 6 -6.69 -5.23 -4.95
N VAL C 7 -7.45 -6.32 -4.78
CA VAL C 7 -8.62 -6.58 -5.64
C VAL C 7 -9.76 -5.60 -5.35
N ASN C 8 -9.87 -5.11 -4.11
CA ASN C 8 -10.83 -4.04 -3.76
C ASN C 8 -10.53 -2.76 -4.52
N ASN C 9 -9.32 -2.25 -4.30
CA ASN C 9 -8.86 -1.02 -4.95
C ASN C 9 -8.73 -1.15 -6.47
N ALA C 10 -8.60 -2.38 -6.97
CA ALA C 10 -8.65 -2.66 -8.41
C ALA C 10 -10.07 -2.70 -8.93
N PHE C 11 -10.87 -3.67 -8.45
CA PHE C 11 -12.14 -4.02 -9.09
C PHE C 11 -13.42 -3.83 -8.27
N ILE C 12 -13.35 -3.77 -6.93
CA ILE C 12 -14.58 -3.67 -6.13
C ILE C 12 -15.03 -2.22 -5.95
N ASP C 13 -14.33 -1.45 -5.11
CA ASP C 13 -14.70 -0.05 -4.87
C ASP C 13 -13.64 0.95 -5.36
N LEU C 14 -13.15 0.70 -6.57
CA LEU C 14 -12.39 1.69 -7.34
C LEU C 14 -13.37 2.78 -7.75
N PRO C 15 -13.09 4.06 -7.44
CA PRO C 15 -13.99 5.10 -7.93
C PRO C 15 -13.85 5.32 -9.43
N ALA C 16 -14.84 4.82 -10.18
CA ALA C 16 -14.96 5.08 -11.60
C ALA C 16 -15.75 6.37 -11.79
N PRO C 17 -15.58 7.04 -12.93
CA PRO C 17 -16.52 8.10 -13.33
C PRO C 17 -17.94 7.56 -13.56
N SER C 18 -18.93 8.45 -13.48
CA SER C 18 -20.34 8.09 -13.62
C SER C 18 -20.83 7.94 -15.06
N ASN C 19 -20.12 8.55 -16.00
CA ASN C 19 -20.66 8.82 -17.34
C ASN C 19 -19.86 8.12 -18.45
N ILE C 20 -19.31 6.95 -18.14
CA ILE C 20 -18.42 6.27 -19.07
C ILE C 20 -19.23 5.44 -20.08
N SER C 21 -19.04 5.76 -21.35
CA SER C 21 -19.72 5.08 -22.45
C SER C 21 -19.18 3.67 -22.68
N SER C 22 -19.77 2.95 -23.64
CA SER C 22 -19.34 1.59 -23.96
C SER C 22 -17.99 1.49 -24.68
N TRP C 23 -17.37 2.62 -25.03
CA TRP C 23 -16.01 2.63 -25.57
C TRP C 23 -14.91 2.24 -24.57
N TRP C 24 -15.22 2.32 -23.27
CA TRP C 24 -14.30 1.89 -22.19
C TRP C 24 -14.42 0.40 -21.87
N ASN C 25 -15.46 -0.26 -22.40
CA ASN C 25 -15.62 -1.71 -22.21
C ASN C 25 -14.56 -2.55 -22.91
N PHE C 26 -13.90 -2.02 -23.94
CA PHE C 26 -12.90 -2.78 -24.70
C PHE C 26 -11.64 -3.19 -23.93
N GLY C 27 -11.26 -2.42 -22.91
CA GLY C 27 -10.13 -2.78 -22.04
C GLY C 27 -10.30 -4.15 -21.40
N SER C 28 -11.45 -4.34 -20.75
CA SER C 28 -11.78 -5.62 -20.11
C SER C 28 -11.93 -6.75 -21.12
N LEU C 29 -12.46 -6.43 -22.31
CA LEU C 29 -12.60 -7.40 -23.40
C LEU C 29 -11.24 -7.85 -23.93
N LEU C 30 -10.28 -6.93 -24.03
CA LEU C 30 -8.91 -7.27 -24.44
C LEU C 30 -8.25 -8.27 -23.51
N GLY C 31 -8.54 -8.16 -22.21
CA GLY C 31 -8.11 -9.15 -21.23
C GLY C 31 -8.80 -10.48 -21.42
N ILE C 32 -10.12 -10.43 -21.66
CA ILE C 32 -10.93 -11.61 -21.97
C ILE C 32 -10.43 -12.29 -23.25
N CYS C 33 -10.06 -11.49 -24.26
CA CYS C 33 -9.43 -12.01 -25.47
C CYS C 33 -8.08 -12.66 -25.15
N LEU C 34 -7.26 -11.97 -24.36
CA LEU C 34 -5.94 -12.48 -23.97
C LEU C 34 -6.02 -13.79 -23.19
N ILE C 35 -6.96 -13.86 -22.25
CA ILE C 35 -7.23 -15.09 -21.49
C ILE C 35 -7.83 -16.17 -22.39
N LEU C 36 -8.71 -15.79 -23.31
CA LEU C 36 -9.28 -16.74 -24.27
C LEU C 36 -8.20 -17.32 -25.19
N GLN C 37 -7.35 -16.46 -25.75
CA GLN C 37 -6.21 -16.91 -26.55
C GLN C 37 -5.27 -17.82 -25.77
N ILE C 38 -5.04 -17.50 -24.50
CA ILE C 38 -4.19 -18.33 -23.65
C ILE C 38 -4.79 -19.70 -23.38
N LEU C 39 -6.07 -19.74 -22.98
CA LEU C 39 -6.73 -21.00 -22.65
C LEU C 39 -6.96 -21.89 -23.88
N THR C 40 -7.44 -21.30 -24.97
CA THR C 40 -7.60 -22.03 -26.23
C THR C 40 -6.24 -22.50 -26.73
N GLY C 41 -5.31 -21.55 -26.79
CA GLY C 41 -3.94 -21.80 -27.23
C GLY C 41 -3.24 -22.94 -26.50
N LEU C 42 -3.39 -22.99 -25.18
CA LEU C 42 -2.76 -24.03 -24.36
C LEU C 42 -3.25 -25.40 -24.81
N PHE C 43 -4.57 -25.51 -24.94
CA PHE C 43 -5.22 -26.75 -25.38
C PHE C 43 -4.89 -27.13 -26.82
N LEU C 44 -4.56 -26.17 -27.68
CA LEU C 44 -4.04 -26.46 -29.03
C LEU C 44 -2.63 -27.01 -28.97
N ALA C 45 -1.77 -26.35 -28.19
CA ALA C 45 -0.40 -26.79 -28.00
C ALA C 45 -0.25 -28.18 -27.36
N MET C 46 -1.27 -28.61 -26.61
CA MET C 46 -1.32 -29.98 -26.09
C MET C 46 -1.28 -31.06 -27.19
N HIS C 47 -1.76 -30.73 -28.38
CA HIS C 47 -1.74 -31.63 -29.54
C HIS C 47 -0.82 -31.18 -30.69
N TYR C 48 -0.60 -29.87 -30.84
CA TYR C 48 0.23 -29.31 -31.93
C TYR C 48 1.71 -29.68 -31.78
N THR C 49 2.37 -29.90 -32.92
CA THR C 49 3.81 -30.19 -32.98
C THR C 49 4.50 -29.23 -33.96
N SER C 50 5.66 -28.71 -33.57
CA SER C 50 6.34 -27.61 -34.30
C SER C 50 7.43 -28.04 -35.29
N ASP C 51 7.32 -29.26 -35.82
CA ASP C 51 8.24 -29.77 -36.84
C ASP C 51 7.58 -29.62 -38.22
N THR C 52 8.36 -29.27 -39.23
CA THR C 52 7.83 -29.08 -40.60
C THR C 52 7.23 -30.34 -41.22
N THR C 53 7.69 -31.51 -40.76
CA THR C 53 7.11 -32.79 -41.18
C THR C 53 5.68 -32.98 -40.65
N THR C 54 5.45 -32.59 -39.40
CA THR C 54 4.19 -32.87 -38.69
C THR C 54 3.24 -31.67 -38.47
N ALA C 55 3.75 -30.44 -38.60
CA ALA C 55 2.99 -29.22 -38.25
C ALA C 55 1.60 -29.13 -38.87
N PHE C 56 1.49 -29.45 -40.15
CA PHE C 56 0.21 -29.39 -40.84
C PHE C 56 -0.70 -30.53 -40.38
N SER C 57 -0.16 -31.74 -40.41
CA SER C 57 -0.86 -32.94 -39.92
C SER C 57 -1.42 -32.77 -38.51
N SER C 58 -0.66 -32.10 -37.64
CA SER C 58 -1.07 -31.88 -36.25
C SER C 58 -2.26 -30.94 -36.11
N VAL C 59 -2.28 -29.86 -36.88
CA VAL C 59 -3.40 -28.91 -36.88
C VAL C 59 -4.68 -29.57 -37.42
N THR C 60 -4.54 -30.39 -38.45
CA THR C 60 -5.66 -31.11 -39.04
C THR C 60 -6.12 -32.26 -38.13
N HIS C 61 -5.14 -32.89 -37.48
CA HIS C 61 -5.38 -33.87 -36.41
C HIS C 61 -6.24 -33.28 -35.29
N ILE C 62 -5.96 -32.03 -34.91
CA ILE C 62 -6.77 -31.30 -33.92
C ILE C 62 -8.21 -31.16 -34.41
N CYS C 63 -8.38 -30.53 -35.58
CA CYS C 63 -9.71 -30.29 -36.15
C CYS C 63 -10.54 -31.55 -36.31
N ARG C 64 -9.94 -32.56 -36.93
CA ARG C 64 -10.64 -33.80 -37.28
C ARG C 64 -10.81 -34.75 -36.10
N ASP C 65 -9.70 -35.10 -35.45
CA ASP C 65 -9.65 -36.24 -34.52
C ASP C 65 -9.68 -35.90 -33.02
N VAL C 66 -9.05 -34.81 -32.61
CA VAL C 66 -9.10 -34.38 -31.20
C VAL C 66 -10.54 -33.96 -30.92
N ASN C 67 -11.13 -34.54 -29.88
CA ASN C 67 -12.54 -34.28 -29.54
C ASN C 67 -12.75 -32.80 -29.26
N TYR C 68 -13.67 -32.19 -30.02
CA TYR C 68 -13.90 -30.73 -29.99
C TYR C 68 -12.63 -29.90 -30.25
N GLY C 69 -11.74 -30.42 -31.08
CA GLY C 69 -10.48 -29.73 -31.39
C GLY C 69 -10.70 -28.57 -32.35
N TRP C 70 -11.60 -28.78 -33.31
CA TRP C 70 -12.00 -27.73 -34.26
C TRP C 70 -12.52 -26.45 -33.57
N ILE C 71 -13.40 -26.60 -32.59
CA ILE C 71 -14.00 -25.44 -31.92
C ILE C 71 -12.97 -24.64 -31.12
N ILE C 72 -11.98 -25.34 -30.55
CA ILE C 72 -10.86 -24.70 -29.87
C ILE C 72 -9.96 -23.95 -30.88
N ARG C 73 -9.70 -24.56 -32.04
CA ARG C 73 -8.87 -23.92 -33.08
C ARG C 73 -9.46 -22.62 -33.58
N TYR C 74 -10.72 -22.66 -33.99
CA TYR C 74 -11.37 -21.49 -34.60
C TYR C 74 -11.70 -20.41 -33.57
N MET C 75 -11.87 -20.79 -32.31
CA MET C 75 -11.91 -19.83 -31.21
C MET C 75 -10.56 -19.11 -31.04
N HIS C 76 -9.46 -19.84 -31.21
CA HIS C 76 -8.12 -19.23 -31.22
C HIS C 76 -7.93 -18.34 -32.46
N ALA C 77 -8.24 -18.91 -33.63
CA ALA C 77 -8.00 -18.24 -34.91
C ALA C 77 -8.86 -17.00 -35.13
N ASN C 78 -10.14 -17.06 -34.76
CA ASN C 78 -11.05 -15.90 -34.86
C ASN C 78 -10.96 -14.99 -33.63
N GLY C 79 -10.69 -15.56 -32.46
CA GLY C 79 -10.40 -14.78 -31.26
C GLY C 79 -9.21 -13.86 -31.44
N ALA C 80 -8.19 -14.34 -32.15
CA ALA C 80 -7.06 -13.52 -32.58
C ALA C 80 -7.51 -12.25 -33.29
N SER C 81 -8.47 -12.40 -34.22
CA SER C 81 -9.07 -11.25 -34.92
C SER C 81 -9.90 -10.37 -33.99
N MET C 82 -10.71 -10.99 -33.13
CA MET C 82 -11.52 -10.25 -32.16
C MET C 82 -10.68 -9.45 -31.17
N PHE C 83 -9.54 -10.01 -30.77
CA PHE C 83 -8.52 -9.30 -30.00
C PHE C 83 -8.11 -8.03 -30.74
N PHE C 84 -7.79 -8.16 -32.03
CA PHE C 84 -7.36 -7.03 -32.85
C PHE C 84 -8.45 -5.99 -33.12
N ILE C 85 -9.69 -6.44 -33.36
CA ILE C 85 -10.81 -5.50 -33.49
C ILE C 85 -10.89 -4.67 -32.21
N CYS C 86 -10.97 -5.37 -31.07
CA CYS C 86 -10.98 -4.75 -29.75
C CYS C 86 -9.81 -3.78 -29.52
N LEU C 87 -8.62 -4.15 -29.97
CA LEU C 87 -7.45 -3.27 -29.88
C LEU C 87 -7.66 -1.96 -30.61
N TYR C 88 -8.03 -2.06 -31.89
CA TYR C 88 -8.24 -0.87 -32.73
C TYR C 88 -9.38 0.03 -32.24
N MET C 89 -10.36 -0.55 -31.53
CA MET C 89 -11.37 0.23 -30.80
C MET C 89 -10.73 0.92 -29.59
N HIS C 90 -10.00 0.13 -28.80
CA HIS C 90 -9.32 0.57 -27.57
C HIS C 90 -8.28 1.68 -27.79
N VAL C 91 -7.58 1.62 -28.93
CA VAL C 91 -6.60 2.65 -29.30
C VAL C 91 -7.30 3.91 -29.77
N GLY C 92 -8.30 3.76 -30.64
CA GLY C 92 -9.06 4.88 -31.19
C GLY C 92 -9.83 5.68 -30.16
N ARG C 93 -10.42 4.98 -29.19
CA ARG C 93 -11.09 5.59 -28.05
C ARG C 93 -10.17 6.62 -27.39
N GLY C 94 -8.94 6.20 -27.09
CA GLY C 94 -7.94 7.08 -26.47
C GLY C 94 -7.52 8.25 -27.33
N LEU C 95 -7.42 8.01 -28.64
CA LEU C 95 -7.18 9.09 -29.63
C LEU C 95 -8.29 10.13 -29.63
N TYR C 96 -9.54 9.66 -29.55
CA TYR C 96 -10.71 10.53 -29.60
C TYR C 96 -10.85 11.32 -28.29
N TYR C 97 -10.92 10.61 -27.17
CA TYR C 97 -11.17 11.22 -25.86
C TYR C 97 -9.93 11.79 -25.16
N GLY C 98 -8.78 11.77 -25.82
CA GLY C 98 -7.55 12.35 -25.28
C GLY C 98 -6.93 11.57 -24.14
N SER C 99 -7.24 10.28 -24.06
CA SER C 99 -6.75 9.41 -22.97
C SER C 99 -5.23 9.18 -23.01
N TYR C 100 -4.62 9.40 -24.18
CA TYR C 100 -3.16 9.46 -24.32
C TYR C 100 -2.44 10.45 -23.38
N THR C 101 -3.18 11.38 -22.78
CA THR C 101 -2.62 12.26 -21.74
C THR C 101 -2.19 11.53 -20.45
N PHE C 102 -2.62 10.28 -20.27
CA PHE C 102 -1.99 9.38 -19.28
C PHE C 102 -0.77 8.73 -19.93
N LEU C 103 0.26 9.54 -20.16
CA LEU C 103 1.46 9.17 -20.96
C LEU C 103 1.97 7.74 -20.81
N GLU C 104 2.15 7.32 -19.57
CA GLU C 104 2.82 6.04 -19.29
C GLU C 104 1.88 4.89 -19.62
N THR C 105 0.63 5.01 -19.15
CA THR C 105 -0.45 4.09 -19.51
C THR C 105 -0.54 3.90 -21.03
N TRP C 106 -0.54 5.03 -21.74
CA TRP C 106 -0.56 5.04 -23.22
C TRP C 106 0.69 4.40 -23.83
N ASN C 107 1.87 4.78 -23.35
CA ASN C 107 3.14 4.25 -23.88
C ASN C 107 3.35 2.76 -23.60
N ILE C 108 2.87 2.29 -22.44
CA ILE C 108 2.79 0.85 -22.15
C ILE C 108 1.81 0.20 -23.13
N GLY C 109 0.70 0.88 -23.37
CA GLY C 109 -0.20 0.50 -24.43
C GLY C 109 0.51 0.25 -25.75
N VAL C 110 1.19 1.29 -26.24
CA VAL C 110 1.93 1.19 -27.51
C VAL C 110 2.82 -0.06 -27.56
N ILE C 111 3.46 -0.40 -26.44
CA ILE C 111 4.21 -1.65 -26.31
C ILE C 111 3.29 -2.86 -26.44
N LEU C 112 2.19 -2.87 -25.67
CA LEU C 112 1.20 -3.96 -25.71
C LEU C 112 0.70 -4.27 -27.11
N LEU C 113 0.48 -3.23 -27.91
CA LEU C 113 0.10 -3.38 -29.31
C LEU C 113 1.15 -4.15 -30.09
N LEU C 114 2.39 -3.68 -30.00
CA LEU C 114 3.53 -4.24 -30.75
C LEU C 114 3.82 -5.70 -30.40
N THR C 115 3.72 -6.04 -29.12
CA THR C 115 3.91 -7.41 -28.64
C THR C 115 2.83 -8.36 -29.19
N VAL C 116 1.58 -7.89 -29.22
CA VAL C 116 0.47 -8.67 -29.79
C VAL C 116 0.63 -8.86 -31.30
N MET C 117 1.06 -7.80 -31.98
CA MET C 117 1.38 -7.87 -33.42
C MET C 117 2.43 -8.95 -33.71
N ALA C 118 3.49 -8.96 -32.90
CA ALA C 118 4.53 -9.99 -32.99
C ALA C 118 4.00 -11.38 -32.64
N THR C 119 3.21 -11.46 -31.56
CA THR C 119 2.56 -12.71 -31.14
C THR C 119 1.71 -13.32 -32.26
N ALA C 120 0.79 -12.51 -32.78
CA ALA C 120 -0.15 -12.95 -33.82
C ALA C 120 0.53 -13.29 -35.15
N PHE C 121 1.57 -12.54 -35.49
CA PHE C 121 2.38 -12.80 -36.68
C PHE C 121 3.08 -14.15 -36.60
N MET C 122 3.74 -14.40 -35.47
CA MET C 122 4.41 -15.69 -35.23
C MET C 122 3.42 -16.83 -35.09
N GLY C 123 2.26 -16.54 -34.51
CA GLY C 123 1.15 -17.50 -34.43
C GLY C 123 0.67 -17.97 -35.77
N TYR C 124 0.55 -17.04 -36.71
CA TYR C 124 0.09 -17.35 -38.06
C TYR C 124 1.02 -18.29 -38.84
N VAL C 125 2.32 -18.26 -38.54
CA VAL C 125 3.30 -19.16 -39.16
C VAL C 125 3.05 -20.63 -38.76
N LEU C 126 2.62 -20.84 -37.51
CA LEU C 126 2.60 -22.16 -36.86
C LEU C 126 1.95 -23.33 -37.64
N PRO C 127 0.73 -23.14 -38.18
CA PRO C 127 0.10 -24.25 -38.92
C PRO C 127 0.84 -24.69 -40.20
N TRP C 128 1.70 -23.84 -40.74
CA TRP C 128 2.61 -24.18 -41.85
C TRP C 128 1.86 -24.44 -43.17
N GLY C 129 0.92 -23.54 -43.48
CA GLY C 129 0.29 -23.48 -44.79
C GLY C 129 1.06 -22.57 -45.72
N GLN C 130 0.58 -22.41 -46.95
CA GLN C 130 1.26 -21.56 -47.93
C GLN C 130 1.36 -20.12 -47.48
N MET C 131 0.21 -19.51 -47.17
CA MET C 131 0.17 -18.11 -46.74
C MET C 131 0.91 -17.83 -45.43
N SER C 132 0.99 -18.84 -44.56
CA SER C 132 1.78 -18.73 -43.33
C SER C 132 3.27 -18.68 -43.64
N PHE C 133 3.75 -19.64 -44.42
CA PHE C 133 5.14 -19.68 -44.87
C PHE C 133 5.51 -18.43 -45.64
N TRP C 134 4.75 -18.17 -46.69
CA TRP C 134 5.02 -17.06 -47.61
C TRP C 134 4.79 -15.69 -46.98
N GLY C 135 3.89 -15.62 -46.00
CA GLY C 135 3.72 -14.42 -45.17
C GLY C 135 4.98 -14.10 -44.40
N ALA C 136 5.56 -15.13 -43.77
CA ALA C 136 6.82 -14.98 -43.03
C ALA C 136 7.99 -14.63 -43.95
N THR C 137 8.10 -15.35 -45.07
CA THR C 137 9.17 -15.12 -46.05
C THR C 137 9.16 -13.69 -46.59
N VAL C 138 7.97 -13.14 -46.84
CA VAL C 138 7.82 -11.76 -47.30
C VAL C 138 8.11 -10.76 -46.18
N ILE C 139 7.39 -10.88 -45.08
CA ILE C 139 7.41 -9.91 -43.99
C ILE C 139 8.76 -9.83 -43.28
N THR C 140 9.38 -10.98 -43.03
CA THR C 140 10.69 -11.04 -42.37
C THR C 140 11.80 -10.44 -43.24
N ASN C 141 11.82 -10.80 -44.52
CA ASN C 141 12.82 -10.33 -45.49
C ASN C 141 12.92 -8.81 -45.59
N LEU C 142 11.83 -8.11 -45.26
CA LEU C 142 11.80 -6.64 -45.14
C LEU C 142 12.97 -6.07 -44.34
N LEU C 143 13.35 -6.75 -43.25
CA LEU C 143 14.47 -6.33 -42.40
C LEU C 143 15.80 -6.25 -43.16
N SER C 144 15.99 -7.04 -44.20
CA SER C 144 17.20 -6.95 -45.04
C SER C 144 17.41 -5.58 -45.68
N ALA C 145 16.35 -4.78 -45.75
CA ALA C 145 16.43 -3.37 -46.17
C ALA C 145 17.27 -2.48 -45.23
N ILE C 146 17.39 -2.86 -43.96
CA ILE C 146 18.20 -2.13 -42.96
C ILE C 146 19.60 -1.96 -43.55
N PRO C 147 20.21 -0.77 -43.35
CA PRO C 147 21.41 -0.37 -44.13
C PRO C 147 22.60 -1.33 -44.10
N TYR C 148 23.16 -1.58 -42.92
CA TYR C 148 24.43 -2.34 -42.80
C TYR C 148 24.32 -3.77 -42.26
N ILE C 149 23.32 -4.07 -41.42
CA ILE C 149 23.26 -5.37 -40.73
C ILE C 149 21.96 -6.17 -40.91
N GLY C 150 21.01 -5.67 -41.71
CA GLY C 150 19.71 -6.32 -41.90
C GLY C 150 19.80 -7.74 -42.46
N THR C 151 20.59 -7.89 -43.52
CA THR C 151 20.85 -9.20 -44.13
C THR C 151 21.34 -10.26 -43.13
N ASN C 152 22.14 -9.83 -42.15
CA ASN C 152 22.57 -10.71 -41.05
C ASN C 152 21.45 -10.93 -40.04
N LEU C 153 20.82 -9.82 -39.63
CA LEU C 153 19.67 -9.85 -38.70
C LEU C 153 18.58 -10.84 -39.12
N VAL C 154 18.27 -10.87 -40.42
CA VAL C 154 17.25 -11.77 -40.96
C VAL C 154 17.67 -13.25 -40.85
N GLU C 155 18.90 -13.55 -41.25
CA GLU C 155 19.42 -14.92 -41.19
C GLU C 155 19.51 -15.45 -39.75
N TRP C 156 19.87 -14.56 -38.83
CA TRP C 156 19.87 -14.85 -37.39
C TRP C 156 18.46 -15.14 -36.88
N ILE C 157 17.50 -14.29 -37.25
CA ILE C 157 16.08 -14.46 -36.90
C ILE C 157 15.58 -15.82 -37.39
N TRP C 158 15.76 -16.09 -38.68
CA TRP C 158 15.35 -17.36 -39.29
C TRP C 158 16.06 -18.57 -38.69
N GLY C 159 17.38 -18.44 -38.50
CA GLY C 159 18.24 -19.56 -38.13
C GLY C 159 18.68 -20.30 -39.37
N GLY C 160 19.15 -19.55 -40.37
CA GLY C 160 19.53 -20.10 -41.67
C GLY C 160 19.42 -19.07 -42.77
N PHE C 161 19.34 -19.56 -44.02
CA PHE C 161 19.26 -18.69 -45.20
C PHE C 161 17.85 -18.53 -45.77
N SER C 162 16.84 -19.05 -45.07
CA SER C 162 15.43 -18.83 -45.43
C SER C 162 14.52 -19.14 -44.26
N VAL C 163 13.21 -18.94 -44.46
CA VAL C 163 12.21 -19.43 -43.51
C VAL C 163 12.26 -20.96 -43.61
N ASP C 164 12.38 -21.63 -42.47
CA ASP C 164 12.55 -23.08 -42.44
C ASP C 164 12.18 -23.64 -41.06
N LYS C 165 12.33 -24.96 -40.89
CA LYS C 165 12.12 -25.67 -39.63
C LYS C 165 12.75 -25.03 -38.39
N ALA C 166 13.91 -24.40 -38.56
CA ALA C 166 14.55 -23.61 -37.50
C ALA C 166 13.68 -22.43 -37.07
N THR C 167 13.10 -21.73 -38.05
CA THR C 167 12.23 -20.59 -37.81
C THR C 167 10.89 -20.99 -37.18
N LEU C 168 10.26 -22.04 -37.72
CA LEU C 168 8.95 -22.50 -37.24
C LEU C 168 8.96 -22.89 -35.76
N THR C 169 9.98 -23.67 -35.36
CA THR C 169 10.07 -24.19 -34.00
C THR C 169 10.30 -23.09 -32.96
N ARG C 170 11.15 -22.11 -33.29
CA ARG C 170 11.36 -20.96 -32.41
C ARG C 170 10.15 -20.01 -32.38
N PHE C 171 9.51 -19.83 -33.54
CA PHE C 171 8.26 -19.07 -33.62
C PHE C 171 7.16 -19.65 -32.72
N PHE C 172 7.13 -20.97 -32.54
CA PHE C 172 6.24 -21.59 -31.56
C PHE C 172 6.63 -21.23 -30.13
N ALA C 173 7.92 -21.30 -29.84
CA ALA C 173 8.44 -20.97 -28.50
C ALA C 173 8.12 -19.51 -28.16
N PHE C 174 8.45 -18.61 -29.08
CA PHE C 174 8.14 -17.19 -28.90
C PHE C 174 6.63 -16.92 -28.78
N HIS C 175 5.82 -17.61 -29.58
CA HIS C 175 4.35 -17.43 -29.63
C HIS C 175 3.62 -17.75 -28.34
N PHE C 176 4.09 -18.82 -27.68
CA PHE C 176 3.50 -19.45 -26.50
C PHE C 176 3.96 -18.83 -25.18
N ILE C 177 4.95 -17.93 -25.23
CA ILE C 177 5.46 -17.26 -24.04
C ILE C 177 5.15 -15.76 -24.02
N LEU C 178 5.29 -15.10 -25.18
CA LEU C 178 5.10 -13.66 -25.30
C LEU C 178 3.73 -13.15 -24.79
N PRO C 179 2.64 -13.93 -25.00
CA PRO C 179 1.36 -13.70 -24.31
C PRO C 179 1.43 -13.48 -22.79
N PHE C 180 2.36 -14.15 -22.13
CA PHE C 180 2.55 -13.99 -20.68
C PHE C 180 3.31 -12.71 -20.36
N ILE C 181 4.29 -12.37 -21.18
CA ILE C 181 4.93 -11.06 -21.12
C ILE C 181 3.88 -9.94 -21.34
N ILE C 182 2.97 -10.18 -22.29
CA ILE C 182 1.85 -9.25 -22.57
C ILE C 182 0.96 -9.07 -21.34
N MET C 183 0.63 -10.16 -20.66
CA MET C 183 -0.18 -10.10 -19.46
C MET C 183 0.55 -9.38 -18.32
N ALA C 184 1.85 -9.60 -18.22
CA ALA C 184 2.69 -8.90 -17.24
C ALA C 184 2.75 -7.40 -17.50
N ILE C 185 2.97 -7.04 -18.76
CA ILE C 185 2.94 -5.64 -19.21
C ILE C 185 1.56 -5.02 -18.94
N ALA C 186 0.51 -5.79 -19.24
CA ALA C 186 -0.87 -5.34 -19.05
C ALA C 186 -1.21 -4.99 -17.60
N MET C 187 -0.63 -5.71 -16.65
CA MET C 187 -0.82 -5.39 -15.23
C MET C 187 -0.14 -4.06 -14.85
N VAL C 188 0.97 -3.73 -15.52
CA VAL C 188 1.60 -2.41 -15.36
C VAL C 188 0.79 -1.32 -16.08
N HIS C 189 0.22 -1.68 -17.25
CA HIS C 189 -0.76 -0.83 -17.96
C HIS C 189 -1.89 -0.39 -17.02
N LEU C 190 -2.43 -1.35 -16.26
CA LEU C 190 -3.43 -1.07 -15.22
C LEU C 190 -2.86 -0.33 -14.01
N LEU C 191 -1.63 -0.67 -13.62
CA LEU C 191 -0.98 -0.05 -12.44
C LEU C 191 -0.83 1.45 -12.56
N PHE C 192 -0.40 1.92 -13.73
CA PHE C 192 -0.32 3.37 -13.99
C PHE C 192 -1.70 4.03 -14.10
N LEU C 193 -2.69 3.27 -14.56
CA LEU C 193 -4.05 3.78 -14.69
C LEU C 193 -4.71 4.12 -13.35
N HIS C 194 -4.47 3.32 -12.31
CA HIS C 194 -5.02 3.61 -10.97
C HIS C 194 -4.36 4.82 -10.33
N GLU C 195 -3.06 4.98 -10.56
CA GLU C 195 -2.33 6.19 -10.19
C GLU C 195 -3.03 7.43 -10.75
N THR C 196 -3.33 7.38 -12.06
CA THR C 196 -3.89 8.51 -12.80
C THR C 196 -5.42 8.61 -12.77
N GLY C 197 -6.11 7.57 -12.28
CA GLY C 197 -7.57 7.47 -12.39
C GLY C 197 -8.01 7.19 -13.81
N SER C 198 -9.31 7.06 -14.02
CA SER C 198 -9.87 6.82 -15.37
C SER C 198 -10.50 8.06 -15.98
N ASN C 199 -10.43 8.14 -17.31
CA ASN C 199 -10.97 9.26 -18.08
C ASN C 199 -12.46 9.03 -18.38
N ASN C 200 -13.18 10.12 -18.68
CA ASN C 200 -14.58 10.05 -19.11
C ASN C 200 -14.77 10.79 -20.46
N PRO C 201 -15.93 10.57 -21.14
CA PRO C 201 -16.13 11.14 -22.49
C PRO C 201 -16.06 12.67 -22.64
N THR C 202 -16.37 13.41 -21.59
CA THR C 202 -16.30 14.88 -21.63
C THR C 202 -14.87 15.40 -21.64
N GLY C 203 -13.96 14.64 -21.05
CA GLY C 203 -12.58 15.10 -20.82
C GLY C 203 -12.50 16.13 -19.70
N ILE C 204 -13.37 15.97 -18.70
CA ILE C 204 -13.48 16.90 -17.57
C ILE C 204 -13.35 16.09 -16.29
N SER C 205 -12.55 16.59 -15.35
CA SER C 205 -12.27 15.88 -14.10
C SER C 205 -13.54 15.45 -13.37
N SER C 206 -13.75 14.13 -13.30
CA SER C 206 -14.97 13.56 -12.73
C SER C 206 -14.83 13.17 -11.24
N ASP C 207 -13.92 13.81 -10.51
CA ASP C 207 -13.80 13.63 -9.05
C ASP C 207 -15.09 14.06 -8.33
N VAL C 208 -15.75 15.09 -8.85
CA VAL C 208 -17.04 15.54 -8.31
C VAL C 208 -18.17 14.52 -8.42
N ASP C 209 -18.08 13.60 -9.39
CA ASP C 209 -19.12 12.59 -9.60
C ASP C 209 -18.49 11.23 -9.93
N LYS C 210 -18.10 10.50 -8.88
CA LYS C 210 -17.58 9.14 -8.99
C LYS C 210 -18.59 8.12 -8.47
N ILE C 211 -18.43 6.88 -8.93
CA ILE C 211 -19.25 5.75 -8.47
C ILE C 211 -18.39 4.50 -8.35
N PRO C 212 -18.79 3.56 -7.47
CA PRO C 212 -17.95 2.39 -7.27
C PRO C 212 -18.05 1.42 -8.44
N PHE C 213 -16.89 0.92 -8.88
CA PHE C 213 -16.81 -0.02 -10.01
C PHE C 213 -17.85 -1.13 -9.90
N HIS C 214 -17.87 -1.79 -8.75
CA HIS C 214 -18.90 -2.77 -8.42
C HIS C 214 -19.99 -2.03 -7.64
N PRO C 215 -21.29 -2.23 -7.97
CA PRO C 215 -21.75 -3.21 -8.94
C PRO C 215 -21.96 -2.68 -10.36
N TYR C 216 -21.67 -1.40 -10.61
CA TYR C 216 -22.06 -0.76 -11.86
C TYR C 216 -21.31 -1.28 -13.09
N TYR C 217 -19.99 -1.06 -13.10
CA TYR C 217 -19.16 -1.45 -14.24
C TYR C 217 -18.83 -2.96 -14.29
N THR C 218 -19.07 -3.67 -13.19
CA THR C 218 -18.94 -5.13 -13.19
C THR C 218 -20.01 -5.73 -14.09
N ILE C 219 -21.28 -5.44 -13.80
CA ILE C 219 -22.39 -5.91 -14.63
C ILE C 219 -22.35 -5.35 -16.06
N LYS C 220 -21.83 -4.14 -16.25
CA LYS C 220 -21.68 -3.55 -17.59
C LYS C 220 -20.62 -4.29 -18.41
N ASP C 221 -19.47 -4.57 -17.80
CA ASP C 221 -18.41 -5.33 -18.46
C ASP C 221 -18.82 -6.79 -18.73
N ILE C 222 -19.68 -7.34 -17.86
CA ILE C 222 -20.26 -8.67 -18.06
C ILE C 222 -21.17 -8.69 -19.30
N LEU C 223 -22.03 -7.69 -19.40
CA LEU C 223 -22.89 -7.49 -20.57
C LEU C 223 -22.08 -7.42 -21.87
N GLY C 224 -21.03 -6.59 -21.83
CA GLY C 224 -20.11 -6.45 -22.97
C GLY C 224 -19.34 -7.71 -23.32
N ALA C 225 -19.00 -8.50 -22.31
CA ALA C 225 -18.33 -9.80 -22.53
C ALA C 225 -19.19 -10.76 -23.35
N LEU C 226 -20.50 -10.78 -23.08
CA LEU C 226 -21.45 -11.60 -23.88
C LEU C 226 -21.53 -11.16 -25.34
N LEU C 227 -21.45 -9.86 -25.57
CA LEU C 227 -21.46 -9.31 -26.94
C LEU C 227 -20.18 -9.67 -27.70
N LEU C 228 -19.05 -9.67 -27.00
CA LEU C 228 -17.78 -10.18 -27.55
C LEU C 228 -17.86 -11.69 -27.82
N ILE C 229 -18.43 -12.44 -26.87
CA ILE C 229 -18.61 -13.89 -27.04
C ILE C 229 -19.55 -14.18 -28.22
N LEU C 230 -20.66 -13.45 -28.30
CA LEU C 230 -21.59 -13.53 -29.42
C LEU C 230 -20.86 -13.34 -30.74
N ALA C 231 -20.14 -12.22 -30.85
CA ALA C 231 -19.35 -11.88 -32.03
C ALA C 231 -18.29 -12.93 -32.37
N LEU C 232 -17.67 -13.53 -31.35
CA LEU C 232 -16.75 -14.65 -31.55
C LEU C 232 -17.49 -15.87 -32.09
N MET C 233 -18.51 -16.32 -31.36
CA MET C 233 -19.23 -17.56 -31.70
C MET C 233 -20.03 -17.48 -33.00
N LEU C 234 -20.46 -16.28 -33.40
CA LEU C 234 -21.00 -16.08 -34.74
C LEU C 234 -19.95 -16.42 -35.79
N LEU C 235 -18.75 -15.88 -35.62
CA LEU C 235 -17.61 -16.20 -36.48
C LEU C 235 -17.22 -17.69 -36.40
N VAL C 236 -17.09 -18.22 -35.19
CA VAL C 236 -16.65 -19.62 -35.02
C VAL C 236 -17.63 -20.62 -35.65
N LEU C 237 -18.92 -20.45 -35.37
CA LEU C 237 -19.94 -21.45 -35.73
C LEU C 237 -20.57 -21.25 -37.11
N PHE C 238 -20.65 -20.02 -37.59
CA PHE C 238 -21.26 -19.74 -38.90
C PHE C 238 -20.27 -19.31 -39.99
N ALA C 239 -19.13 -18.70 -39.62
CA ALA C 239 -18.18 -18.16 -40.62
C ALA C 239 -16.71 -18.25 -40.18
N PRO C 240 -16.24 -19.47 -39.84
CA PRO C 240 -14.88 -19.66 -39.32
C PRO C 240 -13.77 -19.40 -40.33
N ASP C 241 -14.07 -19.58 -41.62
CA ASP C 241 -13.12 -19.34 -42.71
C ASP C 241 -13.29 -17.97 -43.39
N LEU C 242 -14.14 -17.10 -42.83
CA LEU C 242 -14.43 -15.78 -43.42
C LEU C 242 -13.18 -14.88 -43.44
N LEU C 243 -12.70 -14.53 -42.26
CA LEU C 243 -11.52 -13.66 -42.13
C LEU C 243 -10.21 -14.32 -42.56
N GLY C 244 -10.16 -15.66 -42.53
CA GLY C 244 -8.97 -16.42 -42.90
C GLY C 244 -8.79 -16.60 -44.39
N ASP C 245 -7.55 -16.82 -44.81
CA ASP C 245 -7.19 -17.01 -46.23
C ASP C 245 -7.29 -18.50 -46.61
N PRO C 246 -7.84 -18.82 -47.80
CA PRO C 246 -7.93 -20.22 -48.26
C PRO C 246 -6.57 -20.90 -48.48
N ASP C 247 -5.62 -20.18 -49.08
CA ASP C 247 -4.28 -20.73 -49.40
C ASP C 247 -3.54 -21.39 -48.22
N ASN C 248 -3.88 -21.01 -46.98
CA ASN C 248 -3.27 -21.65 -45.80
C ASN C 248 -3.79 -23.09 -45.54
N TYR C 249 -4.79 -23.54 -46.27
CA TYR C 249 -5.19 -24.97 -46.31
C TYR C 249 -4.40 -25.80 -47.34
N THR C 250 -3.73 -25.12 -48.27
CA THR C 250 -2.70 -25.73 -49.10
C THR C 250 -1.42 -25.81 -48.25
N PRO C 251 -0.89 -27.03 -48.00
CA PRO C 251 0.37 -27.15 -47.28
C PRO C 251 1.52 -26.35 -47.89
N ALA C 252 2.37 -25.77 -47.04
CA ALA C 252 3.45 -24.88 -47.46
C ALA C 252 4.40 -25.54 -48.47
N ASN C 253 4.87 -24.74 -49.42
CA ASN C 253 5.76 -25.20 -50.47
C ASN C 253 6.64 -24.03 -50.91
N PRO C 254 7.95 -24.05 -50.56
CA PRO C 254 8.84 -22.94 -50.93
C PRO C 254 9.13 -22.79 -52.43
N LEU C 255 8.82 -23.80 -53.24
CA LEU C 255 9.04 -23.76 -54.69
C LEU C 255 7.83 -23.25 -55.50
N ASN C 256 6.81 -22.74 -54.82
CA ASN C 256 5.57 -22.29 -55.48
C ASN C 256 4.92 -21.15 -54.68
N THR C 257 5.04 -19.92 -55.19
CA THR C 257 4.48 -18.74 -54.54
C THR C 257 3.02 -18.55 -54.98
N PRO C 258 2.09 -18.37 -54.02
CA PRO C 258 0.73 -17.98 -54.40
C PRO C 258 0.71 -16.55 -54.97
N PRO C 259 -0.20 -16.27 -55.92
CA PRO C 259 -0.16 -15.00 -56.67
C PRO C 259 -0.49 -13.76 -55.82
N HIS C 260 -1.61 -13.79 -55.10
CA HIS C 260 -2.04 -12.67 -54.27
C HIS C 260 -1.51 -12.81 -52.86
N ILE C 261 -0.27 -12.35 -52.67
CA ILE C 261 0.44 -12.51 -51.40
C ILE C 261 0.22 -11.32 -50.47
N LYS C 262 -0.12 -11.60 -49.21
CA LYS C 262 -0.51 -10.57 -48.26
C LYS C 262 -0.43 -11.06 -46.80
N PRO C 263 -0.33 -10.12 -45.84
CA PRO C 263 -0.58 -10.47 -44.43
C PRO C 263 -2.07 -10.66 -44.13
N GLU C 264 -2.38 -10.91 -42.86
CA GLU C 264 -3.77 -10.94 -42.39
C GLU C 264 -4.37 -9.53 -42.37
N TRP C 265 -5.70 -9.46 -42.24
CA TRP C 265 -6.43 -8.19 -42.35
C TRP C 265 -5.95 -7.08 -41.41
N TYR C 266 -5.53 -7.46 -40.19
CA TYR C 266 -5.12 -6.49 -39.17
C TYR C 266 -3.75 -5.81 -39.41
N PHE C 267 -2.98 -6.26 -40.40
CA PHE C 267 -1.74 -5.57 -40.84
C PHE C 267 -1.86 -4.88 -42.21
N LEU C 268 -2.99 -5.01 -42.89
CA LEU C 268 -3.12 -4.54 -44.28
C LEU C 268 -2.95 -3.03 -44.45
N PHE C 269 -3.39 -2.25 -43.46
CA PHE C 269 -3.19 -0.79 -43.48
C PHE C 269 -1.68 -0.45 -43.48
N ALA C 270 -0.92 -1.19 -42.67
CA ALA C 270 0.51 -1.00 -42.53
C ALA C 270 1.25 -1.55 -43.76
N TYR C 271 0.75 -2.66 -44.29
CA TYR C 271 1.23 -3.24 -45.55
C TYR C 271 1.03 -2.26 -46.71
N ALA C 272 -0.11 -1.57 -46.72
CA ALA C 272 -0.41 -0.56 -47.75
C ALA C 272 0.50 0.67 -47.68
N ILE C 273 0.82 1.10 -46.45
CA ILE C 273 1.78 2.20 -46.25
C ILE C 273 3.19 1.79 -46.70
N LEU C 274 3.55 0.53 -46.49
CA LEU C 274 4.83 -0.01 -46.97
C LEU C 274 4.92 -0.03 -48.50
N ARG C 275 3.86 -0.55 -49.14
CA ARG C 275 3.79 -0.60 -50.61
C ARG C 275 3.74 0.77 -51.27
N SER C 276 3.20 1.77 -50.56
CA SER C 276 3.13 3.15 -51.06
C SER C 276 4.49 3.68 -51.47
N ILE C 277 5.47 3.52 -50.59
CA ILE C 277 6.85 3.97 -50.86
C ILE C 277 7.55 2.91 -51.71
N PRO C 278 8.22 3.33 -52.81
CA PRO C 278 8.93 2.38 -53.67
C PRO C 278 10.29 1.93 -53.13
N ASN C 279 11.04 2.83 -52.48
CA ASN C 279 12.31 2.49 -51.84
C ASN C 279 12.07 1.51 -50.68
N LYS C 280 12.93 0.50 -50.58
CA LYS C 280 12.73 -0.59 -49.61
C LYS C 280 12.88 -0.12 -48.18
N LEU C 281 13.96 0.59 -47.89
CA LEU C 281 14.23 1.10 -46.54
C LEU C 281 13.14 2.07 -46.11
N GLY C 282 12.81 3.02 -46.99
CA GLY C 282 11.70 3.95 -46.78
C GLY C 282 10.39 3.27 -46.47
N GLY C 283 10.09 2.20 -47.22
CA GLY C 283 8.91 1.36 -46.99
C GLY C 283 8.89 0.74 -45.59
N VAL C 284 10.05 0.27 -45.13
CA VAL C 284 10.19 -0.30 -43.78
C VAL C 284 10.04 0.78 -42.69
N LEU C 285 10.66 1.93 -42.90
CA LEU C 285 10.58 3.04 -41.93
C LEU C 285 9.18 3.64 -41.83
N ALA C 286 8.49 3.75 -42.96
CA ALA C 286 7.09 4.17 -42.99
C ALA C 286 6.18 3.14 -42.33
N LEU C 287 6.39 1.87 -42.65
CA LEU C 287 5.73 0.76 -41.97
C LEU C 287 5.90 0.80 -40.46
N ALA C 288 7.11 1.10 -40.01
CA ALA C 288 7.43 1.21 -38.58
C ALA C 288 6.76 2.43 -37.97
N PHE C 289 6.98 3.58 -38.60
CA PHE C 289 6.44 4.86 -38.14
C PHE C 289 4.91 4.90 -38.15
N SER C 290 4.27 4.12 -39.03
CA SER C 290 2.80 3.98 -39.02
C SER C 290 2.25 3.50 -37.67
N ILE C 291 2.99 2.61 -37.01
CA ILE C 291 2.62 2.10 -35.69
C ILE C 291 3.17 3.04 -34.61
N LEU C 292 4.46 3.34 -34.70
CA LEU C 292 5.17 4.08 -33.65
C LEU C 292 4.78 5.55 -33.49
N ILE C 293 4.19 6.14 -34.53
CA ILE C 293 3.66 7.51 -34.47
C ILE C 293 2.65 7.70 -33.31
N LEU C 294 1.97 6.64 -32.92
CA LEU C 294 1.16 6.60 -31.69
C LEU C 294 1.87 7.22 -30.47
N ALA C 295 3.18 6.98 -30.36
CA ALA C 295 4.00 7.57 -29.28
C ALA C 295 4.19 9.09 -29.37
N LEU C 296 4.06 9.66 -30.58
CA LEU C 296 4.12 11.12 -30.78
C LEU C 296 2.77 11.84 -30.59
N ILE C 297 1.68 11.08 -30.55
CA ILE C 297 0.32 11.65 -30.43
C ILE C 297 0.15 12.57 -29.22
N PRO C 298 0.63 12.15 -28.03
CA PRO C 298 0.50 13.05 -26.87
C PRO C 298 1.36 14.33 -26.94
N LEU C 299 2.40 14.31 -27.77
CA LEU C 299 3.21 15.51 -28.03
C LEU C 299 2.59 16.41 -29.08
N LEU C 300 1.89 15.81 -30.04
CA LEU C 300 1.17 16.57 -31.09
C LEU C 300 -0.13 17.23 -30.61
N HIS C 301 -0.62 16.86 -29.43
CA HIS C 301 -1.82 17.45 -28.83
C HIS C 301 -1.67 18.96 -28.60
N THR C 302 -2.66 19.73 -29.04
CA THR C 302 -2.66 21.19 -28.94
C THR C 302 -3.85 21.81 -28.20
N SER C 303 -5.04 21.21 -28.32
CA SER C 303 -6.27 21.85 -27.86
C SER C 303 -6.34 22.00 -26.34
N LYS C 304 -6.87 23.12 -25.89
CA LYS C 304 -7.07 23.40 -24.46
C LYS C 304 -8.18 22.52 -23.88
N GLN C 305 -9.07 22.04 -24.74
CA GLN C 305 -10.02 20.97 -24.40
C GLN C 305 -9.32 19.63 -24.59
N ARG C 306 -9.53 18.72 -23.63
CA ARG C 306 -8.89 17.40 -23.66
C ARG C 306 -9.58 16.47 -24.64
N SER C 307 -10.89 16.32 -24.47
CA SER C 307 -11.70 15.42 -25.29
C SER C 307 -12.13 16.07 -26.60
N MET C 308 -12.37 15.23 -27.60
CA MET C 308 -12.92 15.68 -28.89
C MET C 308 -14.43 15.91 -28.87
N MET C 309 -15.11 15.54 -27.79
CA MET C 309 -16.57 15.73 -27.66
C MET C 309 -17.03 17.15 -28.03
N PHE C 310 -16.25 18.16 -27.63
CA PHE C 310 -16.59 19.56 -27.91
C PHE C 310 -15.70 20.18 -28.98
N ARG C 311 -15.34 19.39 -30.00
CA ARG C 311 -14.37 19.80 -31.03
C ARG C 311 -14.75 19.24 -32.41
N PRO C 312 -15.60 19.97 -33.17
CA PRO C 312 -16.03 19.59 -34.51
C PRO C 312 -14.92 19.29 -35.54
N LEU C 313 -13.98 20.23 -35.73
CA LEU C 313 -12.89 20.07 -36.71
C LEU C 313 -12.08 18.80 -36.46
N SER C 314 -11.69 18.60 -35.20
CA SER C 314 -10.98 17.41 -34.76
C SER C 314 -11.79 16.13 -34.96
N GLN C 315 -13.08 16.17 -34.64
CA GLN C 315 -13.99 15.03 -34.86
C GLN C 315 -14.04 14.59 -36.32
N CYS C 316 -14.15 15.56 -37.22
CA CYS C 316 -14.20 15.28 -38.65
C CYS C 316 -12.89 14.68 -39.17
N LEU C 317 -11.77 15.25 -38.75
CA LEU C 317 -10.43 14.73 -39.10
C LEU C 317 -10.14 13.37 -38.47
N PHE C 318 -10.65 13.14 -37.25
CA PHE C 318 -10.56 11.83 -36.60
C PHE C 318 -11.30 10.80 -37.43
N TRP C 319 -12.57 11.08 -37.71
CA TRP C 319 -13.39 10.20 -38.54
C TRP C 319 -12.89 10.07 -39.98
N ALA C 320 -12.14 11.06 -40.45
CA ALA C 320 -11.37 10.95 -41.70
C ALA C 320 -10.24 9.93 -41.55
N LEU C 321 -9.48 10.02 -40.46
CA LEU C 321 -8.38 9.10 -40.16
C LEU C 321 -8.83 7.63 -40.06
N VAL C 322 -10.04 7.42 -39.54
CA VAL C 322 -10.64 6.07 -39.48
C VAL C 322 -10.94 5.57 -40.89
N ALA C 323 -11.63 6.40 -41.67
CA ALA C 323 -11.95 6.09 -43.07
C ALA C 323 -10.70 5.88 -43.92
N ASP C 324 -9.69 6.72 -43.69
CA ASP C 324 -8.40 6.60 -44.37
C ASP C 324 -7.68 5.28 -44.02
N LEU C 325 -7.79 4.85 -42.77
CA LEU C 325 -7.26 3.55 -42.36
C LEU C 325 -8.03 2.40 -43.00
N LEU C 326 -9.35 2.50 -43.03
CA LEU C 326 -10.21 1.52 -43.73
C LEU C 326 -9.95 1.51 -45.25
N THR C 327 -9.55 2.66 -45.82
CA THR C 327 -9.10 2.73 -47.20
C THR C 327 -7.79 1.97 -47.39
N LEU C 328 -6.82 2.24 -46.52
CA LEU C 328 -5.52 1.55 -46.55
C LEU C 328 -5.65 0.04 -46.30
N THR C 329 -6.55 -0.36 -45.40
CA THR C 329 -6.85 -1.77 -45.14
C THR C 329 -7.40 -2.46 -46.39
N TRP C 330 -8.29 -1.76 -47.10
CA TRP C 330 -8.82 -2.24 -48.38
C TRP C 330 -7.71 -2.37 -49.42
N ILE C 331 -6.94 -1.29 -49.62
CA ILE C 331 -5.86 -1.25 -50.61
C ILE C 331 -4.78 -2.32 -50.36
N GLY C 332 -4.39 -2.50 -49.10
CA GLY C 332 -3.47 -3.57 -48.72
C GLY C 332 -3.94 -4.96 -49.10
N GLY C 333 -5.25 -5.18 -49.05
CA GLY C 333 -5.87 -6.42 -49.51
C GLY C 333 -5.81 -6.67 -51.01
N GLN C 334 -5.87 -5.59 -51.80
CA GLN C 334 -5.86 -5.68 -53.27
C GLN C 334 -4.42 -5.73 -53.80
N PRO C 335 -4.22 -6.26 -55.03
CA PRO C 335 -2.86 -6.35 -55.60
C PRO C 335 -2.32 -4.99 -56.05
N VAL C 336 -1.00 -4.93 -56.27
CA VAL C 336 -0.30 -3.67 -56.53
C VAL C 336 -0.36 -3.35 -58.03
N GLU C 337 -1.54 -2.91 -58.46
CA GLU C 337 -1.79 -2.49 -59.85
C GLU C 337 -2.62 -1.21 -59.83
N HIS C 338 -2.71 -0.56 -60.99
CA HIS C 338 -3.55 0.62 -61.17
C HIS C 338 -5.03 0.20 -61.08
N PRO C 339 -5.90 0.96 -60.42
CA PRO C 339 -5.62 2.27 -59.81
C PRO C 339 -5.17 2.24 -58.34
N TYR C 340 -5.02 1.04 -57.76
CA TYR C 340 -4.79 0.89 -56.32
C TYR C 340 -3.46 1.48 -55.81
N ILE C 341 -2.47 1.60 -56.70
CA ILE C 341 -1.17 2.18 -56.36
C ILE C 341 -1.33 3.66 -55.98
N THR C 342 -2.04 4.41 -56.83
CA THR C 342 -2.27 5.83 -56.59
C THR C 342 -3.21 6.09 -55.41
N ILE C 343 -4.22 5.25 -55.23
CA ILE C 343 -5.12 5.35 -54.08
C ILE C 343 -4.35 5.09 -52.80
N GLY C 344 -3.56 4.01 -52.80
CA GLY C 344 -2.66 3.69 -51.69
C GLY C 344 -1.65 4.76 -51.38
N GLN C 345 -1.09 5.39 -52.42
CA GLN C 345 -0.14 6.50 -52.26
C GLN C 345 -0.74 7.71 -51.56
N LEU C 346 -1.93 8.11 -52.00
CA LEU C 346 -2.63 9.27 -51.43
C LEU C 346 -3.10 8.98 -50.00
N ALA C 347 -3.72 7.81 -49.83
CA ALA C 347 -4.17 7.33 -48.51
C ALA C 347 -3.05 7.31 -47.48
N SER C 348 -1.87 6.84 -47.90
CA SER C 348 -0.70 6.77 -47.02
C SER C 348 -0.16 8.13 -46.60
N VAL C 349 -0.12 9.08 -47.54
CA VAL C 349 0.31 10.45 -47.23
C VAL C 349 -0.75 11.12 -46.34
N LEU C 350 -2.02 10.95 -46.70
CA LEU C 350 -3.15 11.46 -45.91
C LEU C 350 -3.11 10.99 -44.45
N TYR C 351 -2.72 9.74 -44.24
CA TYR C 351 -2.62 9.15 -42.90
C TYR C 351 -1.66 9.95 -42.00
N PHE C 352 -0.42 10.12 -42.46
CA PHE C 352 0.58 10.90 -41.73
C PHE C 352 0.27 12.39 -41.70
N LEU C 353 -0.44 12.91 -42.71
CA LEU C 353 -0.82 14.32 -42.76
C LEU C 353 -1.91 14.67 -41.75
N LEU C 354 -2.89 13.78 -41.60
CA LEU C 354 -3.93 13.94 -40.58
C LEU C 354 -3.34 13.99 -39.17
N ILE C 355 -2.43 13.07 -38.89
CA ILE C 355 -1.83 12.94 -37.56
C ILE C 355 -0.87 14.10 -37.28
N LEU C 356 0.10 14.29 -38.18
CA LEU C 356 1.20 15.24 -37.96
C LEU C 356 0.82 16.69 -38.21
N VAL C 357 0.11 16.96 -39.30
CA VAL C 357 -0.14 18.34 -39.75
C VAL C 357 -1.52 18.85 -39.35
N LEU C 358 -2.57 18.18 -39.81
CA LEU C 358 -3.93 18.73 -39.76
C LEU C 358 -4.56 18.77 -38.37
N MET C 359 -4.67 17.61 -37.71
CA MET C 359 -5.34 17.52 -36.40
C MET C 359 -4.77 18.43 -35.29
N PRO C 360 -3.43 18.67 -35.30
CA PRO C 360 -2.87 19.74 -34.47
C PRO C 360 -3.32 21.13 -34.85
N THR C 361 -3.31 21.43 -36.15
CA THR C 361 -3.79 22.72 -36.67
C THR C 361 -5.27 22.93 -36.36
N ALA C 362 -6.07 21.87 -36.51
CA ALA C 362 -7.49 21.88 -36.15
C ALA C 362 -7.68 22.30 -34.70
N GLY C 363 -6.94 21.66 -33.79
CA GLY C 363 -6.96 22.01 -32.37
C GLY C 363 -6.56 23.45 -32.09
N THR C 364 -5.56 23.94 -32.81
CA THR C 364 -5.08 25.32 -32.68
C THR C 364 -6.14 26.33 -33.17
N ILE C 365 -6.80 26.03 -34.28
CA ILE C 365 -7.90 26.85 -34.80
C ILE C 365 -9.08 26.85 -33.82
N GLU C 366 -9.49 25.64 -33.42
CA GLU C 366 -10.54 25.44 -32.42
C GLU C 366 -10.36 26.27 -31.14
N ASN C 367 -9.09 26.43 -30.72
CA ASN C 367 -8.75 27.33 -29.61
C ASN C 367 -9.02 28.78 -29.96
N LYS C 368 -8.53 29.23 -31.12
CA LYS C 368 -8.71 30.62 -31.58
C LYS C 368 -10.17 31.02 -31.75
N LEU C 369 -11.02 30.06 -32.14
CA LEU C 369 -12.47 30.29 -32.23
C LEU C 369 -13.10 30.55 -30.86
N LEU C 370 -12.61 29.88 -29.82
CA LEU C 370 -13.10 30.06 -28.44
C LEU C 370 -12.32 31.09 -27.61
N LYS C 371 -11.47 31.90 -28.24
CA LYS C 371 -10.61 32.90 -27.57
C LYS C 371 -9.58 32.25 -26.63
N TRP C 372 -8.94 31.20 -27.12
CA TRP C 372 -7.87 30.50 -26.42
C TRP C 372 -6.62 30.51 -27.28
N ASP D 1 -4.77 -12.81 -67.82
CA ASP D 1 -5.15 -12.17 -66.52
C ASP D 1 -6.66 -11.86 -66.43
N LEU D 2 -7.45 -12.88 -66.74
CA LEU D 2 -8.92 -12.78 -66.70
C LEU D 2 -9.49 -13.76 -65.69
N GLU D 3 -10.40 -13.28 -64.86
CA GLU D 3 -11.08 -14.12 -63.86
C GLU D 3 -12.48 -14.46 -64.36
N LEU D 4 -12.95 -15.66 -64.00
CA LEU D 4 -14.36 -16.02 -64.10
C LEU D 4 -14.78 -16.58 -62.76
N HIS D 5 -15.50 -15.76 -61.98
CA HIS D 5 -15.97 -16.17 -60.66
C HIS D 5 -17.18 -17.09 -60.81
N PRO D 6 -17.25 -18.19 -60.03
CA PRO D 6 -18.41 -19.09 -60.04
C PRO D 6 -19.74 -18.43 -59.62
N PRO D 7 -20.88 -19.06 -59.97
CA PRO D 7 -22.18 -18.57 -59.52
C PRO D 7 -22.57 -19.17 -58.16
N SER D 8 -23.75 -18.80 -57.68
CA SER D 8 -24.27 -19.28 -56.39
C SER D 8 -25.23 -20.44 -56.59
N TYR D 9 -24.69 -21.66 -56.74
CA TYR D 9 -25.51 -22.87 -56.78
C TYR D 9 -26.10 -23.09 -55.39
N PRO D 10 -27.44 -23.23 -55.28
CA PRO D 10 -28.04 -23.37 -53.96
C PRO D 10 -27.92 -24.80 -53.45
N TRP D 11 -26.89 -25.03 -52.63
CA TRP D 11 -26.62 -26.37 -52.10
C TRP D 11 -27.62 -26.72 -51.01
N SER D 12 -27.77 -28.02 -50.78
CA SER D 12 -28.59 -28.55 -49.68
C SER D 12 -28.18 -28.01 -48.30
N HIS D 13 -26.91 -27.64 -48.16
CA HIS D 13 -26.29 -27.29 -46.87
C HIS D 13 -25.86 -25.81 -46.81
N ARG D 14 -26.57 -24.94 -47.52
CA ARG D 14 -26.14 -23.55 -47.69
C ARG D 14 -26.44 -22.66 -46.48
N GLY D 15 -27.68 -22.72 -45.98
CA GLY D 15 -28.15 -21.80 -44.94
C GLY D 15 -27.51 -21.98 -43.57
N LEU D 16 -27.73 -21.00 -42.70
CA LEU D 16 -27.07 -20.92 -41.37
C LEU D 16 -27.31 -22.13 -40.48
N LEU D 17 -28.47 -22.78 -40.61
CA LEU D 17 -28.80 -23.98 -39.84
C LEU D 17 -29.02 -25.20 -40.75
N SER D 18 -28.42 -25.17 -41.94
CA SER D 18 -28.69 -26.17 -42.98
C SER D 18 -27.58 -27.22 -43.04
N SER D 19 -27.92 -28.48 -42.79
CA SER D 19 -26.93 -29.54 -42.62
C SER D 19 -26.57 -30.16 -43.96
N LEU D 20 -25.52 -30.99 -43.93
CA LEU D 20 -25.09 -31.74 -45.11
C LEU D 20 -26.09 -32.85 -45.46
N ASP D 21 -26.16 -33.15 -46.75
CA ASP D 21 -27.04 -34.18 -47.29
C ASP D 21 -26.28 -35.51 -47.28
N HIS D 22 -26.48 -36.30 -46.22
CA HIS D 22 -25.67 -37.51 -45.97
C HIS D 22 -25.80 -38.61 -47.04
N THR D 23 -26.96 -38.69 -47.70
CA THR D 23 -27.11 -39.57 -48.88
C THR D 23 -26.30 -39.04 -50.06
N SER D 24 -26.28 -37.72 -50.23
CA SER D 24 -25.47 -37.07 -51.27
C SER D 24 -23.96 -37.20 -50.98
N ILE D 25 -23.60 -37.19 -49.69
CA ILE D 25 -22.25 -37.54 -49.25
C ILE D 25 -21.93 -38.99 -49.61
N ARG D 26 -22.89 -39.87 -49.30
CA ARG D 26 -22.78 -41.31 -49.60
C ARG D 26 -22.42 -41.57 -51.06
N ARG D 27 -23.17 -40.92 -51.96
CA ARG D 27 -22.89 -40.99 -53.39
C ARG D 27 -21.59 -40.28 -53.74
N GLY D 28 -21.37 -39.10 -53.15
CA GLY D 28 -20.15 -38.32 -53.34
C GLY D 28 -18.86 -39.06 -53.00
N PHE D 29 -18.90 -39.89 -51.97
CA PHE D 29 -17.77 -40.78 -51.65
C PHE D 29 -17.52 -41.77 -52.78
N GLN D 30 -18.59 -42.41 -53.25
CA GLN D 30 -18.50 -43.37 -54.35
C GLN D 30 -17.91 -42.74 -55.61
N VAL D 31 -18.20 -41.46 -55.84
CA VAL D 31 -17.62 -40.70 -56.94
C VAL D 31 -16.10 -40.52 -56.73
N TYR D 32 -15.68 -40.24 -55.50
CA TYR D 32 -14.23 -40.19 -55.22
C TYR D 32 -13.62 -41.57 -55.48
N LYS D 33 -14.14 -42.57 -54.78
CA LYS D 33 -13.63 -43.94 -54.85
C LYS D 33 -13.49 -44.43 -56.28
N GLN D 34 -14.58 -44.31 -57.05
CA GLN D 34 -14.62 -44.84 -58.41
C GLN D 34 -13.83 -43.98 -59.41
N VAL D 35 -13.97 -42.66 -59.30
CA VAL D 35 -13.42 -41.74 -60.32
C VAL D 35 -12.15 -41.04 -59.81
N CYS D 36 -12.27 -40.24 -58.75
CA CYS D 36 -11.14 -39.37 -58.31
C CYS D 36 -10.00 -40.10 -57.57
N SER D 37 -10.24 -41.32 -57.07
CA SER D 37 -9.26 -42.02 -56.24
C SER D 37 -8.00 -42.45 -57.02
N SER D 38 -8.15 -42.75 -58.31
CA SER D 38 -7.03 -43.21 -59.17
C SER D 38 -5.93 -42.18 -59.42
N CYS D 39 -6.29 -40.90 -59.39
CA CYS D 39 -5.34 -39.80 -59.61
C CYS D 39 -5.06 -38.95 -58.37
N HIS D 40 -6.05 -38.77 -57.49
CA HIS D 40 -5.99 -37.75 -56.44
C HIS D 40 -5.78 -38.32 -55.05
N SER D 41 -4.94 -37.63 -54.28
CA SER D 41 -4.72 -37.94 -52.89
C SER D 41 -5.89 -37.42 -52.05
N MET D 42 -6.23 -38.17 -50.99
CA MET D 42 -7.03 -37.67 -49.89
C MET D 42 -6.40 -38.22 -48.61
N ASP D 43 -5.45 -37.46 -48.08
CA ASP D 43 -4.53 -37.95 -47.05
C ASP D 43 -5.12 -37.97 -45.64
N TYR D 44 -6.04 -37.06 -45.35
CA TYR D 44 -6.53 -36.84 -43.99
C TYR D 44 -7.92 -37.42 -43.70
N VAL D 45 -8.32 -38.45 -44.45
CA VAL D 45 -9.58 -39.19 -44.20
C VAL D 45 -9.30 -40.68 -44.14
N ALA D 46 -9.96 -41.36 -43.20
CA ALA D 46 -9.91 -42.81 -43.07
C ALA D 46 -11.31 -43.38 -43.11
N TYR D 47 -11.42 -44.69 -43.29
CA TYR D 47 -12.71 -45.35 -43.49
C TYR D 47 -13.62 -45.30 -42.24
N ARG D 48 -13.03 -45.16 -41.07
CA ARG D 48 -13.78 -44.93 -39.83
C ARG D 48 -14.52 -43.58 -39.80
N HIS D 49 -13.96 -42.55 -40.45
CA HIS D 49 -14.63 -41.24 -40.57
C HIS D 49 -15.98 -41.36 -41.29
N LEU D 50 -16.07 -42.30 -42.24
CA LEU D 50 -17.32 -42.57 -42.97
C LEU D 50 -18.43 -43.12 -42.08
N VAL D 51 -18.04 -43.85 -41.03
CA VAL D 51 -18.99 -44.51 -40.11
C VAL D 51 -19.86 -43.48 -39.40
N GLY D 52 -21.18 -43.67 -39.49
CA GLY D 52 -22.14 -42.75 -38.88
C GLY D 52 -22.38 -41.45 -39.64
N VAL D 53 -21.68 -41.24 -40.76
CA VAL D 53 -21.86 -40.08 -41.61
C VAL D 53 -22.65 -40.52 -42.83
N CYS D 54 -22.03 -41.35 -43.66
CA CYS D 54 -22.65 -41.89 -44.87
C CYS D 54 -22.83 -43.41 -44.88
N TYR D 55 -22.05 -44.13 -44.06
CA TYR D 55 -22.08 -45.60 -44.02
C TYR D 55 -22.17 -46.12 -42.59
N THR D 56 -22.50 -47.40 -42.46
CA THR D 56 -22.43 -48.10 -41.18
C THR D 56 -21.01 -48.60 -40.94
N GLU D 57 -20.76 -49.08 -39.73
CA GLU D 57 -19.45 -49.65 -39.35
C GLU D 57 -19.10 -50.85 -40.22
N ASP D 58 -20.07 -51.74 -40.42
CA ASP D 58 -19.86 -52.96 -41.21
C ASP D 58 -19.65 -52.66 -42.69
N GLU D 59 -20.46 -51.76 -43.23
CA GLU D 59 -20.33 -51.29 -44.61
C GLU D 59 -18.98 -50.60 -44.85
N ALA D 60 -18.63 -49.69 -43.94
CA ALA D 60 -17.34 -48.97 -44.02
C ALA D 60 -16.14 -49.90 -43.88
N LYS D 61 -16.27 -50.92 -43.03
CA LYS D 61 -15.23 -51.94 -42.86
C LYS D 61 -15.03 -52.77 -44.11
N ALA D 62 -16.14 -53.15 -44.77
CA ALA D 62 -16.09 -53.88 -46.04
C ALA D 62 -15.34 -53.11 -47.13
N LEU D 63 -15.57 -51.80 -47.19
CA LEU D 63 -14.91 -50.94 -48.19
C LEU D 63 -13.43 -50.76 -47.92
N ALA D 64 -13.07 -50.70 -46.65
CA ALA D 64 -11.68 -50.71 -46.26
C ALA D 64 -11.04 -52.04 -46.66
N GLU D 65 -11.71 -53.14 -46.33
CA GLU D 65 -11.26 -54.48 -46.68
C GLU D 65 -11.13 -54.72 -48.19
N GLU D 66 -11.94 -54.05 -49.00
CA GLU D 66 -11.83 -54.16 -50.47
C GLU D 66 -10.40 -53.91 -50.93
N VAL D 67 -9.88 -52.73 -50.58
CA VAL D 67 -8.51 -52.34 -50.94
C VAL D 67 -7.48 -53.01 -50.03
N GLU D 68 -6.27 -53.17 -50.56
CA GLU D 68 -5.16 -53.77 -49.82
C GLU D 68 -4.07 -52.72 -49.63
N VAL D 69 -3.47 -52.67 -48.44
CA VAL D 69 -2.45 -51.68 -48.10
C VAL D 69 -1.28 -52.29 -47.32
N GLN D 70 -0.17 -51.55 -47.27
CA GLN D 70 1.06 -52.03 -46.66
C GLN D 70 0.98 -52.03 -45.13
N ASP D 71 1.75 -52.92 -44.53
CA ASP D 71 1.91 -53.00 -43.07
C ASP D 71 3.22 -53.70 -42.74
N GLY D 72 3.79 -53.39 -41.58
CA GLY D 72 5.06 -53.96 -41.15
C GLY D 72 5.88 -53.04 -40.26
N PRO D 73 7.15 -53.37 -40.01
CA PRO D 73 7.82 -54.58 -40.52
C PRO D 73 7.37 -55.87 -39.82
N ASN D 74 7.58 -57.00 -40.49
CA ASN D 74 7.29 -58.33 -39.92
C ASN D 74 8.50 -58.83 -39.12
N GLU D 75 8.48 -60.10 -38.71
CA GLU D 75 9.60 -60.71 -37.98
C GLU D 75 10.87 -60.89 -38.82
N ASP D 76 10.69 -61.19 -40.11
CA ASP D 76 11.82 -61.27 -41.07
C ASP D 76 12.51 -59.93 -41.33
N GLY D 77 11.82 -58.82 -41.06
CA GLY D 77 12.38 -57.48 -41.26
C GLY D 77 12.08 -57.00 -42.67
N GLU D 78 10.80 -57.08 -43.04
CA GLU D 78 10.34 -56.62 -44.36
C GLU D 78 8.83 -56.35 -44.35
N MET D 79 8.39 -55.57 -45.33
CA MET D 79 7.00 -55.13 -45.40
C MET D 79 6.15 -56.11 -46.22
N PHE D 80 4.86 -56.10 -45.94
CA PHE D 80 3.89 -56.98 -46.62
C PHE D 80 2.54 -56.26 -46.75
N MET D 81 1.67 -56.80 -47.60
CA MET D 81 0.34 -56.23 -47.83
C MET D 81 -0.72 -56.96 -47.01
N ARG D 82 -1.78 -56.23 -46.69
CA ARG D 82 -2.93 -56.80 -45.97
C ARG D 82 -4.20 -56.04 -46.35
N PRO D 83 -5.39 -56.69 -46.23
CA PRO D 83 -6.62 -56.00 -46.57
C PRO D 83 -6.92 -54.86 -45.60
N GLY D 84 -7.44 -53.76 -46.12
CA GLY D 84 -7.59 -52.53 -45.34
C GLY D 84 -8.56 -52.63 -44.17
N LYS D 85 -8.53 -51.61 -43.32
CA LYS D 85 -9.38 -51.58 -42.13
C LYS D 85 -9.89 -50.17 -41.85
N LEU D 86 -10.88 -50.09 -40.97
CA LEU D 86 -11.43 -48.82 -40.49
C LEU D 86 -10.39 -47.75 -40.11
N SER D 87 -9.32 -48.17 -39.45
CA SER D 87 -8.23 -47.27 -39.06
C SER D 87 -7.28 -46.83 -40.19
N ASP D 88 -7.32 -47.51 -41.34
CA ASP D 88 -6.48 -47.13 -42.49
C ASP D 88 -7.00 -45.86 -43.16
N TYR D 89 -6.08 -44.93 -43.41
CA TYR D 89 -6.38 -43.75 -44.22
C TYR D 89 -6.43 -44.13 -45.70
N PHE D 90 -7.14 -43.34 -46.49
CA PHE D 90 -7.43 -43.64 -47.90
C PHE D 90 -6.15 -43.80 -48.72
N PRO D 91 -6.05 -44.86 -49.56
CA PRO D 91 -4.79 -45.10 -50.30
C PRO D 91 -4.37 -43.95 -51.21
N LYS D 92 -3.13 -43.50 -51.04
CA LYS D 92 -2.56 -42.45 -51.89
C LYS D 92 -2.24 -43.06 -53.27
N PRO D 93 -2.58 -42.36 -54.36
CA PRO D 93 -2.42 -42.94 -55.70
C PRO D 93 -0.97 -43.19 -56.13
N TYR D 94 -0.06 -42.29 -55.75
CA TYR D 94 1.37 -42.45 -56.05
C TYR D 94 2.19 -42.34 -54.76
N PRO D 95 3.44 -42.84 -54.76
CA PRO D 95 4.27 -42.72 -53.55
C PRO D 95 4.77 -41.30 -53.20
N ASN D 96 4.76 -40.37 -54.15
CA ASN D 96 5.26 -39.00 -53.91
C ASN D 96 4.74 -38.00 -54.95
N PRO D 97 4.98 -36.68 -54.74
CA PRO D 97 4.63 -35.68 -55.76
C PRO D 97 5.37 -35.77 -57.10
N GLU D 98 6.61 -36.25 -57.09
CA GLU D 98 7.38 -36.38 -58.35
C GLU D 98 6.84 -37.50 -59.25
N ALA D 99 6.29 -38.56 -58.64
CA ALA D 99 5.62 -39.63 -59.38
C ALA D 99 4.30 -39.17 -60.01
N ALA D 100 3.64 -38.23 -59.35
CA ALA D 100 2.42 -37.60 -59.89
C ALA D 100 2.73 -36.75 -61.12
N ARG D 101 3.73 -35.89 -61.01
CA ARG D 101 4.18 -35.05 -62.13
C ARG D 101 4.79 -35.86 -63.27
N ALA D 102 5.37 -37.02 -62.93
CA ALA D 102 5.82 -37.99 -63.93
C ALA D 102 4.62 -38.62 -64.66
N ALA D 103 3.63 -39.06 -63.88
CA ALA D 103 2.44 -39.73 -64.43
C ALA D 103 1.49 -38.80 -65.19
N ASN D 104 1.51 -37.50 -64.89
CA ASN D 104 0.51 -36.57 -65.42
C ASN D 104 1.09 -35.26 -65.96
N ASN D 105 1.92 -35.39 -67.00
CA ASN D 105 2.37 -34.27 -67.84
C ASN D 105 3.02 -33.10 -67.07
N GLY D 106 3.78 -33.42 -66.02
CA GLY D 106 4.42 -32.41 -65.17
C GLY D 106 3.44 -31.58 -64.35
N ALA D 107 2.31 -32.17 -63.98
CA ALA D 107 1.27 -31.49 -63.19
C ALA D 107 0.93 -32.32 -61.96
N LEU D 108 0.88 -31.66 -60.80
CA LEU D 108 0.57 -32.30 -59.52
C LEU D 108 -0.95 -32.24 -59.28
N PRO D 109 -1.63 -33.41 -59.24
CA PRO D 109 -3.03 -33.42 -58.83
C PRO D 109 -3.11 -33.20 -57.31
N PRO D 110 -3.72 -32.08 -56.87
CA PRO D 110 -3.66 -31.73 -55.44
C PRO D 110 -4.51 -32.62 -54.53
N ASP D 111 -4.27 -32.51 -53.23
CA ASP D 111 -4.97 -33.31 -52.22
C ASP D 111 -6.40 -32.80 -52.06
N LEU D 112 -7.37 -33.71 -52.12
CA LEU D 112 -8.80 -33.34 -52.08
C LEU D 112 -9.44 -33.34 -50.69
N SER D 113 -8.64 -33.53 -49.63
CA SER D 113 -9.15 -33.44 -48.26
C SER D 113 -9.70 -32.05 -47.98
N TYR D 114 -8.89 -31.03 -48.24
CA TYR D 114 -9.23 -29.63 -47.93
C TYR D 114 -9.54 -28.75 -49.15
N ILE D 115 -9.64 -29.35 -50.34
CA ILE D 115 -9.75 -28.59 -51.60
C ILE D 115 -10.87 -27.53 -51.62
N VAL D 116 -11.99 -27.84 -50.97
CA VAL D 116 -13.11 -26.89 -50.85
C VAL D 116 -12.66 -25.66 -50.05
N ARG D 117 -12.08 -25.89 -48.87
CA ARG D 117 -11.53 -24.81 -48.04
C ARG D 117 -10.27 -24.16 -48.61
N ALA D 118 -9.52 -24.91 -49.44
CA ALA D 118 -8.26 -24.43 -50.02
C ALA D 118 -8.43 -23.44 -51.16
N ARG D 119 -9.53 -23.53 -51.91
CA ARG D 119 -9.78 -22.67 -53.07
C ARG D 119 -10.89 -21.65 -52.80
N HIS D 120 -10.80 -20.49 -53.45
CA HIS D 120 -11.85 -19.47 -53.38
C HIS D 120 -13.10 -19.98 -54.08
N GLY D 121 -14.26 -19.80 -53.44
CA GLY D 121 -15.55 -20.25 -53.97
C GLY D 121 -16.00 -21.58 -53.40
N GLY D 122 -15.08 -22.53 -53.27
CA GLY D 122 -15.35 -23.81 -52.66
C GLY D 122 -16.14 -24.72 -53.58
N GLU D 123 -17.30 -25.21 -53.12
CA GLU D 123 -18.11 -26.16 -53.88
C GLU D 123 -18.58 -25.56 -55.19
N ASP D 124 -18.95 -24.27 -55.16
CA ASP D 124 -19.34 -23.52 -56.36
C ASP D 124 -18.22 -23.51 -57.41
N TYR D 125 -16.98 -23.33 -56.97
CA TYR D 125 -15.82 -23.41 -57.86
C TYR D 125 -15.56 -24.85 -58.34
N VAL D 126 -15.59 -25.81 -57.42
CA VAL D 126 -15.31 -27.21 -57.77
C VAL D 126 -16.38 -27.72 -58.73
N PHE D 127 -17.65 -27.42 -58.46
CA PHE D 127 -18.76 -27.78 -59.33
C PHE D 127 -18.62 -27.16 -60.72
N SER D 128 -18.39 -25.86 -60.76
CA SER D 128 -18.19 -25.13 -62.03
C SER D 128 -16.93 -25.57 -62.80
N LEU D 129 -15.92 -26.06 -62.08
CA LEU D 129 -14.74 -26.63 -62.72
C LEU D 129 -15.05 -27.98 -63.38
N LEU D 130 -15.77 -28.84 -62.66
CA LEU D 130 -16.13 -30.17 -63.17
C LEU D 130 -17.09 -30.12 -64.35
N THR D 131 -18.25 -29.49 -64.14
CA THR D 131 -19.29 -29.40 -65.16
C THR D 131 -19.01 -28.36 -66.26
N GLY D 132 -18.19 -27.36 -65.96
CA GLY D 132 -17.95 -26.24 -66.88
C GLY D 132 -16.89 -26.39 -67.96
N TYR D 133 -16.41 -27.61 -68.21
CA TYR D 133 -15.51 -27.86 -69.35
C TYR D 133 -16.18 -27.47 -70.66
N CYS D 134 -15.42 -26.82 -71.53
CA CYS D 134 -15.93 -26.38 -72.83
C CYS D 134 -14.77 -26.20 -73.83
N GLU D 135 -15.09 -25.87 -75.07
CA GLU D 135 -14.11 -25.80 -76.15
C GLU D 135 -13.34 -24.48 -76.13
N PRO D 136 -12.04 -24.51 -76.51
CA PRO D 136 -11.24 -23.29 -76.50
C PRO D 136 -11.64 -22.34 -77.63
N PRO D 137 -11.95 -21.07 -77.32
CA PRO D 137 -12.39 -20.14 -78.36
C PRO D 137 -11.26 -19.75 -79.32
N THR D 138 -11.65 -19.09 -80.42
CA THR D 138 -10.72 -18.72 -81.49
C THR D 138 -9.58 -17.85 -80.94
N GLY D 139 -8.35 -18.27 -81.19
CA GLY D 139 -7.16 -17.61 -80.64
C GLY D 139 -6.47 -18.46 -79.57
N VAL D 140 -7.26 -19.03 -78.66
CA VAL D 140 -6.74 -19.88 -77.60
C VAL D 140 -6.27 -21.21 -78.20
N SER D 141 -4.96 -21.29 -78.45
CA SER D 141 -4.32 -22.51 -78.91
C SER D 141 -3.49 -23.08 -77.76
N LEU D 142 -4.06 -24.08 -77.08
CA LEU D 142 -3.38 -24.73 -75.95
C LEU D 142 -2.36 -25.74 -76.45
N ARG D 143 -1.47 -26.16 -75.55
CA ARG D 143 -0.36 -27.06 -75.87
C ARG D 143 -0.67 -28.48 -75.38
N GLU D 144 0.29 -29.40 -75.54
CA GLU D 144 0.13 -30.80 -75.14
C GLU D 144 -0.14 -30.99 -73.65
N GLY D 145 -1.00 -31.96 -73.32
CA GLY D 145 -1.37 -32.27 -71.94
C GLY D 145 -2.42 -31.37 -71.30
N LEU D 146 -2.92 -30.37 -72.04
CA LEU D 146 -3.78 -29.33 -71.48
C LEU D 146 -5.18 -29.38 -72.08
N TYR D 147 -6.15 -28.91 -71.28
CA TYR D 147 -7.55 -28.81 -71.69
C TYR D 147 -8.05 -27.42 -71.32
N PHE D 148 -9.04 -26.94 -72.07
CA PHE D 148 -9.65 -25.63 -71.78
C PHE D 148 -10.80 -25.78 -70.80
N ASN D 149 -10.65 -25.16 -69.63
CA ASN D 149 -11.75 -24.88 -68.72
C ASN D 149 -11.64 -23.41 -68.32
N PRO D 150 -12.74 -22.65 -68.43
CA PRO D 150 -12.68 -21.20 -68.16
C PRO D 150 -12.57 -20.84 -66.67
N TYR D 151 -13.22 -21.60 -65.80
CA TYR D 151 -13.22 -21.32 -64.35
C TYR D 151 -11.85 -21.49 -63.67
N PHE D 152 -10.98 -22.31 -64.24
CA PHE D 152 -9.59 -22.48 -63.78
C PHE D 152 -8.80 -21.18 -64.03
N PRO D 153 -7.94 -20.75 -63.07
CA PRO D 153 -7.25 -19.44 -63.19
C PRO D 153 -6.51 -19.17 -64.51
N GLY D 154 -5.66 -20.10 -64.93
CA GLY D 154 -4.91 -19.95 -66.19
C GLY D 154 -5.66 -20.27 -67.47
N GLN D 155 -6.93 -20.67 -67.36
CA GLN D 155 -7.75 -21.14 -68.49
C GLN D 155 -7.28 -22.43 -69.18
N ALA D 156 -6.12 -22.96 -68.79
CA ALA D 156 -5.54 -24.15 -69.40
C ALA D 156 -5.24 -25.15 -68.29
N ILE D 157 -6.22 -26.00 -67.99
CA ILE D 157 -6.08 -27.00 -66.94
C ILE D 157 -5.36 -28.24 -67.45
N GLY D 158 -4.53 -28.83 -66.60
CA GLY D 158 -3.81 -30.07 -66.93
C GLY D 158 -4.53 -31.36 -66.54
N MET D 159 -5.85 -31.28 -66.38
CA MET D 159 -6.69 -32.40 -65.98
C MET D 159 -7.64 -32.70 -67.12
N ALA D 160 -7.72 -33.97 -67.51
CA ALA D 160 -8.71 -34.42 -68.48
C ALA D 160 -10.07 -34.29 -67.83
N PRO D 161 -11.13 -34.06 -68.62
CA PRO D 161 -12.45 -33.98 -68.00
C PRO D 161 -12.59 -35.24 -67.16
N PRO D 162 -12.81 -35.09 -65.85
CA PRO D 162 -12.83 -36.28 -65.01
C PRO D 162 -14.16 -37.02 -64.95
N ILE D 163 -15.27 -36.29 -65.03
CA ILE D 163 -16.60 -36.89 -64.96
C ILE D 163 -17.43 -36.52 -66.20
N TYR D 164 -18.18 -37.50 -66.69
CA TYR D 164 -19.10 -37.37 -67.78
C TYR D 164 -20.24 -38.39 -67.53
N ASN D 165 -21.27 -38.32 -68.36
CA ASN D 165 -22.39 -39.26 -68.29
C ASN D 165 -21.91 -40.71 -68.21
N GLU D 166 -22.45 -41.44 -67.24
CA GLU D 166 -22.23 -42.89 -67.04
C GLU D 166 -20.82 -43.26 -66.56
N VAL D 167 -20.06 -42.33 -65.97
CA VAL D 167 -18.73 -42.67 -65.44
C VAL D 167 -18.81 -43.92 -64.55
N LEU D 168 -19.82 -43.90 -63.68
CA LEU D 168 -20.08 -44.94 -62.72
C LEU D 168 -21.60 -45.12 -62.56
N GLU D 169 -22.03 -45.96 -61.63
CA GLU D 169 -23.44 -46.18 -61.31
C GLU D 169 -23.62 -46.20 -59.80
N PHE D 170 -24.61 -45.46 -59.29
CA PHE D 170 -24.83 -45.32 -57.85
C PHE D 170 -25.62 -46.51 -57.29
N ASP D 171 -25.21 -46.95 -56.10
CA ASP D 171 -25.79 -48.14 -55.44
C ASP D 171 -27.29 -47.99 -55.11
N ASP D 172 -27.70 -46.80 -54.71
CA ASP D 172 -29.12 -46.52 -54.37
C ASP D 172 -30.06 -46.42 -55.59
N GLY D 173 -29.51 -46.43 -56.81
CA GLY D 173 -30.31 -46.40 -58.03
C GLY D 173 -30.71 -44.99 -58.40
N THR D 174 -29.73 -44.10 -58.41
CA THR D 174 -29.91 -42.68 -58.75
C THR D 174 -29.41 -42.45 -60.17
N PRO D 175 -30.10 -41.60 -60.96
CA PRO D 175 -29.59 -41.31 -62.32
C PRO D 175 -28.22 -40.61 -62.30
N ALA D 176 -27.19 -41.36 -62.71
CA ALA D 176 -25.82 -40.87 -62.69
C ALA D 176 -25.51 -39.96 -63.89
N THR D 177 -26.06 -38.75 -63.86
CA THR D 177 -25.78 -37.72 -64.87
C THR D 177 -24.56 -36.91 -64.43
N MET D 178 -23.91 -36.23 -65.38
CA MET D 178 -22.67 -35.48 -65.10
C MET D 178 -22.83 -34.48 -63.95
N SER D 179 -23.88 -33.66 -64.01
CA SER D 179 -24.12 -32.65 -62.97
C SER D 179 -24.60 -33.24 -61.64
N GLN D 180 -25.28 -34.39 -61.69
CA GLN D 180 -25.65 -35.14 -60.47
C GLN D 180 -24.41 -35.70 -59.78
N VAL D 181 -23.44 -36.17 -60.56
CA VAL D 181 -22.14 -36.63 -60.04
C VAL D 181 -21.39 -35.46 -59.39
N ALA D 182 -21.29 -34.35 -60.12
CA ALA D 182 -20.65 -33.13 -59.62
C ALA D 182 -21.29 -32.61 -58.33
N LYS D 183 -22.62 -32.66 -58.26
CA LYS D 183 -23.37 -32.26 -57.07
C LYS D 183 -23.00 -33.12 -55.86
N ASP D 184 -23.05 -34.44 -56.05
CA ASP D 184 -22.81 -35.39 -54.96
C ASP D 184 -21.38 -35.33 -54.43
N VAL D 185 -20.40 -35.34 -55.34
CA VAL D 185 -18.99 -35.32 -54.96
C VAL D 185 -18.57 -34.00 -54.29
N CYS D 186 -19.12 -32.88 -54.74
CA CYS D 186 -18.89 -31.59 -54.09
C CYS D 186 -19.52 -31.54 -52.69
N THR D 187 -20.68 -32.19 -52.54
CA THR D 187 -21.32 -32.34 -51.23
C THR D 187 -20.47 -33.24 -50.30
N PHE D 188 -19.73 -34.19 -50.88
CA PHE D 188 -18.76 -35.01 -50.14
C PHE D 188 -17.46 -34.26 -49.83
N LEU D 189 -16.89 -33.56 -50.82
CA LEU D 189 -15.64 -32.79 -50.61
C LEU D 189 -15.80 -31.62 -49.64
N ARG D 190 -17.04 -31.15 -49.44
CA ARG D 190 -17.36 -30.26 -48.32
C ARG D 190 -17.10 -30.98 -47.01
N TRP D 191 -17.69 -32.16 -46.87
CA TRP D 191 -17.57 -32.96 -45.66
C TRP D 191 -16.13 -33.39 -45.36
N ALA D 192 -15.38 -33.75 -46.40
CA ALA D 192 -13.96 -34.09 -46.25
C ALA D 192 -13.18 -32.91 -45.64
N ALA D 193 -13.42 -31.71 -46.15
CA ALA D 193 -12.77 -30.50 -45.64
C ALA D 193 -13.32 -30.02 -44.29
N GLU D 194 -14.61 -30.21 -44.06
CA GLU D 194 -15.28 -29.74 -42.85
C GLU D 194 -16.25 -30.81 -42.32
N PRO D 195 -15.72 -31.85 -41.65
CA PRO D 195 -16.59 -32.90 -41.08
C PRO D 195 -17.44 -32.42 -39.90
N GLU D 196 -16.94 -31.42 -39.16
CA GLU D 196 -17.70 -30.74 -38.10
C GLU D 196 -18.99 -29.98 -38.51
N HIS D 197 -19.14 -29.76 -39.82
CA HIS D 197 -20.20 -28.94 -40.43
C HIS D 197 -21.62 -29.01 -39.89
N ASP D 198 -22.10 -30.22 -39.60
CA ASP D 198 -23.47 -30.43 -39.07
C ASP D 198 -23.56 -30.04 -37.61
N HIS D 199 -22.66 -30.62 -36.83
CA HIS D 199 -22.56 -30.40 -35.40
C HIS D 199 -22.35 -28.92 -35.05
N ARG D 200 -21.48 -28.28 -35.82
CA ARG D 200 -21.16 -26.86 -35.68
C ARG D 200 -22.39 -25.95 -35.87
N LYS D 201 -23.25 -26.27 -36.85
CA LYS D 201 -24.46 -25.48 -37.09
C LYS D 201 -25.53 -25.69 -36.02
N ARG D 202 -25.56 -26.90 -35.43
CA ARG D 202 -26.44 -27.18 -34.29
C ARG D 202 -26.03 -26.37 -33.06
N MET D 203 -24.72 -26.35 -32.79
CA MET D 203 -24.15 -25.44 -31.78
C MET D 203 -24.51 -24.00 -32.09
N GLY D 204 -24.43 -23.64 -33.37
CA GLY D 204 -24.87 -22.34 -33.88
C GLY D 204 -26.30 -21.97 -33.50
N LEU D 205 -27.24 -22.86 -33.79
CA LEU D 205 -28.65 -22.67 -33.39
C LEU D 205 -28.76 -22.46 -31.90
N LYS D 206 -28.20 -23.40 -31.14
CA LYS D 206 -28.23 -23.37 -29.69
C LYS D 206 -27.58 -22.12 -29.10
N MET D 207 -26.51 -21.64 -29.75
CA MET D 207 -25.85 -20.40 -29.36
C MET D 207 -26.75 -19.19 -29.59
N LEU D 208 -27.36 -19.12 -30.77
CA LEU D 208 -28.28 -18.01 -31.12
C LEU D 208 -29.50 -17.96 -30.19
N LEU D 209 -30.11 -19.13 -29.97
CA LEU D 209 -31.19 -19.29 -28.98
C LEU D 209 -30.77 -18.82 -27.59
N MET D 210 -29.61 -19.29 -27.12
CA MET D 210 -29.14 -19.00 -25.77
C MET D 210 -28.69 -17.54 -25.60
N MET D 211 -28.04 -17.00 -26.62
CA MET D 211 -27.71 -15.57 -26.66
C MET D 211 -28.99 -14.72 -26.70
N GLY D 212 -29.96 -15.16 -27.50
CA GLY D 212 -31.30 -14.54 -27.53
C GLY D 212 -31.97 -14.53 -26.17
N LEU D 213 -31.78 -15.59 -25.40
CA LEU D 213 -32.29 -15.66 -24.03
C LEU D 213 -31.52 -14.73 -23.08
N LEU D 214 -30.19 -14.81 -23.11
CA LEU D 214 -29.35 -14.17 -22.08
C LEU D 214 -29.17 -12.66 -22.24
N LEU D 215 -28.85 -12.21 -23.46
CA LEU D 215 -28.59 -10.76 -23.71
C LEU D 215 -29.62 -9.80 -23.12
N PRO D 216 -30.94 -10.07 -23.29
CA PRO D 216 -31.92 -9.22 -22.60
C PRO D 216 -31.93 -9.40 -21.07
N LEU D 217 -31.80 -10.64 -20.60
CA LEU D 217 -31.74 -10.94 -19.16
C LEU D 217 -30.56 -10.23 -18.45
N VAL D 218 -29.40 -10.23 -19.10
CA VAL D 218 -28.21 -9.55 -18.57
C VAL D 218 -28.38 -8.04 -18.66
N TYR D 219 -28.83 -7.58 -19.83
CA TYR D 219 -29.15 -6.15 -20.05
C TYR D 219 -30.18 -5.65 -19.03
N ALA D 220 -31.16 -6.49 -18.69
CA ALA D 220 -32.15 -6.17 -17.65
C ALA D 220 -31.52 -5.99 -16.27
N MET D 221 -30.57 -6.88 -15.93
CA MET D 221 -29.81 -6.75 -14.67
C MET D 221 -28.96 -5.48 -14.64
N LYS D 222 -28.33 -5.17 -15.77
CA LYS D 222 -27.56 -3.92 -15.92
C LYS D 222 -28.45 -2.71 -15.72
N ARG D 223 -29.62 -2.72 -16.35
CA ARG D 223 -30.59 -1.61 -16.24
C ARG D 223 -31.16 -1.52 -14.84
N HIS D 224 -31.52 -2.66 -14.26
CA HIS D 224 -31.98 -2.75 -12.88
C HIS D 224 -30.99 -2.12 -11.89
N LYS D 225 -29.70 -2.37 -12.09
CA LYS D 225 -28.66 -1.85 -11.19
C LYS D 225 -28.40 -0.36 -11.43
N TRP D 226 -28.18 0.01 -12.69
CA TRP D 226 -27.93 1.41 -13.08
C TRP D 226 -29.13 2.35 -12.89
N SER D 227 -30.33 1.79 -12.80
CA SER D 227 -31.57 2.56 -12.52
C SER D 227 -31.41 3.64 -11.44
N VAL D 228 -30.73 3.27 -10.35
CA VAL D 228 -30.49 4.17 -9.21
C VAL D 228 -29.91 5.51 -9.68
N LEU D 229 -28.89 5.44 -10.53
CA LEU D 229 -28.22 6.63 -11.08
C LEU D 229 -29.02 7.28 -12.21
N LYS D 230 -29.59 6.46 -13.10
CA LYS D 230 -30.31 6.96 -14.28
C LYS D 230 -31.58 7.74 -13.96
N SER D 231 -32.20 7.47 -12.82
CA SER D 231 -33.37 8.24 -12.37
C SER D 231 -33.04 9.41 -11.44
N ARG D 232 -31.81 9.46 -10.92
CA ARG D 232 -31.45 10.41 -9.86
C ARG D 232 -31.60 11.87 -10.30
N LYS D 233 -31.74 12.74 -9.30
CA LYS D 233 -32.12 14.13 -9.52
C LYS D 233 -31.25 15.04 -8.65
N LEU D 234 -30.44 15.89 -9.28
CA LEU D 234 -29.48 16.74 -8.57
C LEU D 234 -30.05 18.12 -8.26
N ALA D 235 -30.06 18.47 -6.98
CA ALA D 235 -30.56 19.78 -6.51
C ALA D 235 -29.43 20.59 -5.87
N TYR D 236 -29.13 21.75 -6.47
CA TYR D 236 -28.13 22.69 -5.94
C TYR D 236 -28.83 23.69 -5.02
N ARG D 237 -28.27 23.89 -3.84
CA ARG D 237 -28.84 24.79 -2.83
C ARG D 237 -27.75 25.54 -2.06
N PRO D 238 -27.11 26.53 -2.72
CA PRO D 238 -26.11 27.34 -2.01
C PRO D 238 -26.73 28.28 -0.98
N PRO D 239 -25.92 28.77 -0.01
CA PRO D 239 -26.40 29.76 0.94
C PRO D 239 -26.19 31.19 0.43
N LYS D 240 -26.77 32.16 1.13
CA LYS D 240 -26.69 33.55 0.74
C LYS D 240 -26.18 34.36 1.92
N SER E 79 -35.41 27.61 4.63
CA SER E 79 -35.18 26.48 5.59
C SER E 79 -34.85 25.18 4.86
N HIS E 80 -34.45 24.17 5.63
CA HIS E 80 -34.24 22.81 5.12
C HIS E 80 -35.57 22.06 5.00
N THR E 81 -36.62 22.58 5.64
CA THR E 81 -37.99 22.08 5.46
C THR E 81 -38.63 22.46 4.11
N ASP E 82 -38.02 23.41 3.40
CA ASP E 82 -38.37 23.71 2.00
C ASP E 82 -38.07 22.53 1.07
N ILE E 83 -37.11 21.69 1.46
CA ILE E 83 -36.71 20.54 0.67
C ILE E 83 -37.78 19.44 0.74
N LYS E 84 -38.55 19.29 -0.33
CA LYS E 84 -39.36 18.09 -0.56
C LYS E 84 -38.67 17.24 -1.62
N VAL E 85 -38.90 15.94 -1.56
CA VAL E 85 -38.29 15.01 -2.50
C VAL E 85 -39.05 15.11 -3.83
N PRO E 86 -38.33 15.30 -4.97
CA PRO E 86 -38.99 15.35 -6.28
C PRO E 86 -39.81 14.11 -6.63
N ASP E 87 -40.72 14.27 -7.59
CA ASP E 87 -41.70 13.23 -7.93
C ASP E 87 -41.06 12.13 -8.77
N PHE E 88 -41.07 10.90 -8.24
CA PHE E 88 -40.58 9.72 -8.95
C PHE E 88 -41.71 8.90 -9.59
N SER E 89 -42.91 9.47 -9.69
CA SER E 89 -44.07 8.82 -10.30
C SER E 89 -43.84 8.42 -11.77
N ASP E 90 -42.98 9.17 -12.46
CA ASP E 90 -42.54 8.80 -13.81
C ASP E 90 -41.76 7.48 -13.81
N TYR E 91 -40.79 7.36 -12.91
CA TYR E 91 -39.85 6.22 -12.91
C TYR E 91 -40.32 4.99 -12.12
N ARG E 92 -41.29 5.18 -11.20
CA ARG E 92 -41.79 4.08 -10.36
C ARG E 92 -42.39 2.91 -11.14
N ARG E 93 -42.46 1.76 -10.46
CA ARG E 93 -43.19 0.60 -10.99
C ARG E 93 -44.69 0.85 -10.81
N PRO E 94 -45.54 0.09 -11.54
CA PRO E 94 -46.99 0.21 -11.33
C PRO E 94 -47.44 -0.21 -9.92
N GLU E 95 -46.74 -1.17 -9.32
CA GLU E 95 -47.14 -1.74 -8.03
C GLU E 95 -46.92 -0.82 -6.81
N VAL E 96 -46.29 0.34 -7.00
CA VAL E 96 -46.02 1.30 -5.90
C VAL E 96 -46.43 2.74 -6.21
N LEU E 97 -47.29 2.94 -7.21
CA LEU E 97 -47.65 4.30 -7.65
C LEU E 97 -48.63 5.01 -6.71
N ASP E 98 -49.53 4.26 -6.09
CA ASP E 98 -50.53 4.82 -5.18
C ASP E 98 -49.87 5.21 -3.85
N SER E 99 -49.79 6.52 -3.60
CA SER E 99 -49.14 7.06 -2.40
C SER E 99 -49.96 6.92 -1.11
N THR E 100 -51.20 6.42 -1.21
CA THR E 100 -52.01 6.07 -0.05
C THR E 100 -51.92 4.57 0.31
N LYS E 101 -51.04 3.82 -0.36
CA LYS E 101 -51.02 2.36 -0.30
C LYS E 101 -49.70 1.86 0.29
N SER E 102 -49.79 0.91 1.23
CA SER E 102 -48.60 0.26 1.81
C SER E 102 -47.92 -0.63 0.76
N SER E 103 -46.62 -0.41 0.55
CA SER E 103 -45.84 -1.16 -0.44
C SER E 103 -45.59 -2.62 -0.06
N LYS E 104 -45.63 -2.94 1.23
CA LYS E 104 -45.26 -4.27 1.76
C LYS E 104 -45.94 -5.46 1.05
N GLU E 105 -47.19 -5.29 0.66
CA GLU E 105 -47.92 -6.33 -0.08
C GLU E 105 -47.34 -6.58 -1.47
N SER E 106 -46.86 -5.52 -2.14
CA SER E 106 -46.19 -5.64 -3.43
C SER E 106 -44.70 -5.99 -3.35
N SER E 107 -44.05 -5.63 -2.23
CA SER E 107 -42.59 -5.78 -2.06
C SER E 107 -42.04 -7.16 -2.43
N GLU E 108 -42.69 -8.21 -1.92
CA GLU E 108 -42.27 -9.58 -2.19
C GLU E 108 -42.38 -9.95 -3.68
N ALA E 109 -43.40 -9.41 -4.36
CA ALA E 109 -43.57 -9.59 -5.80
C ALA E 109 -42.50 -8.84 -6.59
N ARG E 110 -42.25 -7.58 -6.19
CA ARG E 110 -41.25 -6.73 -6.83
C ARG E 110 -39.84 -7.31 -6.74
N LYS E 111 -39.50 -7.84 -5.56
CA LYS E 111 -38.25 -8.56 -5.36
C LYS E 111 -38.21 -9.84 -6.17
N GLY E 112 -39.27 -10.64 -6.04
CA GLY E 112 -39.41 -11.90 -6.77
C GLY E 112 -39.31 -11.81 -8.27
N PHE E 113 -39.77 -10.70 -8.84
CA PHE E 113 -39.63 -10.45 -10.29
C PHE E 113 -38.18 -10.22 -10.69
N SER E 114 -37.51 -9.30 -10.00
CA SER E 114 -36.11 -8.94 -10.31
C SER E 114 -35.14 -10.09 -10.03
N TYR E 115 -35.28 -10.71 -8.85
CA TYR E 115 -34.43 -11.86 -8.49
C TYR E 115 -34.67 -13.10 -9.37
N LEU E 116 -35.85 -13.20 -9.99
CA LEU E 116 -36.11 -14.24 -10.99
C LEU E 116 -35.25 -14.04 -12.24
N VAL E 117 -35.17 -12.79 -12.71
CA VAL E 117 -34.34 -12.45 -13.88
C VAL E 117 -32.90 -12.91 -13.64
N THR E 118 -32.34 -12.48 -12.50
CA THR E 118 -31.01 -12.87 -12.06
C THR E 118 -30.80 -14.38 -12.06
N ALA E 119 -31.71 -15.10 -11.39
CA ALA E 119 -31.65 -16.57 -11.30
C ALA E 119 -31.74 -17.24 -12.68
N THR E 120 -32.66 -16.77 -13.51
CA THR E 120 -32.82 -17.26 -14.89
C THR E 120 -31.54 -17.06 -15.70
N THR E 121 -30.90 -15.90 -15.52
CA THR E 121 -29.61 -15.62 -16.15
C THR E 121 -28.52 -16.59 -15.69
N THR E 122 -28.44 -16.79 -14.38
CA THR E 122 -27.45 -17.70 -13.78
C THR E 122 -27.64 -19.13 -14.28
N VAL E 123 -28.89 -19.57 -14.40
CA VAL E 123 -29.21 -20.88 -14.98
C VAL E 123 -28.75 -20.97 -16.44
N GLY E 124 -29.04 -19.94 -17.22
CA GLY E 124 -28.65 -19.87 -18.63
C GLY E 124 -27.14 -19.89 -18.86
N VAL E 125 -26.42 -19.19 -17.99
CA VAL E 125 -24.94 -19.21 -18.01
C VAL E 125 -24.42 -20.58 -17.56
N ALA E 126 -25.03 -21.12 -16.50
CA ALA E 126 -24.66 -22.44 -15.96
C ALA E 126 -24.77 -23.54 -17.01
N TYR E 127 -25.79 -23.47 -17.86
CA TYR E 127 -25.93 -24.38 -18.99
C TYR E 127 -24.74 -24.24 -19.95
N ALA E 128 -24.41 -22.99 -20.29
CA ALA E 128 -23.30 -22.72 -21.18
C ALA E 128 -21.96 -23.17 -20.58
N ALA E 129 -21.65 -22.64 -19.40
CA ALA E 129 -20.39 -22.94 -18.68
C ALA E 129 -20.09 -24.43 -18.60
N LYS E 130 -21.13 -25.23 -18.34
CA LYS E 130 -20.99 -26.69 -18.26
C LYS E 130 -20.51 -27.27 -19.59
N ASN E 131 -21.11 -26.81 -20.69
CA ASN E 131 -20.75 -27.28 -22.02
C ASN E 131 -19.35 -26.84 -22.43
N VAL E 132 -19.02 -25.56 -22.22
CA VAL E 132 -17.70 -25.01 -22.58
C VAL E 132 -16.58 -25.80 -21.90
N VAL E 133 -16.72 -25.97 -20.58
CA VAL E 133 -15.74 -26.69 -19.76
C VAL E 133 -15.63 -28.13 -20.23
N SER E 134 -16.78 -28.81 -20.35
CA SER E 134 -16.83 -30.22 -20.78
C SER E 134 -16.13 -30.49 -22.11
N GLN E 135 -16.21 -29.53 -23.03
CA GLN E 135 -15.55 -29.64 -24.35
C GLN E 135 -14.03 -29.59 -24.25
N PHE E 136 -13.54 -28.64 -23.47
CA PHE E 136 -12.09 -28.51 -23.21
C PHE E 136 -11.58 -29.76 -22.50
N VAL E 137 -12.35 -30.24 -21.51
CA VAL E 137 -12.03 -31.50 -20.82
C VAL E 137 -11.97 -32.67 -21.81
N SER E 138 -12.92 -32.72 -22.74
CA SER E 138 -12.97 -33.79 -23.75
C SER E 138 -11.80 -33.77 -24.75
N SER E 139 -11.29 -32.59 -25.10
CA SER E 139 -10.10 -32.49 -25.94
C SER E 139 -8.87 -33.08 -25.25
N MET E 140 -8.77 -32.81 -23.95
CA MET E 140 -7.69 -33.36 -23.13
C MET E 140 -7.81 -34.88 -22.98
N SER E 141 -9.03 -35.41 -23.06
CA SER E 141 -9.27 -36.86 -23.07
C SER E 141 -8.76 -37.52 -24.36
N ALA E 142 -8.92 -38.84 -24.44
CA ALA E 142 -8.39 -39.64 -25.56
C ALA E 142 -9.11 -39.33 -26.88
N SER E 143 -8.32 -39.05 -27.92
CA SER E 143 -8.83 -38.62 -29.23
C SER E 143 -9.47 -39.76 -30.03
N ALA E 144 -9.98 -39.42 -31.22
CA ALA E 144 -10.62 -40.40 -32.10
C ALA E 144 -9.65 -41.42 -32.69
N ASP E 145 -8.50 -40.95 -33.18
CA ASP E 145 -7.50 -41.81 -33.82
C ASP E 145 -6.84 -42.80 -32.86
N VAL E 146 -6.68 -42.41 -31.59
CA VAL E 146 -6.20 -43.35 -30.55
C VAL E 146 -7.30 -44.36 -30.18
N LEU E 147 -8.55 -43.89 -30.05
CA LEU E 147 -9.69 -44.79 -29.77
C LEU E 147 -9.93 -45.79 -30.89
N ALA E 148 -9.65 -45.36 -32.13
CA ALA E 148 -9.79 -46.21 -33.31
C ALA E 148 -8.83 -47.39 -33.28
N MET E 149 -7.54 -47.09 -33.13
CA MET E 149 -6.48 -48.09 -33.26
C MET E 149 -6.06 -48.73 -31.93
N SER E 150 -6.85 -48.58 -30.86
CA SER E 150 -6.51 -49.12 -29.54
C SER E 150 -7.32 -50.38 -29.20
N LYS E 151 -8.63 -50.22 -29.09
CA LYS E 151 -9.53 -51.30 -28.70
C LYS E 151 -9.54 -52.48 -29.68
N ILE E 152 -9.41 -52.17 -30.97
CA ILE E 152 -9.30 -53.20 -32.00
C ILE E 152 -7.91 -53.84 -31.93
N GLU E 153 -7.87 -55.17 -32.14
CA GLU E 153 -6.62 -55.91 -32.18
C GLU E 153 -6.82 -57.19 -32.98
N ILE E 154 -6.62 -57.10 -34.30
CA ILE E 154 -6.94 -58.18 -35.23
C ILE E 154 -5.70 -58.98 -35.68
N LYS E 155 -5.31 -59.97 -34.88
CA LYS E 155 -4.05 -60.68 -35.12
C LYS E 155 -4.19 -62.03 -35.84
N LEU E 156 -3.07 -62.46 -36.42
CA LEU E 156 -3.02 -63.53 -37.42
C LEU E 156 -2.84 -64.90 -36.76
N SER E 157 -2.84 -65.96 -37.58
CA SER E 157 -2.51 -67.33 -37.14
C SER E 157 -1.27 -67.91 -37.82
N ASP E 158 -0.53 -67.08 -38.56
CA ASP E 158 0.59 -67.55 -39.39
C ASP E 158 1.95 -67.42 -38.69
N ILE E 159 1.98 -66.92 -37.45
CA ILE E 159 3.22 -66.65 -36.72
C ILE E 159 3.72 -67.68 -35.66
N PRO E 160 2.82 -68.52 -35.06
CA PRO E 160 3.31 -69.52 -34.07
C PRO E 160 4.08 -70.68 -34.74
N GLU E 161 4.65 -71.66 -34.02
CA GLU E 161 4.42 -72.00 -32.61
C GLU E 161 5.75 -72.17 -31.86
N GLY E 162 5.68 -72.16 -30.53
CA GLY E 162 6.86 -72.31 -29.67
C GLY E 162 7.59 -70.99 -29.54
N LYS E 163 6.85 -69.90 -29.78
CA LYS E 163 7.40 -68.55 -29.78
C LYS E 163 6.29 -67.63 -29.29
N ASN E 164 6.45 -67.11 -28.08
CA ASN E 164 5.56 -66.09 -27.57
C ASN E 164 5.75 -64.81 -28.38
N MET E 165 4.65 -64.12 -28.65
CA MET E 165 4.60 -63.05 -29.65
C MET E 165 4.14 -61.73 -29.03
N ALA E 166 5.08 -60.79 -28.91
CA ALA E 166 4.82 -59.47 -28.31
C ALA E 166 4.29 -58.46 -29.33
N PHE E 167 3.22 -57.75 -28.96
CA PHE E 167 2.62 -56.69 -29.78
C PHE E 167 2.41 -55.43 -28.96
N LYS E 168 2.56 -54.27 -29.62
CA LYS E 168 2.17 -52.99 -29.02
C LYS E 168 0.65 -52.86 -29.14
N TRP E 169 -0.04 -53.15 -28.04
CA TRP E 169 -1.51 -53.05 -27.96
C TRP E 169 -1.88 -52.15 -26.80
N ARG E 170 -2.55 -51.04 -27.10
CA ARG E 170 -2.89 -50.00 -26.11
C ARG E 170 -1.64 -49.42 -25.43
N GLY E 171 -0.51 -49.45 -26.14
CA GLY E 171 0.80 -49.14 -25.56
C GLY E 171 1.45 -50.26 -24.75
N LYS E 172 0.66 -51.23 -24.30
CA LYS E 172 1.15 -52.32 -23.45
C LYS E 172 1.60 -53.47 -24.36
N PRO E 173 2.57 -54.29 -23.89
CA PRO E 173 2.84 -55.56 -24.56
C PRO E 173 1.69 -56.57 -24.47
N LEU E 174 1.25 -57.07 -25.63
CA LEU E 174 0.28 -58.15 -25.71
C LEU E 174 1.01 -59.43 -26.12
N PHE E 175 1.12 -60.36 -25.17
CA PHE E 175 1.78 -61.64 -25.38
C PHE E 175 0.78 -62.71 -25.82
N VAL E 176 0.64 -62.93 -27.14
CA VAL E 176 -0.13 -64.08 -27.64
C VAL E 176 0.82 -65.28 -27.74
N ARG E 177 0.38 -66.43 -27.22
CA ARG E 177 1.22 -67.62 -27.10
C ARG E 177 0.48 -68.88 -27.55
N HIS E 178 0.94 -69.44 -28.67
CA HIS E 178 0.52 -70.79 -29.10
C HIS E 178 1.40 -71.78 -28.34
N ARG E 179 0.77 -72.63 -27.54
CA ARG E 179 1.47 -73.59 -26.69
C ARG E 179 1.44 -74.97 -27.31
N THR E 180 2.56 -75.68 -27.20
CA THR E 180 2.68 -77.02 -27.78
C THR E 180 1.76 -77.99 -27.05
N LYS E 181 1.21 -78.96 -27.80
CA LYS E 181 0.24 -79.94 -27.26
C LYS E 181 0.63 -80.57 -25.92
N LYS E 182 1.93 -80.85 -25.75
CA LYS E 182 2.47 -81.36 -24.49
C LYS E 182 2.50 -80.29 -23.40
N GLU E 183 2.79 -79.05 -23.78
CA GLU E 183 2.78 -77.90 -22.87
C GLU E 183 1.38 -77.44 -22.42
N ILE E 184 0.35 -77.69 -23.24
CA ILE E 184 -1.02 -77.24 -22.91
C ILE E 184 -1.52 -77.98 -21.67
N ASP E 185 -1.57 -79.31 -21.77
CA ASP E 185 -2.03 -80.15 -20.65
C ASP E 185 -0.99 -80.34 -19.53
N GLN E 186 0.24 -79.85 -19.75
CA GLN E 186 1.22 -79.67 -18.66
C GLN E 186 0.68 -78.65 -17.64
N GLU E 187 0.23 -77.50 -18.12
CA GLU E 187 -0.37 -76.47 -17.24
C GLU E 187 -1.72 -76.90 -16.68
N ALA E 188 -2.44 -77.75 -17.41
CA ALA E 188 -3.62 -78.44 -16.86
C ALA E 188 -3.23 -79.44 -15.77
N ALA E 189 -2.09 -80.13 -15.97
CA ALA E 189 -1.55 -81.07 -14.98
C ALA E 189 -1.03 -80.40 -13.69
N VAL E 190 -0.71 -79.10 -13.75
CA VAL E 190 -0.35 -78.33 -12.55
C VAL E 190 -1.58 -78.19 -11.63
N GLU E 191 -1.35 -78.33 -10.32
CA GLU E 191 -2.42 -78.37 -9.33
C GLU E 191 -2.82 -76.96 -8.88
N VAL E 192 -4.09 -76.81 -8.51
CA VAL E 192 -4.75 -75.49 -8.43
C VAL E 192 -4.60 -74.77 -7.09
N SER E 193 -4.61 -75.51 -5.98
CA SER E 193 -4.42 -74.93 -4.64
C SER E 193 -2.96 -74.52 -4.31
N GLN E 194 -2.01 -74.89 -5.17
CA GLN E 194 -0.59 -74.58 -4.96
C GLN E 194 -0.23 -73.12 -5.26
N LEU E 195 -1.01 -72.49 -6.14
CA LEU E 195 -0.69 -71.17 -6.68
C LEU E 195 -1.11 -70.08 -5.70
N ARG E 196 -0.37 -68.98 -5.67
CA ARG E 196 -0.66 -67.84 -4.80
C ARG E 196 -2.06 -67.30 -5.12
N ASP E 197 -2.29 -67.05 -6.40
CA ASP E 197 -3.62 -66.71 -6.91
C ASP E 197 -4.18 -68.00 -7.52
N PRO E 198 -5.12 -68.67 -6.81
CA PRO E 198 -5.56 -70.00 -7.23
C PRO E 198 -6.45 -69.98 -8.48
N GLN E 199 -5.94 -70.60 -9.55
CA GLN E 199 -6.64 -70.66 -10.84
C GLN E 199 -6.17 -71.88 -11.61
N HIS E 200 -7.10 -72.63 -12.18
CA HIS E 200 -6.75 -73.66 -13.16
C HIS E 200 -6.53 -72.97 -14.51
N ASP E 201 -5.74 -73.63 -15.37
CA ASP E 201 -5.44 -73.11 -16.71
C ASP E 201 -6.71 -72.82 -17.54
N LEU E 202 -7.71 -73.69 -17.43
CA LEU E 202 -8.95 -73.54 -18.20
C LEU E 202 -9.72 -72.24 -17.92
N GLU E 203 -9.81 -71.85 -16.65
CA GLU E 203 -10.44 -70.55 -16.28
C GLU E 203 -9.62 -69.29 -16.67
N ARG E 204 -8.51 -69.48 -17.39
CA ARG E 204 -7.70 -68.40 -17.96
C ARG E 204 -7.70 -68.33 -19.50
N VAL E 205 -8.00 -69.46 -20.16
CA VAL E 205 -7.84 -69.58 -21.61
C VAL E 205 -9.17 -69.91 -22.29
N LYS E 206 -9.36 -69.37 -23.50
CA LYS E 206 -10.57 -69.62 -24.30
C LYS E 206 -10.36 -70.70 -25.38
N LYS E 207 -9.14 -70.82 -25.91
CA LYS E 207 -8.73 -71.95 -26.75
C LYS E 207 -7.40 -72.53 -26.25
N PRO E 208 -7.42 -73.77 -25.69
CA PRO E 208 -6.28 -74.40 -25.01
C PRO E 208 -4.90 -74.14 -25.61
N GLU E 209 -4.80 -74.24 -26.93
CA GLU E 209 -3.54 -73.99 -27.64
C GLU E 209 -3.13 -72.51 -27.59
N TRP E 210 -4.08 -71.60 -27.79
CA TRP E 210 -3.82 -70.16 -27.85
C TRP E 210 -4.20 -69.46 -26.55
N VAL E 211 -3.21 -69.24 -25.68
CA VAL E 211 -3.35 -68.34 -24.52
C VAL E 211 -2.74 -66.99 -24.87
N ILE E 212 -3.44 -65.92 -24.48
CA ILE E 212 -2.94 -64.55 -24.67
C ILE E 212 -2.96 -63.80 -23.33
N LEU E 213 -1.98 -62.92 -23.15
CA LEU E 213 -1.75 -62.23 -21.87
C LEU E 213 -1.23 -60.81 -22.09
N ILE E 214 -1.55 -59.92 -21.16
CA ILE E 214 -0.94 -58.59 -21.10
C ILE E 214 0.41 -58.74 -20.41
N GLY E 215 1.49 -58.50 -21.15
CA GLY E 215 2.85 -58.64 -20.65
C GLY E 215 3.29 -57.51 -19.73
N VAL E 216 2.72 -57.50 -18.53
CA VAL E 216 3.04 -56.49 -17.51
C VAL E 216 3.04 -57.20 -16.16
N CYS E 217 4.20 -57.22 -15.49
CA CYS E 217 4.33 -57.80 -14.15
C CYS E 217 3.41 -57.10 -13.15
N THR E 218 2.70 -57.88 -12.34
CA THR E 218 1.70 -57.34 -11.41
C THR E 218 2.28 -56.70 -10.14
N HIS E 219 3.56 -56.93 -9.87
CA HIS E 219 4.25 -56.31 -8.72
C HIS E 219 4.46 -54.81 -8.96
N LEU E 220 5.24 -54.48 -9.97
CA LEU E 220 5.28 -53.12 -10.55
C LEU E 220 5.36 -53.31 -12.07
N GLY E 221 4.92 -52.30 -12.82
CA GLY E 221 4.99 -52.33 -14.27
C GLY E 221 6.41 -52.67 -14.64
N CYS E 222 6.63 -53.90 -15.09
CA CYS E 222 7.90 -54.35 -15.67
C CYS E 222 7.60 -55.45 -16.70
N VAL E 223 8.04 -55.23 -17.94
CA VAL E 223 7.82 -56.18 -19.04
C VAL E 223 8.58 -57.49 -18.79
N PRO E 224 7.86 -58.63 -18.72
CA PRO E 224 8.57 -59.91 -18.62
C PRO E 224 9.21 -60.37 -19.94
N ILE E 225 10.10 -61.36 -19.85
CA ILE E 225 10.71 -62.02 -21.02
C ILE E 225 10.19 -63.46 -21.05
N ALA E 226 9.74 -63.89 -22.23
CA ALA E 226 9.14 -65.22 -22.44
C ALA E 226 10.19 -66.29 -22.75
N ASN E 227 9.76 -67.55 -22.61
CA ASN E 227 10.63 -68.73 -22.70
C ASN E 227 11.86 -68.59 -21.79
N ALA E 228 11.62 -68.09 -20.58
CA ALA E 228 12.67 -67.74 -19.62
C ALA E 228 12.21 -68.03 -18.19
N GLY E 229 13.15 -67.91 -17.26
CA GLY E 229 12.88 -68.18 -15.85
C GLY E 229 12.90 -69.67 -15.54
N ASP E 230 12.15 -70.06 -14.50
CA ASP E 230 12.10 -71.45 -14.04
C ASP E 230 11.15 -72.26 -14.92
N PHE E 231 9.87 -71.89 -14.90
CA PHE E 231 8.83 -72.63 -15.63
C PHE E 231 8.82 -72.27 -17.11
N GLY E 232 7.86 -72.84 -17.85
CA GLY E 232 7.75 -72.66 -19.29
C GLY E 232 7.23 -71.33 -19.81
N GLY E 233 6.68 -70.46 -18.95
CA GLY E 233 6.09 -69.18 -19.38
C GLY E 233 6.98 -67.98 -19.62
N TYR E 234 7.52 -67.40 -18.54
CA TYR E 234 8.23 -66.10 -18.62
C TYR E 234 8.96 -65.76 -17.32
N TYR E 235 9.57 -64.58 -17.29
CA TYR E 235 10.26 -64.06 -16.11
C TYR E 235 10.34 -62.53 -16.11
N CYS E 236 10.35 -61.96 -14.90
CA CYS E 236 10.42 -60.52 -14.71
C CYS E 236 11.82 -60.11 -14.20
N PRO E 237 12.57 -59.31 -14.98
CA PRO E 237 13.91 -58.88 -14.57
C PRO E 237 14.01 -58.03 -13.30
N CYS E 238 13.00 -57.18 -13.07
CA CYS E 238 13.07 -56.14 -12.02
C CYS E 238 13.35 -56.67 -10.60
N HIS E 239 12.54 -57.63 -10.12
CA HIS E 239 12.80 -58.29 -8.81
C HIS E 239 12.57 -59.82 -8.83
N GLY E 240 12.63 -60.43 -10.00
CA GLY E 240 12.59 -61.87 -10.12
C GLY E 240 11.32 -62.62 -9.79
N SER E 241 10.23 -62.17 -10.38
CA SER E 241 8.95 -62.88 -10.33
C SER E 241 8.84 -63.86 -11.51
N HIS E 242 8.73 -65.14 -11.20
CA HIS E 242 8.67 -66.20 -12.22
C HIS E 242 7.23 -66.63 -12.48
N TYR E 243 6.86 -66.71 -13.77
CA TYR E 243 5.52 -67.15 -14.21
C TYR E 243 5.60 -68.47 -14.99
N ASP E 244 4.45 -69.15 -15.09
CA ASP E 244 4.33 -70.39 -15.88
C ASP E 244 3.65 -70.14 -17.24
N ALA E 245 3.57 -71.16 -18.08
CA ALA E 245 3.07 -71.01 -19.47
C ALA E 245 1.62 -70.53 -19.63
N SER E 246 0.80 -70.73 -18.60
CA SER E 246 -0.55 -70.16 -18.54
C SER E 246 -0.60 -68.72 -18.02
N GLY E 247 0.56 -68.16 -17.63
CA GLY E 247 0.66 -66.81 -17.09
C GLY E 247 0.50 -66.71 -15.58
N ARG E 248 0.36 -67.84 -14.89
CA ARG E 248 0.07 -67.84 -13.45
C ARG E 248 1.31 -67.63 -12.61
N ILE E 249 1.17 -66.86 -11.52
CA ILE E 249 2.28 -66.54 -10.62
C ILE E 249 2.65 -67.74 -9.76
N ARG E 250 3.95 -68.04 -9.70
CA ARG E 250 4.50 -69.15 -8.91
C ARG E 250 5.44 -68.63 -7.82
N LYS E 251 6.51 -67.94 -8.24
CA LYS E 251 7.51 -67.40 -7.31
C LYS E 251 7.32 -65.89 -7.10
N GLY E 252 7.58 -65.44 -5.88
CA GLY E 252 7.36 -64.05 -5.48
C GLY E 252 8.37 -63.08 -6.04
N PRO E 253 8.29 -61.79 -5.67
CA PRO E 253 7.32 -61.26 -4.68
C PRO E 253 5.97 -60.80 -5.23
N ALA E 254 5.68 -61.09 -6.51
CA ALA E 254 4.47 -60.57 -7.15
C ALA E 254 3.16 -61.15 -6.58
N PRO E 255 2.10 -60.33 -6.53
CA PRO E 255 0.85 -60.74 -5.88
C PRO E 255 -0.11 -61.63 -6.69
N LEU E 256 -0.31 -61.33 -7.99
CA LEU E 256 -1.40 -61.91 -8.77
C LEU E 256 -0.92 -62.55 -10.07
N ASN E 257 -1.81 -63.30 -10.71
CA ASN E 257 -1.56 -63.88 -12.03
C ASN E 257 -1.58 -62.78 -13.09
N LEU E 258 -0.88 -63.02 -14.20
CA LEU E 258 -0.84 -62.07 -15.33
C LEU E 258 -2.25 -61.80 -15.86
N GLU E 259 -2.53 -60.53 -16.16
CA GLU E 259 -3.86 -60.08 -16.53
C GLU E 259 -4.25 -60.60 -17.92
N VAL E 260 -5.25 -61.49 -17.95
CA VAL E 260 -5.84 -61.95 -19.22
C VAL E 260 -6.80 -60.89 -19.75
N PRO E 261 -6.67 -60.51 -21.04
CA PRO E 261 -7.58 -59.52 -21.61
C PRO E 261 -8.92 -60.14 -22.00
N SER E 262 -9.82 -59.31 -22.52
CA SER E 262 -11.07 -59.78 -23.12
C SER E 262 -10.81 -60.01 -24.61
N TYR E 263 -11.20 -61.19 -25.10
CA TYR E 263 -10.95 -61.54 -26.51
C TYR E 263 -11.89 -62.60 -27.05
N GLU E 264 -12.05 -62.61 -28.37
CA GLU E 264 -12.80 -63.65 -29.09
C GLU E 264 -12.26 -63.85 -30.50
N PHE E 265 -12.57 -65.01 -31.07
CA PHE E 265 -11.94 -65.49 -32.30
C PHE E 265 -12.90 -65.24 -33.46
N THR E 266 -12.47 -64.47 -34.46
CA THR E 266 -13.32 -64.09 -35.58
C THR E 266 -13.58 -65.30 -36.49
N SER E 267 -12.50 -65.87 -36.98
CA SER E 267 -12.52 -67.13 -37.72
C SER E 267 -11.42 -68.01 -37.09
N ASP E 268 -11.13 -69.15 -37.71
CA ASP E 268 -10.02 -70.00 -37.27
C ASP E 268 -8.64 -69.31 -37.30
N ASP E 269 -8.47 -68.32 -38.18
CA ASP E 269 -7.17 -67.65 -38.39
C ASP E 269 -7.03 -66.27 -37.71
N MET E 270 -8.12 -65.52 -37.56
CA MET E 270 -8.07 -64.19 -36.96
C MET E 270 -8.60 -64.20 -35.52
N VAL E 271 -7.92 -63.48 -34.63
CA VAL E 271 -8.33 -63.31 -33.22
C VAL E 271 -8.46 -61.82 -32.91
N ILE E 272 -9.45 -61.45 -32.10
CA ILE E 272 -9.68 -60.06 -31.71
C ILE E 272 -9.64 -59.91 -30.19
N VAL E 273 -8.90 -58.90 -29.73
CA VAL E 273 -8.66 -58.63 -28.31
C VAL E 273 -9.20 -57.24 -27.98
N GLY E 274 -10.25 -57.19 -27.15
CA GLY E 274 -10.90 -55.94 -26.76
C GLY E 274 -12.01 -55.56 -27.73
N TRP F 13 -16.09 41.14 -36.20
CA TRP F 13 -15.90 40.83 -37.66
C TRP F 13 -16.40 39.43 -37.99
N LEU F 14 -15.74 38.42 -37.43
CA LEU F 14 -16.09 37.01 -37.64
C LEU F 14 -16.61 36.37 -36.37
N GLU F 15 -16.99 37.20 -35.38
CA GLU F 15 -17.62 36.73 -34.14
C GLU F 15 -18.72 35.70 -34.41
N GLY F 16 -19.36 35.83 -35.58
CA GLY F 16 -20.33 34.85 -36.05
C GLY F 16 -19.84 33.42 -35.95
N ILE F 17 -18.77 33.11 -36.66
CA ILE F 17 -18.18 31.76 -36.62
C ILE F 17 -17.79 31.40 -35.18
N ARG F 18 -17.28 32.39 -34.47
CA ARG F 18 -17.01 32.26 -33.04
C ARG F 18 -18.32 31.90 -32.34
N LYS F 19 -19.41 32.47 -32.83
CA LYS F 19 -20.71 32.11 -32.33
C LYS F 19 -21.20 30.77 -32.88
N TRP F 20 -20.96 30.53 -34.16
CA TRP F 20 -21.32 29.23 -34.78
C TRP F 20 -20.57 28.09 -34.14
N TYR F 21 -19.24 28.22 -34.02
CA TYR F 21 -18.40 27.20 -33.39
C TYR F 21 -18.80 26.93 -31.94
N TYR F 22 -19.16 27.99 -31.21
CA TYR F 22 -19.62 27.84 -29.84
C TYR F 22 -20.81 26.87 -29.81
N ASN F 23 -21.82 27.17 -30.62
CA ASN F 23 -23.00 26.32 -30.73
C ASN F 23 -22.68 24.93 -31.27
N ALA F 24 -21.76 24.88 -32.24
CA ALA F 24 -21.31 23.61 -32.82
C ALA F 24 -20.46 22.77 -31.84
N ALA F 25 -19.81 23.43 -30.88
CA ALA F 25 -19.02 22.72 -29.86
C ALA F 25 -19.93 21.82 -29.02
N GLY F 26 -21.00 22.40 -28.48
CA GLY F 26 -22.06 21.61 -27.84
C GLY F 26 -22.03 21.51 -26.33
N PHE F 27 -20.95 21.96 -25.69
CA PHE F 27 -20.88 22.03 -24.21
C PHE F 27 -21.96 22.93 -23.59
N ASN F 28 -22.42 23.93 -24.34
CA ASN F 28 -23.55 24.78 -23.93
C ASN F 28 -24.89 24.04 -23.80
N LYS F 29 -25.07 22.96 -24.54
CA LYS F 29 -26.27 22.11 -24.42
C LYS F 29 -26.32 21.35 -23.10
N LEU F 30 -25.14 21.10 -22.53
CA LEU F 30 -25.00 20.49 -21.20
C LEU F 30 -25.05 21.49 -20.04
N GLY F 31 -25.13 22.78 -20.36
CA GLY F 31 -25.12 23.84 -19.35
C GLY F 31 -23.74 24.03 -18.75
N LEU F 32 -22.73 24.03 -19.61
CA LEU F 32 -21.35 24.30 -19.20
C LEU F 32 -20.88 25.59 -19.85
N MET F 33 -20.09 26.37 -19.09
CA MET F 33 -19.36 27.49 -19.66
C MET F 33 -18.04 26.99 -20.22
N ARG F 34 -17.39 27.82 -21.04
CA ARG F 34 -16.13 27.45 -21.71
C ARG F 34 -15.04 26.95 -20.75
N ASP F 35 -14.88 27.66 -19.63
CA ASP F 35 -13.82 27.35 -18.67
C ASP F 35 -14.11 26.15 -17.77
N ASP F 36 -15.32 25.60 -17.84
CA ASP F 36 -15.62 24.30 -17.21
C ASP F 36 -14.97 23.14 -17.98
N THR F 37 -14.79 23.31 -19.29
CA THR F 37 -14.24 22.26 -20.16
C THR F 37 -12.73 22.33 -20.38
N ILE F 38 -12.05 23.31 -19.79
CA ILE F 38 -10.59 23.42 -19.91
C ILE F 38 -9.90 22.18 -19.34
N HIS F 39 -8.90 21.69 -20.06
CA HIS F 39 -8.12 20.52 -19.64
C HIS F 39 -7.27 20.91 -18.44
N GLU F 40 -7.46 20.21 -17.33
CA GLU F 40 -6.66 20.47 -16.12
C GLU F 40 -5.19 20.14 -16.35
N ASN F 41 -4.34 20.92 -15.68
CA ASN F 41 -2.90 20.71 -15.67
C ASN F 41 -2.41 21.34 -14.36
N ASP F 42 -1.13 21.66 -14.22
CA ASP F 42 -0.63 22.31 -13.00
C ASP F 42 -1.11 23.76 -12.84
N ASP F 43 -1.21 24.49 -13.96
CA ASP F 43 -1.67 25.89 -13.95
C ASP F 43 -3.16 26.01 -13.68
N VAL F 44 -3.96 25.23 -14.42
CA VAL F 44 -5.42 25.24 -14.29
C VAL F 44 -5.85 24.77 -12.90
N LYS F 45 -5.32 23.64 -12.45
CA LYS F 45 -5.56 23.14 -11.07
C LYS F 45 -5.32 24.25 -10.04
N GLU F 46 -4.21 24.95 -10.19
CA GLU F 46 -3.83 26.06 -9.31
C GLU F 46 -4.81 27.24 -9.42
N ALA F 47 -5.18 27.60 -10.65
CA ALA F 47 -6.20 28.64 -10.88
C ALA F 47 -7.55 28.26 -10.26
N ILE F 48 -7.94 27.00 -10.43
CA ILE F 48 -9.19 26.46 -9.84
C ILE F 48 -9.13 26.47 -8.30
N ARG F 49 -7.95 26.20 -7.75
CA ARG F 49 -7.75 26.27 -6.29
C ARG F 49 -7.87 27.71 -5.77
N ARG F 50 -7.36 28.67 -6.54
CA ARG F 50 -7.47 30.10 -6.20
C ARG F 50 -8.88 30.67 -6.28
N LEU F 51 -9.80 30.01 -7.01
CA LEU F 51 -11.18 30.48 -7.14
C LEU F 51 -11.86 30.66 -5.79
N PRO F 52 -12.66 31.74 -5.64
CA PRO F 52 -13.43 31.92 -4.41
C PRO F 52 -14.60 30.93 -4.32
N GLU F 53 -15.08 30.71 -3.09
CA GLU F 53 -16.06 29.66 -2.77
C GLU F 53 -17.22 29.56 -3.76
N ASN F 54 -17.79 30.70 -4.13
CA ASN F 54 -18.96 30.75 -5.02
C ASN F 54 -18.70 30.19 -6.42
N LEU F 55 -17.63 30.64 -7.08
CA LEU F 55 -17.31 30.21 -8.44
C LEU F 55 -16.84 28.76 -8.50
N TYR F 56 -16.14 28.32 -7.45
CA TYR F 56 -15.74 26.92 -7.31
C TYR F 56 -16.96 26.02 -7.13
N ASN F 57 -17.79 26.31 -6.13
CA ASN F 57 -19.00 25.51 -5.85
C ASN F 57 -20.02 25.53 -6.99
N ASP F 58 -20.01 26.59 -7.81
CA ASP F 58 -20.84 26.65 -9.01
C ASP F 58 -20.31 25.73 -10.10
N ARG F 59 -19.03 25.84 -10.46
CA ARG F 59 -18.43 24.97 -11.50
C ARG F 59 -18.53 23.49 -11.11
N VAL F 60 -18.42 23.22 -9.81
CA VAL F 60 -18.66 21.89 -9.25
C VAL F 60 -20.03 21.36 -9.71
N PHE F 61 -21.07 22.14 -9.48
CA PHE F 61 -22.44 21.71 -9.85
C PHE F 61 -22.66 21.68 -11.36
N ARG F 62 -22.16 22.69 -12.07
CA ARG F 62 -22.26 22.75 -13.54
C ARG F 62 -21.64 21.50 -14.18
N ILE F 63 -20.48 21.11 -13.69
CA ILE F 63 -19.80 19.89 -14.12
C ILE F 63 -20.53 18.64 -13.63
N LYS F 64 -20.95 18.64 -12.37
CA LYS F 64 -21.68 17.50 -11.79
C LYS F 64 -22.98 17.21 -12.51
N ARG F 65 -23.66 18.26 -12.96
CA ARG F 65 -24.89 18.15 -13.74
C ARG F 65 -24.60 17.73 -15.19
N ALA F 66 -23.53 18.27 -15.78
CA ALA F 66 -23.15 17.96 -17.16
C ALA F 66 -22.71 16.51 -17.33
N LEU F 67 -22.02 15.96 -16.34
CA LEU F 67 -21.67 14.54 -16.32
C LEU F 67 -22.91 13.66 -16.19
N ASP F 68 -23.82 14.06 -15.29
CA ASP F 68 -25.11 13.36 -15.12
C ASP F 68 -25.95 13.34 -16.41
N LEU F 69 -25.88 14.44 -17.16
CA LEU F 69 -26.48 14.50 -18.50
C LEU F 69 -25.76 13.54 -19.46
N SER F 70 -24.43 13.59 -19.46
CA SER F 70 -23.59 12.75 -20.33
C SER F 70 -23.77 11.25 -20.07
N MET F 71 -24.06 10.90 -18.82
CA MET F 71 -24.42 9.52 -18.45
C MET F 71 -25.70 9.07 -19.16
N ARG F 72 -26.75 9.90 -19.02
CA ARG F 72 -28.06 9.59 -19.59
C ARG F 72 -28.18 9.83 -21.10
N GLN F 73 -27.10 10.36 -21.72
CA GLN F 73 -27.01 10.61 -23.17
C GLN F 73 -28.01 11.69 -23.63
N GLN F 74 -28.27 12.65 -22.74
CA GLN F 74 -29.24 13.72 -22.99
C GLN F 74 -28.61 15.10 -22.84
N ILE F 75 -29.39 16.12 -23.20
CA ILE F 75 -29.00 17.53 -23.04
C ILE F 75 -30.14 18.29 -22.38
N LEU F 76 -29.87 19.53 -21.98
CA LEU F 76 -30.87 20.38 -21.34
C LEU F 76 -31.93 20.88 -22.34
N PRO F 77 -33.10 21.33 -21.83
CA PRO F 77 -34.04 22.10 -22.65
C PRO F 77 -33.42 23.36 -23.23
N LYS F 78 -33.88 23.75 -24.42
CA LYS F 78 -33.20 24.77 -25.26
C LYS F 78 -32.97 26.13 -24.59
N GLU F 79 -33.88 26.54 -23.71
CA GLU F 79 -33.73 27.80 -22.96
C GLU F 79 -32.60 27.74 -21.93
N GLN F 80 -32.41 26.57 -21.32
CA GLN F 80 -31.35 26.37 -20.32
C GLN F 80 -29.93 26.27 -20.90
N TRP F 81 -29.80 26.22 -22.24
CA TRP F 81 -28.51 26.17 -22.90
C TRP F 81 -27.71 27.45 -22.61
N THR F 82 -26.38 27.31 -22.50
CA THR F 82 -25.51 28.45 -22.22
C THR F 82 -25.43 29.36 -23.44
N LYS F 83 -25.44 30.67 -23.20
CA LYS F 83 -25.46 31.67 -24.28
C LYS F 83 -24.06 32.21 -24.54
N TYR F 84 -23.69 32.28 -25.83
CA TYR F 84 -22.42 32.86 -26.27
C TYR F 84 -22.17 34.27 -25.70
N GLU F 85 -23.23 35.07 -25.62
CA GLU F 85 -23.15 36.40 -25.00
C GLU F 85 -23.02 36.34 -23.48
N GLU F 86 -23.76 35.43 -22.84
CA GLU F 86 -23.73 35.27 -21.37
C GLU F 86 -22.77 34.16 -20.88
N ASP F 87 -21.74 33.86 -21.67
CA ASP F 87 -20.72 32.88 -21.31
C ASP F 87 -19.55 33.59 -20.62
N LYS F 88 -19.61 33.62 -19.28
CA LYS F 88 -18.60 34.32 -18.47
C LYS F 88 -17.28 33.54 -18.41
N SER F 89 -16.17 34.27 -18.58
CA SER F 89 -14.83 33.70 -18.52
C SER F 89 -14.28 33.80 -17.10
N TYR F 90 -14.92 33.06 -16.19
CA TYR F 90 -14.63 33.13 -14.74
C TYR F 90 -13.19 32.73 -14.37
N LEU F 91 -12.63 31.75 -15.07
CA LEU F 91 -11.31 31.20 -14.72
C LEU F 91 -10.11 32.00 -15.25
N GLU F 92 -10.28 32.70 -16.38
CA GLU F 92 -9.15 33.36 -17.07
C GLU F 92 -8.25 34.29 -16.21
N PRO F 93 -8.83 35.31 -15.55
CA PRO F 93 -7.99 36.28 -14.82
C PRO F 93 -7.04 35.65 -13.80
N TYR F 94 -7.47 34.55 -13.17
CA TYR F 94 -6.63 33.79 -12.25
C TYR F 94 -5.55 33.02 -13.01
N LEU F 95 -5.98 32.26 -14.02
CA LEU F 95 -5.09 31.43 -14.84
C LEU F 95 -4.00 32.23 -15.56
N LYS F 96 -4.34 33.46 -15.97
CA LYS F 96 -3.36 34.39 -16.55
C LYS F 96 -2.26 34.73 -15.55
N GLU F 97 -2.67 35.00 -14.30
CA GLU F 97 -1.72 35.34 -13.24
C GLU F 97 -0.82 34.17 -12.84
N VAL F 98 -1.41 32.98 -12.74
CA VAL F 98 -0.65 31.75 -12.45
C VAL F 98 0.41 31.50 -13.53
N ILE F 99 -0.01 31.62 -14.79
CA ILE F 99 0.90 31.48 -15.94
C ILE F 99 1.99 32.56 -15.93
N ARG F 100 1.61 33.80 -15.64
CA ARG F 100 2.57 34.91 -15.62
C ARG F 100 3.60 34.77 -14.49
N GLU F 101 3.15 34.27 -13.35
CA GLU F 101 4.05 33.97 -12.22
C GLU F 101 5.00 32.81 -12.52
N ARG F 102 4.50 31.78 -13.20
CA ARG F 102 5.35 30.66 -13.64
C ARG F 102 6.38 31.11 -14.67
N LYS F 103 5.95 31.92 -15.63
CA LYS F 103 6.85 32.53 -16.62
C LYS F 103 7.94 33.38 -15.95
N GLU F 104 7.55 34.16 -14.93
CA GLU F 104 8.49 34.95 -14.14
C GLU F 104 9.51 34.06 -13.41
N ARG F 105 9.04 33.00 -12.76
CA ARG F 105 9.91 32.03 -12.09
C ARG F 105 10.89 31.37 -13.06
N GLU F 106 10.42 31.07 -14.27
CA GLU F 106 11.26 30.51 -15.33
C GLU F 106 12.26 31.53 -15.89
N GLU F 107 11.81 32.76 -16.10
CA GLU F 107 12.70 33.86 -16.53
C GLU F 107 13.74 34.24 -15.48
N TRP F 108 13.39 34.11 -14.20
CA TRP F 108 14.35 34.32 -13.11
C TRP F 108 15.31 33.14 -12.99
N ALA F 109 14.78 31.93 -13.13
CA ALA F 109 15.59 30.70 -13.16
C ALA F 109 16.55 30.62 -14.36
N LYS F 110 16.19 31.28 -15.46
CA LYS F 110 17.03 31.39 -16.66
C LYS F 110 18.39 32.02 -16.34
N LYS F 111 18.36 33.15 -15.63
CA LYS F 111 19.60 33.82 -15.19
C LYS F 111 20.25 33.01 -14.10
N GLY G 2 -6.67 11.71 -5.07
CA GLY G 2 -7.63 11.24 -4.05
C GLY G 2 -7.72 9.75 -3.95
N ARG G 3 -8.19 9.12 -5.03
CA ARG G 3 -8.26 7.66 -5.15
C ARG G 3 -9.33 7.08 -4.24
N GLN G 4 -9.25 7.30 -2.94
CA GLN G 4 -10.18 6.69 -2.00
C GLN G 4 -11.46 7.54 -2.02
N PHE G 5 -12.58 6.91 -1.66
CA PHE G 5 -13.82 7.66 -1.49
C PHE G 5 -13.65 8.37 -0.17
N GLY G 6 -13.70 9.70 -0.20
CA GLY G 6 -13.45 10.53 0.98
C GLY G 6 -12.30 11.50 0.77
N HIS G 7 -11.34 11.14 -0.08
CA HIS G 7 -10.21 12.00 -0.43
C HIS G 7 -10.19 12.46 -1.91
N LEU G 8 -11.30 12.27 -2.63
CA LEU G 8 -11.38 12.64 -4.05
C LEU G 8 -11.37 14.15 -4.28
N THR G 9 -12.40 14.86 -3.82
CA THR G 9 -12.48 16.32 -4.00
C THR G 9 -13.48 16.99 -3.07
N ARG G 10 -13.43 18.32 -3.06
CA ARG G 10 -14.30 19.16 -2.25
C ARG G 10 -15.60 19.49 -3.00
N VAL G 11 -16.72 18.92 -2.54
CA VAL G 11 -18.05 19.18 -3.11
C VAL G 11 -18.92 19.80 -2.02
N ARG G 12 -19.62 20.89 -2.34
CA ARG G 12 -20.47 21.58 -1.36
C ARG G 12 -21.83 21.97 -1.93
N HIS G 13 -22.84 21.91 -1.05
CA HIS G 13 -24.20 22.40 -1.30
C HIS G 13 -25.00 21.66 -2.39
N VAL G 14 -24.63 20.41 -2.66
CA VAL G 14 -25.33 19.59 -3.65
C VAL G 14 -26.20 18.58 -2.91
N ILE G 15 -27.36 18.24 -3.48
CA ILE G 15 -28.24 17.21 -2.95
C ILE G 15 -28.62 16.23 -4.07
N THR G 16 -28.42 14.93 -3.80
CA THR G 16 -28.71 13.87 -4.76
C THR G 16 -29.87 13.03 -4.22
N TYR G 17 -31.02 13.08 -4.92
CA TYR G 17 -32.17 12.23 -4.60
C TYR G 17 -32.10 10.97 -5.46
N SER G 18 -32.13 9.81 -4.80
CA SER G 18 -32.07 8.52 -5.48
C SER G 18 -33.24 7.64 -5.05
N LEU G 19 -33.38 6.51 -5.72
CA LEU G 19 -34.49 5.59 -5.49
C LEU G 19 -34.03 4.14 -5.65
N SER G 20 -34.54 3.26 -4.79
CA SER G 20 -34.18 1.84 -4.81
C SER G 20 -34.54 1.21 -6.15
N PRO G 21 -33.68 0.31 -6.66
CA PRO G 21 -33.96 -0.34 -7.96
C PRO G 21 -35.17 -1.27 -7.93
N PHE G 22 -35.52 -1.78 -6.74
CA PHE G 22 -36.73 -2.58 -6.56
C PHE G 22 -37.98 -1.71 -6.54
N GLU G 23 -37.87 -0.51 -5.95
CA GLU G 23 -38.97 0.47 -5.95
C GLU G 23 -39.29 1.03 -7.33
N GLN G 24 -38.26 1.23 -8.16
CA GLN G 24 -38.43 1.84 -9.49
C GLN G 24 -38.36 0.83 -10.63
N ARG G 25 -38.67 1.29 -11.83
CA ARG G 25 -38.69 0.44 -13.02
C ARG G 25 -37.31 0.32 -13.66
N ALA G 26 -37.09 -0.79 -14.36
CA ALA G 26 -35.84 -1.02 -15.10
C ALA G 26 -35.81 -0.34 -16.48
N PHE G 27 -36.91 -0.45 -17.24
CA PHE G 27 -37.04 0.15 -18.56
C PHE G 27 -38.13 1.23 -18.63
N PRO G 28 -37.90 2.38 -17.96
CA PRO G 28 -38.92 3.45 -17.96
C PRO G 28 -38.94 4.26 -19.26
N HIS G 29 -40.03 4.17 -20.01
CA HIS G 29 -40.24 4.91 -21.26
C HIS G 29 -39.08 4.69 -22.25
N TYR G 30 -38.88 3.41 -22.58
CA TYR G 30 -37.76 2.97 -23.42
C TYR G 30 -37.96 3.35 -24.89
N PHE G 31 -39.01 2.80 -25.51
CA PHE G 31 -39.37 3.17 -26.89
C PHE G 31 -40.03 4.55 -26.97
N SER G 32 -40.74 4.95 -25.91
CA SER G 32 -41.40 6.25 -25.86
C SER G 32 -40.41 7.41 -25.97
N LYS G 33 -39.54 7.58 -24.96
CA LYS G 33 -38.56 8.68 -24.94
C LYS G 33 -37.24 8.36 -25.64
N GLY G 34 -36.91 7.08 -25.76
CA GLY G 34 -35.60 6.67 -26.28
C GLY G 34 -35.40 6.89 -27.76
N ILE G 35 -36.31 6.35 -28.58
CA ILE G 35 -36.17 6.39 -30.05
C ILE G 35 -35.99 7.82 -30.58
N PRO G 36 -36.74 8.81 -30.03
CA PRO G 36 -36.46 10.22 -30.33
C PRO G 36 -35.06 10.68 -29.89
N ASN G 37 -34.65 10.30 -28.68
CA ASN G 37 -33.33 10.64 -28.15
C ASN G 37 -32.21 10.01 -28.98
N VAL G 38 -32.41 8.76 -29.39
CA VAL G 38 -31.49 8.05 -30.28
C VAL G 38 -31.37 8.79 -31.61
N LEU G 39 -32.50 9.16 -32.18
CA LEU G 39 -32.54 9.93 -33.43
C LEU G 39 -31.82 11.26 -33.30
N ARG G 40 -32.12 12.01 -32.24
CA ARG G 40 -31.44 13.29 -31.96
C ARG G 40 -29.92 13.16 -31.93
N ARG G 41 -29.44 12.13 -31.22
CA ARG G 41 -28.01 11.80 -31.15
C ARG G 41 -27.42 11.46 -32.52
N THR G 42 -28.19 10.72 -33.32
CA THR G 42 -27.80 10.39 -34.70
C THR G 42 -27.68 11.66 -35.55
N ARG G 43 -28.60 12.61 -35.38
CA ARG G 43 -28.58 13.86 -36.16
C ARG G 43 -27.38 14.73 -35.75
N ALA G 44 -27.07 14.73 -34.47
CA ALA G 44 -25.90 15.46 -33.93
C ALA G 44 -24.59 14.98 -34.57
N CYS G 45 -24.35 13.67 -34.55
CA CYS G 45 -23.09 13.11 -35.03
C CYS G 45 -22.97 12.94 -36.55
N ILE G 46 -24.05 12.47 -37.20
CA ILE G 46 -24.03 12.05 -38.63
C ILE G 46 -23.17 12.91 -39.57
N LEU G 47 -23.32 14.23 -39.46
CA LEU G 47 -22.60 15.18 -40.33
C LEU G 47 -21.07 15.12 -40.17
N ARG G 48 -20.63 14.84 -38.95
CA ARG G 48 -19.21 14.69 -38.64
C ARG G 48 -18.67 13.29 -38.98
N VAL G 49 -19.51 12.27 -38.78
CA VAL G 49 -19.10 10.87 -38.84
C VAL G 49 -19.17 10.29 -40.27
N ALA G 50 -20.30 10.50 -40.94
CA ALA G 50 -20.63 9.79 -42.18
C ALA G 50 -19.82 10.15 -43.44
N PRO G 51 -19.62 11.46 -43.74
CA PRO G 51 -19.03 11.85 -45.05
C PRO G 51 -17.67 11.21 -45.42
N PRO G 52 -16.78 11.00 -44.43
CA PRO G 52 -15.58 10.22 -44.73
C PRO G 52 -15.85 8.77 -45.18
N PHE G 53 -16.80 8.09 -44.55
CA PHE G 53 -17.19 6.73 -44.96
C PHE G 53 -17.92 6.70 -46.30
N VAL G 54 -18.69 7.75 -46.60
CA VAL G 54 -19.27 7.94 -47.93
C VAL G 54 -18.14 8.10 -48.95
N ALA G 55 -17.21 9.01 -48.66
CA ALA G 55 -16.02 9.23 -49.51
C ALA G 55 -15.18 7.96 -49.71
N PHE G 56 -15.09 7.13 -48.66
CA PHE G 56 -14.47 5.80 -48.79
C PHE G 56 -15.24 4.94 -49.78
N TYR G 57 -16.57 4.88 -49.62
CA TYR G 57 -17.43 4.10 -50.52
C TYR G 57 -17.32 4.55 -51.98
N LEU G 58 -17.22 5.86 -52.21
CA LEU G 58 -17.05 6.40 -53.56
C LEU G 58 -15.71 5.99 -54.17
N VAL G 59 -14.64 6.18 -53.41
CA VAL G 59 -13.29 5.77 -53.83
C VAL G 59 -13.19 4.23 -53.96
N TYR G 60 -13.91 3.50 -53.10
CA TYR G 60 -13.93 2.03 -53.14
C TYR G 60 -14.53 1.50 -54.45
N THR G 61 -15.79 1.86 -54.69
CA THR G 61 -16.51 1.39 -55.89
C THR G 61 -15.82 1.88 -57.17
N TRP G 62 -15.44 3.16 -57.21
CA TRP G 62 -14.69 3.72 -58.34
C TRP G 62 -13.40 2.96 -58.62
N GLY G 63 -12.63 2.71 -57.56
CA GLY G 63 -11.33 2.04 -57.68
C GLY G 63 -11.46 0.61 -58.15
N THR G 64 -12.48 -0.08 -57.65
CA THR G 64 -12.81 -1.44 -58.10
C THR G 64 -13.35 -1.43 -59.53
N GLN G 65 -14.22 -0.47 -59.84
CA GLN G 65 -14.72 -0.24 -61.21
C GLN G 65 -13.59 -0.02 -62.20
N GLU G 66 -12.70 0.91 -61.86
CA GLU G 66 -11.54 1.24 -62.70
C GLU G 66 -10.52 0.09 -62.79
N PHE G 67 -10.43 -0.72 -61.72
CA PHE G 67 -9.62 -1.94 -61.76
C PHE G 67 -10.18 -2.97 -62.74
N GLU G 68 -11.50 -3.14 -62.75
CA GLU G 68 -12.17 -4.05 -63.69
C GLU G 68 -12.11 -3.56 -65.14
N LYS G 69 -12.21 -2.24 -65.33
CA LYS G 69 -12.01 -1.63 -66.66
C LYS G 69 -10.62 -1.92 -67.21
N SER G 70 -9.60 -1.68 -66.40
CA SER G 70 -8.20 -1.90 -66.80
C SER G 70 -7.83 -3.37 -66.99
N LYS G 71 -8.49 -4.27 -66.23
CA LYS G 71 -8.32 -5.73 -66.37
C LYS G 71 -8.73 -6.26 -67.75
N ARG G 72 -9.87 -5.79 -68.28
CA ARG G 72 -10.37 -6.36 -69.56
C ARG G 72 -9.67 -5.79 -70.80
N LYS G 73 -9.93 -6.41 -71.96
CA LYS G 73 -9.36 -5.95 -73.24
C LYS G 73 -9.77 -4.53 -73.63
N ASN G 74 -9.06 -4.00 -74.61
CA ASN G 74 -9.31 -2.68 -75.18
C ASN G 74 -9.17 -2.80 -76.69
N PRO G 75 -9.19 -1.68 -77.43
CA PRO G 75 -8.81 -1.69 -78.84
C PRO G 75 -7.37 -1.20 -79.09
N LEU H 26 -29.64 -41.43 -71.94
CA LEU H 26 -30.28 -40.60 -70.93
C LEU H 26 -30.01 -39.12 -71.19
N VAL H 27 -30.46 -38.27 -70.26
CA VAL H 27 -30.27 -36.82 -70.39
C VAL H 27 -29.88 -36.20 -69.05
N ASP H 28 -29.00 -35.20 -69.12
CA ASP H 28 -28.62 -34.37 -67.99
C ASP H 28 -29.46 -33.08 -68.05
N PRO H 29 -30.18 -32.75 -66.95
CA PRO H 29 -30.89 -31.46 -66.86
C PRO H 29 -30.03 -30.23 -67.18
N LEU H 30 -28.74 -30.30 -66.88
CA LEU H 30 -27.74 -29.31 -67.28
C LEU H 30 -27.91 -28.82 -68.72
N THR H 31 -27.95 -29.77 -69.65
CA THR H 31 -28.05 -29.46 -71.09
C THR H 31 -29.40 -28.84 -71.50
N THR H 32 -30.46 -29.15 -70.75
CA THR H 32 -31.76 -28.50 -70.93
C THR H 32 -31.71 -27.07 -70.42
N VAL H 33 -31.30 -26.91 -69.15
CA VAL H 33 -31.30 -25.62 -68.46
C VAL H 33 -30.30 -24.63 -69.10
N ARG H 34 -29.18 -25.15 -69.60
CA ARG H 34 -28.21 -24.32 -70.33
C ARG H 34 -28.80 -23.73 -71.61
N GLU H 35 -29.51 -24.53 -72.38
CA GLU H 35 -30.16 -24.07 -73.61
C GLU H 35 -31.34 -23.13 -73.32
N GLN H 36 -32.06 -23.39 -72.23
CA GLN H 36 -33.10 -22.47 -71.72
C GLN H 36 -32.52 -21.10 -71.34
N CYS H 37 -31.39 -21.11 -70.64
CA CYS H 37 -30.74 -19.87 -70.20
C CYS H 37 -30.05 -19.12 -71.33
N GLU H 38 -29.53 -19.86 -72.31
CA GLU H 38 -28.97 -19.27 -73.54
C GLU H 38 -29.96 -18.42 -74.35
N GLN H 39 -31.26 -18.60 -74.09
CA GLN H 39 -32.32 -17.77 -74.67
C GLN H 39 -32.22 -16.28 -74.31
N LEU H 40 -31.86 -15.99 -73.06
CA LEU H 40 -31.92 -14.62 -72.52
C LEU H 40 -31.11 -13.58 -73.30
N GLU H 41 -31.54 -12.33 -73.21
CA GLU H 41 -31.04 -11.22 -74.04
C GLU H 41 -29.54 -10.97 -73.86
N LYS H 42 -29.11 -10.82 -72.61
CA LYS H 42 -27.69 -10.64 -72.27
C LYS H 42 -26.80 -11.82 -72.70
N CYS H 43 -27.36 -13.03 -72.67
CA CYS H 43 -26.65 -14.22 -73.13
C CYS H 43 -26.43 -14.18 -74.64
N VAL H 44 -27.51 -13.97 -75.40
CA VAL H 44 -27.41 -13.85 -76.85
C VAL H 44 -26.64 -12.59 -77.31
N LYS H 45 -26.69 -11.52 -76.52
CA LYS H 45 -25.90 -10.32 -76.82
C LYS H 45 -24.39 -10.52 -76.62
N ALA H 46 -24.01 -11.31 -75.60
CA ALA H 46 -22.61 -11.70 -75.39
C ALA H 46 -22.16 -12.69 -76.48
N ARG H 47 -23.08 -13.60 -76.81
CA ARG H 47 -22.95 -14.56 -77.91
C ARG H 47 -22.78 -13.87 -79.28
N GLU H 48 -23.48 -12.75 -79.46
CA GLU H 48 -23.30 -11.88 -80.64
C GLU H 48 -21.87 -11.34 -80.74
N ARG H 49 -21.38 -10.76 -79.64
CA ARG H 49 -20.00 -10.25 -79.56
C ARG H 49 -18.95 -11.36 -79.65
N LEU H 50 -19.26 -12.55 -79.13
CA LEU H 50 -18.38 -13.71 -79.24
C LEU H 50 -18.23 -14.15 -80.70
N GLU H 51 -19.37 -14.32 -81.38
CA GLU H 51 -19.37 -14.62 -82.83
C GLU H 51 -18.66 -13.53 -83.63
N LEU H 52 -18.96 -12.28 -83.28
CA LEU H 52 -18.32 -11.11 -83.89
C LEU H 52 -16.80 -11.09 -83.68
N CYS H 53 -16.34 -11.60 -82.53
CA CYS H 53 -14.92 -11.82 -82.26
C CYS H 53 -14.35 -12.99 -83.05
N ASP H 54 -15.08 -14.10 -83.07
CA ASP H 54 -14.65 -15.32 -83.78
C ASP H 54 -14.27 -15.03 -85.23
N GLU H 55 -15.15 -14.33 -85.92
CA GLU H 55 -14.91 -13.90 -87.30
C GLU H 55 -13.75 -12.89 -87.41
N ARG H 56 -13.61 -12.00 -86.43
CA ARG H 56 -12.47 -11.07 -86.37
C ARG H 56 -11.15 -11.82 -86.33
N VAL H 57 -11.00 -12.71 -85.35
CA VAL H 57 -9.76 -13.48 -85.17
C VAL H 57 -9.52 -14.44 -86.34
N SER H 58 -10.60 -15.02 -86.87
CA SER H 58 -10.53 -15.89 -88.05
C SER H 58 -10.10 -15.13 -89.31
N SER H 59 -10.75 -13.99 -89.56
CA SER H 59 -10.43 -13.16 -90.72
C SER H 59 -9.05 -12.50 -90.65
N ARG H 60 -8.51 -12.33 -89.43
CA ARG H 60 -7.14 -11.81 -89.25
C ARG H 60 -6.10 -12.78 -89.83
N SER H 61 -5.02 -12.22 -90.38
CA SER H 61 -3.96 -13.02 -91.00
C SER H 61 -3.21 -13.82 -89.95
N GLN H 62 -2.54 -13.11 -89.04
CA GLN H 62 -1.95 -13.73 -87.85
C GLN H 62 -1.94 -12.70 -86.71
N THR H 63 -2.49 -13.10 -85.56
CA THR H 63 -2.68 -12.20 -84.43
C THR H 63 -2.26 -12.90 -83.14
N GLU H 64 -2.15 -12.11 -82.07
CA GLU H 64 -1.81 -12.62 -80.74
C GLU H 64 -3.02 -12.50 -79.81
N GLU H 65 -4.22 -12.56 -80.39
CA GLU H 65 -5.46 -12.22 -79.71
C GLU H 65 -6.39 -13.42 -79.67
N ASP H 66 -7.26 -13.45 -78.66
CA ASP H 66 -8.25 -14.52 -78.48
C ASP H 66 -9.62 -13.96 -78.11
N CYS H 67 -10.62 -14.83 -78.12
CA CYS H 67 -11.99 -14.47 -77.75
C CYS H 67 -12.42 -15.10 -76.42
N THR H 68 -11.49 -15.14 -75.45
CA THR H 68 -11.76 -15.75 -74.15
C THR H 68 -12.71 -14.84 -73.35
N GLU H 69 -12.35 -13.56 -73.26
CA GLU H 69 -13.17 -12.56 -72.57
C GLU H 69 -14.66 -12.68 -72.84
N GLU H 70 -15.01 -12.80 -74.12
CA GLU H 70 -16.41 -12.79 -74.57
C GLU H 70 -17.11 -14.11 -74.26
N LEU H 71 -16.36 -15.21 -74.37
CA LEU H 71 -16.83 -16.51 -73.89
C LEU H 71 -17.11 -16.48 -72.39
N LEU H 72 -16.23 -15.83 -71.63
CA LEU H 72 -16.38 -15.70 -70.17
C LEU H 72 -17.55 -14.77 -69.80
N ASP H 73 -17.76 -13.71 -70.58
CA ASP H 73 -18.93 -12.84 -70.44
C ASP H 73 -20.22 -13.64 -70.66
N PHE H 74 -20.23 -14.40 -71.76
CA PHE H 74 -21.35 -15.27 -72.12
C PHE H 74 -21.63 -16.32 -71.03
N LEU H 75 -20.60 -17.09 -70.69
CA LEU H 75 -20.71 -18.14 -69.67
C LEU H 75 -21.13 -17.62 -68.30
N HIS H 76 -20.63 -16.44 -67.93
CA HIS H 76 -21.00 -15.81 -66.66
C HIS H 76 -22.49 -15.44 -66.61
N ALA H 77 -22.98 -14.87 -67.71
CA ALA H 77 -24.40 -14.55 -67.86
C ALA H 77 -25.27 -15.80 -67.90
N ARG H 78 -24.78 -16.84 -68.57
CA ARG H 78 -25.50 -18.11 -68.69
C ARG H 78 -25.54 -18.85 -67.35
N ASP H 79 -24.38 -19.16 -66.80
CA ASP H 79 -24.27 -20.00 -65.61
C ASP H 79 -24.86 -19.39 -64.33
N HIS H 80 -25.00 -18.06 -64.30
CA HIS H 80 -25.79 -17.39 -63.28
C HIS H 80 -27.22 -17.92 -63.33
N CYS H 81 -27.81 -17.88 -64.53
CA CYS H 81 -29.15 -18.42 -64.79
C CYS H 81 -29.24 -19.95 -64.59
N VAL H 82 -28.19 -20.67 -64.99
CA VAL H 82 -28.15 -22.13 -64.80
C VAL H 82 -28.30 -22.49 -63.33
N ALA H 83 -27.48 -21.85 -62.49
CA ALA H 83 -27.51 -22.06 -61.04
C ALA H 83 -28.86 -21.75 -60.40
N HIS H 84 -29.57 -20.76 -60.93
CA HIS H 84 -30.93 -20.43 -60.45
C HIS H 84 -31.91 -21.62 -60.50
N LYS H 85 -31.79 -22.49 -61.50
CA LYS H 85 -32.76 -23.59 -61.69
C LYS H 85 -32.21 -24.98 -62.10
N LEU H 86 -30.89 -25.17 -62.08
CA LEU H 86 -30.29 -26.49 -62.37
C LEU H 86 -30.57 -27.46 -61.23
N PHE H 87 -30.28 -27.03 -60.01
CA PHE H 87 -30.44 -27.87 -58.82
C PHE H 87 -31.90 -28.26 -58.52
N ASN H 88 -32.86 -27.53 -59.07
CA ASN H 88 -34.28 -27.95 -59.07
C ASN H 88 -34.50 -29.35 -59.66
N SER H 89 -33.77 -29.67 -60.72
CA SER H 89 -33.86 -30.99 -61.37
C SER H 89 -33.08 -32.08 -60.63
N LEU H 90 -31.97 -31.71 -60.01
CA LEU H 90 -31.10 -32.64 -59.30
C LEU H 90 -31.59 -32.87 -57.87
N LYS H 91 -31.01 -33.88 -57.22
CA LYS H 91 -31.36 -34.23 -55.83
C LYS H 91 -30.12 -34.53 -54.98
N VAL I 49 -29.61 30.93 21.42
CA VAL I 49 -28.66 30.63 20.30
C VAL I 49 -28.67 31.75 19.25
N LEU I 50 -29.80 31.92 18.60
CA LEU I 50 -29.95 32.93 17.54
C LEU I 50 -30.92 34.03 17.95
N CYS I 51 -32.18 33.68 18.25
CA CYS I 51 -33.17 34.67 18.73
C CYS I 51 -33.27 34.66 20.26
N ARG I 52 -34.23 35.39 20.81
CA ARG I 52 -34.42 35.49 22.26
C ARG I 52 -35.16 34.31 22.86
N GLU I 53 -36.07 33.69 22.10
CA GLU I 53 -36.87 32.58 22.62
C GLU I 53 -36.02 31.38 23.03
N SER I 54 -35.21 30.87 22.12
CA SER I 54 -34.32 29.74 22.40
C SER I 54 -33.21 30.08 23.40
N LEU I 55 -32.73 31.32 23.34
CA LEU I 55 -31.68 31.81 24.24
C LEU I 55 -32.08 31.84 25.72
N ARG I 56 -33.39 31.84 26.00
CA ARG I 56 -33.90 31.72 27.37
C ARG I 56 -33.55 30.36 27.98
N GLY I 57 -33.14 30.36 29.25
CA GLY I 57 -32.87 29.13 29.99
C GLY I 57 -31.42 28.66 29.92
N GLN I 58 -30.79 29.39 29.15
CA GLN I 58 -29.43 28.92 29.04
C GLN I 58 -28.71 29.45 30.28
N ALA I 59 -28.93 30.67 30.69
CA ALA I 59 -28.29 31.25 31.86
C ALA I 59 -28.28 30.26 33.04
N ALA I 60 -27.17 30.27 33.79
CA ALA I 60 -26.88 29.25 34.82
C ALA I 60 -28.00 29.06 35.86
N GLY I 61 -28.70 27.93 35.76
CA GLY I 61 -29.75 27.58 36.72
C GLY I 61 -29.24 27.15 38.09
N ARG I 62 -28.05 26.57 38.13
CA ARG I 62 -27.41 26.13 39.37
C ARG I 62 -25.92 25.83 39.13
N PRO I 63 -25.12 25.65 40.20
CA PRO I 63 -23.70 25.36 39.98
C PRO I 63 -23.55 24.05 39.22
N LEU I 64 -22.67 24.03 38.22
CA LEU I 64 -22.55 22.89 37.33
C LEU I 64 -22.16 21.61 38.07
N VAL I 65 -22.66 20.50 37.55
CA VAL I 65 -22.52 19.18 38.16
C VAL I 65 -22.20 18.18 37.05
N ALA I 66 -20.95 17.68 37.04
CA ALA I 66 -20.46 16.82 35.98
C ALA I 66 -20.82 15.37 36.31
N SER I 67 -21.50 14.71 35.38
CA SER I 67 -21.86 13.31 35.52
C SER I 67 -21.22 12.50 34.41
N VAL I 68 -20.51 11.44 34.78
CA VAL I 68 -19.94 10.47 33.83
C VAL I 68 -20.49 9.10 34.22
N SER I 69 -20.58 8.20 33.25
CA SER I 69 -21.13 6.86 33.50
C SER I 69 -20.54 5.76 32.61
N LEU I 70 -20.94 4.53 32.92
CA LEU I 70 -20.63 3.35 32.12
C LEU I 70 -21.51 3.32 30.88
N ASN I 71 -22.83 3.45 31.08
CA ASN I 71 -23.81 3.42 29.99
C ASN I 71 -24.21 4.82 29.49
N VAL I 72 -24.68 5.68 30.39
CA VAL I 72 -25.29 6.96 30.00
C VAL I 72 -24.22 7.96 29.50
N PRO I 73 -24.56 8.79 28.48
CA PRO I 73 -23.64 9.86 28.04
C PRO I 73 -23.27 10.85 29.14
N ALA I 74 -22.04 11.36 29.10
CA ALA I 74 -21.56 12.31 30.11
C ALA I 74 -22.26 13.65 29.93
N SER I 75 -22.86 14.14 31.03
CA SER I 75 -23.64 15.38 31.02
C SER I 75 -23.09 16.40 32.02
N VAL I 76 -23.51 17.65 31.84
CA VAL I 76 -23.20 18.76 32.77
C VAL I 76 -24.51 19.43 33.20
N ARG I 77 -25.08 18.96 34.30
CA ARG I 77 -26.38 19.42 34.77
C ARG I 77 -26.30 20.77 35.45
N TYR I 78 -27.14 21.71 35.02
CA TYR I 78 -27.22 23.06 35.59
C TYR I 78 -25.86 23.76 35.57
N THR J 5 -49.41 -13.52 -4.45
CA THR J 5 -49.37 -13.33 -5.92
C THR J 5 -48.63 -14.50 -6.59
N LEU J 6 -48.25 -14.34 -7.86
CA LEU J 6 -47.53 -15.37 -8.61
C LEU J 6 -46.04 -15.35 -8.27
N THR J 7 -45.39 -14.21 -8.51
CA THR J 7 -43.93 -14.10 -8.36
C THR J 7 -43.49 -14.00 -6.90
N ALA J 8 -44.30 -13.33 -6.07
CA ALA J 8 -44.03 -13.23 -4.63
C ALA J 8 -44.01 -14.60 -3.93
N ARG J 9 -44.86 -15.50 -4.41
CA ARG J 9 -44.91 -16.87 -3.89
C ARG J 9 -43.61 -17.63 -4.15
N LEU J 10 -42.95 -17.33 -5.28
CA LEU J 10 -41.61 -17.83 -5.56
C LEU J 10 -40.59 -17.22 -4.58
N TYR J 11 -40.57 -15.89 -4.49
CA TYR J 11 -39.65 -15.19 -3.58
C TYR J 11 -39.73 -15.73 -2.16
N SER J 12 -40.95 -15.70 -1.60
CA SER J 12 -41.21 -16.03 -0.20
C SER J 12 -40.62 -17.36 0.24
N LEU J 13 -40.88 -18.42 -0.53
CA LEU J 13 -40.48 -19.77 -0.16
C LEU J 13 -39.29 -20.34 -0.94
N LEU J 14 -39.11 -19.93 -2.20
CA LEU J 14 -38.06 -20.52 -3.06
C LEU J 14 -36.72 -19.76 -3.01
N PHE J 15 -36.73 -18.45 -3.25
CA PHE J 15 -35.47 -17.67 -3.22
C PHE J 15 -35.52 -16.32 -2.48
N ARG J 16 -35.75 -16.41 -1.17
CA ARG J 16 -35.48 -15.31 -0.24
C ARG J 16 -34.09 -15.52 0.35
N ARG J 17 -33.87 -16.71 0.93
CA ARG J 17 -32.56 -17.14 1.37
C ARG J 17 -31.64 -17.29 0.17
N THR J 18 -30.36 -17.00 0.36
CA THR J 18 -29.35 -17.30 -0.68
C THR J 18 -29.02 -18.80 -0.68
N SER J 19 -29.29 -19.49 0.42
CA SER J 19 -29.11 -20.95 0.52
C SER J 19 -29.97 -21.70 -0.50
N THR J 20 -31.26 -21.41 -0.51
CA THR J 20 -32.20 -22.05 -1.44
C THR J 20 -32.12 -21.47 -2.86
N PHE J 21 -31.79 -20.18 -2.97
CA PHE J 21 -31.50 -19.53 -4.26
C PHE J 21 -30.64 -20.41 -5.17
N ALA J 22 -29.54 -20.90 -4.61
CA ALA J 22 -28.60 -21.75 -5.33
C ALA J 22 -29.18 -23.13 -5.65
N LEU J 23 -29.89 -23.71 -4.69
CA LEU J 23 -30.57 -25.00 -4.89
C LEU J 23 -31.60 -24.93 -6.03
N THR J 24 -32.29 -23.80 -6.12
CA THR J 24 -33.22 -23.52 -7.21
C THR J 24 -32.49 -23.43 -8.55
N ILE J 25 -31.43 -22.64 -8.61
CA ILE J 25 -30.62 -22.47 -9.81
C ILE J 25 -30.05 -23.81 -10.29
N VAL J 26 -29.43 -24.55 -9.37
CA VAL J 26 -28.82 -25.84 -9.70
C VAL J 26 -29.85 -26.81 -10.29
N VAL J 27 -30.96 -27.00 -9.59
CA VAL J 27 -32.03 -27.92 -10.02
C VAL J 27 -32.71 -27.42 -11.29
N GLY J 28 -32.97 -26.11 -11.34
CA GLY J 28 -33.50 -25.46 -12.53
C GLY J 28 -32.60 -25.61 -13.74
N ALA J 29 -31.29 -25.47 -13.52
CA ALA J 29 -30.29 -25.66 -14.58
C ALA J 29 -30.20 -27.12 -15.02
N LEU J 30 -30.30 -28.04 -14.06
CA LEU J 30 -30.34 -29.48 -14.32
C LEU J 30 -31.50 -29.83 -15.27
N PHE J 31 -32.69 -29.29 -14.97
CA PHE J 31 -33.87 -29.48 -15.82
C PHE J 31 -33.78 -28.70 -17.13
N PHE J 32 -33.34 -27.46 -17.07
CA PHE J 32 -33.18 -26.62 -18.26
C PHE J 32 -32.30 -27.29 -19.32
N GLU J 33 -31.20 -27.88 -18.88
CA GLU J 33 -30.29 -28.59 -19.80
C GLU J 33 -31.02 -29.69 -20.57
N ARG J 34 -31.74 -30.54 -19.85
CA ARG J 34 -32.53 -31.61 -20.49
C ARG J 34 -33.58 -31.00 -21.44
N ALA J 35 -34.32 -30.01 -20.95
CA ALA J 35 -35.39 -29.37 -21.72
C ALA J 35 -34.89 -28.68 -22.98
N PHE J 36 -33.90 -27.79 -22.82
CA PHE J 36 -33.40 -26.98 -23.94
C PHE J 36 -32.72 -27.82 -25.03
N ASP J 37 -31.75 -28.64 -24.64
CA ASP J 37 -31.03 -29.53 -25.57
C ASP J 37 -32.02 -30.34 -26.40
N GLN J 38 -32.91 -31.04 -25.72
CA GLN J 38 -33.96 -31.85 -26.34
C GLN J 38 -34.81 -31.06 -27.34
N GLY J 39 -35.21 -29.85 -26.94
CA GLY J 39 -36.00 -28.96 -27.80
C GLY J 39 -35.24 -28.46 -29.01
N ALA J 40 -34.06 -27.87 -28.77
CA ALA J 40 -33.22 -27.34 -29.85
C ALA J 40 -32.64 -28.42 -30.77
N ASP J 41 -32.43 -29.62 -30.24
CA ASP J 41 -32.08 -30.80 -31.07
C ASP J 41 -33.21 -31.09 -32.05
N ALA J 42 -34.41 -31.24 -31.51
CA ALA J 42 -35.62 -31.53 -32.30
C ALA J 42 -35.93 -30.44 -33.34
N ILE J 43 -35.69 -29.18 -32.97
CA ILE J 43 -35.85 -28.05 -33.89
C ILE J 43 -34.85 -28.15 -35.04
N TYR J 44 -33.58 -28.38 -34.71
CA TYR J 44 -32.52 -28.58 -35.71
C TYR J 44 -32.78 -29.81 -36.61
N GLU J 45 -33.29 -30.88 -36.00
CA GLU J 45 -33.60 -32.12 -36.72
C GLU J 45 -34.82 -32.00 -37.63
N HIS J 46 -35.81 -31.20 -37.21
CA HIS J 46 -36.96 -30.87 -38.06
C HIS J 46 -36.57 -29.89 -39.18
N ILE J 47 -35.74 -28.89 -38.84
CA ILE J 47 -35.13 -27.99 -39.83
C ILE J 47 -34.44 -28.79 -40.94
N ASN J 48 -33.64 -29.76 -40.52
CA ASN J 48 -32.87 -30.62 -41.42
C ASN J 48 -33.46 -32.02 -41.46
N GLU J 49 -34.64 -32.13 -42.05
CA GLU J 49 -35.39 -33.38 -42.09
C GLU J 49 -34.86 -34.29 -43.18
N GLY J 50 -34.68 -35.57 -42.85
CA GLY J 50 -34.20 -36.58 -43.80
C GLY J 50 -32.73 -36.56 -44.21
N LYS J 51 -32.00 -35.50 -43.87
CA LYS J 51 -30.63 -35.29 -44.36
C LYS J 51 -29.55 -35.84 -43.43
N LEU J 52 -29.85 -35.95 -42.14
CA LEU J 52 -28.91 -36.46 -41.14
C LEU J 52 -28.85 -37.98 -41.16
N TRP J 53 -27.89 -38.56 -40.45
CA TRP J 53 -27.69 -40.01 -40.42
C TRP J 53 -28.84 -40.75 -39.74
N LYS J 54 -29.27 -40.25 -38.58
CA LYS J 54 -30.36 -40.88 -37.81
C LYS J 54 -31.67 -41.05 -38.60
N HIS J 55 -31.91 -40.17 -39.56
CA HIS J 55 -33.07 -40.26 -40.45
C HIS J 55 -32.92 -41.35 -41.51
N ILE J 56 -31.69 -41.52 -42.03
CA ILE J 56 -31.39 -42.54 -43.06
C ILE J 56 -30.59 -43.74 -42.54
N LYS J 57 -30.68 -44.01 -41.23
CA LYS J 57 -29.92 -45.09 -40.58
C LYS J 57 -30.62 -46.45 -40.75
N HIS J 58 -31.93 -46.45 -40.49
CA HIS J 58 -32.79 -47.64 -40.72
C HIS J 58 -32.62 -48.21 -42.14
N LYS J 59 -32.36 -47.31 -43.09
CA LYS J 59 -32.09 -47.62 -44.50
C LYS J 59 -31.05 -48.75 -44.70
N TYR J 60 -29.87 -48.57 -44.10
CA TYR J 60 -28.70 -49.41 -44.36
C TYR J 60 -28.34 -50.31 -43.17
N GLU J 61 -29.37 -50.84 -42.51
CA GLU J 61 -29.19 -51.57 -41.25
C GLU J 61 -30.39 -52.49 -40.96
N ASN J 62 -30.21 -53.79 -41.25
CA ASN J 62 -31.22 -54.80 -40.95
C ASN J 62 -31.18 -55.29 -39.49
N LYS J 63 -30.26 -54.77 -38.68
CA LYS J 63 -30.09 -55.18 -37.29
C LYS J 63 -30.78 -54.20 -36.34
N ARG K 1 26.63 22.88 -20.73
CA ARG K 1 27.71 23.56 -19.95
C ARG K 1 28.65 22.54 -19.29
N ASN K 2 28.20 21.92 -18.20
CA ASN K 2 29.04 21.04 -17.37
C ASN K 2 28.90 19.56 -17.74
N TRP K 3 27.76 19.18 -18.33
CA TRP K 3 27.51 17.81 -18.76
C TRP K 3 28.07 17.49 -20.16
N VAL K 4 28.76 18.45 -20.80
CA VAL K 4 29.41 18.21 -22.11
C VAL K 4 30.62 17.24 -22.03
N PRO K 5 31.56 17.44 -21.07
CA PRO K 5 32.62 16.44 -20.91
C PRO K 5 32.15 15.09 -20.35
N THR K 6 31.12 15.12 -19.50
CA THR K 6 30.51 13.91 -18.95
C THR K 6 29.79 13.10 -20.05
N ALA K 7 28.91 13.77 -20.79
CA ALA K 7 28.17 13.13 -21.89
C ALA K 7 29.06 12.66 -23.03
N GLN K 8 30.19 13.35 -23.25
CA GLN K 8 31.21 12.91 -24.21
C GLN K 8 31.91 11.64 -23.70
N LEU K 9 32.25 11.62 -22.42
CA LEU K 9 32.90 10.46 -21.80
C LEU K 9 31.95 9.25 -21.77
N TRP K 10 30.69 9.48 -21.41
CA TRP K 10 29.65 8.44 -21.50
C TRP K 10 29.35 8.04 -22.95
N GLY K 11 29.47 9.00 -23.87
CA GLY K 11 29.39 8.73 -25.30
C GLY K 11 30.50 7.80 -25.78
N ALA K 12 31.69 7.99 -25.23
CA ALA K 12 32.82 7.07 -25.48
C ALA K 12 32.59 5.72 -24.82
N VAL K 13 32.16 5.72 -23.55
CA VAL K 13 31.87 4.48 -22.80
C VAL K 13 30.86 3.60 -23.54
N GLY K 14 29.77 4.22 -24.00
CA GLY K 14 28.75 3.54 -24.79
C GLY K 14 29.27 3.04 -26.12
N ALA K 15 30.08 3.86 -26.79
CA ALA K 15 30.64 3.53 -28.10
C ALA K 15 31.46 2.25 -28.04
N VAL K 16 32.51 2.23 -27.22
CA VAL K 16 33.36 1.03 -27.14
C VAL K 16 32.50 -0.19 -26.78
N GLY K 17 31.47 0.01 -25.96
CA GLY K 17 30.52 -1.04 -25.61
C GLY K 17 29.94 -1.84 -26.78
N LEU K 18 29.43 -1.11 -27.77
CA LEU K 18 28.94 -1.75 -29.01
C LEU K 18 30.05 -2.54 -29.73
N VAL K 19 31.27 -2.12 -29.49
CA VAL K 19 32.45 -2.88 -29.84
C VAL K 19 32.66 -4.02 -28.85
N SER K 20 32.26 -3.82 -27.61
CA SER K 20 32.50 -4.78 -26.53
C SER K 20 31.96 -6.19 -26.82
N ALA K 21 30.65 -6.33 -26.95
CA ALA K 21 30.03 -7.62 -27.31
C ALA K 21 30.08 -7.82 -28.83
N THR K 22 30.00 -6.75 -29.58
CA THR K 22 30.01 -6.78 -31.04
C THR K 22 30.63 -5.50 -31.55
N ALA L 1 30.04 57.90 -3.38
CA ALA L 1 30.92 56.77 -2.93
C ALA L 1 30.27 55.41 -3.16
N THR L 2 31.10 54.38 -3.29
CA THR L 2 30.66 53.00 -3.52
C THR L 2 31.19 52.04 -2.45
N TYR L 3 30.68 50.81 -2.47
CA TYR L 3 31.09 49.74 -1.56
C TYR L 3 32.61 49.49 -1.60
N ALA L 4 33.19 49.45 -2.80
CA ALA L 4 34.63 49.26 -2.98
C ALA L 4 35.48 50.39 -2.36
N GLN L 5 34.94 51.61 -2.37
CA GLN L 5 35.60 52.77 -1.77
C GLN L 5 35.47 52.73 -0.26
N ALA L 6 34.26 52.43 0.22
CA ALA L 6 33.97 52.30 1.66
C ALA L 6 34.91 51.32 2.36
N LEU L 7 35.15 50.17 1.72
CA LEU L 7 36.10 49.18 2.23
C LEU L 7 37.49 49.78 2.41
N GLN L 8 37.94 50.54 1.40
CA GLN L 8 39.25 51.18 1.43
C GLN L 8 39.35 52.30 2.47
N SER L 9 38.26 53.06 2.63
CA SER L 9 38.21 54.15 3.62
C SER L 9 37.97 53.70 5.08
N VAL L 10 37.67 52.42 5.29
CA VAL L 10 37.50 51.86 6.64
C VAL L 10 38.79 52.04 7.47
N PRO L 11 38.67 52.37 8.78
CA PRO L 11 39.83 52.53 9.65
C PRO L 11 40.77 51.33 9.67
N GLU L 12 42.06 51.57 9.41
CA GLU L 12 43.05 50.51 9.34
C GLU L 12 43.47 50.08 10.75
N THR L 13 43.39 48.78 11.02
CA THR L 13 43.79 48.20 12.30
C THR L 13 45.30 48.29 12.46
N GLN L 14 45.75 48.50 13.70
CA GLN L 14 47.17 48.69 14.01
C GLN L 14 47.60 47.82 15.17
N VAL L 15 48.81 47.26 15.06
CA VAL L 15 49.34 46.26 16.00
C VAL L 15 50.74 46.63 16.45
N SER L 16 51.00 46.54 17.75
CA SER L 16 52.34 46.68 18.33
C SER L 16 52.65 45.47 19.19
N GLN L 17 53.93 45.24 19.48
CA GLN L 17 54.35 44.08 20.26
C GLN L 17 55.33 44.46 21.37
N LEU L 18 55.04 44.01 22.59
CA LEU L 18 55.91 44.24 23.75
C LEU L 18 57.15 43.34 23.68
N ASP L 19 58.19 43.75 24.40
CA ASP L 19 59.44 42.98 24.49
C ASP L 19 59.25 41.61 25.13
N ASN L 20 58.35 41.52 26.11
CA ASN L 20 58.06 40.25 26.80
C ASN L 20 57.26 39.24 25.98
N GLY L 21 56.69 39.66 24.85
CA GLY L 21 56.06 38.75 23.89
C GLY L 21 54.65 39.10 23.45
N LEU L 22 53.93 39.86 24.28
CA LEU L 22 52.51 40.17 24.05
C LEU L 22 52.31 41.02 22.79
N ARG L 23 51.33 40.61 21.98
CA ARG L 23 50.85 41.43 20.85
C ARG L 23 49.71 42.32 21.33
N VAL L 24 49.70 43.57 20.87
CA VAL L 24 48.72 44.56 21.29
C VAL L 24 48.13 45.19 20.03
N ALA L 25 46.81 45.09 19.86
CA ALA L 25 46.14 45.53 18.63
C ALA L 25 44.95 46.43 18.93
N SER L 26 44.61 47.29 17.96
CA SER L 26 43.59 48.32 18.14
C SER L 26 42.91 48.76 16.85
N GLU L 27 41.62 49.11 16.96
CA GLU L 27 40.81 49.66 15.87
C GLU L 27 40.17 50.95 16.38
N GLN L 28 40.59 52.10 15.83
CA GLN L 28 40.08 53.40 16.28
C GLN L 28 38.83 53.83 15.52
N SER L 29 37.89 54.42 16.25
CA SER L 29 36.65 54.95 15.68
C SER L 29 36.25 56.24 16.39
N SER L 30 35.10 56.81 16.00
CA SER L 30 34.59 58.03 16.60
C SER L 30 33.49 57.78 17.64
N GLN L 31 33.31 56.55 18.07
CA GLN L 31 32.34 56.20 19.09
C GLN L 31 32.87 56.48 20.49
N PRO L 32 31.98 56.64 21.47
CA PRO L 32 32.39 56.88 22.87
C PRO L 32 32.61 55.66 23.77
N THR L 33 31.87 54.57 23.54
CA THR L 33 32.12 53.31 24.24
C THR L 33 33.13 52.50 23.43
N CYS L 34 33.64 51.45 24.04
CA CYS L 34 34.67 50.61 23.42
C CYS L 34 34.66 49.21 24.02
N THR L 35 35.23 48.26 23.28
CA THR L 35 35.50 46.92 23.82
C THR L 35 37.00 46.70 23.82
N VAL L 36 37.50 46.13 24.92
CA VAL L 36 38.91 45.81 25.08
C VAL L 36 39.00 44.47 25.79
N GLY L 37 39.97 43.65 25.39
CA GLY L 37 40.07 42.31 25.93
C GLY L 37 41.37 41.57 25.65
N VAL L 38 41.40 40.33 26.11
CA VAL L 38 42.58 39.47 26.05
C VAL L 38 42.18 38.16 25.38
N TRP L 39 42.87 37.80 24.30
CA TRP L 39 42.65 36.53 23.60
C TRP L 39 43.86 35.62 23.76
N ILE L 40 43.61 34.34 23.98
CA ILE L 40 44.63 33.36 24.38
C ILE L 40 44.49 32.11 23.51
N ASP L 41 45.62 31.61 23.00
CA ASP L 41 45.65 30.29 22.34
C ASP L 41 45.62 29.19 23.42
N ALA L 42 44.42 28.95 23.93
CA ALA L 42 44.20 27.99 25.02
C ALA L 42 42.78 27.43 24.93
N GLY L 43 42.61 26.17 25.35
CA GLY L 43 41.30 25.52 25.29
C GLY L 43 41.40 24.00 25.31
N SER L 44 40.38 23.35 24.74
CA SER L 44 40.26 21.89 24.78
C SER L 44 41.33 21.15 23.97
N ARG L 45 41.71 21.70 22.81
CA ARG L 45 42.74 21.09 21.97
C ARG L 45 44.11 21.04 22.65
N TYR L 46 44.40 22.06 23.47
CA TYR L 46 45.63 22.10 24.26
C TYR L 46 45.55 21.21 25.50
N GLU L 47 44.35 21.02 26.05
CA GLU L 47 44.12 20.12 27.20
C GLU L 47 44.40 18.66 26.85
N SER L 48 44.56 17.84 27.89
CA SER L 48 44.86 16.42 27.75
C SER L 48 43.85 15.58 28.54
N GLU L 49 44.01 14.27 28.48
CA GLU L 49 43.04 13.33 29.06
C GLU L 49 42.99 13.40 30.59
N LYS L 50 44.09 13.84 31.20
CA LYS L 50 44.16 14.11 32.64
C LYS L 50 43.37 15.37 32.98
N ASN L 51 43.76 16.50 32.37
CA ASN L 51 43.29 17.83 32.75
C ASN L 51 42.23 18.43 31.80
N ASN L 52 41.39 17.57 31.22
CA ASN L 52 40.27 18.02 30.39
C ASN L 52 39.23 18.70 31.29
N GLY L 53 38.87 19.94 30.96
CA GLY L 53 37.99 20.78 31.77
C GLY L 53 38.68 21.90 32.54
N ALA L 54 40.00 22.01 32.38
CA ALA L 54 40.80 23.04 33.08
C ALA L 54 40.46 24.44 32.59
N GLY L 55 40.52 24.63 31.27
CA GLY L 55 40.14 25.90 30.64
C GLY L 55 38.76 26.40 31.00
N TYR L 56 37.83 25.48 31.24
CA TYR L 56 36.47 25.83 31.62
C TYR L 56 36.41 26.31 33.06
N PHE L 57 37.04 25.56 33.97
CA PHE L 57 37.11 25.94 35.39
C PHE L 57 37.72 27.31 35.55
N VAL L 58 38.86 27.50 34.89
CA VAL L 58 39.61 28.73 34.95
C VAL L 58 38.70 29.89 34.53
N GLU L 59 37.95 29.69 33.46
CA GLU L 59 36.95 30.65 33.04
C GLU L 59 35.90 30.85 34.11
N HIS L 60 35.43 29.76 34.73
CA HIS L 60 34.49 29.83 35.87
C HIS L 60 35.03 30.62 37.07
N LEU L 61 36.27 30.37 37.42
CA LEU L 61 36.94 31.02 38.56
C LEU L 61 37.50 32.41 38.26
N ALA L 62 37.75 32.71 36.98
CA ALA L 62 38.42 33.96 36.54
C ALA L 62 37.89 35.25 37.18
N PHE L 63 36.57 35.41 37.15
CA PHE L 63 35.92 36.66 37.54
C PHE L 63 35.57 36.73 39.02
N LYS L 64 35.86 35.65 39.73
CA LYS L 64 35.80 35.64 41.19
C LYS L 64 37.12 36.24 41.65
N GLY L 65 37.11 36.81 42.85
CA GLY L 65 38.17 37.70 43.34
C GLY L 65 39.61 37.38 42.96
N THR L 66 40.32 38.40 42.45
CA THR L 66 41.74 38.27 42.13
C THR L 66 42.56 38.38 43.42
N LYS L 67 43.86 38.17 43.33
CA LYS L 67 44.74 38.21 44.50
C LYS L 67 44.80 39.58 45.17
N ASN L 68 44.69 40.66 44.38
CA ASN L 68 44.68 42.04 44.90
C ASN L 68 43.28 42.65 45.04
N ARG L 69 42.26 42.02 44.44
CA ARG L 69 40.86 42.45 44.58
C ARG L 69 40.00 41.22 44.90
N PRO L 70 39.77 40.94 46.21
CA PRO L 70 39.22 39.64 46.63
C PRO L 70 37.70 39.49 46.52
N GLY L 71 37.24 38.24 46.62
CA GLY L 71 35.82 37.89 46.64
C GLY L 71 35.02 38.40 45.44
N ASN L 72 34.17 39.39 45.69
CA ASN L 72 33.37 40.03 44.64
C ASN L 72 33.67 41.54 44.58
N ALA L 73 34.93 41.90 44.82
CA ALA L 73 35.38 43.29 44.72
C ALA L 73 35.55 43.67 43.26
N LEU L 74 36.20 42.80 42.49
CA LEU L 74 36.30 42.93 41.04
C LEU L 74 34.92 43.07 40.40
N GLU L 75 34.00 42.20 40.81
CA GLU L 75 32.61 42.20 40.33
C GLU L 75 31.91 43.53 40.65
N LYS L 76 32.01 43.97 41.89
CA LYS L 76 31.45 45.27 42.31
C LYS L 76 32.07 46.46 41.56
N GLU L 77 33.38 46.41 41.36
CA GLU L 77 34.12 47.51 40.72
C GLU L 77 33.80 47.66 39.23
N VAL L 78 33.67 46.53 38.54
CA VAL L 78 33.27 46.51 37.13
C VAL L 78 31.82 46.96 36.96
N GLU L 79 30.93 46.45 37.81
CA GLU L 79 29.50 46.79 37.77
C GLU L 79 29.24 48.27 38.08
N SER L 80 29.86 48.76 39.15
CA SER L 80 29.66 50.15 39.60
C SER L 80 30.21 51.21 38.63
N MET L 81 31.17 50.83 37.78
CA MET L 81 31.75 51.76 36.81
C MET L 81 30.99 51.79 35.49
N GLY L 82 29.84 51.11 35.42
CA GLY L 82 28.97 51.15 34.24
C GLY L 82 29.57 50.47 33.02
N ALA L 83 29.88 49.19 33.17
CA ALA L 83 30.53 48.41 32.12
C ALA L 83 30.13 46.93 32.21
N HIS L 84 30.52 46.16 31.21
CA HIS L 84 30.23 44.73 31.15
C HIS L 84 31.52 43.95 31.09
N LEU L 85 31.52 42.77 31.71
CA LEU L 85 32.67 41.86 31.71
C LEU L 85 32.18 40.50 31.21
N ASN L 86 32.95 39.88 30.32
CA ASN L 86 32.52 38.64 29.66
C ASN L 86 33.69 37.74 29.28
N ALA L 87 33.37 36.45 29.07
CA ALA L 87 34.37 35.42 28.79
C ALA L 87 33.79 34.27 27.99
N TYR L 88 34.68 33.51 27.35
CA TYR L 88 34.31 32.22 26.75
C TYR L 88 35.52 31.30 26.53
N SER L 89 35.23 30.05 26.20
CA SER L 89 36.24 29.06 25.86
C SER L 89 35.83 28.29 24.60
N THR L 90 36.57 28.51 23.52
CA THR L 90 36.50 27.69 22.32
C THR L 90 37.48 26.53 22.51
N ARG L 91 37.35 25.49 21.70
CA ARG L 91 38.32 24.37 21.68
C ARG L 91 39.77 24.82 21.45
N GLU L 92 39.96 25.90 20.68
CA GLU L 92 41.29 26.46 20.38
C GLU L 92 41.58 27.88 20.92
N HIS L 93 40.59 28.54 21.50
CA HIS L 93 40.69 29.96 21.89
C HIS L 93 39.89 30.29 23.16
N THR L 94 40.61 30.59 24.24
CA THR L 94 40.00 31.16 25.45
C THR L 94 40.15 32.67 25.38
N ALA L 95 39.19 33.40 25.93
CA ALA L 95 39.21 34.86 25.86
C ALA L 95 38.37 35.53 26.95
N TYR L 96 38.94 36.56 27.57
CA TYR L 96 38.24 37.46 28.49
C TYR L 96 38.25 38.85 27.88
N TYR L 97 37.15 39.58 28.04
CA TYR L 97 37.05 40.94 27.51
C TYR L 97 36.06 41.80 28.27
N ILE L 98 36.33 43.11 28.28
CA ILE L 98 35.50 44.11 28.93
C ILE L 98 34.93 45.07 27.89
N LYS L 99 33.61 45.25 27.94
CA LYS L 99 32.92 46.29 27.19
C LYS L 99 32.71 47.46 28.16
N ALA L 100 33.13 48.65 27.75
CA ALA L 100 33.15 49.81 28.65
C ALA L 100 33.08 51.14 27.89
N LEU L 101 33.06 52.23 28.65
CA LEU L 101 33.22 53.57 28.10
C LEU L 101 34.69 53.76 27.71
N SER L 102 34.95 54.57 26.67
CA SER L 102 36.33 54.88 26.25
C SER L 102 37.15 55.54 27.35
N LYS L 103 36.50 56.45 28.08
CA LYS L 103 37.01 57.04 29.32
C LYS L 103 37.58 55.99 30.30
N ASP L 104 36.86 54.88 30.43
CA ASP L 104 37.22 53.81 31.38
C ASP L 104 38.33 52.85 30.91
N LEU L 105 38.94 53.12 29.75
CA LEU L 105 39.96 52.23 29.15
C LEU L 105 41.12 51.80 30.06
N PRO L 106 41.76 52.76 30.79
CA PRO L 106 42.87 52.37 31.67
C PRO L 106 42.53 51.34 32.76
N LYS L 107 41.39 51.55 33.43
CA LYS L 107 40.93 50.64 34.47
C LYS L 107 40.57 49.27 33.90
N ALA L 108 39.89 49.26 32.75
CA ALA L 108 39.54 48.03 32.04
C ALA L 108 40.76 47.17 31.73
N VAL L 109 41.80 47.79 31.16
CA VAL L 109 43.06 47.10 30.83
C VAL L 109 43.74 46.57 32.10
N GLU L 110 43.67 47.33 33.18
CA GLU L 110 44.24 46.92 34.48
C GLU L 110 43.52 45.71 35.06
N LEU L 111 42.18 45.75 35.06
CA LEU L 111 41.38 44.64 35.58
C LEU L 111 41.52 43.36 34.73
N LEU L 112 41.73 43.51 33.42
CA LEU L 112 42.05 42.38 32.55
C LEU L 112 43.40 41.75 32.92
N ALA L 113 44.42 42.59 33.06
CA ALA L 113 45.76 42.15 33.51
C ALA L 113 45.71 41.49 34.89
N ASP L 114 44.84 41.99 35.76
CA ASP L 114 44.63 41.44 37.09
C ASP L 114 43.98 40.05 37.05
N ILE L 115 42.95 39.89 36.21
CA ILE L 115 42.26 38.60 36.01
C ILE L 115 43.22 37.52 35.48
N VAL L 116 44.01 37.89 34.47
CA VAL L 116 44.91 36.94 33.80
C VAL L 116 46.07 36.55 34.71
N GLN L 117 46.89 37.53 35.10
CA GLN L 117 48.14 37.26 35.82
C GLN L 117 47.95 36.64 37.20
N ASN L 118 47.34 37.40 38.12
CA ASN L 118 47.24 37.01 39.54
C ASN L 118 45.80 36.63 39.91
N CYS L 119 45.43 35.41 39.52
CA CYS L 119 44.14 34.81 39.87
C CYS L 119 44.27 34.10 41.22
N SER L 120 43.24 34.23 42.06
CA SER L 120 43.27 33.66 43.42
C SER L 120 43.16 32.14 43.42
N LEU L 121 42.09 31.63 42.81
CA LEU L 121 41.74 30.20 42.84
C LEU L 121 41.50 29.75 44.28
N GLU L 122 40.49 30.33 44.91
CA GLU L 122 40.13 30.01 46.29
C GLU L 122 39.60 28.58 46.36
N ASP L 123 40.04 27.83 47.37
CA ASP L 123 39.73 26.40 47.49
C ASP L 123 38.25 26.16 47.81
N SER L 124 37.70 26.98 48.71
CA SER L 124 36.26 26.98 48.98
C SER L 124 35.42 27.31 47.75
N GLN L 125 35.97 28.15 46.87
CA GLN L 125 35.31 28.57 45.63
C GLN L 125 35.43 27.55 44.49
N ILE L 126 36.51 26.79 44.46
CA ILE L 126 36.65 25.64 43.56
C ILE L 126 35.58 24.58 43.87
N GLU L 127 35.33 24.33 45.15
CA GLU L 127 34.31 23.36 45.57
C GLU L 127 32.86 23.77 45.25
N LYS L 128 32.62 25.08 45.12
CA LYS L 128 31.32 25.60 44.70
C LYS L 128 31.16 25.58 43.17
N GLU L 129 32.19 26.06 42.46
CA GLU L 129 32.22 26.00 40.99
C GLU L 129 32.24 24.57 40.44
N ARG L 130 32.68 23.62 41.24
CA ARG L 130 32.58 22.19 40.93
C ARG L 130 31.12 21.76 40.74
N ASP L 131 30.27 22.17 41.68
CA ASP L 131 28.82 21.92 41.60
C ASP L 131 28.15 22.71 40.49
N VAL L 132 28.60 23.94 40.27
CA VAL L 132 28.07 24.79 39.21
C VAL L 132 28.32 24.20 37.82
N ILE L 133 29.53 23.71 37.60
CA ILE L 133 29.89 23.04 36.34
C ILE L 133 29.11 21.71 36.21
N LEU L 134 28.98 20.98 37.32
CA LEU L 134 28.18 19.74 37.35
C LEU L 134 26.68 19.98 37.08
N GLN L 135 26.17 21.15 37.47
CA GLN L 135 24.83 21.59 37.05
C GLN L 135 24.84 21.92 35.56
N GLU L 136 25.77 22.77 35.14
CA GLU L 136 25.90 23.21 33.74
C GLU L 136 26.10 22.08 32.71
N LEU L 137 26.74 20.99 33.13
CA LEU L 137 26.88 19.82 32.24
C LEU L 137 25.56 19.07 32.04
N GLN L 138 24.67 19.12 33.03
CA GLN L 138 23.30 18.62 32.90
C GLN L 138 22.42 19.60 32.10
N GLU L 139 22.70 20.89 32.22
CA GLU L 139 22.05 21.92 31.39
C GLU L 139 22.37 21.76 29.91
N ASN L 140 23.60 21.37 29.61
CA ASN L 140 24.02 21.08 28.23
C ASN L 140 23.45 19.75 27.71
N ASP L 141 23.32 18.76 28.59
CA ASP L 141 22.72 17.46 28.23
C ASP L 141 21.32 17.57 27.63
N THR L 142 20.51 18.50 28.12
CA THR L 142 19.15 18.71 27.58
C THR L 142 19.17 19.46 26.24
N SER L 143 20.13 20.37 26.05
CA SER L 143 20.32 21.06 24.77
C SER L 143 20.82 20.10 23.69
N MET L 144 19.91 19.67 22.82
CA MET L 144 20.24 18.73 21.75
C MET L 144 21.15 19.35 20.67
N ARG L 145 21.06 20.67 20.48
CA ARG L 145 21.91 21.38 19.52
C ARG L 145 23.40 21.21 19.84
N ASP L 146 23.73 21.32 21.12
CA ASP L 146 25.13 21.23 21.59
C ASP L 146 25.62 19.78 21.61
N VAL L 147 24.78 18.87 22.11
CA VAL L 147 25.10 17.45 22.22
C VAL L 147 25.54 16.83 20.89
N VAL L 148 24.77 17.09 19.84
CA VAL L 148 25.04 16.56 18.50
C VAL L 148 26.36 17.13 17.91
N PHE L 149 26.67 18.40 18.24
CA PHE L 149 27.94 19.00 17.81
C PHE L 149 29.16 18.46 18.55
N ASN L 150 29.02 18.25 19.86
CA ASN L 150 30.07 17.59 20.65
C ASN L 150 30.32 16.15 20.19
N TYR L 151 29.25 15.45 19.82
CA TYR L 151 29.34 14.13 19.20
C TYR L 151 30.01 14.17 17.82
N LEU L 152 29.68 15.19 17.03
CA LEU L 152 30.31 15.37 15.73
C LEU L 152 31.82 15.48 15.87
N HIS L 153 32.26 16.34 16.79
CA HIS L 153 33.69 16.46 17.13
C HIS L 153 34.29 15.15 17.62
N ALA L 154 33.59 14.51 18.56
CA ALA L 154 34.04 13.26 19.17
C ALA L 154 34.29 12.13 18.17
N THR L 155 33.46 12.08 17.11
CA THR L 155 33.55 11.05 16.07
C THR L 155 34.37 11.49 14.87
N ALA L 156 34.32 12.77 14.53
CA ALA L 156 35.16 13.33 13.46
C ALA L 156 36.64 13.26 13.81
N PHE L 157 36.96 13.69 15.02
CA PHE L 157 38.35 13.77 15.49
C PHE L 157 38.67 12.71 16.56
N GLN L 158 38.07 11.53 16.44
CA GLN L 158 38.20 10.47 17.45
C GLN L 158 39.65 10.07 17.75
N GLY L 159 39.96 9.92 19.04
CA GLY L 159 41.30 9.58 19.51
C GLY L 159 42.32 10.70 19.47
N THR L 160 41.85 11.95 19.37
CA THR L 160 42.72 13.14 19.29
C THR L 160 42.18 14.22 20.26
N PRO L 161 42.95 15.31 20.47
CA PRO L 161 42.49 16.41 21.32
C PRO L 161 41.15 17.07 20.94
N LEU L 162 40.91 17.28 19.65
CA LEU L 162 39.70 17.96 19.17
C LEU L 162 38.38 17.21 19.49
N ALA L 163 38.45 15.89 19.61
CA ALA L 163 37.32 15.08 20.09
C ALA L 163 36.78 15.50 21.47
N GLN L 164 37.67 16.05 22.30
CA GLN L 164 37.32 16.44 23.66
C GLN L 164 36.40 17.64 23.67
N SER L 165 35.40 17.59 24.55
CA SER L 165 34.54 18.72 24.84
C SER L 165 35.34 19.78 25.60
N VAL L 166 34.93 21.03 25.47
CA VAL L 166 35.60 22.15 26.13
C VAL L 166 35.30 22.12 27.63
N GLU L 167 34.10 21.66 27.99
CA GLU L 167 33.65 21.60 29.38
C GLU L 167 34.28 20.44 30.13
N GLY L 168 34.46 19.32 29.44
CA GLY L 168 35.16 18.15 29.97
C GLY L 168 34.21 17.16 30.64
N PRO L 169 34.67 15.90 30.82
CA PRO L 169 33.81 14.87 31.42
C PRO L 169 33.52 15.15 32.89
N SER L 170 32.35 14.69 33.36
CA SER L 170 31.91 14.94 34.74
C SER L 170 32.89 14.40 35.79
N GLU L 171 33.56 13.29 35.48
CA GLU L 171 34.56 12.71 36.38
C GLU L 171 35.76 13.63 36.61
N ASN L 172 36.27 14.22 35.52
CA ASN L 172 37.35 15.22 35.63
C ASN L 172 36.92 16.46 36.41
N VAL L 173 35.69 16.91 36.19
CA VAL L 173 35.13 18.04 36.94
C VAL L 173 35.08 17.71 38.45
N ARG L 174 34.65 16.49 38.78
CA ARG L 174 34.58 16.04 40.17
C ARG L 174 35.95 15.89 40.86
N LYS L 175 36.99 15.57 40.10
CA LYS L 175 38.33 15.28 40.63
C LYS L 175 39.43 16.27 40.25
N LEU L 176 39.11 17.35 39.52
CA LEU L 176 40.13 18.32 39.09
C LEU L 176 40.66 19.12 40.29
N SER L 177 41.96 18.99 40.54
CA SER L 177 42.62 19.63 41.68
C SER L 177 43.15 21.01 41.30
N ARG L 178 43.47 21.81 42.33
CA ARG L 178 44.05 23.13 42.15
C ARG L 178 45.43 23.09 41.50
N ALA L 179 46.18 22.02 41.76
CA ALA L 179 47.47 21.76 41.11
C ALA L 179 47.38 21.72 39.59
N ASP L 180 46.32 21.09 39.08
CA ASP L 180 46.09 20.99 37.63
C ASP L 180 45.75 22.35 36.99
N LEU L 181 44.90 23.12 37.67
CA LEU L 181 44.44 24.41 37.18
C LEU L 181 45.59 25.42 37.11
N THR L 182 46.35 25.50 38.21
CA THR L 182 47.52 26.38 38.32
C THR L 182 48.65 26.03 37.33
N GLU L 183 48.87 24.73 37.13
CA GLU L 183 49.87 24.25 36.16
C GLU L 183 49.43 24.53 34.72
N TYR L 184 48.13 24.31 34.44
CA TYR L 184 47.53 24.67 33.14
C TYR L 184 47.64 26.17 32.88
N LEU L 185 47.38 26.97 33.92
CA LEU L 185 47.53 28.43 33.84
C LEU L 185 48.99 28.85 33.59
N SER L 186 49.89 28.35 34.44
CA SER L 186 51.32 28.70 34.35
C SER L 186 51.92 28.36 32.98
N ARG L 187 51.53 27.19 32.44
CA ARG L 187 51.94 26.79 31.09
C ARG L 187 51.36 27.69 30.01
N HIS L 188 50.04 27.64 29.86
CA HIS L 188 49.38 28.16 28.66
C HIS L 188 49.15 29.67 28.66
N TYR L 189 48.79 30.24 29.80
CA TYR L 189 48.56 31.68 29.91
C TYR L 189 49.90 32.41 29.98
N LYS L 190 50.42 32.81 28.82
CA LYS L 190 51.69 33.55 28.74
C LYS L 190 51.68 34.53 27.58
N ALA L 191 52.67 35.43 27.57
CA ALA L 191 52.69 36.60 26.69
C ALA L 191 52.75 36.32 25.18
N PRO L 192 53.72 35.50 24.72
CA PRO L 192 53.81 35.22 23.27
C PRO L 192 52.60 34.46 22.71
N ARG L 193 51.92 33.69 23.57
CA ARG L 193 50.69 32.97 23.23
C ARG L 193 49.41 33.81 23.40
N MET L 194 49.55 35.09 23.80
CA MET L 194 48.41 35.97 24.09
C MET L 194 48.36 37.18 23.16
N VAL L 195 47.16 37.77 23.08
CA VAL L 195 46.93 38.99 22.31
C VAL L 195 46.01 39.90 23.11
N LEU L 196 46.32 41.20 23.11
CA LEU L 196 45.45 42.22 23.71
C LEU L 196 44.80 43.00 22.58
N ALA L 197 43.48 42.81 22.41
CA ALA L 197 42.70 43.50 21.38
C ALA L 197 41.90 44.64 21.99
N ALA L 198 41.65 45.66 21.17
CA ALA L 198 40.78 46.77 21.56
C ALA L 198 40.09 47.36 20.35
N ALA L 199 38.92 47.96 20.57
CA ALA L 199 38.15 48.58 19.50
C ALA L 199 37.14 49.59 20.05
N GLY L 200 37.10 50.75 19.42
CA GLY L 200 36.23 51.86 19.84
C GLY L 200 36.93 53.19 19.64
N GLY L 201 36.53 54.19 20.43
CA GLY L 201 37.21 55.48 20.44
C GLY L 201 38.38 55.44 21.41
N LEU L 202 39.55 55.04 20.92
CA LEU L 202 40.75 54.95 21.74
C LEU L 202 42.02 55.04 20.91
N GLU L 203 43.08 55.56 21.52
CA GLU L 203 44.34 55.83 20.84
C GLU L 203 45.33 54.67 21.04
N HIS L 204 45.81 54.12 19.93
CA HIS L 204 46.73 52.96 19.92
C HIS L 204 47.95 53.13 20.83
N ARG L 205 48.54 54.33 20.81
CA ARG L 205 49.63 54.72 21.70
C ARG L 205 49.28 54.50 23.18
N GLN L 206 48.07 54.91 23.58
CA GLN L 206 47.61 54.79 24.96
C GLN L 206 47.41 53.34 25.39
N LEU L 207 46.80 52.54 24.52
CA LEU L 207 46.64 51.11 24.77
C LEU L 207 47.99 50.42 24.96
N LEU L 208 48.95 50.78 24.11
CA LEU L 208 50.31 50.25 24.18
C LEU L 208 51.04 50.66 25.47
N ASP L 209 50.78 51.89 25.95
CA ASP L 209 51.29 52.34 27.26
C ASP L 209 50.68 51.55 28.41
N LEU L 210 49.37 51.32 28.34
CA LEU L 210 48.65 50.53 29.37
C LEU L 210 49.11 49.07 29.40
N ALA L 211 49.30 48.49 28.21
CA ALA L 211 49.81 47.12 28.07
C ALA L 211 51.27 47.01 28.55
N GLN L 212 52.08 48.01 28.21
CA GLN L 212 53.47 48.09 28.70
C GLN L 212 53.51 48.24 30.23
N LYS L 213 52.61 49.05 30.79
CA LYS L 213 52.60 49.34 32.22
C LYS L 213 52.03 48.21 33.08
N HIS L 214 51.08 47.45 32.54
CA HIS L 214 50.40 46.37 33.29
C HIS L 214 50.71 44.94 32.83
N PHE L 215 50.74 44.70 31.51
CA PHE L 215 50.95 43.35 30.96
C PHE L 215 52.41 42.91 30.78
N SER L 216 53.36 43.85 30.76
CA SER L 216 54.79 43.50 30.60
C SER L 216 55.38 42.68 31.76
N GLY L 217 54.64 42.59 32.87
CA GLY L 217 54.95 41.66 33.96
C GLY L 217 54.85 40.17 33.65
N LEU L 218 54.18 39.81 32.54
CA LEU L 218 54.10 38.40 32.12
C LEU L 218 55.45 37.89 31.60
N SER L 219 55.71 36.60 31.84
CA SER L 219 56.92 35.93 31.36
C SER L 219 56.89 35.80 29.85
N GLY L 220 58.08 35.75 29.25
CA GLY L 220 58.23 35.84 27.78
C GLY L 220 58.71 34.66 26.98
N THR L 221 58.96 33.53 27.63
CA THR L 221 59.35 32.30 26.93
C THR L 221 59.16 31.12 27.87
N TYR L 222 59.64 29.99 27.60
CA TYR L 222 59.58 28.88 28.58
C TYR L 222 60.78 28.49 29.41
N ASP L 223 60.69 27.34 30.09
CA ASP L 223 61.71 26.80 30.97
C ASP L 223 62.57 25.86 30.13
N GLU L 224 62.45 26.02 28.81
CA GLU L 224 63.15 25.25 27.85
C GLU L 224 62.48 23.95 27.45
N ASP L 225 61.23 23.84 27.84
CA ASP L 225 60.44 22.69 27.59
C ASP L 225 59.15 23.13 28.20
N ALA L 226 58.11 22.34 27.99
CA ALA L 226 56.80 22.66 28.51
C ALA L 226 56.03 23.54 27.54
N VAL L 227 56.82 23.79 26.47
CA VAL L 227 56.17 24.51 25.39
C VAL L 227 55.36 23.52 24.55
N PRO L 228 54.04 23.43 24.81
CA PRO L 228 53.21 22.56 23.97
C PRO L 228 52.90 23.22 22.62
N THR L 229 53.14 22.46 21.54
CA THR L 229 52.79 22.88 20.19
C THR L 229 51.84 21.85 19.58
N LEU L 230 50.86 22.34 18.81
CA LEU L 230 49.74 21.52 18.35
C LEU L 230 50.15 20.43 17.36
N SER L 231 49.99 19.17 17.78
CA SER L 231 50.08 18.03 16.87
C SER L 231 48.80 17.99 16.03
N PRO L 232 48.90 17.70 14.71
CA PRO L 232 47.69 17.67 13.88
C PRO L 232 46.73 16.55 14.28
N CYS L 233 45.42 16.82 14.21
CA CYS L 233 44.40 15.83 14.57
C CYS L 233 43.89 15.04 13.37
N ARG L 234 43.88 13.73 13.52
CA ARG L 234 43.33 12.79 12.54
C ARG L 234 41.81 12.93 12.38
N PHE L 235 41.36 13.31 11.18
CA PHE L 235 39.94 13.25 10.85
C PHE L 235 39.58 11.82 10.47
N THR L 236 38.48 11.33 11.02
CA THR L 236 37.99 9.99 10.73
C THR L 236 36.53 10.06 10.25
N GLY L 237 36.29 9.62 9.02
CA GLY L 237 34.94 9.41 8.51
C GLY L 237 34.26 8.30 9.29
N SER L 238 33.22 8.66 10.03
CA SER L 238 32.59 7.73 10.98
C SER L 238 31.24 8.27 11.47
N GLN L 239 30.50 7.41 12.17
CA GLN L 239 29.15 7.75 12.62
C GLN L 239 28.93 7.48 14.11
N ILE L 240 28.06 8.30 14.71
CA ILE L 240 27.61 8.13 16.09
C ILE L 240 26.10 8.38 16.11
N CYS L 241 25.36 7.40 16.64
CA CYS L 241 23.89 7.40 16.54
C CYS L 241 23.26 7.20 17.90
N HIS L 242 23.15 8.29 18.65
CA HIS L 242 22.47 8.26 19.94
C HIS L 242 20.96 8.15 19.68
N ARG L 243 20.48 6.91 19.65
CA ARG L 243 19.07 6.61 19.46
C ARG L 243 18.29 6.96 20.72
N GLU L 244 17.33 7.86 20.59
CA GLU L 244 16.49 8.30 21.71
C GLU L 244 15.13 8.79 21.20
N ASP L 245 14.16 7.87 21.17
CA ASP L 245 12.83 8.17 20.64
C ASP L 245 11.99 9.09 21.52
N GLY L 246 12.27 9.13 22.83
CA GLY L 246 11.57 10.00 23.76
C GLY L 246 11.63 11.48 23.44
N LEU L 247 12.76 11.93 22.89
CA LEU L 247 12.92 13.33 22.48
C LEU L 247 12.11 13.61 21.21
N PRO L 248 11.62 14.85 21.05
CA PRO L 248 10.63 15.13 20.01
C PRO L 248 11.16 15.18 18.58
N LEU L 249 12.35 15.75 18.37
CA LEU L 249 12.88 15.98 17.03
C LEU L 249 14.31 15.48 16.89
N ALA L 250 14.58 14.80 15.77
CA ALA L 250 15.90 14.26 15.47
C ALA L 250 16.82 15.37 15.04
N HIS L 251 18.03 15.38 15.61
CA HIS L 251 19.08 16.33 15.23
C HIS L 251 20.19 15.55 14.54
N VAL L 252 20.57 16.02 13.36
CA VAL L 252 21.61 15.36 12.57
C VAL L 252 22.66 16.41 12.24
N ALA L 253 23.93 16.02 12.33
CA ALA L 253 25.04 16.88 11.93
C ALA L 253 26.01 16.04 11.12
N ILE L 254 26.18 16.40 9.85
CA ILE L 254 27.07 15.69 8.93
C ILE L 254 28.10 16.67 8.41
N ALA L 255 29.36 16.22 8.34
CA ALA L 255 30.47 17.07 7.89
C ALA L 255 31.62 16.26 7.32
N VAL L 256 32.35 16.88 6.40
CA VAL L 256 33.61 16.34 5.84
C VAL L 256 34.77 17.13 6.43
N GLU L 257 35.99 16.66 6.22
CA GLU L 257 37.18 17.30 6.79
C GLU L 257 37.34 18.72 6.24
N GLY L 258 37.65 19.64 7.15
CA GLY L 258 37.73 21.07 6.84
C GLY L 258 39.10 21.48 6.34
N PRO L 259 39.24 22.76 5.94
CA PRO L 259 40.49 23.27 5.38
C PRO L 259 41.55 23.65 6.42
N GLY L 260 41.12 24.23 7.55
CA GLY L 260 42.03 24.86 8.50
C GLY L 260 42.04 26.37 8.27
N TRP L 261 42.32 27.12 9.34
CA TRP L 261 42.30 28.59 9.30
C TRP L 261 43.09 29.22 8.15
N ALA L 262 44.24 28.63 7.82
CA ALA L 262 45.17 29.21 6.84
C ALA L 262 44.69 29.17 5.38
N HIS L 263 43.86 28.20 5.03
CA HIS L 263 43.61 27.86 3.62
C HIS L 263 42.71 28.91 2.93
N PRO L 264 43.19 29.51 1.81
CA PRO L 264 42.37 30.42 0.98
C PRO L 264 41.03 29.87 0.53
N ASP L 265 40.99 28.57 0.25
CA ASP L 265 39.76 27.83 -0.08
C ASP L 265 38.56 28.17 0.82
N ASN L 266 38.81 28.41 2.11
CA ASN L 266 37.78 28.86 3.07
C ASN L 266 36.78 29.88 2.51
N VAL L 267 37.28 30.86 1.75
CA VAL L 267 36.43 31.87 1.13
C VAL L 267 35.44 31.23 0.15
N ALA L 268 35.95 30.41 -0.75
CA ALA L 268 35.11 29.66 -1.68
C ALA L 268 34.15 28.68 -0.97
N LEU L 269 34.60 28.11 0.15
CA LEU L 269 33.75 27.26 1.00
C LEU L 269 32.65 28.04 1.74
N GLN L 270 32.94 29.29 2.12
CA GLN L 270 31.92 30.18 2.71
C GLN L 270 30.88 30.57 1.66
N VAL L 271 31.35 30.87 0.44
CA VAL L 271 30.46 31.11 -0.70
C VAL L 271 29.61 29.87 -0.98
N ALA L 272 30.23 28.71 -0.94
CA ALA L 272 29.55 27.42 -1.15
C ALA L 272 28.43 27.18 -0.13
N ASN L 273 28.77 27.34 1.16
CA ASN L 273 27.80 27.21 2.24
C ASN L 273 26.70 28.28 2.21
N ALA L 274 27.02 29.46 1.66
CA ALA L 274 26.02 30.52 1.46
C ALA L 274 25.00 30.20 0.36
N ILE L 275 25.41 29.45 -0.67
CA ILE L 275 24.52 29.04 -1.76
C ILE L 275 23.48 28.04 -1.27
N ILE L 276 23.93 27.01 -0.56
CA ILE L 276 23.05 26.04 0.09
C ILE L 276 22.26 26.73 1.20
N GLY L 277 22.92 27.66 1.87
CA GLY L 277 22.27 28.57 2.81
C GLY L 277 21.82 27.89 4.09
N HIS L 278 20.78 28.46 4.69
CA HIS L 278 20.26 28.02 5.98
C HIS L 278 18.79 28.41 6.05
N TYR L 279 18.02 27.61 6.79
CA TYR L 279 16.57 27.81 6.89
C TYR L 279 16.08 27.56 8.32
N ASP L 280 14.99 28.24 8.67
CA ASP L 280 14.25 28.01 9.91
C ASP L 280 12.77 28.17 9.57
N CYS L 281 11.91 27.47 10.31
CA CYS L 281 10.46 27.49 10.04
C CYS L 281 9.78 28.86 10.26
N THR L 282 10.47 29.77 10.95
CA THR L 282 9.99 31.15 11.11
C THR L 282 10.36 32.10 9.96
N TYR L 283 11.13 31.62 8.97
CA TYR L 283 11.51 32.44 7.79
C TYR L 283 10.29 32.83 6.98
N GLY L 284 10.36 34.01 6.34
CA GLY L 284 9.26 34.54 5.55
C GLY L 284 9.16 33.91 4.17
N GLY L 285 10.27 33.89 3.44
CA GLY L 285 10.32 33.48 2.03
C GLY L 285 9.70 32.13 1.69
N GLY L 286 10.01 31.13 2.50
CA GLY L 286 9.45 29.78 2.35
C GLY L 286 9.64 29.13 0.99
N ALA L 287 8.52 28.98 0.26
CA ALA L 287 8.52 28.27 -1.03
C ALA L 287 9.32 28.97 -2.13
N HIS L 288 9.44 30.30 -2.04
CA HIS L 288 10.18 31.10 -3.02
C HIS L 288 11.65 31.36 -2.67
N LEU L 289 12.16 30.72 -1.60
CA LEU L 289 13.57 30.93 -1.19
C LEU L 289 14.56 30.51 -2.27
N SER L 290 15.71 31.20 -2.30
CA SER L 290 16.70 31.03 -3.36
C SER L 290 17.39 29.67 -3.31
N SER L 291 17.91 29.32 -2.13
CA SER L 291 18.60 28.04 -1.94
C SER L 291 17.58 26.90 -2.07
N PRO L 292 17.77 26.00 -3.06
CA PRO L 292 16.80 24.92 -3.29
C PRO L 292 16.50 24.04 -2.08
N LEU L 293 17.51 23.78 -1.24
CA LEU L 293 17.31 22.98 -0.02
C LEU L 293 16.28 23.63 0.91
N ALA L 294 16.38 24.94 1.10
CA ALA L 294 15.40 25.68 1.90
C ALA L 294 14.02 25.71 1.24
N SER L 295 14.00 25.99 -0.06
CA SER L 295 12.76 25.99 -0.85
C SER L 295 12.04 24.65 -0.76
N ILE L 296 12.77 23.56 -1.02
CA ILE L 296 12.22 22.21 -0.95
C ILE L 296 11.80 21.88 0.50
N ALA L 297 12.65 22.22 1.46
CA ALA L 297 12.35 22.00 2.88
C ALA L 297 11.19 22.84 3.39
N ALA L 298 10.98 24.02 2.82
CA ALA L 298 9.87 24.89 3.20
C ALA L 298 8.54 24.42 2.61
N THR L 299 8.55 24.12 1.31
CA THR L 299 7.35 23.66 0.60
C THR L 299 6.79 22.36 1.17
N ASN L 300 7.65 21.34 1.22
CA ASN L 300 7.27 20.03 1.73
C ASN L 300 7.21 19.98 3.27
N LYS L 301 7.84 20.96 3.92
CA LYS L 301 8.00 21.02 5.37
C LYS L 301 8.77 19.78 5.86
N LEU L 302 9.99 19.66 5.35
CA LEU L 302 10.89 18.56 5.71
C LEU L 302 11.48 18.76 7.10
N CYS L 303 12.00 19.95 7.37
CA CYS L 303 12.70 20.22 8.62
C CYS L 303 12.27 21.51 9.32
N GLN L 304 12.59 21.58 10.61
CA GLN L 304 12.35 22.77 11.42
C GLN L 304 13.44 23.80 11.16
N SER L 305 14.68 23.34 11.09
CA SER L 305 15.80 24.19 10.69
C SER L 305 16.96 23.39 10.11
N PHE L 306 17.74 24.03 9.23
CA PHE L 306 19.06 23.53 8.86
C PHE L 306 20.05 24.67 8.71
N GLN L 307 21.33 24.38 8.98
CA GLN L 307 22.39 25.37 8.85
C GLN L 307 23.70 24.74 8.40
N THR L 308 24.23 25.24 7.30
CA THR L 308 25.55 24.85 6.79
C THR L 308 26.61 25.59 7.59
N PHE L 309 27.60 24.83 8.07
CA PHE L 309 28.70 25.40 8.87
C PHE L 309 30.07 25.08 8.28
N ASN L 310 31.03 25.95 8.53
CA ASN L 310 32.45 25.65 8.36
C ASN L 310 33.18 26.02 9.65
N ILE L 311 33.30 25.04 10.54
CA ILE L 311 34.06 25.18 11.77
C ILE L 311 35.53 25.04 11.40
N CYS L 312 36.35 26.02 11.78
CA CYS L 312 37.78 26.03 11.46
C CYS L 312 38.67 25.87 12.68
N TYR L 313 39.79 25.18 12.48
CA TYR L 313 40.85 25.03 13.49
C TYR L 313 42.21 25.27 12.81
N ALA L 314 43.31 24.98 13.51
CA ALA L 314 44.66 25.35 13.05
C ALA L 314 45.03 24.78 11.68
N ASP L 315 44.92 23.46 11.55
CA ASP L 315 45.27 22.74 10.32
C ASP L 315 44.16 21.80 9.81
N THR L 316 42.94 21.97 10.33
CA THR L 316 41.78 21.15 9.95
C THR L 316 40.47 21.83 10.38
N GLY L 317 39.35 21.16 10.15
CA GLY L 317 38.04 21.70 10.54
C GLY L 317 36.87 20.76 10.28
N LEU L 318 35.66 21.33 10.30
CA LEU L 318 34.44 20.59 9.97
C LEU L 318 33.59 21.39 8.99
N LEU L 319 33.58 20.93 7.73
CA LEU L 319 32.78 21.53 6.68
C LEU L 319 31.57 20.63 6.42
N GLY L 320 30.37 21.17 6.61
CA GLY L 320 29.17 20.36 6.41
C GLY L 320 27.85 21.04 6.64
N ALA L 321 26.98 20.42 7.44
CA ALA L 321 25.65 20.95 7.72
C ALA L 321 24.97 20.28 8.92
N HIS L 322 23.95 20.97 9.43
CA HIS L 322 23.20 20.59 10.61
C HIS L 322 21.73 20.72 10.26
N PHE L 323 20.91 19.74 10.65
CA PHE L 323 19.45 19.92 10.57
C PHE L 323 18.64 19.27 11.71
N VAL L 324 17.47 19.87 11.96
CA VAL L 324 16.53 19.47 12.99
C VAL L 324 15.22 19.13 12.29
N CYS L 325 14.74 17.90 12.44
CA CYS L 325 13.52 17.50 11.69
C CYS L 325 12.71 16.40 12.36
N ASP L 326 11.49 16.23 11.84
CA ASP L 326 10.59 15.14 12.23
C ASP L 326 11.24 13.79 11.87
N HIS L 327 10.96 12.77 12.67
CA HIS L 327 11.59 11.45 12.52
C HIS L 327 11.37 10.76 11.17
N MET L 328 10.30 11.14 10.46
CA MET L 328 10.02 10.64 9.10
C MET L 328 10.62 11.50 7.97
N SER L 329 11.43 12.51 8.29
CA SER L 329 11.96 13.45 7.29
C SER L 329 13.49 13.42 7.15
N ILE L 330 14.15 12.47 7.81
CA ILE L 330 15.62 12.47 7.89
C ILE L 330 16.24 12.03 6.57
N ASP L 331 15.75 10.92 6.02
CA ASP L 331 16.23 10.40 4.72
C ASP L 331 16.08 11.44 3.62
N ASP L 332 14.92 12.09 3.58
CA ASP L 332 14.65 13.14 2.56
C ASP L 332 15.56 14.35 2.72
N MET L 333 15.62 14.92 3.92
CA MET L 333 16.55 16.04 4.21
C MET L 333 17.98 15.73 3.80
N MET L 334 18.46 14.56 4.23
CA MET L 334 19.78 14.06 3.88
C MET L 334 19.96 13.96 2.35
N PHE L 335 18.95 13.44 1.67
CA PHE L 335 18.96 13.31 0.21
C PHE L 335 19.03 14.66 -0.51
N VAL L 336 18.27 15.65 -0.03
CA VAL L 336 18.29 16.98 -0.64
C VAL L 336 19.63 17.67 -0.36
N LEU L 337 20.10 17.57 0.89
CA LEU L 337 21.38 18.16 1.32
C LEU L 337 22.58 17.65 0.53
N GLN L 338 22.72 16.33 0.48
CA GLN L 338 23.80 15.69 -0.29
C GLN L 338 23.64 15.97 -1.79
N GLY L 339 22.39 15.93 -2.25
CA GLY L 339 22.05 16.35 -3.61
C GLY L 339 22.57 17.73 -3.96
N GLN L 340 22.42 18.66 -3.02
CA GLN L 340 22.95 20.02 -3.18
C GLN L 340 24.48 20.09 -3.17
N TRP L 341 25.12 19.30 -2.30
CA TRP L 341 26.59 19.21 -2.29
C TRP L 341 27.11 18.71 -3.64
N MET L 342 26.61 17.54 -4.03
CA MET L 342 27.00 16.91 -5.30
C MET L 342 26.76 17.81 -6.49
N ARG L 343 25.60 18.46 -6.51
CA ARG L 343 25.26 19.44 -7.54
C ARG L 343 26.32 20.54 -7.57
N LEU L 344 26.54 21.19 -6.44
CA LEU L 344 27.54 22.29 -6.36
C LEU L 344 28.96 21.86 -6.77
N CYS L 345 29.34 20.62 -6.43
CA CYS L 345 30.62 20.05 -6.87
C CYS L 345 30.71 19.94 -8.39
N THR L 346 29.65 19.42 -9.00
CA THR L 346 29.65 19.11 -10.44
C THR L 346 29.12 20.24 -11.34
N SER L 347 28.06 20.92 -10.90
CA SER L 347 27.39 21.96 -11.68
C SER L 347 27.02 23.14 -10.79
N ALA L 348 27.52 24.32 -11.12
CA ALA L 348 27.31 25.51 -10.29
C ALA L 348 27.12 26.70 -11.21
N THR L 349 25.92 27.29 -11.19
CA THR L 349 25.60 28.42 -12.07
C THR L 349 26.33 29.68 -11.59
N GLU L 350 26.64 30.56 -12.54
CA GLU L 350 27.33 31.82 -12.24
C GLU L 350 26.48 32.74 -11.38
N SER L 351 25.17 32.74 -11.64
CA SER L 351 24.21 33.55 -10.89
C SER L 351 24.16 33.21 -9.40
N GLU L 352 24.01 31.91 -9.09
CA GLU L 352 23.89 31.49 -7.68
C GLU L 352 25.20 31.69 -6.91
N VAL L 353 26.33 31.59 -7.61
CA VAL L 353 27.65 31.87 -7.02
C VAL L 353 27.79 33.37 -6.70
N LEU L 354 27.26 34.23 -7.58
CA LEU L 354 27.21 35.68 -7.31
C LEU L 354 26.33 35.99 -6.11
N ARG L 355 25.18 35.32 -6.00
CA ARG L 355 24.34 35.38 -4.81
C ARG L 355 25.12 34.90 -3.58
N GLY L 356 25.83 33.77 -3.72
CA GLY L 356 26.70 33.23 -2.69
C GLY L 356 27.78 34.20 -2.22
N LYS L 357 28.39 34.92 -3.16
CA LYS L 357 29.37 35.97 -2.85
C LYS L 357 28.73 37.12 -2.10
N ASN L 358 27.62 37.64 -2.64
CA ASN L 358 26.90 38.79 -2.05
C ASN L 358 26.38 38.52 -0.64
N LEU L 359 25.90 37.30 -0.41
CA LEU L 359 25.53 36.86 0.95
C LEU L 359 26.72 36.94 1.91
N LEU L 360 27.88 36.51 1.44
CA LEU L 360 29.11 36.55 2.23
C LEU L 360 29.64 37.98 2.37
N ARG L 361 29.59 38.76 1.29
CA ARG L 361 29.92 40.19 1.33
C ARG L 361 29.13 40.90 2.42
N ASN L 362 27.81 40.71 2.38
CA ASN L 362 26.91 41.27 3.41
C ASN L 362 27.16 40.69 4.81
N ALA L 363 27.50 39.41 4.89
CA ALA L 363 27.81 38.75 6.16
C ALA L 363 29.00 39.38 6.88
N LEU L 364 30.08 39.66 6.14
CA LEU L 364 31.29 40.28 6.71
C LEU L 364 31.02 41.67 7.28
N VAL L 365 30.33 42.49 6.50
CA VAL L 365 30.03 43.87 6.92
C VAL L 365 28.93 43.94 8.01
N SER L 366 27.98 43.02 7.96
CA SER L 366 26.97 42.90 9.03
C SER L 366 27.58 42.49 10.36
N HIS L 367 28.51 41.54 10.32
CA HIS L 367 29.12 40.98 11.53
C HIS L 367 30.02 41.97 12.25
N LEU L 368 30.82 42.73 11.51
CA LEU L 368 31.71 43.74 12.09
C LEU L 368 31.01 45.10 12.24
N ASP L 369 29.99 45.11 13.11
CA ASP L 369 29.23 46.31 13.43
C ASP L 369 29.01 46.31 14.94
N GLY L 370 29.39 47.41 15.59
CA GLY L 370 29.62 47.43 17.03
C GLY L 370 31.08 47.14 17.28
N THR L 371 31.54 47.39 18.51
CA THR L 371 32.95 47.25 18.87
C THR L 371 33.32 45.82 19.25
N THR L 372 32.41 45.12 19.94
CA THR L 372 32.68 43.77 20.45
C THR L 372 32.98 42.73 19.35
N PRO L 373 32.22 42.74 18.23
CA PRO L 373 32.58 41.85 17.12
C PRO L 373 33.93 42.18 16.45
N VAL L 374 34.26 43.47 16.37
CA VAL L 374 35.52 43.92 15.79
C VAL L 374 36.69 43.58 16.71
N CYS L 375 36.50 43.77 18.02
CA CYS L 375 37.48 43.38 19.02
C CYS L 375 37.72 41.86 19.05
N GLU L 376 36.63 41.10 18.90
CA GLU L 376 36.72 39.64 18.69
C GLU L 376 37.50 39.30 17.43
N ASP L 377 37.13 39.93 16.31
CA ASP L 377 37.77 39.71 15.02
C ASP L 377 39.28 39.95 15.10
N ILE L 378 39.69 41.03 15.77
CA ILE L 378 41.10 41.34 15.97
C ILE L 378 41.79 40.25 16.79
N GLY L 379 41.27 40.03 18.00
CA GLY L 379 41.82 39.04 18.94
C GLY L 379 41.90 37.62 18.39
N ARG L 380 40.88 37.23 17.63
CA ARG L 380 40.84 35.92 16.96
C ARG L 380 41.82 35.89 15.77
N SER L 381 41.77 36.93 14.94
CA SER L 381 42.62 37.02 13.72
C SER L 381 44.10 36.87 14.02
N LEU L 382 44.57 37.55 15.06
CA LEU L 382 45.99 37.53 15.44
C LEU L 382 46.44 36.16 15.98
N LEU L 383 45.54 35.45 16.66
CA LEU L 383 45.82 34.08 17.11
C LEU L 383 45.78 33.06 15.96
N THR L 384 44.85 33.25 15.02
CA THR L 384 44.63 32.30 13.93
C THR L 384 45.40 32.67 12.66
N TYR L 385 45.02 33.79 12.04
CA TYR L 385 45.61 34.22 10.77
C TYR L 385 47.03 34.78 10.96
N GLY L 386 47.31 35.33 12.15
CA GLY L 386 48.60 35.94 12.45
C GLY L 386 48.53 37.47 12.42
N ARG L 387 47.80 37.99 11.43
CA ARG L 387 47.55 39.43 11.29
C ARG L 387 46.06 39.67 11.11
N ARG L 388 45.63 40.92 11.30
CA ARG L 388 44.28 41.33 10.96
C ARG L 388 44.18 41.46 9.45
N ILE L 389 43.12 40.90 8.88
CA ILE L 389 42.88 40.93 7.44
C ILE L 389 41.89 42.06 7.17
N PRO L 390 42.22 43.01 6.27
CA PRO L 390 41.27 44.07 5.95
C PRO L 390 40.11 43.58 5.09
N LEU L 391 39.01 44.33 5.12
CA LEU L 391 37.82 44.00 4.34
C LEU L 391 38.06 44.06 2.82
N ALA L 392 38.99 44.91 2.40
CA ALA L 392 39.43 44.99 1.01
C ALA L 392 40.10 43.70 0.54
N GLU L 393 40.93 43.11 1.40
CA GLU L 393 41.59 41.84 1.11
C GLU L 393 40.57 40.70 1.03
N TRP L 394 39.59 40.71 1.95
CA TRP L 394 38.48 39.74 1.89
C TRP L 394 37.74 39.87 0.56
N GLU L 395 37.36 41.09 0.21
CA GLU L 395 36.66 41.40 -1.05
C GLU L 395 37.45 40.96 -2.29
N SER L 396 38.79 41.12 -2.24
CA SER L 396 39.66 40.62 -3.30
C SER L 396 39.55 39.11 -3.49
N ARG L 397 39.48 38.38 -2.37
CA ARG L 397 39.31 36.93 -2.38
C ARG L 397 37.90 36.46 -2.73
N ILE L 398 36.89 37.29 -2.42
CA ILE L 398 35.50 37.00 -2.82
C ILE L 398 35.31 37.24 -4.31
N ALA L 399 35.76 38.40 -4.79
CA ALA L 399 35.74 38.73 -6.22
C ALA L 399 36.55 37.74 -7.07
N GLU L 400 37.61 37.19 -6.48
CA GLU L 400 38.39 36.11 -7.08
C GLU L 400 37.54 34.87 -7.39
N VAL L 401 36.64 34.51 -6.47
CA VAL L 401 35.77 33.34 -6.63
C VAL L 401 34.76 33.55 -7.76
N ASP L 402 34.75 32.63 -8.71
CA ASP L 402 33.68 32.50 -9.71
C ASP L 402 33.16 31.06 -9.68
N ALA L 403 32.32 30.68 -10.64
CA ALA L 403 31.68 29.35 -10.67
C ALA L 403 32.67 28.18 -10.70
N ARG L 404 33.69 28.29 -11.56
CA ARG L 404 34.70 27.23 -11.68
C ARG L 404 35.46 26.98 -10.37
N VAL L 405 35.74 28.06 -9.64
CA VAL L 405 36.43 27.97 -8.35
C VAL L 405 35.59 27.22 -7.30
N VAL L 406 34.29 27.55 -7.26
CA VAL L 406 33.37 26.89 -6.33
C VAL L 406 33.30 25.39 -6.62
N ARG L 407 33.19 25.03 -7.89
CA ARG L 407 33.14 23.62 -8.31
C ARG L 407 34.43 22.87 -7.98
N GLU L 408 35.57 23.44 -8.38
CA GLU L 408 36.89 22.87 -8.06
C GLU L 408 37.13 22.69 -6.55
N VAL L 409 36.62 23.63 -5.75
CA VAL L 409 36.83 23.61 -4.29
C VAL L 409 35.81 22.70 -3.59
N CYS L 410 34.53 22.83 -3.93
CA CYS L 410 33.49 21.95 -3.36
C CYS L 410 33.80 20.48 -3.64
N SER L 411 34.06 20.18 -4.91
CA SER L 411 34.43 18.82 -5.34
C SER L 411 35.71 18.31 -4.65
N LYS L 412 36.66 19.20 -4.38
CA LYS L 412 37.87 18.85 -3.64
C LYS L 412 37.56 18.37 -2.23
N TYR L 413 36.79 19.14 -1.48
CA TYR L 413 36.48 18.81 -0.08
C TYR L 413 35.30 17.85 0.14
N PHE L 414 34.30 17.86 -0.75
CA PHE L 414 33.11 17.01 -0.56
C PHE L 414 33.06 15.71 -1.39
N TYR L 415 33.24 15.82 -2.70
CA TYR L 415 33.04 14.68 -3.62
C TYR L 415 33.88 13.45 -3.27
N ASP L 416 33.20 12.31 -3.15
CA ASP L 416 33.83 11.03 -2.80
C ASP L 416 34.74 11.11 -1.55
N GLN L 417 34.15 11.62 -0.46
CA GLN L 417 34.84 11.75 0.83
C GLN L 417 33.97 11.16 1.94
N CYS L 418 34.58 10.41 2.85
CA CYS L 418 33.87 9.87 4.02
C CYS L 418 33.52 11.01 4.97
N PRO L 419 32.22 11.25 5.24
CA PRO L 419 31.84 12.33 6.14
C PRO L 419 31.63 11.88 7.58
N ALA L 420 31.92 12.75 8.53
CA ALA L 420 31.66 12.51 9.94
C ALA L 420 30.21 12.88 10.24
N VAL L 421 29.43 11.90 10.70
CA VAL L 421 27.99 12.07 10.91
C VAL L 421 27.66 11.86 12.39
N ALA L 422 26.77 12.69 12.91
CA ALA L 422 26.34 12.64 14.30
C ALA L 422 24.83 12.77 14.37
N GLY L 423 24.16 11.77 14.93
CA GLY L 423 22.70 11.74 15.04
C GLY L 423 22.25 11.57 16.48
N PHE L 424 21.38 12.47 16.95
CA PHE L 424 20.79 12.39 18.29
C PHE L 424 19.28 12.64 18.22
N GLY L 425 18.50 11.74 18.83
CA GLY L 425 17.04 11.84 18.85
C GLY L 425 16.36 10.64 18.22
N PRO L 426 15.10 10.80 17.75
CA PRO L 426 14.39 9.71 17.07
C PRO L 426 14.93 9.49 15.65
N ILE L 427 16.05 8.77 15.58
CA ILE L 427 16.85 8.67 14.36
C ILE L 427 16.81 7.27 13.71
N GLU L 428 15.66 6.60 13.79
CA GLU L 428 15.48 5.29 13.16
C GLU L 428 15.59 5.38 11.63
N GLN L 429 15.17 6.51 11.07
CA GLN L 429 15.24 6.72 9.63
C GLN L 429 16.62 7.13 9.13
N LEU L 430 17.48 7.65 10.01
CA LEU L 430 18.81 8.16 9.62
C LEU L 430 19.51 7.15 8.73
N PRO L 431 19.80 7.51 7.46
CA PRO L 431 20.34 6.54 6.51
C PRO L 431 21.61 5.83 6.97
N ASP L 432 21.80 4.61 6.49
CA ASP L 432 22.99 3.83 6.80
C ASP L 432 24.24 4.56 6.28
N TYR L 433 25.36 4.38 6.97
CA TYR L 433 26.59 5.06 6.60
C TYR L 433 27.05 4.75 5.17
N ASN L 434 26.89 3.50 4.74
CA ASN L 434 27.19 3.12 3.35
C ASN L 434 26.32 3.89 2.34
N ARG L 435 25.06 4.11 2.69
CA ARG L 435 24.15 4.89 1.85
C ARG L 435 24.47 6.38 1.88
N ILE L 436 24.89 6.88 3.05
CA ILE L 436 25.39 8.27 3.18
C ILE L 436 26.69 8.42 2.38
N ARG L 437 27.60 7.46 2.54
CA ARG L 437 28.86 7.45 1.79
C ARG L 437 28.66 7.30 0.28
N SER L 438 27.64 6.54 -0.11
CA SER L 438 27.23 6.45 -1.53
C SER L 438 26.70 7.78 -2.06
N GLY L 439 26.02 8.54 -1.20
CA GLY L 439 25.55 9.88 -1.53
C GLY L 439 26.62 10.97 -1.59
N MET L 440 27.82 10.69 -1.09
CA MET L 440 28.95 11.64 -1.12
C MET L 440 29.71 11.75 -2.44
N PHE L 441 29.36 10.91 -3.39
CA PHE L 441 29.71 11.06 -4.81
C PHE L 441 28.39 10.92 -5.57
N TRP L 442 28.40 10.97 -6.90
CA TRP L 442 27.14 10.98 -7.64
C TRP L 442 27.03 9.80 -8.61
N LEU L 443 25.94 9.82 -9.36
CA LEU L 443 25.67 8.88 -10.43
C LEU L 443 26.54 9.32 -11.59
N ARG L 444 26.61 10.64 -11.82
CA ARG L 444 27.44 11.27 -12.84
C ARG L 444 26.98 10.79 -14.22
N VAL M 1 43.89 55.04 11.53
CA VAL M 1 43.59 56.50 11.44
C VAL M 1 42.10 56.74 11.75
N PRO M 2 41.80 57.74 12.62
CA PRO M 2 40.40 58.00 12.95
C PRO M 2 39.67 58.84 11.88
N PRO M 3 38.47 58.40 11.44
CA PRO M 3 37.65 59.19 10.52
C PRO M 3 36.71 60.15 11.25
N HIS M 4 36.32 61.23 10.57
CA HIS M 4 35.45 62.26 11.15
C HIS M 4 33.99 61.79 11.27
N PRO M 5 33.30 62.12 12.38
CA PRO M 5 31.87 61.81 12.51
C PRO M 5 31.00 62.92 11.91
N GLN M 6 30.01 62.54 11.10
CA GLN M 6 29.11 63.49 10.45
C GLN M 6 27.80 63.64 11.23
N ASP M 7 27.17 64.80 11.08
CA ASP M 7 25.89 65.08 11.74
C ASP M 7 24.77 64.25 11.16
N LEU M 8 23.92 63.70 12.04
CA LEU M 8 22.66 63.08 11.64
C LEU M 8 21.72 64.17 11.17
N GLU M 9 21.57 64.29 9.85
CA GLU M 9 20.62 65.26 9.26
C GLU M 9 19.16 64.88 9.54
N PHE M 10 18.27 65.84 9.34
CA PHE M 10 16.87 65.71 9.75
C PHE M 10 15.99 66.61 8.90
N THR M 11 14.91 66.07 8.36
CA THR M 11 13.94 66.84 7.59
C THR M 11 12.53 66.35 7.90
N ARG M 12 11.59 67.28 8.04
CA ARG M 12 10.19 66.93 8.27
C ARG M 12 9.34 67.53 7.16
N LEU M 13 8.70 66.67 6.37
CA LEU M 13 7.94 67.07 5.19
C LEU M 13 6.66 67.85 5.56
N PRO M 14 6.08 68.58 4.58
CA PRO M 14 4.83 69.32 4.85
C PRO M 14 3.64 68.42 5.19
N ASN M 15 3.53 67.28 4.50
CA ASN M 15 2.46 66.30 4.79
C ASN M 15 2.59 65.58 6.14
N GLY M 16 3.74 65.69 6.81
CA GLY M 16 3.91 65.22 8.19
C GLY M 16 4.97 64.14 8.40
N LEU M 17 5.50 63.59 7.30
CA LEU M 17 6.45 62.49 7.37
C LEU M 17 7.83 62.96 7.85
N VAL M 18 8.38 62.22 8.81
CA VAL M 18 9.68 62.54 9.41
C VAL M 18 10.77 61.77 8.65
N ILE M 19 11.82 62.49 8.25
CA ILE M 19 12.95 61.90 7.52
C ILE M 19 14.24 62.16 8.30
N ALA M 20 15.16 61.21 8.24
CA ALA M 20 16.45 61.36 8.92
C ALA M 20 17.45 60.42 8.27
N SER M 21 18.55 60.94 7.75
CA SER M 21 19.60 60.12 7.15
C SER M 21 20.95 60.47 7.78
N LEU M 22 21.82 59.46 7.86
CA LEU M 22 23.19 59.65 8.36
C LEU M 22 24.17 59.10 7.36
N GLU M 23 24.91 59.99 6.70
CA GLU M 23 25.94 59.59 5.75
C GLU M 23 27.12 59.04 6.54
N ASN M 24 27.20 57.71 6.60
CA ASN M 24 28.19 56.99 7.42
C ASN M 24 29.51 56.75 6.67
N TYR M 25 29.46 56.71 5.34
CA TYR M 25 30.55 56.19 4.50
C TYR M 25 30.87 54.72 4.83
N ALA M 26 29.85 53.98 5.25
CA ALA M 26 30.00 52.58 5.67
C ALA M 26 29.97 51.67 4.44
N PRO M 27 30.49 50.42 4.60
CA PRO M 27 30.31 49.43 3.53
C PRO M 27 28.85 49.01 3.34
N ALA M 28 28.12 48.85 4.44
CA ALA M 28 26.72 48.46 4.42
C ALA M 28 25.79 49.67 4.57
N SER M 29 24.57 49.51 4.08
CA SER M 29 23.48 50.46 4.32
C SER M 29 22.51 49.87 5.34
N ARG M 30 21.69 50.74 5.93
CA ARG M 30 20.71 50.31 6.94
C ARG M 30 19.55 51.30 7.01
N ILE M 31 18.46 50.95 6.33
CA ILE M 31 17.30 51.82 6.15
C ILE M 31 16.10 51.21 6.85
N GLY M 32 15.32 52.05 7.52
CA GLY M 32 14.13 51.63 8.24
C GLY M 32 12.98 52.61 8.08
N LEU M 33 11.78 52.10 7.86
CA LEU M 33 10.56 52.91 7.84
C LEU M 33 9.76 52.57 9.09
N PHE M 34 9.81 53.47 10.06
CA PHE M 34 9.12 53.29 11.35
C PHE M 34 7.71 53.86 11.23
N ILE M 35 6.74 53.16 11.80
CA ILE M 35 5.32 53.51 11.67
C ILE M 35 4.65 53.38 13.01
N LYS M 36 3.80 54.35 13.37
CA LYS M 36 2.90 54.21 14.50
C LYS M 36 1.79 53.25 14.09
N ALA M 37 2.08 51.97 14.26
CA ALA M 37 1.17 50.88 13.96
C ALA M 37 1.66 49.71 14.78
N GLY M 38 0.75 49.00 15.45
CA GLY M 38 1.15 47.96 16.39
C GLY M 38 -0.02 47.37 17.15
N SER M 39 0.30 46.57 18.17
CA SER M 39 -0.72 45.85 18.93
C SER M 39 -1.79 46.76 19.53
N ARG M 40 -1.39 47.96 19.96
CA ARG M 40 -2.31 48.89 20.61
C ARG M 40 -3.41 49.44 19.71
N TYR M 41 -3.08 49.65 18.43
CA TYR M 41 -4.02 50.24 17.47
C TYR M 41 -5.00 49.23 16.86
N GLU M 42 -4.84 47.96 17.20
CA GLU M 42 -5.90 46.97 17.05
C GLU M 42 -7.02 47.33 18.02
N ASN M 43 -8.18 46.71 17.85
CA ASN M 43 -9.31 46.91 18.77
C ASN M 43 -9.98 45.59 19.10
N SER M 44 -11.03 45.65 19.92
CA SER M 44 -11.86 44.49 20.30
C SER M 44 -12.13 43.49 19.17
N ASN M 45 -12.44 44.01 17.98
CA ASN M 45 -12.77 43.17 16.81
C ASN M 45 -11.52 42.65 16.09
N ASN M 46 -10.79 43.53 15.41
CA ASN M 46 -9.65 43.12 14.56
C ASN M 46 -8.34 42.92 15.35
N LEU M 47 -8.26 41.80 16.05
CA LEU M 47 -7.07 41.45 16.84
C LEU M 47 -6.10 40.58 16.04
N GLY M 48 -4.85 40.56 16.48
CA GLY M 48 -3.77 39.85 15.78
C GLY M 48 -3.48 40.29 14.34
N THR M 49 -4.00 41.45 13.96
CA THR M 49 -3.90 41.95 12.59
C THR M 49 -2.52 42.54 12.33
N SER M 50 -1.92 43.15 13.36
CA SER M 50 -0.53 43.59 13.31
C SER M 50 0.44 42.42 13.25
N HIS M 51 0.12 41.33 13.94
CA HIS M 51 0.94 40.12 13.96
C HIS M 51 1.03 39.45 12.59
N LEU M 52 -0.13 39.28 11.95
CA LEU M 52 -0.19 38.74 10.59
C LEU M 52 0.47 39.68 9.59
N LEU M 53 0.27 40.99 9.77
CA LEU M 53 0.91 42.00 8.91
C LEU M 53 2.42 42.00 9.06
N ARG M 54 2.90 41.83 10.29
CA ARG M 54 4.33 41.62 10.59
C ARG M 54 4.90 40.41 9.84
N LEU M 55 4.14 39.31 9.83
CA LEU M 55 4.53 38.09 9.12
C LEU M 55 4.41 38.21 7.60
N ALA M 56 3.43 38.95 7.12
CA ALA M 56 3.09 39.03 5.69
C ALA M 56 3.97 39.96 4.84
N SER M 57 5.11 40.44 5.37
CA SER M 57 5.93 41.43 4.69
C SER M 57 6.49 41.00 3.32
N SER M 58 6.64 39.70 3.10
CA SER M 58 7.11 39.17 1.81
C SER M 58 5.99 38.70 0.86
N LEU M 59 4.72 38.97 1.19
CA LEU M 59 3.59 38.63 0.31
C LEU M 59 3.52 39.58 -0.90
N THR M 60 2.74 39.18 -1.91
CA THR M 60 2.66 39.90 -3.18
C THR M 60 2.20 41.35 -2.99
N THR M 61 2.97 42.26 -3.58
CA THR M 61 2.65 43.69 -3.59
C THR M 61 2.14 44.06 -4.98
N LYS M 62 1.69 45.30 -5.14
CA LYS M 62 1.16 45.79 -6.41
C LYS M 62 2.25 45.95 -7.48
N GLY M 63 3.45 46.35 -7.06
CA GLY M 63 4.60 46.51 -7.96
C GLY M 63 5.53 45.31 -8.08
N ALA M 64 5.54 44.42 -7.08
CA ALA M 64 6.42 43.25 -7.07
C ALA M 64 5.72 42.02 -6.51
N SER M 65 5.94 40.86 -7.15
CA SER M 65 5.38 39.59 -6.69
C SER M 65 6.17 39.06 -5.50
N SER M 66 5.52 38.22 -4.68
CA SER M 66 6.14 37.59 -3.51
C SER M 66 7.46 36.88 -3.85
N PHE M 67 7.47 36.20 -5.00
CA PHE M 67 8.66 35.57 -5.56
C PHE M 67 9.77 36.59 -5.82
N LYS M 68 9.42 37.70 -6.47
CA LYS M 68 10.39 38.76 -6.79
C LYS M 68 10.99 39.42 -5.53
N ILE M 69 10.16 39.62 -4.50
CA ILE M 69 10.62 40.22 -3.24
C ILE M 69 11.67 39.34 -2.57
N THR M 70 11.34 38.05 -2.43
CA THR M 70 12.23 37.07 -1.78
C THR M 70 13.54 36.92 -2.54
N ARG M 71 13.43 36.59 -3.83
CA ARG M 71 14.60 36.29 -4.66
C ARG M 71 15.45 37.51 -5.02
N GLY M 72 14.80 38.66 -5.23
CA GLY M 72 15.50 39.91 -5.54
C GLY M 72 16.36 40.42 -4.40
N ILE M 73 15.82 40.36 -3.19
CA ILE M 73 16.54 40.74 -1.97
C ILE M 73 17.66 39.74 -1.64
N GLU M 74 17.36 38.45 -1.74
CA GLU M 74 18.34 37.40 -1.47
C GLU M 74 19.50 37.37 -2.48
N ALA M 75 19.22 37.70 -3.74
CA ALA M 75 20.24 37.70 -4.80
C ALA M 75 21.30 38.82 -4.64
N VAL M 76 20.94 39.89 -3.94
CA VAL M 76 21.90 40.96 -3.58
C VAL M 76 22.45 40.79 -2.15
N GLY M 77 22.20 39.64 -1.53
CA GLY M 77 22.60 39.36 -0.16
C GLY M 77 21.93 40.20 0.92
N GLY M 78 20.80 40.82 0.59
CA GLY M 78 20.11 41.71 1.53
C GLY M 78 19.20 40.96 2.48
N LYS M 79 18.49 41.70 3.33
CA LYS M 79 17.48 41.13 4.22
C LYS M 79 16.45 42.17 4.69
N LEU M 80 15.18 41.79 4.59
CA LEU M 80 14.05 42.65 4.94
C LEU M 80 13.38 42.12 6.20
N SER M 81 13.44 42.90 7.27
CA SER M 81 12.84 42.53 8.56
C SER M 81 11.69 43.46 8.94
N VAL M 82 10.88 43.01 9.90
CA VAL M 82 9.85 43.83 10.54
C VAL M 82 9.95 43.59 12.04
N THR M 83 10.01 44.68 12.80
CA THR M 83 10.14 44.63 14.25
C THR M 83 8.99 45.41 14.90
N SER M 84 8.03 44.67 15.46
CA SER M 84 6.86 45.27 16.13
C SER M 84 7.11 45.45 17.62
N THR M 85 6.75 46.63 18.13
CA THR M 85 6.51 46.84 19.56
C THR M 85 4.99 46.81 19.75
N ARG M 86 4.53 47.19 20.94
CA ARG M 86 3.09 47.44 21.15
C ARG M 86 2.61 48.68 20.38
N GLU M 87 3.48 49.69 20.26
CA GLU M 87 3.15 50.94 19.60
C GLU M 87 3.57 50.97 18.13
N ASN M 88 4.83 50.64 17.87
CA ASN M 88 5.46 50.89 16.56
C ASN M 88 5.83 49.64 15.77
N MET M 89 5.68 49.74 14.44
CA MET M 89 6.11 48.71 13.49
C MET M 89 7.28 49.24 12.67
N ALA M 90 8.42 48.56 12.75
CA ALA M 90 9.67 49.02 12.14
C ALA M 90 10.10 48.12 10.98
N TYR M 91 9.66 48.47 9.78
CA TYR M 91 10.07 47.77 8.56
C TYR M 91 11.49 48.20 8.21
N THR M 92 12.44 47.27 8.22
CA THR M 92 13.85 47.57 8.03
C THR M 92 14.52 46.71 6.96
N VAL M 93 15.28 47.37 6.08
CA VAL M 93 16.04 46.69 5.02
C VAL M 93 17.55 46.91 5.24
N GLU M 94 18.35 45.87 4.99
CA GLU M 94 19.81 45.96 5.08
C GLU M 94 20.45 45.34 3.84
N CYS M 95 21.54 45.93 3.37
CA CYS M 95 22.22 45.50 2.14
C CYS M 95 23.58 46.18 1.97
N LEU M 96 24.28 45.83 0.89
CA LEU M 96 25.46 46.57 0.45
C LEU M 96 25.08 47.95 -0.10
N ARG M 97 26.08 48.81 -0.19
CA ARG M 97 25.90 50.23 -0.55
C ARG M 97 25.42 50.46 -1.98
N ASP M 98 25.78 49.58 -2.90
CA ASP M 98 25.38 49.70 -4.31
C ASP M 98 23.98 49.14 -4.61
N ASP M 99 23.39 48.41 -3.65
CA ASP M 99 22.08 47.77 -3.84
C ASP M 99 20.98 48.43 -3.01
N VAL M 100 21.09 49.73 -2.78
CA VAL M 100 20.17 50.47 -1.89
C VAL M 100 18.81 50.65 -2.54
N ASP M 101 18.82 51.30 -3.69
CA ASP M 101 17.59 51.60 -4.44
C ASP M 101 16.73 50.37 -4.65
N ILE M 102 17.34 49.19 -4.76
CA ILE M 102 16.60 47.94 -4.95
C ILE M 102 15.80 47.55 -3.69
N LEU M 103 16.49 47.49 -2.55
CA LEU M 103 15.86 47.22 -1.26
C LEU M 103 14.86 48.30 -0.85
N MET M 104 15.18 49.55 -1.17
CA MET M 104 14.26 50.66 -0.96
C MET M 104 12.98 50.43 -1.76
N GLU M 105 13.13 50.06 -3.02
CA GLU M 105 11.99 49.78 -3.91
C GLU M 105 11.06 48.73 -3.31
N PHE M 106 11.62 47.62 -2.86
CA PHE M 106 10.85 46.57 -2.20
C PHE M 106 10.25 47.03 -0.88
N LEU M 107 11.01 47.79 -0.09
CA LEU M 107 10.53 48.36 1.18
C LEU M 107 9.28 49.20 0.99
N LEU M 108 9.31 50.07 -0.02
CA LEU M 108 8.19 50.95 -0.33
C LEU M 108 6.99 50.16 -0.84
N ASN M 109 7.26 49.21 -1.75
CA ASN M 109 6.23 48.29 -2.26
C ASN M 109 5.50 47.51 -1.16
N VAL M 110 6.25 47.05 -0.17
CA VAL M 110 5.67 46.32 0.96
C VAL M 110 4.82 47.25 1.85
N THR M 111 5.35 48.44 2.13
CA THR M 111 4.75 49.35 3.11
C THR M 111 3.65 50.27 2.56
N THR M 112 3.77 50.69 1.30
CA THR M 112 2.77 51.58 0.67
C THR M 112 1.74 50.83 -0.15
N ALA M 113 2.20 49.86 -0.95
CA ALA M 113 1.36 49.23 -1.99
C ALA M 113 1.29 47.68 -1.93
N PRO M 114 0.92 47.12 -0.76
CA PRO M 114 0.65 45.68 -0.67
C PRO M 114 -0.74 45.31 -1.19
N GLU M 115 -0.88 44.10 -1.73
CA GLU M 115 -2.15 43.62 -2.29
C GLU M 115 -3.01 42.79 -1.31
N PHE M 116 -2.35 41.99 -0.46
CA PHE M 116 -3.03 41.07 0.48
C PHE M 116 -4.05 40.17 -0.23
N ARG M 117 -3.52 39.26 -1.05
CA ARG M 117 -4.37 38.35 -1.82
C ARG M 117 -5.02 37.30 -0.92
N ARG M 118 -6.29 37.01 -1.18
CA ARG M 118 -7.12 36.11 -0.35
C ARG M 118 -6.45 34.77 -0.09
N TRP M 119 -5.94 34.15 -1.15
CA TRP M 119 -5.26 32.86 -1.07
C TRP M 119 -3.91 32.93 -0.35
N GLU M 120 -3.15 34.00 -0.60
CA GLU M 120 -1.85 34.21 0.06
C GLU M 120 -2.00 34.43 1.57
N VAL M 121 -2.99 35.23 1.96
CA VAL M 121 -3.30 35.46 3.37
C VAL M 121 -3.82 34.18 4.01
N ALA M 122 -4.70 33.46 3.32
CA ALA M 122 -5.20 32.16 3.77
C ALA M 122 -4.08 31.13 3.92
N ALA M 123 -3.12 31.16 3.01
CA ALA M 123 -1.93 30.31 3.09
C ALA M 123 -1.02 30.66 4.27
N LEU M 124 -0.96 31.95 4.60
CA LEU M 124 -0.14 32.45 5.70
C LEU M 124 -0.73 32.24 7.11
N GLN M 125 -2.04 32.00 7.21
CA GLN M 125 -2.73 31.89 8.51
C GLN M 125 -2.09 30.97 9.57
N PRO M 126 -1.68 29.75 9.18
CA PRO M 126 -1.07 28.84 10.18
C PRO M 126 0.34 29.23 10.65
N GLN M 127 1.04 30.09 9.90
CA GLN M 127 2.37 30.58 10.30
C GLN M 127 2.35 31.32 11.63
N LEU M 128 1.27 32.08 11.89
CA LEU M 128 1.17 32.81 13.16
C LEU M 128 0.87 31.93 14.38
N ARG M 129 0.36 30.71 14.16
CA ARG M 129 0.28 29.71 15.24
C ARG M 129 1.68 29.20 15.58
N ILE M 130 2.51 29.00 14.56
CA ILE M 130 3.92 28.64 14.73
C ILE M 130 4.67 29.78 15.42
N ASP M 131 4.74 30.93 14.75
CA ASP M 131 5.48 32.10 15.23
C ASP M 131 5.13 32.50 16.68
N LYS M 132 3.86 32.33 17.06
CA LYS M 132 3.43 32.51 18.44
C LYS M 132 4.04 31.43 19.34
N ALA M 133 3.79 30.17 18.98
CA ALA M 133 4.27 29.02 19.76
C ALA M 133 5.79 29.00 19.94
N VAL M 134 6.53 29.52 18.97
CA VAL M 134 7.99 29.64 19.04
C VAL M 134 8.39 30.60 20.17
N ALA M 135 7.84 31.81 20.13
CA ALA M 135 8.14 32.85 21.11
C ALA M 135 7.62 32.53 22.51
N LEU M 136 6.46 31.90 22.60
CA LEU M 136 5.84 31.54 23.88
C LEU M 136 6.56 30.41 24.65
N GLN M 137 7.55 29.76 24.02
CA GLN M 137 8.47 28.89 24.76
C GLN M 137 9.23 29.65 25.85
N ASN M 138 9.57 30.91 25.58
CA ASN M 138 10.09 31.82 26.60
C ASN M 138 8.94 32.26 27.50
N PRO M 139 8.88 31.74 28.75
CA PRO M 139 7.72 32.07 29.61
C PRO M 139 7.63 33.55 30.00
N GLN M 140 8.77 34.25 29.98
CA GLN M 140 8.82 35.71 30.03
C GLN M 140 7.73 36.31 29.17
N ALA M 141 7.69 35.88 27.90
CA ALA M 141 6.77 36.43 26.92
C ALA M 141 5.32 36.37 27.37
N HIS M 142 4.88 35.19 27.79
CA HIS M 142 3.48 34.99 28.17
C HIS M 142 3.09 35.71 29.46
N VAL M 143 4.03 35.80 30.41
CA VAL M 143 3.82 36.56 31.64
C VAL M 143 3.65 38.05 31.33
N ILE M 144 4.45 38.57 30.39
CA ILE M 144 4.34 39.98 29.96
C ILE M 144 3.03 40.26 29.22
N GLU M 145 2.58 39.32 28.38
CA GLU M 145 1.26 39.45 27.72
C GLU M 145 0.14 39.55 28.75
N ASN M 146 0.15 38.61 29.70
CA ASN M 146 -0.76 38.60 30.84
C ASN M 146 -0.64 39.83 31.74
N LEU M 147 0.58 40.35 31.91
CA LEU M 147 0.82 41.56 32.72
C LEU M 147 0.15 42.76 32.09
N HIS M 148 0.49 43.04 30.82
CA HIS M 148 -0.12 44.14 30.07
C HIS M 148 -1.64 44.00 29.96
N ALA M 149 -2.10 42.76 29.73
CA ALA M 149 -3.53 42.45 29.67
C ALA M 149 -4.26 42.80 30.97
N ALA M 150 -3.66 42.42 32.09
CA ALA M 150 -4.22 42.68 33.42
C ALA M 150 -3.99 44.12 33.91
N ALA M 151 -2.89 44.73 33.50
CA ALA M 151 -2.51 46.08 33.95
C ALA M 151 -3.39 47.16 33.33
N TYR M 152 -3.51 47.14 32.00
CA TYR M 152 -4.32 48.12 31.26
C TYR M 152 -5.69 47.56 30.91
N ARG M 153 -6.56 48.43 30.40
CA ARG M 153 -7.92 48.04 29.98
C ARG M 153 -7.98 47.72 28.48
N ASN M 154 -7.88 48.74 27.64
CA ASN M 154 -8.17 48.61 26.21
C ASN M 154 -6.92 48.67 25.33
N ALA M 155 -6.10 49.71 25.50
CA ALA M 155 -5.07 50.06 24.52
C ALA M 155 -3.89 49.09 24.52
N LEU M 156 -3.06 49.14 25.55
CA LEU M 156 -1.83 48.34 25.61
C LEU M 156 -2.05 46.91 26.13
N ALA M 157 -3.26 46.62 26.61
CA ALA M 157 -3.67 45.25 26.97
C ALA M 157 -3.75 44.30 25.77
N ASN M 158 -3.79 44.84 24.55
CA ASN M 158 -3.71 44.03 23.34
C ASN M 158 -2.39 43.27 23.28
N SER M 159 -2.49 41.95 23.08
CA SER M 159 -1.33 41.09 22.99
C SER M 159 -0.58 41.36 21.70
N LEU M 160 0.75 41.28 21.76
CA LEU M 160 1.59 41.50 20.58
C LEU M 160 1.42 40.37 19.58
N TYR M 161 1.34 39.14 20.09
CA TYR M 161 1.01 37.97 19.27
C TYR M 161 -0.50 37.82 19.18
N CYS M 162 -0.95 37.12 18.14
CA CYS M 162 -2.37 37.03 17.79
C CYS M 162 -3.10 36.16 18.80
N PRO M 163 -4.32 36.58 19.23
CA PRO M 163 -5.13 35.71 20.08
C PRO M 163 -5.43 34.36 19.41
N ASP M 164 -5.43 33.29 20.20
CA ASP M 164 -5.53 31.93 19.66
C ASP M 164 -6.81 31.68 18.85
N TYR M 165 -7.92 32.27 19.27
CA TYR M 165 -9.19 32.16 18.52
C TYR M 165 -9.15 32.90 17.18
N ARG M 166 -8.40 34.00 17.11
CA ARG M 166 -8.22 34.78 15.87
C ARG M 166 -7.27 34.15 14.85
N ILE M 167 -6.60 33.06 15.22
CA ILE M 167 -5.74 32.31 14.29
C ILE M 167 -6.62 31.73 13.19
N GLY M 168 -6.41 32.18 11.96
CA GLY M 168 -7.24 31.78 10.82
C GLY M 168 -8.35 32.76 10.46
N LYS M 169 -8.80 33.54 11.44
CA LYS M 169 -9.94 34.46 11.27
C LYS M 169 -9.57 35.86 10.77
N VAL M 170 -8.27 36.19 10.72
CA VAL M 170 -7.84 37.50 10.24
C VAL M 170 -8.08 37.55 8.72
N THR M 171 -8.75 38.59 8.25
CA THR M 171 -9.17 38.68 6.85
C THR M 171 -8.14 39.48 6.02
N PRO M 172 -8.17 39.34 4.68
CA PRO M 172 -7.38 40.23 3.83
C PRO M 172 -7.92 41.67 3.80
N VAL M 173 -9.22 41.83 4.07
CA VAL M 173 -9.86 43.15 4.13
C VAL M 173 -9.41 43.89 5.39
N GLU M 174 -9.32 43.18 6.52
CA GLU M 174 -8.83 43.76 7.77
C GLU M 174 -7.39 44.26 7.66
N LEU M 175 -6.54 43.52 6.94
CA LEU M 175 -5.16 43.94 6.68
C LEU M 175 -5.12 45.18 5.80
N HIS M 176 -5.83 45.14 4.66
CA HIS M 176 -6.04 46.31 3.79
C HIS M 176 -6.39 47.55 4.60
N ASP M 177 -7.43 47.43 5.41
CA ASP M 177 -7.94 48.54 6.21
C ASP M 177 -6.98 48.96 7.32
N TYR M 178 -6.37 47.99 8.00
CA TYR M 178 -5.36 48.28 9.03
C TYR M 178 -4.14 49.02 8.47
N VAL M 179 -3.76 48.71 7.22
CA VAL M 179 -2.69 49.44 6.54
C VAL M 179 -3.17 50.84 6.15
N GLN M 180 -4.29 50.91 5.44
CA GLN M 180 -4.88 52.20 4.99
C GLN M 180 -5.09 53.21 6.12
N ASN M 181 -5.48 52.72 7.30
CA ASN M 181 -5.70 53.58 8.46
C ASN M 181 -4.40 54.07 9.09
N HIS M 182 -3.45 53.17 9.31
CA HIS M 182 -2.26 53.45 10.14
C HIS M 182 -0.97 53.75 9.36
N PHE M 183 -0.76 53.10 8.21
CA PHE M 183 0.47 53.30 7.42
C PHE M 183 0.36 54.60 6.61
N THR M 184 0.48 55.72 7.32
CA THR M 184 0.23 57.05 6.75
C THR M 184 1.30 58.07 7.12
N SER M 185 1.31 59.20 6.41
CA SER M 185 2.41 60.18 6.47
C SER M 185 2.75 60.68 7.89
N ALA M 186 1.75 61.24 8.56
CA ALA M 186 1.93 61.76 9.93
C ALA M 186 2.31 60.68 10.94
N ARG M 187 1.95 59.42 10.66
CA ARG M 187 2.29 58.30 11.53
C ARG M 187 3.61 57.62 11.19
N MET M 188 4.09 57.79 9.95
CA MET M 188 5.34 57.16 9.48
C MET M 188 6.59 58.00 9.77
N ALA M 189 7.76 57.36 9.64
CA ALA M 189 9.06 58.01 9.84
C ALA M 189 10.18 57.19 9.19
N LEU M 190 10.73 57.70 8.09
CA LEU M 190 11.77 57.01 7.33
C LEU M 190 13.17 57.38 7.84
N ILE M 191 13.90 56.37 8.32
CA ILE M 191 15.26 56.52 8.84
C ILE M 191 16.25 55.89 7.85
N GLY M 192 17.45 56.47 7.78
CA GLY M 192 18.51 55.97 6.87
C GLY M 192 19.88 55.95 7.52
N LEU M 193 20.75 55.06 7.03
CA LEU M 193 22.13 54.96 7.48
C LEU M 193 22.98 54.42 6.34
N GLY M 194 24.15 55.02 6.12
CA GLY M 194 25.00 54.69 4.98
C GLY M 194 24.36 55.10 3.65
N VAL M 195 23.79 56.31 3.63
CA VAL M 195 23.01 56.79 2.48
C VAL M 195 22.95 58.32 2.48
N SER M 196 22.91 58.91 1.28
CA SER M 196 22.81 60.35 1.11
C SER M 196 21.38 60.84 1.39
N HIS M 197 21.28 62.05 1.94
CA HIS M 197 19.99 62.62 2.37
C HIS M 197 19.04 63.02 1.23
N PRO M 198 19.55 63.69 0.16
CA PRO M 198 18.66 64.18 -0.90
C PRO M 198 17.82 63.09 -1.60
N VAL M 199 18.47 61.99 -1.96
CA VAL M 199 17.76 60.84 -2.56
C VAL M 199 16.74 60.21 -1.61
N LEU M 200 17.08 60.17 -0.32
CA LEU M 200 16.19 59.63 0.71
C LEU M 200 14.98 60.55 0.93
N LYS M 201 15.21 61.86 0.84
CA LYS M 201 14.12 62.84 0.88
C LYS M 201 13.23 62.78 -0.37
N GLN M 202 13.86 62.74 -1.54
CA GLN M 202 13.12 62.71 -2.81
C GLN M 202 12.27 61.45 -2.96
N VAL M 203 12.81 60.31 -2.55
CA VAL M 203 12.06 59.05 -2.49
C VAL M 203 10.89 59.14 -1.51
N ALA M 204 11.13 59.75 -0.35
CA ALA M 204 10.10 59.94 0.69
C ALA M 204 8.96 60.88 0.25
N GLU M 205 9.30 61.87 -0.58
CA GLU M 205 8.27 62.75 -1.18
C GLU M 205 7.53 62.04 -2.32
N GLN M 206 8.29 61.37 -3.17
CA GLN M 206 7.76 60.74 -4.40
C GLN M 206 6.84 59.56 -4.13
N PHE M 207 7.25 58.66 -3.22
CA PHE M 207 6.49 57.44 -2.93
C PHE M 207 5.71 57.49 -1.61
N LEU M 208 6.35 57.91 -0.53
CA LEU M 208 5.71 57.88 0.80
C LEU M 208 4.65 58.94 1.13
N ASN M 209 4.05 59.60 0.12
CA ASN M 209 2.91 60.49 0.34
C ASN M 209 1.58 59.73 0.17
N ILE M 210 0.93 59.48 1.30
CA ILE M 210 -0.40 58.89 1.34
C ILE M 210 -0.89 59.31 2.71
N ARG M 211 -2.14 59.70 2.85
CA ARG M 211 -2.66 60.04 4.16
C ARG M 211 -4.12 59.69 4.24
N GLY M 212 -4.54 59.13 5.37
CA GLY M 212 -5.87 58.80 5.66
C GLY M 212 -6.41 59.08 7.02
N GLY M 213 -7.43 58.39 7.49
CA GLY M 213 -7.91 58.76 8.84
C GLY M 213 -6.89 58.61 9.87
N LEU M 214 -7.32 58.72 11.12
CA LEU M 214 -6.41 58.66 12.25
C LEU M 214 -5.51 59.87 12.54
N GLY M 215 -4.56 60.12 11.65
CA GLY M 215 -3.64 61.24 11.82
C GLY M 215 -2.94 61.36 13.16
N LEU M 216 -1.90 60.55 13.34
CA LEU M 216 -1.11 60.56 14.57
C LEU M 216 -1.86 60.46 15.91
N SER M 217 -1.38 61.20 16.91
CA SER M 217 -1.99 61.18 18.24
C SER M 217 -2.35 59.86 18.89
N GLY M 218 -3.64 59.53 18.97
CA GLY M 218 -4.04 58.27 19.57
C GLY M 218 -5.27 58.25 20.46
N ALA M 219 -5.39 57.18 21.24
CA ALA M 219 -6.52 57.00 22.14
C ALA M 219 -6.17 57.24 23.62
N LYS M 220 -6.37 56.22 24.45
CA LYS M 220 -6.08 56.36 25.89
C LYS M 220 -5.56 55.05 26.48
N ALA M 221 -4.40 55.11 27.14
CA ALA M 221 -3.90 53.95 27.88
C ALA M 221 -4.57 53.99 29.23
N LYS M 222 -5.79 53.45 29.30
CA LYS M 222 -6.56 53.47 30.55
C LYS M 222 -5.92 52.46 31.48
N TYR M 223 -5.24 52.96 32.51
CA TYR M 223 -4.60 52.09 33.47
C TYR M 223 -5.64 51.55 34.46
N HIS M 224 -5.39 50.32 34.92
CA HIS M 224 -6.32 49.55 35.74
C HIS M 224 -5.46 48.78 36.75
N GLY M 225 -6.08 47.97 37.60
CA GLY M 225 -5.37 47.02 38.45
C GLY M 225 -5.92 45.63 38.20
N GLY M 226 -5.03 44.68 37.91
CA GLY M 226 -5.46 43.31 37.64
C GLY M 226 -4.43 42.25 37.99
N GLU M 227 -4.92 41.02 38.10
CA GLU M 227 -4.07 39.85 38.30
C GLU M 227 -4.68 38.66 37.57
N ILE M 228 -3.92 38.13 36.61
CA ILE M 228 -4.25 36.85 35.99
C ILE M 228 -3.13 35.87 36.34
N ARG M 229 -3.52 34.69 36.83
CA ARG M 229 -2.60 33.71 37.39
C ARG M 229 -2.78 32.38 36.68
N GLU M 230 -1.90 32.10 35.72
CA GLU M 230 -2.00 30.91 34.88
C GLU M 230 -1.24 29.73 35.50
N GLN M 231 -1.98 28.73 35.97
CA GLN M 231 -1.37 27.53 36.55
C GLN M 231 -0.72 26.70 35.44
N ASN M 232 0.60 26.49 35.57
CA ASN M 232 1.46 26.03 34.47
C ASN M 232 1.92 24.57 34.61
N GLY M 233 2.37 24.20 35.81
CA GLY M 233 3.01 22.91 36.03
C GLY M 233 4.40 22.88 35.40
N ASP M 234 5.16 23.94 35.66
CA ASP M 234 6.48 24.15 35.07
C ASP M 234 7.56 23.90 36.12
N SER M 235 8.82 23.85 35.68
CA SER M 235 9.97 23.73 36.58
C SER M 235 10.08 24.90 37.56
N LEU M 236 9.99 26.11 37.02
CA LEU M 236 10.12 27.35 37.78
C LEU M 236 8.75 27.99 38.02
N VAL M 237 8.75 29.13 38.71
CA VAL M 237 7.54 29.94 38.90
C VAL M 237 7.85 31.40 38.50
N HIS M 238 7.61 31.68 37.22
CA HIS M 238 7.80 33.03 36.68
C HIS M 238 6.67 33.94 37.11
N ALA M 239 7.02 35.14 37.59
CA ALA M 239 6.04 36.12 38.04
C ALA M 239 6.53 37.55 37.86
N ALA M 240 5.59 38.49 37.88
CA ALA M 240 5.89 39.91 37.75
C ALA M 240 4.86 40.75 38.51
N LEU M 241 5.34 41.84 39.12
CA LEU M 241 4.49 42.75 39.89
C LEU M 241 4.89 44.19 39.59
N VAL M 242 3.98 44.96 39.01
CA VAL M 242 4.24 46.33 38.58
C VAL M 242 3.16 47.31 39.01
N ALA M 243 3.47 48.60 38.84
CA ALA M 243 2.50 49.70 39.01
C ALA M 243 2.72 50.71 37.89
N GLU M 244 1.80 51.66 37.75
CA GLU M 244 1.89 52.65 36.68
C GLU M 244 3.06 53.61 36.89
N SER M 245 4.08 53.50 36.04
CA SER M 245 5.22 54.42 36.03
C SER M 245 4.84 55.67 35.23
N ALA M 246 5.85 56.41 34.76
CA ALA M 246 5.64 57.58 33.92
C ALA M 246 5.80 57.24 32.43
N ALA M 247 5.23 58.11 31.59
CA ALA M 247 5.39 58.01 30.15
C ALA M 247 6.78 58.48 29.74
N ILE M 248 7.20 58.08 28.55
CA ILE M 248 8.59 58.23 28.08
C ILE M 248 9.11 59.69 27.97
N GLY M 249 8.21 60.63 27.71
CA GLY M 249 8.59 62.02 27.44
C GLY M 249 9.16 62.85 28.59
N SER M 250 8.78 62.53 29.82
CA SER M 250 9.11 63.34 31.00
C SER M 250 10.41 62.92 31.70
N ALA M 251 10.84 63.74 32.65
CA ALA M 251 12.00 63.43 33.51
C ALA M 251 11.70 62.30 34.51
N GLU M 252 10.41 62.08 34.81
CA GLU M 252 9.99 60.95 35.64
C GLU M 252 10.39 59.60 35.04
N ALA M 253 10.29 59.48 33.71
CA ALA M 253 10.79 58.30 32.99
C ALA M 253 12.25 58.00 33.31
N ASN M 254 13.07 59.04 33.32
CA ASN M 254 14.49 58.90 33.67
C ASN M 254 14.71 58.54 35.15
N ALA M 255 13.83 59.03 36.03
CA ALA M 255 13.88 58.66 37.45
C ALA M 255 13.57 57.16 37.67
N PHE M 256 12.48 56.70 37.05
CA PHE M 256 12.15 55.27 37.02
C PHE M 256 13.25 54.43 36.36
N SER M 257 13.78 54.93 35.24
CA SER M 257 14.86 54.25 34.52
C SER M 257 16.15 54.16 35.34
N VAL M 258 16.44 55.21 36.12
CA VAL M 258 17.54 55.17 37.10
C VAL M 258 17.21 54.20 38.24
N LEU M 259 15.99 54.30 38.78
CA LEU M 259 15.51 53.42 39.86
C LEU M 259 15.59 51.93 39.49
N GLN M 260 15.35 51.62 38.22
CA GLN M 260 15.56 50.28 37.68
C GLN M 260 17.01 49.83 37.88
N HIS M 261 17.95 50.70 37.56
CA HIS M 261 19.39 50.42 37.72
C HIS M 261 19.89 50.50 39.16
N VAL M 262 19.21 51.27 40.01
CA VAL M 262 19.46 51.27 41.46
C VAL M 262 19.10 49.90 42.01
N LEU M 263 17.90 49.44 41.67
CA LEU M 263 17.48 48.07 41.93
C LEU M 263 18.23 47.13 40.96
N GLY M 264 17.94 45.83 41.03
CA GLY M 264 18.60 44.85 40.16
C GLY M 264 18.09 44.90 38.74
N ALA M 265 18.77 45.63 37.86
CA ALA M 265 18.36 45.74 36.45
C ALA M 265 18.62 44.45 35.69
N GLY M 266 19.89 44.05 35.63
CA GLY M 266 20.29 42.85 34.91
C GLY M 266 21.81 42.70 34.90
N PRO M 267 22.32 41.46 35.03
CA PRO M 267 23.74 41.19 35.34
C PRO M 267 24.74 41.70 34.30
N HIS M 268 25.90 42.14 34.77
CA HIS M 268 27.00 42.61 33.91
C HIS M 268 28.19 41.65 33.85
N VAL M 269 28.42 40.89 34.92
CA VAL M 269 29.58 40.01 35.03
C VAL M 269 29.17 38.57 34.76
N LYS M 270 29.85 37.91 33.82
CA LYS M 270 29.54 36.52 33.47
C LYS M 270 29.81 35.59 34.65
N ARG M 271 28.77 34.83 35.03
CA ARG M 271 28.80 33.93 36.19
C ARG M 271 29.07 34.63 37.53
N GLY M 272 28.67 35.89 37.64
CA GLY M 272 28.80 36.64 38.89
C GLY M 272 27.68 36.28 39.87
N SER M 273 27.79 36.80 41.09
CA SER M 273 26.76 36.64 42.12
C SER M 273 25.76 37.81 42.19
N ASN M 274 25.76 38.68 41.17
CA ASN M 274 24.96 39.93 41.14
C ASN M 274 25.23 40.79 42.38
N ALA M 275 26.39 41.44 42.39
CA ALA M 275 26.89 42.16 43.57
C ALA M 275 26.15 43.46 43.83
N THR M 276 26.25 44.42 42.91
CA THR M 276 25.64 45.74 43.08
C THR M 276 24.12 45.78 42.89
N SER M 277 23.56 44.70 42.34
CA SER M 277 22.10 44.52 42.25
C SER M 277 21.47 44.56 43.64
N SER M 278 20.49 45.44 43.83
CA SER M 278 19.85 45.61 45.14
C SER M 278 18.89 44.46 45.46
N LEU M 279 17.97 44.20 44.52
CA LEU M 279 16.91 43.19 44.70
C LEU M 279 17.46 41.78 44.91
N TYR M 280 18.45 41.41 44.10
CA TYR M 280 19.11 40.10 44.22
C TYR M 280 19.73 39.90 45.61
N GLN M 281 20.38 40.94 46.12
CA GLN M 281 21.00 40.90 47.45
C GLN M 281 19.97 40.88 48.59
N ALA M 282 18.83 41.55 48.38
CA ALA M 282 17.73 41.56 49.36
C ALA M 282 17.07 40.18 49.50
N VAL M 283 16.82 39.53 48.37
CA VAL M 283 16.22 38.19 48.36
C VAL M 283 17.21 37.09 48.75
N ALA M 284 18.48 37.24 48.37
CA ALA M 284 19.53 36.25 48.65
C ALA M 284 19.74 36.02 50.15
N LYS M 285 19.78 37.12 50.91
CA LYS M 285 19.91 37.07 52.37
C LYS M 285 18.72 36.39 53.03
N GLY M 286 17.53 36.57 52.45
CA GLY M 286 16.30 35.92 52.93
C GLY M 286 16.24 34.42 52.68
N VAL M 287 16.12 34.03 51.41
CA VAL M 287 15.93 32.62 51.03
C VAL M 287 17.12 32.09 50.23
N HIS M 288 17.50 30.83 50.52
CA HIS M 288 18.74 30.23 50.00
C HIS M 288 18.45 29.14 48.95
N GLN M 289 18.18 29.57 47.72
CA GLN M 289 17.87 28.65 46.61
C GLN M 289 18.43 29.16 45.27
N PRO M 290 18.20 28.40 44.18
CA PRO M 290 18.35 28.96 42.84
C PRO M 290 17.17 29.88 42.50
N PHE M 291 17.46 31.14 42.20
CA PHE M 291 16.43 32.13 41.86
C PHE M 291 16.98 33.17 40.90
N ASP M 292 16.10 34.04 40.44
CA ASP M 292 16.49 35.31 39.84
C ASP M 292 15.35 36.32 39.97
N VAL M 293 15.74 37.57 40.23
CA VAL M 293 14.79 38.69 40.28
C VAL M 293 15.44 39.87 39.56
N SER M 294 14.62 40.68 38.90
CA SER M 294 15.11 41.89 38.25
C SER M 294 14.04 42.96 38.11
N ALA M 295 14.49 44.20 37.99
CA ALA M 295 13.63 45.37 37.89
C ALA M 295 13.15 45.53 36.45
N PHE M 296 11.83 45.53 36.28
CA PHE M 296 11.20 45.63 34.98
C PHE M 296 10.65 47.04 34.81
N ASN M 297 11.00 47.69 33.70
CA ASN M 297 10.58 49.06 33.42
C ASN M 297 10.15 49.23 31.96
N ALA M 298 8.85 49.44 31.75
CA ALA M 298 8.28 49.72 30.44
C ALA M 298 7.82 51.17 30.40
N SER M 299 8.23 51.91 29.36
CA SER M 299 7.78 53.29 29.17
C SER M 299 7.35 53.49 27.72
N TYR M 300 6.14 54.03 27.55
CA TYR M 300 5.58 54.31 26.23
C TYR M 300 5.29 55.79 26.12
N SER M 301 4.89 56.23 24.92
CA SER M 301 4.54 57.62 24.67
C SER M 301 3.25 58.06 25.36
N ASP M 302 2.39 57.09 25.68
CA ASP M 302 1.13 57.34 26.40
C ASP M 302 1.31 57.12 27.90
N SER M 303 1.76 55.92 28.27
CA SER M 303 1.86 55.50 29.68
C SER M 303 3.14 54.70 29.92
N GLY M 304 3.24 54.05 31.09
CA GLY M 304 4.35 53.16 31.39
C GLY M 304 4.10 52.29 32.61
N LEU M 305 4.82 51.17 32.69
CA LEU M 305 4.80 50.26 33.84
C LEU M 305 6.18 50.18 34.48
N PHE M 306 6.21 50.03 35.81
CA PHE M 306 7.45 49.76 36.54
C PHE M 306 7.22 48.81 37.72
N GLY M 307 8.19 47.95 37.95
CA GLY M 307 8.17 47.05 39.10
C GLY M 307 9.32 46.07 39.06
N PHE M 308 9.02 44.77 39.13
CA PHE M 308 10.05 43.75 39.04
C PHE M 308 9.48 42.39 38.64
N TYR M 309 10.38 41.54 38.13
CA TYR M 309 10.08 40.19 37.65
C TYR M 309 10.82 39.21 38.56
N THR M 310 10.13 38.16 39.01
CA THR M 310 10.71 37.14 39.90
C THR M 310 10.62 35.74 39.29
N ILE M 311 11.73 35.00 39.36
CA ILE M 311 11.79 33.60 38.95
C ILE M 311 12.30 32.79 40.15
N SER M 312 11.64 31.66 40.43
CA SER M 312 11.85 30.93 41.68
C SER M 312 11.21 29.53 41.66
N GLN M 313 11.39 28.77 42.74
CA GLN M 313 10.71 27.48 42.95
C GLN M 313 9.25 27.69 43.37
N ALA M 314 8.54 26.60 43.63
CA ALA M 314 7.15 26.65 44.11
C ALA M 314 6.98 27.51 45.36
N ALA M 315 7.63 27.11 46.45
CA ALA M 315 7.48 27.79 47.75
C ALA M 315 8.25 29.11 47.85
N SER M 316 9.43 29.17 47.21
CA SER M 316 10.31 30.35 47.27
C SER M 316 9.69 31.65 46.73
N ALA M 317 8.78 31.53 45.75
CA ALA M 317 8.10 32.68 45.14
C ALA M 317 7.45 33.62 46.16
N GLY M 318 6.79 33.03 47.15
CA GLY M 318 6.18 33.79 48.25
C GLY M 318 7.17 34.67 48.98
N ASP M 319 8.31 34.10 49.35
CA ASP M 319 9.38 34.85 50.03
C ASP M 319 10.08 35.84 49.09
N VAL M 320 10.42 35.38 47.89
CA VAL M 320 11.17 36.19 46.90
C VAL M 320 10.42 37.46 46.50
N ILE M 321 9.12 37.35 46.24
CA ILE M 321 8.30 38.49 45.85
C ILE M 321 8.16 39.49 47.00
N LYS M 322 7.87 38.99 48.21
CA LYS M 322 7.78 39.82 49.41
C LYS M 322 9.08 40.56 49.73
N ALA M 323 10.19 39.81 49.75
CA ALA M 323 11.51 40.37 50.08
C ALA M 323 11.97 41.42 49.06
N ALA M 324 11.71 41.16 47.79
CA ALA M 324 11.94 42.12 46.71
C ALA M 324 11.02 43.33 46.86
N TYR M 325 9.75 43.08 47.18
CA TYR M 325 8.77 44.15 47.40
C TYR M 325 9.17 45.04 48.57
N ASN M 326 9.62 44.42 49.67
CA ASN M 326 10.10 45.14 50.85
C ASN M 326 11.36 45.95 50.59
N GLN M 327 12.24 45.45 49.73
CA GLN M 327 13.44 46.19 49.29
C GLN M 327 13.07 47.40 48.41
N VAL M 328 11.97 47.32 47.67
CA VAL M 328 11.43 48.50 46.98
C VAL M 328 10.83 49.47 48.00
N LYS M 329 10.12 48.94 48.99
CA LYS M 329 9.53 49.74 50.07
C LYS M 329 10.56 50.40 51.00
N THR M 330 11.73 49.79 51.18
CA THR M 330 12.81 50.41 51.97
C THR M 330 13.51 51.57 51.24
N ILE M 331 13.59 51.49 49.92
CA ILE M 331 14.08 52.57 49.08
C ILE M 331 13.03 53.68 49.01
N ALA M 332 11.78 53.27 48.88
CA ALA M 332 10.64 54.20 48.78
C ALA M 332 10.48 55.05 50.03
N GLN M 333 10.76 54.46 51.20
CA GLN M 333 10.75 55.21 52.46
C GLN M 333 11.94 56.18 52.62
N GLY M 334 13.07 55.89 51.96
CA GLY M 334 14.14 56.86 51.78
C GLY M 334 15.57 56.44 52.10
N ASN M 335 15.84 55.15 52.29
CA ASN M 335 17.20 54.72 52.55
C ASN M 335 17.93 54.56 51.22
N LEU M 336 18.67 55.60 50.85
CA LEU M 336 19.41 55.61 49.58
C LEU M 336 20.54 56.62 49.62
N SER M 337 21.78 56.13 49.57
CA SER M 337 22.96 57.00 49.58
C SER M 337 23.20 57.58 48.19
N ASN M 338 24.02 58.63 48.13
CA ASN M 338 24.31 59.34 46.88
C ASN M 338 25.16 58.53 45.88
N PRO M 339 26.15 57.73 46.38
CA PRO M 339 26.91 56.84 45.48
C PRO M 339 26.10 55.74 44.77
N ASP M 340 24.99 55.30 45.36
CA ASP M 340 24.11 54.30 44.74
C ASP M 340 23.47 54.85 43.47
N VAL M 341 22.97 56.07 43.56
CA VAL M 341 22.37 56.78 42.43
C VAL M 341 23.44 57.12 41.39
N GLN M 342 24.61 57.56 41.87
CA GLN M 342 25.70 57.97 40.98
C GLN M 342 26.33 56.79 40.23
N ALA M 343 26.29 55.60 40.82
CA ALA M 343 26.65 54.37 40.13
C ALA M 343 25.58 54.01 39.09
N ALA M 344 24.32 53.97 39.55
CA ALA M 344 23.16 53.63 38.71
C ALA M 344 23.02 54.51 37.47
N LYS M 345 23.24 55.82 37.64
CA LYS M 345 23.28 56.77 36.51
C LYS M 345 24.39 56.43 35.52
N ASN M 346 25.55 56.07 36.06
CA ASN M 346 26.71 55.67 35.25
C ASN M 346 26.45 54.35 34.51
N LYS M 347 25.79 53.42 35.18
CA LYS M 347 25.35 52.15 34.55
C LYS M 347 24.35 52.40 33.42
N LEU M 348 23.38 53.28 33.69
CA LEU M 348 22.33 53.61 32.72
C LEU M 348 22.90 54.29 31.49
N LYS M 349 23.65 55.38 31.70
CA LYS M 349 24.21 56.18 30.61
C LYS M 349 25.27 55.42 29.80
N ALA M 350 25.95 54.47 30.45
CA ALA M 350 26.87 53.58 29.75
C ALA M 350 26.06 52.61 28.89
N GLY M 351 25.09 51.96 29.52
CA GLY M 351 24.16 51.05 28.84
C GLY M 351 23.42 51.66 27.66
N TYR M 352 23.07 52.94 27.78
CA TYR M 352 22.46 53.69 26.67
C TYR M 352 23.45 53.86 25.51
N LEU M 353 24.65 54.33 25.83
CA LEU M 353 25.72 54.51 24.82
C LEU M 353 26.08 53.19 24.13
N MET M 354 26.04 52.09 24.89
CA MET M 354 26.24 50.75 24.34
C MET M 354 25.09 50.30 23.44
N SER M 355 23.86 50.65 23.82
CA SER M 355 22.66 50.32 23.02
C SER M 355 22.64 51.01 21.65
N VAL M 356 23.19 52.22 21.57
CA VAL M 356 23.30 52.96 20.30
C VAL M 356 24.62 52.71 19.54
N GLU M 357 25.40 51.72 19.99
CA GLU M 357 26.73 51.45 19.43
C GLU M 357 26.62 50.74 18.08
N SER M 358 25.94 49.60 18.08
CA SER M 358 25.65 48.88 16.84
C SER M 358 24.61 49.65 16.04
N SER M 359 24.77 49.67 14.72
CA SER M 359 23.91 50.45 13.82
C SER M 359 22.43 50.04 13.84
N GLU M 360 22.15 48.78 14.19
CA GLU M 360 20.79 48.29 14.35
C GLU M 360 20.08 48.98 15.52
N GLY M 361 20.78 49.05 16.66
CA GLY M 361 20.27 49.73 17.84
C GLY M 361 20.20 51.24 17.69
N PHE M 362 21.19 51.80 17.00
CA PHE M 362 21.22 53.22 16.63
C PHE M 362 19.99 53.59 15.82
N LEU M 363 19.76 52.85 14.73
CA LEU M 363 18.61 53.09 13.84
C LEU M 363 17.28 52.95 14.57
N ASP M 364 17.19 51.98 15.48
CA ASP M 364 16.00 51.79 16.30
C ASP M 364 15.78 52.96 17.27
N GLU M 365 16.87 53.55 17.75
CA GLU M 365 16.80 54.76 18.60
C GLU M 365 16.46 56.04 17.82
N VAL M 366 16.97 56.18 16.59
CA VAL M 366 16.63 57.34 15.75
C VAL M 366 15.16 57.24 15.33
N GLY M 367 14.73 56.03 14.94
CA GLY M 367 13.34 55.75 14.61
C GLY M 367 12.38 55.82 15.78
N SER M 368 12.86 55.49 16.98
CA SER M 368 12.09 55.68 18.22
C SER M 368 11.71 57.15 18.42
N GLN M 369 12.72 58.01 18.31
CA GLN M 369 12.54 59.45 18.52
C GLN M 369 11.76 60.14 17.41
N ALA M 370 11.99 59.73 16.17
CA ALA M 370 11.26 60.26 15.00
C ALA M 370 9.73 60.10 15.10
N LEU M 371 9.28 59.02 15.74
CA LEU M 371 7.85 58.79 16.00
C LEU M 371 7.42 59.42 17.32
N ALA M 372 8.13 59.08 18.39
CA ALA M 372 7.77 59.49 19.77
C ALA M 372 7.56 61.00 19.89
N ALA M 373 8.56 61.76 19.46
CA ALA M 373 8.53 63.24 19.51
C ALA M 373 8.28 63.87 18.14
N GLY M 374 9.02 63.41 17.13
CA GLY M 374 9.16 64.11 15.85
C GLY M 374 10.45 64.92 15.75
N SER M 375 11.47 64.49 16.49
CA SER M 375 12.75 65.21 16.60
C SER M 375 13.89 64.22 16.84
N TYR M 376 15.10 64.75 16.99
CA TYR M 376 16.26 63.97 17.42
C TYR M 376 17.04 64.72 18.49
N THR M 377 17.43 64.00 19.54
CA THR M 377 18.18 64.57 20.66
C THR M 377 19.42 63.70 20.91
N PRO M 378 20.62 64.17 20.50
CA PRO M 378 21.82 63.32 20.50
C PRO M 378 22.26 62.81 21.89
N PRO M 379 23.10 61.76 21.94
CA PRO M 379 23.46 61.07 23.19
C PRO M 379 23.86 61.98 24.34
N SER M 380 24.71 62.97 24.07
CA SER M 380 25.20 63.92 25.08
C SER M 380 24.08 64.59 25.90
N THR M 381 23.00 64.98 25.23
CA THR M 381 21.82 65.55 25.90
C THR M 381 21.07 64.50 26.75
N VAL M 382 21.07 63.25 26.27
CA VAL M 382 20.50 62.14 27.04
C VAL M 382 21.38 61.84 28.27
N LEU M 383 22.70 61.99 28.12
CA LEU M 383 23.62 61.86 29.26
C LEU M 383 23.36 62.96 30.31
N GLN M 384 23.15 64.19 29.84
CA GLN M 384 22.75 65.30 30.70
C GLN M 384 21.39 65.07 31.36
N GLN M 385 20.44 64.55 30.57
CA GLN M 385 19.11 64.17 31.06
C GLN M 385 19.17 63.17 32.23
N ILE M 386 20.07 62.18 32.12
CA ILE M 386 20.28 61.18 33.16
C ILE M 386 20.93 61.81 34.38
N ASP M 387 22.06 62.50 34.17
CA ASP M 387 22.83 63.12 35.25
C ASP M 387 22.06 64.19 36.04
N ALA M 388 21.09 64.83 35.38
CA ALA M 388 20.25 65.85 36.03
C ALA M 388 19.12 65.29 36.92
N VAL M 389 18.88 63.98 36.89
CA VAL M 389 17.85 63.34 37.74
C VAL M 389 18.26 63.40 39.21
N ALA M 390 17.44 64.05 40.04
CA ALA M 390 17.73 64.20 41.46
C ALA M 390 17.42 62.92 42.24
N ASP M 391 17.97 62.81 43.45
CA ASP M 391 17.68 61.70 44.35
C ASP M 391 16.21 61.70 44.80
N ALA M 392 15.63 62.90 44.97
CA ALA M 392 14.21 63.05 45.30
C ALA M 392 13.29 62.42 44.24
N ASP M 393 13.66 62.56 42.97
CA ASP M 393 12.90 61.96 41.86
C ASP M 393 12.93 60.43 41.92
N VAL M 394 14.06 59.87 42.34
CA VAL M 394 14.21 58.42 42.53
C VAL M 394 13.36 57.92 43.70
N ILE M 395 13.35 58.67 44.80
CA ILE M 395 12.54 58.34 45.98
C ILE M 395 11.04 58.53 45.70
N ASN M 396 10.70 59.55 44.92
CA ASN M 396 9.30 59.79 44.51
C ASN M 396 8.79 58.73 43.53
N ALA M 397 9.64 58.30 42.59
CA ALA M 397 9.31 57.23 41.67
C ALA M 397 9.08 55.91 42.40
N ALA M 398 10.03 55.56 43.27
CA ALA M 398 9.92 54.39 44.15
C ALA M 398 8.69 54.44 45.06
N LYS M 399 8.33 55.66 45.50
CA LYS M 399 7.12 55.87 46.31
C LYS M 399 5.83 55.75 45.48
N LYS M 400 5.85 56.25 44.25
CA LYS M 400 4.71 56.12 43.33
C LYS M 400 4.36 54.67 43.04
N PHE M 401 5.39 53.82 42.97
CA PHE M 401 5.22 52.37 42.82
C PHE M 401 4.39 51.79 43.97
N VAL M 402 4.84 52.02 45.19
CA VAL M 402 4.22 51.43 46.38
C VAL M 402 2.81 51.98 46.61
N SER M 403 2.65 53.29 46.40
CA SER M 403 1.36 53.96 46.60
C SER M 403 0.34 53.65 45.50
N GLY M 404 0.80 53.55 44.26
CA GLY M 404 -0.08 53.37 43.11
C GLY M 404 -0.74 52.00 43.01
N ARG M 405 -1.78 51.92 42.17
CA ARG M 405 -2.50 50.66 41.90
C ARG M 405 -1.58 49.61 41.30
N LYS M 406 -1.81 48.36 41.68
CA LYS M 406 -0.90 47.26 41.36
C LYS M 406 -1.42 46.35 40.25
N SER M 407 -0.48 45.83 39.46
CA SER M 407 -0.78 44.92 38.36
C SER M 407 0.16 43.73 38.46
N MET M 408 -0.40 42.53 38.55
CA MET M 408 0.40 41.30 38.72
C MET M 408 0.13 40.31 37.60
N ALA M 409 1.13 39.48 37.31
CA ALA M 409 0.98 38.36 36.39
C ALA M 409 1.96 37.27 36.80
N ALA M 410 1.47 36.05 36.97
CA ALA M 410 2.30 34.92 37.38
C ALA M 410 1.93 33.67 36.59
N SER M 411 2.93 32.83 36.35
CA SER M 411 2.71 31.51 35.75
C SER M 411 3.75 30.50 36.22
N GLY M 412 3.26 29.34 36.64
CA GLY M 412 4.08 28.30 37.28
C GLY M 412 3.17 27.43 38.14
N ASN M 413 3.75 26.74 39.11
CA ASN M 413 2.96 26.13 40.17
C ASN M 413 2.82 27.19 41.28
N LEU M 414 1.62 27.78 41.37
CA LEU M 414 1.40 29.02 42.14
C LEU M 414 0.79 28.80 43.53
N GLY M 415 0.90 27.58 44.07
CA GLY M 415 0.29 27.23 45.36
C GLY M 415 0.74 28.09 46.53
N HIS M 416 2.04 28.40 46.56
CA HIS M 416 2.61 29.33 47.55
C HIS M 416 3.15 30.59 46.86
N THR M 417 2.37 31.12 45.91
CA THR M 417 2.69 32.37 45.22
C THR M 417 1.52 33.32 45.49
N PRO M 418 1.80 34.48 46.11
CA PRO M 418 0.72 35.31 46.67
C PRO M 418 -0.11 36.07 45.65
N PHE M 419 -1.28 36.53 46.09
CA PHE M 419 -2.13 37.46 45.33
C PHE M 419 -1.63 38.88 45.59
N ILE M 420 -2.23 39.87 44.93
CA ILE M 420 -1.90 41.28 45.16
C ILE M 420 -2.38 41.74 46.54
N ASP M 421 -3.60 41.35 46.91
CA ASP M 421 -4.16 41.70 48.22
C ASP M 421 -3.38 41.12 49.41
N GLU M 422 -2.71 39.99 49.19
CA GLU M 422 -1.83 39.38 50.22
C GLU M 422 -0.48 40.10 50.40
N LEU M 423 -0.16 41.05 49.51
CA LEU M 423 1.08 41.81 49.62
C LEU M 423 1.00 42.85 50.73
N HIS N 1 7.53 6.50 -11.41
CA HIS N 1 7.71 6.55 -9.91
C HIS N 1 6.83 5.51 -9.11
N PRO N 2 5.63 5.13 -9.62
CA PRO N 2 4.92 4.06 -8.89
C PRO N 2 5.61 2.67 -8.87
N LEU N 3 6.45 2.40 -9.88
CA LEU N 3 7.19 1.14 -9.99
C LEU N 3 8.45 1.14 -9.12
N MET N 4 9.26 2.18 -9.28
CA MET N 4 10.46 2.37 -8.45
C MET N 4 10.16 2.26 -6.95
N LYS N 5 9.02 2.82 -6.53
CA LYS N 5 8.59 2.73 -5.12
C LYS N 5 8.31 1.28 -4.68
N ILE N 6 7.75 0.49 -5.59
CA ILE N 6 7.59 -0.95 -5.35
C ILE N 6 8.96 -1.64 -5.23
N VAL N 7 9.88 -1.29 -6.13
CA VAL N 7 11.23 -1.87 -6.13
C VAL N 7 12.05 -1.37 -4.93
N ASN N 8 11.77 -0.14 -4.47
CA ASN N 8 12.40 0.39 -3.24
C ASN N 8 12.00 -0.43 -2.02
N ASN N 9 10.69 -0.49 -1.78
CA ASN N 9 10.13 -1.23 -0.66
C ASN N 9 10.36 -2.76 -0.76
N ALA N 10 10.61 -3.23 -1.98
CA ALA N 10 10.99 -4.62 -2.20
C ALA N 10 12.48 -4.83 -1.92
N PHE N 11 13.34 -4.19 -2.72
CA PHE N 11 14.77 -4.55 -2.78
C PHE N 11 15.78 -3.46 -2.35
N ILE N 12 15.43 -2.18 -2.35
CA ILE N 12 16.41 -1.14 -2.03
C ILE N 12 16.49 -0.88 -0.52
N ASP N 13 15.49 -0.22 0.05
CA ASP N 13 15.50 0.09 1.50
C ASP N 13 14.38 -0.64 2.27
N LEU N 14 14.22 -1.92 1.96
CA LEU N 14 13.46 -2.85 2.80
C LEU N 14 14.28 -3.06 4.07
N PRO N 15 13.66 -2.84 5.25
CA PRO N 15 14.41 -3.13 6.48
C PRO N 15 14.56 -4.63 6.71
N ALA N 16 15.76 -5.13 6.45
CA ALA N 16 16.13 -6.51 6.76
C ALA N 16 16.67 -6.54 8.19
N PRO N 17 16.61 -7.71 8.85
CA PRO N 17 17.37 -7.91 10.09
C PRO N 17 18.88 -7.82 9.86
N SER N 18 19.63 -7.54 10.93
CA SER N 18 21.09 -7.35 10.87
C SER N 18 21.90 -8.66 10.87
N ASN N 19 21.29 -9.74 11.36
CA ASN N 19 22.04 -10.93 11.76
C ASN N 19 21.67 -12.18 10.95
N ILE N 20 21.31 -11.98 9.68
CA ILE N 20 20.81 -13.07 8.86
C ILE N 20 21.96 -13.87 8.26
N SER N 21 21.98 -15.16 8.56
CA SER N 21 23.01 -16.07 8.06
C SER N 21 22.82 -16.39 6.58
N SER N 22 23.73 -17.19 6.03
CA SER N 22 23.69 -17.60 4.62
C SER N 22 22.56 -18.57 4.26
N TRP N 23 21.81 -19.06 5.26
CA TRP N 23 20.63 -19.89 5.00
C TRP N 23 19.44 -19.12 4.37
N TRP N 24 19.44 -17.79 4.47
CA TRP N 24 18.43 -16.94 3.83
C TRP N 24 18.78 -16.58 2.38
N ASN N 25 20.02 -16.87 1.96
CA ASN N 25 20.45 -16.63 0.58
C ASN N 25 19.73 -17.51 -0.46
N PHE N 26 19.22 -18.67 -0.03
CA PHE N 26 18.58 -19.62 -0.96
C PHE N 26 17.30 -19.13 -1.64
N GLY N 27 16.56 -18.23 -1.00
CA GLY N 27 15.37 -17.63 -1.61
C GLY N 27 15.69 -16.93 -2.92
N SER N 28 16.68 -16.05 -2.90
CA SER N 28 17.12 -15.33 -4.10
C SER N 28 17.71 -16.27 -5.15
N LEU N 29 18.40 -17.32 -4.70
CA LEU N 29 18.95 -18.34 -5.58
C LEU N 29 17.87 -19.14 -6.29
N LEU N 30 16.79 -19.45 -5.57
CA LEU N 30 15.63 -20.15 -6.17
C LEU N 30 15.01 -19.37 -7.33
N GLY N 31 14.99 -18.04 -7.20
CA GLY N 31 14.57 -17.15 -8.27
C GLY N 31 15.56 -17.17 -9.43
N ILE N 32 16.85 -17.12 -9.10
CA ILE N 32 17.93 -17.23 -10.09
C ILE N 32 17.86 -18.58 -10.82
N CYS N 33 17.57 -19.65 -10.08
CA CYS N 33 17.32 -20.96 -10.69
C CYS N 33 16.10 -20.94 -11.61
N LEU N 34 15.00 -20.35 -11.12
CA LEU N 34 13.76 -20.25 -11.90
C LEU N 34 13.95 -19.45 -13.19
N ILE N 35 14.66 -18.33 -13.10
CA ILE N 35 15.00 -17.51 -14.27
C ILE N 35 15.99 -18.25 -15.18
N LEU N 36 16.94 -18.96 -14.60
CA LEU N 36 17.90 -19.76 -15.37
C LEU N 36 17.18 -20.87 -16.14
N GLN N 37 16.31 -21.61 -15.46
CA GLN N 37 15.49 -22.65 -16.11
C GLN N 37 14.61 -22.08 -17.22
N ILE N 38 14.05 -20.88 -16.99
CA ILE N 38 13.23 -20.22 -17.99
C ILE N 38 14.03 -19.80 -19.23
N LEU N 39 15.17 -19.15 -19.01
CA LEU N 39 16.00 -18.66 -20.12
C LEU N 39 16.66 -19.80 -20.91
N THR N 40 17.23 -20.77 -20.20
CA THR N 40 17.80 -21.95 -20.85
C THR N 40 16.71 -22.73 -21.57
N GLY N 41 15.63 -22.99 -20.83
CA GLY N 41 14.48 -23.72 -21.34
C GLY N 41 13.88 -23.16 -22.62
N LEU N 42 13.75 -21.83 -22.67
CA LEU N 42 13.19 -21.14 -23.85
C LEU N 42 14.05 -21.46 -25.08
N PHE N 43 15.35 -21.30 -24.90
CA PHE N 43 16.32 -21.56 -25.96
C PHE N 43 16.40 -23.04 -26.38
N LEU N 44 16.06 -23.96 -25.47
CA LEU N 44 15.92 -25.39 -25.83
C LEU N 44 14.67 -25.63 -26.66
N ALA N 45 13.56 -25.06 -26.21
CA ALA N 45 12.29 -25.16 -26.92
C ALA N 45 12.30 -24.55 -28.33
N MET N 46 13.20 -23.58 -28.56
CA MET N 46 13.43 -23.04 -29.91
C MET N 46 13.84 -24.11 -30.95
N HIS N 47 14.48 -25.18 -30.49
CA HIS N 47 14.89 -26.29 -31.35
C HIS N 47 14.17 -27.62 -31.06
N TYR N 48 13.72 -27.84 -29.82
CA TYR N 48 13.04 -29.08 -29.41
C TYR N 48 11.66 -29.26 -30.08
N THR N 49 11.33 -30.52 -30.40
CA THR N 49 10.03 -30.87 -30.96
C THR N 49 9.37 -32.00 -30.15
N SER N 50 8.08 -31.87 -29.87
CA SER N 50 7.37 -32.73 -28.92
C SER N 50 6.61 -33.93 -29.53
N ASP N 51 7.08 -34.41 -30.68
CA ASP N 51 6.53 -35.60 -31.34
C ASP N 51 7.42 -36.80 -31.02
N THR N 52 6.81 -37.97 -30.80
CA THR N 52 7.57 -39.19 -30.46
C THR N 52 8.54 -39.65 -31.56
N THR N 53 8.23 -39.29 -32.80
CA THR N 53 9.14 -39.54 -33.93
C THR N 53 10.43 -38.72 -33.84
N THR N 54 10.31 -37.46 -33.45
CA THR N 54 11.42 -36.49 -33.49
C THR N 54 12.04 -36.09 -32.13
N ALA N 55 11.33 -36.34 -31.03
CA ALA N 55 11.72 -35.86 -29.69
C ALA N 55 13.17 -36.16 -29.30
N PHE N 56 13.61 -37.38 -29.55
CA PHE N 56 14.96 -37.79 -29.21
C PHE N 56 15.97 -37.13 -30.15
N SER N 57 15.71 -37.26 -31.45
CA SER N 57 16.52 -36.60 -32.50
C SER N 57 16.72 -35.11 -32.25
N SER N 58 15.68 -34.44 -31.78
CA SER N 58 15.73 -33.00 -31.52
C SER N 58 16.65 -32.61 -30.37
N VAL N 59 16.59 -33.39 -29.28
CA VAL N 59 17.47 -33.16 -28.12
C VAL N 59 18.94 -33.40 -28.49
N THR N 60 19.20 -34.42 -29.29
CA THR N 60 20.55 -34.76 -29.75
C THR N 60 21.02 -33.75 -30.80
N HIS N 61 20.09 -33.31 -31.65
CA HIS N 61 20.29 -32.19 -32.59
C HIS N 61 20.75 -30.92 -31.85
N ILE N 62 20.15 -30.64 -30.70
CA ILE N 62 20.55 -29.52 -29.86
C ILE N 62 22.01 -29.69 -29.40
N CYS N 63 22.29 -30.80 -28.73
CA CYS N 63 23.63 -31.07 -28.20
C CYS N 63 24.72 -31.03 -29.26
N ARG N 64 24.49 -31.75 -30.35
CA ARG N 64 25.49 -31.92 -31.41
C ARG N 64 25.59 -30.71 -32.33
N ASP N 65 24.46 -30.32 -32.93
CA ASP N 65 24.46 -29.41 -34.08
C ASP N 65 24.09 -27.94 -33.80
N VAL N 66 23.17 -27.70 -32.87
CA VAL N 66 22.85 -26.31 -32.48
C VAL N 66 24.08 -25.75 -31.78
N ASN N 67 24.54 -24.60 -32.25
CA ASN N 67 25.76 -23.97 -31.73
C ASN N 67 25.60 -23.67 -30.24
N TYR N 68 26.51 -24.22 -29.43
CA TYR N 68 26.43 -24.16 -27.96
C TYR N 68 25.09 -24.69 -27.41
N GLY N 69 24.52 -25.70 -28.07
CA GLY N 69 23.25 -26.27 -27.64
C GLY N 69 23.42 -27.17 -26.43
N TRP N 70 24.53 -27.91 -26.42
CA TRP N 70 24.90 -28.77 -25.28
C TRP N 70 24.98 -28.01 -23.95
N ILE N 71 25.65 -26.85 -23.95
CA ILE N 71 25.85 -26.08 -22.70
C ILE N 71 24.52 -25.54 -22.16
N ILE N 72 23.61 -25.19 -23.06
CA ILE N 72 22.25 -24.77 -22.68
C ILE N 72 21.46 -25.95 -22.10
N ARG N 73 21.58 -27.13 -22.71
CA ARG N 73 20.87 -28.34 -22.23
C ARG N 73 21.27 -28.72 -20.82
N TYR N 74 22.57 -28.84 -20.58
CA TYR N 74 23.08 -29.31 -19.29
C TYR N 74 22.95 -28.26 -18.20
N MET N 75 22.93 -26.99 -18.58
CA MET N 75 22.54 -25.91 -17.65
C MET N 75 21.07 -26.05 -17.23
N HIS N 76 20.21 -26.44 -18.17
CA HIS N 76 18.80 -26.75 -17.84
C HIS N 76 18.70 -28.00 -16.98
N ALA N 77 19.35 -29.07 -17.44
CA ALA N 77 19.26 -30.39 -16.80
C ALA N 77 19.87 -30.43 -15.38
N ASN N 78 21.02 -29.80 -15.20
CA ASN N 78 21.67 -29.72 -13.88
C ASN N 78 21.14 -28.55 -13.04
N GLY N 79 20.76 -27.46 -13.69
CA GLY N 79 20.06 -26.36 -13.02
C GLY N 79 18.77 -26.82 -12.35
N ALA N 80 18.05 -27.72 -13.02
CA ALA N 80 16.90 -28.39 -12.43
C ALA N 80 17.22 -29.01 -11.07
N SER N 81 18.35 -29.71 -10.99
CA SER N 81 18.85 -30.28 -9.74
C SER N 81 19.27 -29.20 -8.73
N MET N 82 19.97 -28.18 -9.19
CA MET N 82 20.40 -27.07 -8.34
C MET N 82 19.21 -26.31 -7.74
N PHE N 83 18.16 -26.15 -8.54
CA PHE N 83 16.88 -25.62 -8.08
C PHE N 83 16.38 -26.45 -6.89
N PHE N 84 16.39 -27.78 -7.04
CA PHE N 84 15.91 -28.70 -6.01
C PHE N 84 16.80 -28.73 -4.76
N ILE N 85 18.12 -28.69 -4.93
CA ILE N 85 19.04 -28.60 -3.79
C ILE N 85 18.66 -27.34 -3.00
N CYS N 86 18.65 -26.20 -3.70
CA CYS N 86 18.23 -24.91 -3.13
C CYS N 86 16.88 -24.96 -2.42
N LEU N 87 15.91 -25.67 -3.01
CA LEU N 87 14.58 -25.83 -2.39
C LEU N 87 14.68 -26.52 -1.04
N TYR N 88 15.33 -27.69 -1.03
CA TYR N 88 15.48 -28.48 0.19
C TYR N 88 16.27 -27.76 1.30
N MET N 89 17.16 -26.85 0.91
CA MET N 89 17.81 -25.94 1.87
C MET N 89 16.80 -24.90 2.37
N HIS N 90 16.09 -24.29 1.42
CA HIS N 90 15.09 -23.22 1.68
C HIS N 90 13.92 -23.70 2.56
N VAL N 91 13.51 -24.95 2.39
CA VAL N 91 12.45 -25.55 3.22
C VAL N 91 12.96 -25.87 4.62
N GLY N 92 14.14 -26.50 4.69
CA GLY N 92 14.76 -26.89 5.95
C GLY N 92 15.09 -25.72 6.87
N ARG N 93 15.61 -24.65 6.27
CA ARG N 93 15.86 -23.39 6.98
C ARG N 93 14.62 -22.97 7.78
N GLY N 94 13.47 -22.94 7.11
CA GLY N 94 12.20 -22.57 7.75
C GLY N 94 11.75 -23.52 8.84
N LEU N 95 11.99 -24.82 8.63
CA LEU N 95 11.75 -25.84 9.65
C LEU N 95 12.61 -25.62 10.91
N TYR N 96 13.87 -25.28 10.70
CA TYR N 96 14.82 -25.07 11.79
C TYR N 96 14.52 -23.77 12.55
N TYR N 97 14.49 -22.66 11.83
CA TYR N 97 14.32 -21.33 12.44
C TYR N 97 12.87 -20.92 12.73
N GLY N 98 11.91 -21.83 12.50
CA GLY N 98 10.51 -21.56 12.81
C GLY N 98 9.82 -20.57 11.88
N SER N 99 10.37 -20.41 10.67
CA SER N 99 9.85 -19.44 9.70
C SER N 99 8.46 -19.80 9.16
N TYR N 100 8.08 -21.07 9.30
CA TYR N 100 6.70 -21.53 9.05
C TYR N 100 5.60 -20.79 9.85
N THR N 101 5.98 -20.06 10.89
CA THR N 101 5.05 -19.18 11.61
C THR N 101 4.51 -18.00 10.77
N PHE N 102 5.14 -17.71 9.63
CA PHE N 102 4.52 -16.87 8.59
C PHE N 102 3.62 -17.74 7.71
N LEU N 103 2.51 -18.21 8.31
CA LEU N 103 1.64 -19.25 7.74
C LEU N 103 1.39 -19.20 6.24
N GLU N 104 1.04 -18.01 5.73
CA GLU N 104 0.61 -17.86 4.34
C GLU N 104 1.80 -17.97 3.42
N THR N 105 2.87 -17.24 3.77
CA THR N 105 4.16 -17.34 3.11
C THR N 105 4.61 -18.80 2.98
N TRP N 106 4.55 -19.52 4.10
CA TRP N 106 4.88 -20.95 4.17
C TRP N 106 3.95 -21.81 3.31
N ASN N 107 2.65 -21.60 3.43
CA ASN N 107 1.66 -22.38 2.66
C ASN N 107 1.70 -22.13 1.15
N ILE N 108 2.00 -20.89 0.76
CA ILE N 108 2.32 -20.57 -0.64
C ILE N 108 3.58 -21.30 -1.06
N GLY N 109 4.56 -21.32 -0.16
CA GLY N 109 5.74 -22.14 -0.32
C GLY N 109 5.38 -23.58 -0.66
N VAL N 110 4.63 -24.23 0.22
CA VAL N 110 4.21 -25.62 0.02
C VAL N 110 3.62 -25.84 -1.39
N ILE N 111 2.84 -24.87 -1.88
CA ILE N 111 2.35 -24.88 -3.27
C ILE N 111 3.52 -24.80 -4.26
N LEU N 112 4.39 -23.81 -4.07
CA LEU N 112 5.58 -23.62 -4.93
C LEU N 112 6.42 -24.88 -5.10
N LEU N 113 6.58 -25.63 -4.00
CA LEU N 113 7.28 -26.91 -4.03
C LEU N 113 6.59 -27.88 -4.99
N LEU N 114 5.29 -28.07 -4.78
CA LEU N 114 4.49 -29.04 -5.53
C LEU N 114 4.44 -28.73 -7.04
N THR N 115 4.32 -27.45 -7.38
CA THR N 115 4.33 -27.01 -8.78
C THR N 115 5.67 -27.30 -9.48
N VAL N 116 6.77 -27.07 -8.76
CA VAL N 116 8.12 -27.37 -9.28
C VAL N 116 8.31 -28.87 -9.45
N MET N 117 7.84 -29.65 -8.48
CA MET N 117 7.86 -31.12 -8.58
C MET N 117 7.14 -31.61 -9.85
N ALA N 118 5.96 -31.05 -10.10
CA ALA N 118 5.19 -31.34 -11.32
C ALA N 118 5.91 -30.86 -12.57
N THR N 119 6.44 -29.64 -12.52
CA THR N 119 7.23 -29.06 -13.63
C THR N 119 8.40 -29.96 -14.01
N ALA N 120 9.23 -30.29 -13.02
CA ALA N 120 10.44 -31.09 -13.24
C ALA N 120 10.15 -32.52 -13.68
N PHE N 121 9.08 -33.10 -13.13
CA PHE N 121 8.61 -34.43 -13.53
C PHE N 121 8.20 -34.47 -14.99
N MET N 122 7.38 -33.52 -15.40
CA MET N 122 6.94 -33.40 -16.80
C MET N 122 8.10 -33.03 -17.73
N GLY N 123 9.02 -32.21 -17.23
CA GLY N 123 10.24 -31.88 -17.95
C GLY N 123 11.10 -33.09 -18.28
N TYR N 124 11.23 -33.99 -17.31
CA TYR N 124 12.02 -35.20 -17.48
C TYR N 124 11.48 -36.15 -18.57
N VAL N 125 10.17 -36.14 -18.80
CA VAL N 125 9.57 -36.94 -19.87
C VAL N 125 10.01 -36.48 -21.27
N LEU N 126 10.20 -35.16 -21.42
CA LEU N 126 10.36 -34.52 -22.73
C LEU N 126 11.38 -35.11 -23.72
N PRO N 127 12.62 -35.38 -23.27
CA PRO N 127 13.61 -35.95 -24.21
C PRO N 127 13.27 -37.36 -24.75
N TRP N 128 12.37 -38.08 -24.08
CA TRP N 128 11.82 -39.35 -24.56
C TRP N 128 12.86 -40.48 -24.61
N GLY N 129 13.64 -40.58 -23.53
CA GLY N 129 14.53 -41.73 -23.31
C GLY N 129 13.79 -42.81 -22.54
N GLN N 130 14.48 -43.92 -22.26
CA GLN N 130 13.86 -45.03 -21.54
C GLN N 130 13.38 -44.62 -20.14
N MET N 131 14.29 -44.08 -19.33
CA MET N 131 13.95 -43.68 -17.97
C MET N 131 12.90 -42.57 -17.88
N SER N 132 12.84 -41.72 -18.91
CA SER N 132 11.81 -40.68 -19.00
C SER N 132 10.44 -41.31 -19.25
N PHE N 133 10.35 -42.16 -20.27
CA PHE N 133 9.11 -42.90 -20.57
C PHE N 133 8.67 -43.74 -19.39
N TRP N 134 9.57 -44.61 -18.95
CA TRP N 134 9.28 -45.58 -17.89
C TRP N 134 9.08 -44.93 -16.52
N GLY N 135 9.72 -43.78 -16.30
CA GLY N 135 9.45 -42.96 -15.12
C GLY N 135 8.02 -42.48 -15.08
N ALA N 136 7.55 -41.98 -16.22
CA ALA N 136 6.16 -41.53 -16.37
C ALA N 136 5.17 -42.69 -16.23
N THR N 137 5.44 -43.78 -16.92
CA THR N 137 4.59 -44.97 -16.89
C THR N 137 4.41 -45.53 -15.47
N VAL N 138 5.48 -45.52 -14.68
CA VAL N 138 5.44 -45.95 -13.28
C VAL N 138 4.72 -44.94 -12.39
N ILE N 139 5.21 -43.71 -12.41
CA ILE N 139 4.75 -42.67 -11.48
C ILE N 139 3.30 -42.25 -11.72
N THR N 140 2.89 -42.13 -12.98
CA THR N 140 1.51 -41.75 -13.31
C THR N 140 0.50 -42.84 -12.92
N ASN N 141 0.84 -44.09 -13.25
CA ASN N 141 -0.03 -45.26 -12.97
C ASN N 141 -0.41 -45.40 -11.48
N LEU N 142 0.42 -44.85 -10.59
CA LEU N 142 0.12 -44.76 -9.15
C LEU N 142 -1.28 -44.23 -8.86
N LEU N 143 -1.73 -43.23 -9.63
CA LEU N 143 -3.07 -42.66 -9.45
C LEU N 143 -4.21 -43.67 -9.61
N SER N 144 -4.00 -44.73 -10.41
CA SER N 144 -5.00 -45.81 -10.54
C SER N 144 -5.34 -46.49 -9.19
N ALA N 145 -4.46 -46.35 -8.21
CA ALA N 145 -4.71 -46.82 -6.84
C ALA N 145 -5.83 -46.09 -6.13
N ILE N 146 -6.19 -44.87 -6.58
CA ILE N 146 -7.34 -44.13 -6.04
C ILE N 146 -8.57 -45.04 -6.02
N PRO N 147 -9.44 -44.88 -5.00
CA PRO N 147 -10.63 -45.70 -4.82
C PRO N 147 -11.51 -46.00 -6.03
N TYR N 148 -12.12 -44.97 -6.63
CA TYR N 148 -13.20 -45.21 -7.62
C TYR N 148 -13.02 -44.60 -9.01
N ILE N 149 -12.20 -43.56 -9.12
CA ILE N 149 -12.02 -42.85 -10.41
C ILE N 149 -10.57 -42.74 -10.92
N GLY N 150 -9.61 -43.33 -10.20
CA GLY N 150 -8.18 -43.23 -10.55
C GLY N 150 -7.85 -43.79 -11.93
N THR N 151 -8.36 -44.99 -12.20
CA THR N 151 -8.20 -45.64 -13.51
C THR N 151 -8.66 -44.76 -14.68
N ASN N 152 -9.71 -43.98 -14.47
CA ASN N 152 -10.18 -42.99 -15.46
C ASN N 152 -9.28 -41.77 -15.48
N LEU N 153 -8.99 -41.23 -14.28
CA LEU N 153 -8.10 -40.08 -14.10
C LEU N 153 -6.75 -40.25 -14.83
N VAL N 154 -6.18 -41.45 -14.75
CA VAL N 154 -4.90 -41.74 -15.42
C VAL N 154 -5.02 -41.71 -16.94
N GLU N 155 -6.05 -42.36 -17.48
CA GLU N 155 -6.27 -42.39 -18.93
C GLU N 155 -6.56 -41.01 -19.52
N TRP N 156 -7.28 -40.20 -18.74
CA TRP N 156 -7.53 -38.79 -19.08
C TRP N 156 -6.23 -37.99 -19.10
N ILE N 157 -5.41 -38.14 -18.05
CA ILE N 157 -4.09 -37.50 -17.96
C ILE N 157 -3.23 -37.87 -19.16
N TRP N 158 -3.08 -39.16 -19.41
CA TRP N 158 -2.29 -39.65 -20.55
C TRP N 158 -2.85 -39.21 -21.90
N GLY N 159 -4.17 -39.30 -22.04
CA GLY N 159 -4.84 -39.11 -23.33
C GLY N 159 -4.86 -40.42 -24.11
N GLY N 160 -5.25 -41.49 -23.43
CA GLY N 160 -5.22 -42.83 -24.00
C GLY N 160 -5.09 -43.90 -22.94
N PHE N 161 -4.65 -45.09 -23.35
CA PHE N 161 -4.52 -46.24 -22.46
C PHE N 161 -3.08 -46.50 -21.97
N SER N 162 -2.16 -45.59 -22.30
CA SER N 162 -0.77 -45.66 -21.79
C SER N 162 -0.08 -44.30 -21.95
N VAL N 163 1.16 -44.22 -21.48
CA VAL N 163 2.02 -43.08 -21.80
C VAL N 163 2.32 -43.18 -23.30
N ASP N 164 2.10 -42.07 -24.02
CA ASP N 164 2.22 -42.06 -25.48
C ASP N 164 2.39 -40.63 -26.00
N LYS N 165 2.48 -40.49 -27.32
CA LYS N 165 2.58 -39.20 -28.02
C LYS N 165 1.58 -38.13 -27.56
N ALA N 166 0.37 -38.55 -27.18
CA ALA N 166 -0.62 -37.66 -26.57
C ALA N 166 -0.12 -37.07 -25.25
N THR N 167 0.49 -37.91 -24.42
CA THR N 167 1.04 -37.50 -23.13
C THR N 167 2.28 -36.61 -23.26
N LEU N 168 3.20 -36.98 -24.15
CA LEU N 168 4.44 -36.23 -24.35
C LEU N 168 4.19 -34.77 -24.78
N THR N 169 3.30 -34.59 -25.75
CA THR N 169 3.04 -33.27 -26.33
C THR N 169 2.37 -32.33 -25.33
N ARG N 170 1.44 -32.84 -24.52
CA ARG N 170 0.82 -32.03 -23.46
C ARG N 170 1.78 -31.77 -22.30
N PHE N 171 2.60 -32.77 -21.96
CA PHE N 171 3.66 -32.60 -20.96
C PHE N 171 4.63 -31.47 -21.33
N PHE N 172 4.89 -31.27 -22.64
CA PHE N 172 5.66 -30.11 -23.09
C PHE N 172 4.91 -28.80 -22.86
N ALA N 173 3.62 -28.80 -23.20
CA ALA N 173 2.77 -27.61 -23.00
C ALA N 173 2.71 -27.23 -21.52
N PHE N 174 2.44 -28.21 -20.67
CA PHE N 174 2.44 -28.00 -19.22
C PHE N 174 3.81 -27.54 -18.69
N HIS N 175 4.92 -28.10 -19.19
CA HIS N 175 6.30 -27.68 -18.75
C HIS N 175 6.56 -26.21 -19.09
N PHE N 176 6.26 -25.82 -20.33
CA PHE N 176 6.65 -24.50 -20.83
C PHE N 176 5.91 -23.37 -20.09
N ILE N 177 4.77 -23.68 -19.47
CA ILE N 177 3.89 -22.66 -18.88
C ILE N 177 3.88 -22.61 -17.35
N LEU N 178 3.88 -23.79 -16.72
CA LEU N 178 3.78 -23.89 -15.27
C LEU N 178 4.86 -23.11 -14.49
N PRO N 179 6.11 -23.06 -15.01
CA PRO N 179 7.13 -22.11 -14.54
C PRO N 179 6.69 -20.65 -14.39
N PHE N 180 5.79 -20.20 -15.25
CA PHE N 180 5.28 -18.83 -15.18
C PHE N 180 4.22 -18.69 -14.10
N ILE N 181 3.38 -19.72 -13.93
CA ILE N 181 2.49 -19.82 -12.78
C ILE N 181 3.30 -19.85 -11.48
N ILE N 182 4.42 -20.56 -11.49
CA ILE N 182 5.36 -20.60 -10.35
C ILE N 182 5.91 -19.22 -10.01
N MET N 183 6.31 -18.46 -11.04
CA MET N 183 6.80 -17.10 -10.85
C MET N 183 5.71 -16.17 -10.33
N ALA N 184 4.49 -16.35 -10.81
CA ALA N 184 3.32 -15.59 -10.32
C ALA N 184 3.03 -15.89 -8.85
N ILE N 185 3.02 -17.18 -8.52
CA ILE N 185 2.85 -17.63 -7.13
C ILE N 185 3.97 -17.08 -6.25
N ALA N 186 5.20 -17.13 -6.78
CA ALA N 186 6.38 -16.64 -6.06
C ALA N 186 6.33 -15.16 -5.70
N MET N 187 5.71 -14.35 -6.54
CA MET N 187 5.52 -12.93 -6.22
C MET N 187 4.51 -12.73 -5.08
N VAL N 188 3.54 -13.63 -4.95
CA VAL N 188 2.62 -13.62 -3.81
C VAL N 188 3.33 -14.18 -2.56
N HIS N 189 4.20 -15.18 -2.75
CA HIS N 189 5.12 -15.68 -1.70
C HIS N 189 5.91 -14.52 -1.08
N LEU N 190 6.45 -13.65 -1.93
CA LEU N 190 7.13 -12.42 -1.48
C LEU N 190 6.17 -11.38 -0.90
N LEU N 191 4.99 -11.25 -1.49
CA LEU N 191 3.98 -10.26 -1.06
C LEU N 191 3.57 -10.43 0.39
N PHE N 192 3.30 -11.68 0.80
CA PHE N 192 3.00 -11.97 2.21
C PHE N 192 4.22 -11.79 3.13
N LEU N 193 5.41 -12.02 2.60
CA LEU N 193 6.63 -11.85 3.38
C LEU N 193 6.91 -10.41 3.81
N HIS N 194 6.61 -9.44 2.94
CA HIS N 194 6.79 -8.01 3.29
C HIS N 194 5.78 -7.54 4.33
N GLU N 195 4.55 -8.06 4.22
CA GLU N 195 3.53 -7.87 5.26
C GLU N 195 4.07 -8.28 6.63
N THR N 196 4.65 -9.49 6.68
CA THR N 196 5.12 -10.11 7.93
C THR N 196 6.56 -9.76 8.32
N GLY N 197 7.32 -9.12 7.44
CA GLY N 197 8.75 -8.91 7.63
C GLY N 197 9.53 -10.20 7.49
N SER N 198 10.86 -10.13 7.63
CA SER N 198 11.71 -11.33 7.55
C SER N 198 12.19 -11.80 8.92
N ASN N 199 12.40 -13.11 9.03
CA ASN N 199 12.86 -13.76 10.25
C ASN N 199 14.39 -13.71 10.33
N ASN N 200 14.92 -13.89 11.55
CA ASN N 200 16.36 -14.00 11.78
C ASN N 200 16.68 -15.28 12.59
N PRO N 201 17.97 -15.70 12.63
CA PRO N 201 18.34 -16.97 13.26
C PRO N 201 17.99 -17.16 14.75
N THR N 202 17.91 -16.07 15.52
CA THR N 202 17.56 -16.15 16.94
C THR N 202 16.08 -16.48 17.16
N GLY N 203 15.24 -16.09 16.21
CA GLY N 203 13.79 -16.18 16.38
C GLY N 203 13.26 -15.12 17.33
N ILE N 204 13.90 -13.94 17.32
CA ILE N 204 13.58 -12.84 18.21
C ILE N 204 13.34 -11.60 17.35
N SER N 205 12.27 -10.86 17.65
CA SER N 205 11.86 -9.69 16.86
C SER N 205 13.02 -8.70 16.68
N SER N 206 13.48 -8.57 15.43
CA SER N 206 14.64 -7.74 15.09
C SER N 206 14.27 -6.32 14.64
N ASP N 207 13.10 -5.82 15.06
CA ASP N 207 12.72 -4.42 14.82
C ASP N 207 13.69 -3.43 15.47
N VAL N 208 14.22 -3.80 16.63
CA VAL N 208 15.25 -3.01 17.32
C VAL N 208 16.57 -2.85 16.56
N ASP N 209 16.88 -3.79 15.67
CA ASP N 209 18.12 -3.77 14.90
C ASP N 209 17.87 -4.21 13.45
N LYS N 210 17.43 -3.26 12.63
CA LYS N 210 17.24 -3.46 11.19
C LYS N 210 18.31 -2.72 10.39
N ILE N 211 18.51 -3.17 9.15
CA ILE N 211 19.44 -2.54 8.21
C ILE N 211 18.84 -2.59 6.80
N PRO N 212 19.22 -1.63 5.94
CA PRO N 212 18.62 -1.59 4.61
C PRO N 212 19.16 -2.70 3.72
N PHE N 213 18.26 -3.38 3.01
CA PHE N 213 18.61 -4.49 2.11
C PHE N 213 19.81 -4.13 1.23
N HIS N 214 19.72 -2.99 0.55
CA HIS N 214 20.83 -2.45 -0.20
C HIS N 214 21.56 -1.45 0.71
N PRO N 215 22.90 -1.49 0.79
CA PRO N 215 23.76 -2.31 -0.04
C PRO N 215 24.16 -3.67 0.55
N TYR N 216 23.67 -4.00 1.75
CA TYR N 216 24.18 -5.15 2.51
C TYR N 216 23.83 -6.49 1.88
N TYR N 217 22.54 -6.80 1.82
CA TYR N 217 22.07 -8.09 1.30
C TYR N 217 22.07 -8.17 -0.22
N THR N 218 22.21 -7.04 -0.91
CA THR N 218 22.38 -7.06 -2.37
C THR N 218 23.72 -7.70 -2.71
N ILE N 219 24.80 -7.13 -2.18
CA ILE N 219 26.14 -7.70 -2.39
C ILE N 219 26.29 -9.11 -1.80
N LYS N 220 25.59 -9.42 -0.71
CA LYS N 220 25.62 -10.77 -0.13
C LYS N 220 24.93 -11.80 -1.04
N ASP N 221 23.75 -11.44 -1.57
CA ASP N 221 23.05 -12.31 -2.51
C ASP N 221 23.79 -12.46 -3.85
N ILE N 222 24.53 -11.41 -4.24
CA ILE N 222 25.41 -11.47 -5.42
C ILE N 222 26.55 -12.48 -5.22
N LEU N 223 27.19 -12.41 -4.06
CA LEU N 223 28.21 -13.37 -3.65
C LEU N 223 27.69 -14.82 -3.70
N GLY N 224 26.52 -15.02 -3.12
CA GLY N 224 25.85 -16.32 -3.13
C GLY N 224 25.45 -16.82 -4.51
N ALA N 225 25.07 -15.89 -5.39
CA ALA N 225 24.75 -16.22 -6.78
C ALA N 225 25.95 -16.83 -7.52
N LEU N 226 27.15 -16.28 -7.29
CA LEU N 226 28.38 -16.84 -7.87
C LEU N 226 28.69 -18.26 -7.38
N LEU N 227 28.39 -18.53 -6.11
CA LEU N 227 28.58 -19.87 -5.54
C LEU N 227 27.58 -20.87 -6.14
N LEU N 228 26.36 -20.44 -6.38
CA LEU N 228 25.37 -21.23 -7.13
C LEU N 228 25.82 -21.46 -8.58
N ILE N 229 26.31 -20.40 -9.22
CA ILE N 229 26.83 -20.50 -10.60
C ILE N 229 28.03 -21.44 -10.65
N LEU N 230 28.95 -21.29 -9.71
CA LEU N 230 30.10 -22.19 -9.58
C LEU N 230 29.64 -23.65 -9.50
N ALA N 231 28.75 -23.91 -8.54
CA ALA N 231 28.17 -25.25 -8.33
C ALA N 231 27.45 -25.79 -9.58
N LEU N 232 26.77 -24.91 -10.32
CA LEU N 232 26.16 -25.29 -11.60
C LEU N 232 27.24 -25.64 -12.62
N MET N 233 28.14 -24.70 -12.87
CA MET N 233 29.16 -24.86 -13.92
C MET N 233 30.19 -25.95 -13.65
N LEU N 234 30.42 -26.28 -12.38
CA LEU N 234 31.19 -27.48 -12.03
C LEU N 234 30.48 -28.73 -12.55
N LEU N 235 29.18 -28.81 -12.27
CA LEU N 235 28.35 -29.89 -12.80
C LEU N 235 28.27 -29.87 -14.32
N VAL N 236 28.00 -28.72 -14.92
CA VAL N 236 27.83 -28.61 -16.37
C VAL N 236 29.10 -29.00 -17.14
N LEU N 237 30.25 -28.47 -16.71
CA LEU N 237 31.51 -28.58 -17.47
C LEU N 237 32.37 -29.79 -17.11
N PHE N 238 32.29 -30.26 -15.86
CA PHE N 238 33.08 -31.42 -15.43
C PHE N 238 32.28 -32.71 -15.19
N ALA N 239 30.99 -32.59 -14.83
CA ALA N 239 30.19 -33.77 -14.46
C ALA N 239 28.70 -33.67 -14.87
N PRO N 240 28.43 -33.43 -16.17
CA PRO N 240 27.06 -33.21 -16.64
C PRO N 240 26.17 -34.43 -16.59
N ASP N 241 26.77 -35.62 -16.66
CA ASP N 241 26.04 -36.89 -16.59
C ASP N 241 26.08 -37.54 -15.19
N LEU N 242 26.59 -36.82 -14.19
CA LEU N 242 26.72 -37.36 -12.82
C LEU N 242 25.35 -37.66 -12.20
N LEU N 243 24.57 -36.62 -11.98
CA LEU N 243 23.23 -36.75 -11.37
C LEU N 243 22.21 -37.44 -12.28
N GLY N 244 22.43 -37.41 -13.60
CA GLY N 244 21.53 -38.01 -14.58
C GLY N 244 21.71 -39.51 -14.75
N ASP N 245 20.65 -40.18 -15.20
CA ASP N 245 20.66 -41.63 -15.42
C ASP N 245 21.13 -41.96 -16.84
N PRO N 246 21.99 -43.00 -17.00
CA PRO N 246 22.43 -43.42 -18.34
C PRO N 246 21.33 -43.92 -19.28
N ASP N 247 20.40 -44.71 -18.75
CA ASP N 247 19.30 -45.29 -19.54
C ASP N 247 18.47 -44.29 -20.38
N ASN N 248 18.46 -43.02 -19.98
CA ASN N 248 17.77 -41.98 -20.77
C ASN N 248 18.49 -41.59 -22.08
N TYR N 249 19.71 -42.10 -22.29
CA TYR N 249 20.38 -42.03 -23.61
C TYR N 249 20.02 -43.19 -24.55
N THR N 250 19.42 -44.25 -23.99
CA THR N 250 18.75 -45.27 -24.78
C THR N 250 17.36 -44.71 -25.13
N PRO N 251 17.05 -44.57 -26.44
CA PRO N 251 15.71 -44.12 -26.84
C PRO N 251 14.59 -44.99 -26.27
N ALA N 252 13.47 -44.34 -25.91
CA ALA N 252 12.34 -45.00 -25.24
C ALA N 252 11.80 -46.17 -26.05
N ASN N 253 11.37 -47.21 -25.34
CA ASN N 253 10.84 -48.43 -25.93
C ASN N 253 9.85 -49.05 -24.94
N PRO N 254 8.53 -48.99 -25.24
CA PRO N 254 7.53 -49.55 -24.32
C PRO N 254 7.53 -51.07 -24.18
N LEU N 255 8.19 -51.79 -25.08
CA LEU N 255 8.28 -53.25 -25.04
C LEU N 255 9.50 -53.80 -24.28
N ASN N 256 10.24 -52.92 -23.59
CA ASN N 256 11.46 -53.32 -22.89
C ASN N 256 11.69 -52.41 -21.67
N THR N 257 11.45 -52.95 -20.47
CA THR N 257 11.61 -52.21 -19.22
C THR N 257 13.06 -52.33 -18.73
N PRO N 258 13.71 -51.19 -18.40
CA PRO N 258 15.02 -51.28 -17.73
C PRO N 258 14.88 -51.85 -16.31
N PRO N 259 15.90 -52.60 -15.84
CA PRO N 259 15.76 -53.34 -14.58
C PRO N 259 15.64 -52.48 -13.33
N HIS N 260 16.56 -51.53 -13.15
CA HIS N 260 16.57 -50.65 -11.98
C HIS N 260 15.78 -49.37 -12.28
N ILE N 261 14.47 -49.46 -12.08
CA ILE N 261 13.54 -48.38 -12.41
C ILE N 261 13.31 -47.45 -11.23
N LYS N 262 13.44 -46.14 -11.48
CA LYS N 262 13.40 -45.13 -10.41
C LYS N 262 13.11 -43.73 -10.95
N PRO N 263 12.62 -42.82 -10.08
CA PRO N 263 12.63 -41.39 -10.41
C PRO N 263 14.03 -40.77 -10.32
N GLU N 264 14.11 -39.46 -10.53
CA GLU N 264 15.34 -38.70 -10.29
C GLU N 264 15.62 -38.58 -8.78
N TRP N 265 16.84 -38.17 -8.45
CA TRP N 265 17.30 -38.14 -7.05
C TRP N 265 16.41 -37.35 -6.09
N TYR N 266 15.84 -36.25 -6.58
CA TYR N 266 15.02 -35.34 -5.74
C TYR N 266 13.62 -35.88 -5.35
N PHE N 267 13.20 -37.01 -5.94
CA PHE N 267 11.97 -37.72 -5.49
C PHE N 267 12.23 -39.04 -4.75
N LEU N 268 13.49 -39.45 -4.63
CA LEU N 268 13.81 -40.79 -4.10
C LEU N 268 13.38 -41.02 -2.64
N PHE N 269 13.42 -39.97 -1.82
CA PHE N 269 12.94 -40.05 -0.44
C PHE N 269 11.44 -40.38 -0.41
N ALA N 270 10.69 -39.75 -1.31
CA ALA N 270 9.25 -39.92 -1.41
C ALA N 270 8.91 -41.26 -2.07
N TYR N 271 9.74 -41.66 -3.04
CA TYR N 271 9.67 -42.99 -3.66
C TYR N 271 9.91 -44.09 -2.64
N ALA N 272 10.86 -43.87 -1.72
CA ALA N 272 11.16 -44.83 -0.65
C ALA N 272 10.02 -44.97 0.37
N ILE N 273 9.36 -43.85 0.69
CA ILE N 273 8.17 -43.87 1.57
C ILE N 273 7.01 -44.61 0.90
N LEU N 274 6.89 -44.47 -0.43
CA LEU N 274 5.87 -45.20 -1.19
C LEU N 274 6.13 -46.71 -1.19
N ARG N 275 7.36 -47.09 -1.47
CA ARG N 275 7.77 -48.51 -1.46
C ARG N 275 7.67 -49.18 -0.09
N SER N 276 7.84 -48.39 0.97
CA SER N 276 7.73 -48.87 2.36
C SER N 276 6.39 -49.57 2.62
N ILE N 277 5.30 -48.93 2.23
CA ILE N 277 3.96 -49.49 2.39
C ILE N 277 3.68 -50.46 1.23
N PRO N 278 3.21 -51.69 1.54
CA PRO N 278 2.91 -52.67 0.49
C PRO N 278 1.59 -52.42 -0.26
N ASN N 279 0.55 -51.97 0.46
CA ASN N 279 -0.73 -51.61 -0.15
C ASN N 279 -0.55 -50.41 -1.09
N LYS N 280 -1.19 -50.47 -2.26
CA LYS N 280 -0.99 -49.47 -3.31
C LYS N 280 -1.52 -48.10 -2.92
N LEU N 281 -2.77 -48.07 -2.45
CA LEU N 281 -3.41 -46.82 -2.04
C LEU N 281 -2.66 -46.20 -0.87
N GLY N 282 -2.36 -47.00 0.14
CA GLY N 282 -1.54 -46.57 1.27
C GLY N 282 -0.20 -45.98 0.86
N GLY N 283 0.46 -46.63 -0.09
CA GLY N 283 1.70 -46.12 -0.69
C GLY N 283 1.55 -44.75 -1.34
N VAL N 284 0.44 -44.53 -2.03
CA VAL N 284 0.12 -43.24 -2.65
C VAL N 284 -0.18 -42.16 -1.61
N LEU N 285 -0.97 -42.52 -0.59
CA LEU N 285 -1.33 -41.58 0.48
C LEU N 285 -0.13 -41.19 1.35
N ALA N 286 0.75 -42.15 1.63
CA ALA N 286 2.01 -41.88 2.34
C ALA N 286 2.95 -41.01 1.49
N LEU N 287 3.07 -41.35 0.21
CA LEU N 287 3.79 -40.53 -0.77
C LEU N 287 3.29 -39.09 -0.79
N ALA N 288 1.97 -38.92 -0.77
CA ALA N 288 1.34 -37.60 -0.76
C ALA N 288 1.60 -36.87 0.56
N PHE N 289 1.28 -37.56 1.66
CA PHE N 289 1.45 -37.01 3.01
C PHE N 289 2.90 -36.69 3.35
N SER N 290 3.86 -37.40 2.74
CA SER N 290 5.29 -37.07 2.90
C SER N 290 5.62 -35.63 2.52
N ILE N 291 4.96 -35.12 1.48
CA ILE N 291 5.13 -33.75 1.01
C ILE N 291 4.19 -32.84 1.79
N LEU N 292 2.90 -33.19 1.82
CA LEU N 292 1.85 -32.33 2.37
C LEU N 292 1.89 -32.13 3.89
N ILE N 293 2.56 -33.03 4.62
CA ILE N 293 2.78 -32.87 6.06
C ILE N 293 3.44 -31.53 6.43
N LEU N 294 4.23 -30.98 5.50
CA LEU N 294 4.75 -29.60 5.60
C LEU N 294 3.68 -28.58 6.03
N ALA N 295 2.45 -28.74 5.52
CA ALA N 295 1.32 -27.88 5.90
C ALA N 295 0.84 -28.05 7.36
N LEU N 296 1.11 -29.21 7.98
CA LEU N 296 0.81 -29.43 9.39
C LEU N 296 1.90 -28.97 10.36
N ILE N 297 3.10 -28.68 9.84
CA ILE N 297 4.26 -28.28 10.68
C ILE N 297 3.98 -27.07 11.57
N PRO N 298 3.35 -26.01 11.03
CA PRO N 298 3.02 -24.86 11.90
C PRO N 298 1.98 -25.14 12.98
N LEU N 299 1.16 -26.18 12.79
CA LEU N 299 0.19 -26.62 13.80
C LEU N 299 0.83 -27.54 14.85
N LEU N 300 1.84 -28.31 14.43
CA LEU N 300 2.59 -29.19 15.34
C LEU N 300 3.59 -28.45 16.24
N HIS N 301 3.88 -27.17 15.94
CA HIS N 301 4.78 -26.35 16.75
C HIS N 301 4.28 -26.19 18.20
N THR N 302 5.17 -26.41 19.16
CA THR N 302 4.85 -26.33 20.59
C THR N 302 5.69 -25.36 21.41
N SER N 303 6.97 -25.22 21.07
CA SER N 303 7.93 -24.51 21.95
C SER N 303 7.63 -23.02 22.05
N LYS N 304 7.82 -22.48 23.26
CA LYS N 304 7.66 -21.05 23.53
C LYS N 304 8.77 -20.24 22.85
N GLN N 305 9.91 -20.88 22.58
CA GLN N 305 10.94 -20.31 21.71
C GLN N 305 10.59 -20.63 20.26
N ARG N 306 10.75 -19.64 19.38
CA ARG N 306 10.41 -19.78 17.98
C ARG N 306 11.48 -20.58 17.22
N SER N 307 12.72 -20.12 17.33
CA SER N 307 13.85 -20.73 16.64
C SER N 307 14.41 -21.93 17.41
N MET N 308 15.02 -22.85 16.66
CA MET N 308 15.73 -23.99 17.25
C MET N 308 17.14 -23.64 17.78
N MET N 309 17.63 -22.43 17.52
CA MET N 309 18.95 -21.99 18.00
C MET N 309 19.18 -22.27 19.49
N PHE N 310 18.15 -22.07 20.31
CA PHE N 310 18.24 -22.28 21.76
C PHE N 310 17.50 -23.54 22.22
N ARG N 311 17.54 -24.60 21.41
CA ARG N 311 16.76 -25.81 21.64
C ARG N 311 17.53 -27.07 21.21
N PRO N 312 18.35 -27.64 22.12
CA PRO N 312 19.13 -28.87 21.87
C PRO N 312 18.35 -30.10 21.39
N LEU N 313 17.31 -30.49 22.12
CA LEU N 313 16.51 -31.69 21.77
C LEU N 313 15.93 -31.60 20.36
N SER N 314 15.35 -30.44 20.05
CA SER N 314 14.80 -30.16 18.73
C SER N 314 15.88 -30.17 17.64
N GLN N 315 17.04 -29.57 17.95
CA GLN N 315 18.18 -29.57 17.00
C GLN N 315 18.62 -30.97 16.62
N CYS N 316 18.74 -31.84 17.61
CA CYS N 316 19.16 -33.22 17.39
C CYS N 316 18.14 -34.00 16.55
N LEU N 317 16.86 -33.85 16.89
CA LEU N 317 15.76 -34.47 16.11
C LEU N 317 15.62 -33.89 14.70
N PHE N 318 15.89 -32.59 14.55
CA PHE N 318 15.91 -31.96 13.23
C PHE N 318 17.02 -32.58 12.39
N TRP N 319 18.24 -32.59 12.94
CA TRP N 319 19.39 -33.21 12.25
C TRP N 319 19.24 -34.71 12.06
N ALA N 320 18.42 -35.36 12.91
CA ALA N 320 17.99 -36.74 12.67
C ALA N 320 17.07 -36.83 11.45
N LEU N 321 16.10 -35.92 11.35
CA LEU N 321 15.16 -35.86 10.21
C LEU N 321 15.88 -35.64 8.87
N VAL N 322 16.96 -34.87 8.88
CA VAL N 322 17.79 -34.65 7.68
C VAL N 322 18.48 -35.95 7.29
N ALA N 323 19.14 -36.58 8.27
CA ALA N 323 19.81 -37.87 8.07
C ALA N 323 18.85 -38.96 7.63
N ASP N 324 17.66 -38.98 8.24
CA ASP N 324 16.60 -39.92 7.89
C ASP N 324 16.10 -39.71 6.44
N LEU N 325 16.03 -38.46 6.01
CA LEU N 325 15.70 -38.15 4.61
C LEU N 325 16.81 -38.59 3.66
N LEU N 326 18.06 -38.33 4.02
CA LEU N 326 19.23 -38.82 3.27
C LEU N 326 19.31 -40.36 3.25
N THR N 327 18.82 -41.01 4.30
CA THR N 327 18.67 -42.47 4.32
C THR N 327 17.61 -42.92 3.31
N LEU N 328 16.44 -42.28 3.35
CA LEU N 328 15.35 -42.58 2.41
C LEU N 328 15.74 -42.30 0.96
N THR N 329 16.48 -41.21 0.73
CA THR N 329 17.00 -40.86 -0.60
C THR N 329 17.93 -41.96 -1.13
N TRP N 330 18.79 -42.47 -0.25
CA TRP N 330 19.67 -43.59 -0.57
C TRP N 330 18.86 -44.85 -0.89
N ILE N 331 17.95 -45.22 0.01
CA ILE N 331 17.11 -46.44 -0.14
C ILE N 331 16.26 -46.40 -1.41
N GLY N 332 15.64 -45.25 -1.70
CA GLY N 332 14.90 -45.06 -2.95
C GLY N 332 15.72 -45.32 -4.21
N GLY N 333 17.00 -44.98 -4.15
CA GLY N 333 17.95 -45.28 -5.24
C GLY N 333 18.26 -46.75 -5.44
N GLN N 334 18.27 -47.52 -4.35
CA GLN N 334 18.58 -48.96 -4.39
C GLN N 334 17.33 -49.79 -4.73
N PRO N 335 17.52 -51.02 -5.24
CA PRO N 335 16.37 -51.87 -5.59
C PRO N 335 15.65 -52.44 -4.36
N VAL N 336 14.43 -52.94 -4.56
CA VAL N 336 13.56 -53.37 -3.46
C VAL N 336 13.88 -54.82 -3.10
N GLU N 337 15.00 -55.00 -2.42
CA GLU N 337 15.45 -56.30 -1.91
C GLU N 337 15.98 -56.14 -0.50
N HIS N 338 16.18 -57.26 0.19
CA HIS N 338 16.79 -57.28 1.52
C HIS N 338 18.26 -56.86 1.41
N PRO N 339 18.79 -56.04 2.33
CA PRO N 339 18.12 -55.53 3.52
C PRO N 339 17.38 -54.20 3.36
N TYR N 340 17.36 -53.64 2.14
CA TYR N 340 16.87 -52.27 1.91
C TYR N 340 15.38 -52.08 2.19
N ILE N 341 14.60 -53.16 2.14
CA ILE N 341 13.16 -53.10 2.43
C ILE N 341 12.93 -52.74 3.90
N THR N 342 13.63 -53.41 4.79
CA THR N 342 13.52 -53.16 6.24
C THR N 342 14.10 -51.81 6.65
N ILE N 343 15.21 -51.40 6.02
CA ILE N 343 15.81 -50.08 6.27
C ILE N 343 14.84 -48.99 5.82
N GLY N 344 14.31 -49.15 4.61
CA GLY N 344 13.28 -48.26 4.07
C GLY N 344 12.02 -48.18 4.92
N GLN N 345 11.59 -49.33 5.44
CA GLN N 345 10.42 -49.41 6.34
C GLN N 345 10.60 -48.60 7.62
N LEU N 346 11.76 -48.77 8.27
CA LEU N 346 12.06 -48.09 9.53
C LEU N 346 12.27 -46.60 9.30
N ALA N 347 13.05 -46.27 8.27
CA ALA N 347 13.30 -44.88 7.85
C ALA N 347 12.01 -44.12 7.58
N SER N 348 11.07 -44.77 6.90
CA SER N 348 9.77 -44.17 6.56
C SER N 348 8.90 -43.89 7.79
N VAL N 349 8.87 -44.84 8.73
CA VAL N 349 8.12 -44.66 9.98
C VAL N 349 8.80 -43.57 10.82
N LEU N 350 10.12 -43.64 10.91
CA LEU N 350 10.93 -42.63 11.62
C LEU N 350 10.69 -41.20 11.12
N TYR N 351 10.51 -41.06 9.81
CA TYR N 351 10.24 -39.77 9.18
C TYR N 351 8.98 -39.12 9.73
N PHE N 352 7.86 -39.84 9.67
CA PHE N 352 6.59 -39.35 10.20
C PHE N 352 6.58 -39.26 11.74
N LEU N 353 7.36 -40.12 12.40
CA LEU N 353 7.44 -40.12 13.87
C LEU N 353 8.20 -38.89 14.41
N LEU N 354 9.28 -38.51 13.72
CA LEU N 354 10.04 -37.30 14.06
C LEU N 354 9.17 -36.05 13.96
N ILE N 355 8.42 -35.96 12.86
CA ILE N 355 7.58 -34.79 12.57
C ILE N 355 6.37 -34.74 13.50
N LEU N 356 5.60 -35.83 13.52
CA LEU N 356 4.30 -35.87 14.22
C LEU N 356 4.42 -36.06 15.74
N VAL N 357 5.28 -36.97 16.18
CA VAL N 357 5.34 -37.39 17.59
C VAL N 357 6.46 -36.70 18.36
N LEU N 358 7.71 -36.91 17.92
CA LEU N 358 8.88 -36.59 18.73
C LEU N 358 9.18 -35.09 18.86
N MET N 359 9.37 -34.40 17.74
CA MET N 359 9.76 -32.97 17.74
C MET N 359 8.79 -32.04 18.49
N PRO N 360 7.46 -32.34 18.45
CA PRO N 360 6.53 -31.66 19.36
C PRO N 360 6.76 -31.96 20.83
N THR N 361 6.97 -33.24 21.16
CA THR N 361 7.28 -33.67 22.53
C THR N 361 8.58 -33.03 23.02
N ALA N 362 9.59 -33.00 22.15
CA ALA N 362 10.86 -32.34 22.44
C ALA N 362 10.65 -30.89 22.85
N GLY N 363 9.88 -30.16 22.06
CA GLY N 363 9.53 -28.77 22.36
C GLY N 363 8.79 -28.61 23.67
N THR N 364 7.88 -29.54 23.97
CA THR N 364 7.13 -29.53 25.23
C THR N 364 8.03 -29.80 26.44
N ILE N 365 8.96 -30.74 26.31
CA ILE N 365 9.96 -31.02 27.35
C ILE N 365 10.87 -29.81 27.56
N GLU N 366 11.43 -29.31 26.45
CA GLU N 366 12.26 -28.10 26.44
C GLU N 366 11.63 -26.92 27.18
N ASN N 367 10.31 -26.78 27.08
CA ASN N 367 9.57 -25.78 27.85
C ASN N 367 9.60 -26.08 29.34
N LYS N 368 9.31 -27.33 29.71
CA LYS N 368 9.27 -27.75 31.12
C LYS N 368 10.64 -27.62 31.80
N LEU N 369 11.71 -27.81 31.05
CA LEU N 369 13.08 -27.59 31.56
C LEU N 369 13.35 -26.12 31.91
N LEU N 370 12.79 -25.20 31.12
CA LEU N 370 12.94 -23.76 31.35
C LEU N 370 11.82 -23.11 32.19
N LYS N 371 10.97 -23.93 32.82
CA LYS N 371 9.84 -23.46 33.64
C LYS N 371 8.78 -22.72 32.80
N TRP N 372 8.43 -23.34 31.66
CA TRP N 372 7.32 -22.85 30.83
C TRP N 372 6.14 -23.82 30.85
N ASP O 1 23.87 -64.12 -12.73
CA ASP O 1 23.04 -63.10 -12.01
C ASP O 1 23.82 -62.30 -10.94
N LEU O 2 25.09 -62.03 -11.23
CA LEU O 2 26.02 -61.35 -10.32
C LEU O 2 26.62 -60.25 -11.15
N GLU O 3 27.11 -59.20 -10.48
CA GLU O 3 27.73 -58.07 -11.15
C GLU O 3 29.24 -58.22 -11.22
N LEU O 4 29.83 -57.76 -12.31
CA LEU O 4 31.28 -57.55 -12.40
C LEU O 4 31.51 -56.14 -12.90
N HIS O 5 31.86 -55.25 -11.98
CA HIS O 5 32.10 -53.85 -12.33
C HIS O 5 33.48 -53.71 -12.99
N PRO O 6 33.59 -52.92 -14.08
CA PRO O 6 34.89 -52.67 -14.72
C PRO O 6 35.92 -51.98 -13.83
N PRO O 7 37.22 -52.06 -14.20
CA PRO O 7 38.27 -51.35 -13.48
C PRO O 7 38.47 -49.94 -14.03
N SER O 8 39.42 -49.21 -13.45
CA SER O 8 39.73 -47.84 -13.86
C SER O 8 40.93 -47.79 -14.81
N TYR O 9 40.68 -48.04 -16.09
CA TYR O 9 41.72 -47.89 -17.12
C TYR O 9 42.02 -46.39 -17.26
N PRO O 10 43.30 -46.00 -17.14
CA PRO O 10 43.62 -44.58 -17.19
C PRO O 10 43.67 -44.08 -18.63
N TRP O 11 42.56 -43.50 -19.08
CA TRP O 11 42.45 -43.03 -20.46
C TRP O 11 43.25 -41.74 -20.63
N SER O 12 43.60 -41.46 -21.89
CA SER O 12 44.24 -40.20 -22.27
C SER O 12 43.44 -38.95 -21.86
N HIS O 13 42.12 -39.09 -21.77
CA HIS O 13 41.17 -37.99 -21.58
C HIS O 13 40.45 -38.05 -20.21
N ARG O 14 41.12 -38.59 -19.20
CA ARG O 14 40.47 -38.88 -17.91
C ARG O 14 40.31 -37.65 -17.02
N GLY O 15 41.40 -36.88 -16.84
CA GLY O 15 41.43 -35.77 -15.88
C GLY O 15 40.55 -34.58 -16.22
N LEU O 16 40.38 -33.70 -15.24
CA LEU O 16 39.45 -32.55 -15.34
C LEU O 16 39.71 -31.61 -16.51
N LEU O 17 40.97 -31.48 -16.90
CA LEU O 17 41.36 -30.64 -18.03
C LEU O 17 42.03 -31.45 -19.15
N SER O 18 41.72 -32.74 -19.21
CA SER O 18 42.40 -33.68 -20.11
C SER O 18 41.55 -33.97 -21.35
N SER O 19 42.09 -33.64 -22.52
CA SER O 19 41.31 -33.66 -23.77
C SER O 19 41.38 -35.03 -24.41
N LEU O 20 40.54 -35.24 -25.43
CA LEU O 20 40.54 -36.46 -26.22
C LEU O 20 41.79 -36.56 -27.10
N ASP O 21 42.20 -37.80 -27.36
CA ASP O 21 43.37 -38.10 -28.17
C ASP O 21 42.91 -38.24 -29.62
N HIS O 22 43.02 -37.15 -30.38
CA HIS O 22 42.44 -37.06 -31.74
C HIS O 22 43.01 -38.06 -32.76
N THR O 23 44.28 -38.46 -32.59
CA THR O 23 44.87 -39.56 -33.38
C THR O 23 44.24 -40.90 -33.00
N SER O 24 43.99 -41.08 -31.70
CA SER O 24 43.31 -42.29 -31.19
C SER O 24 41.84 -42.33 -31.64
N ILE O 25 41.21 -41.16 -31.73
CA ILE O 25 39.88 -41.03 -32.36
C ILE O 25 39.96 -41.41 -33.84
N ARG O 26 40.98 -40.90 -34.52
CA ARG O 26 41.24 -41.19 -35.93
C ARG O 26 41.28 -42.68 -36.22
N ARG O 27 42.05 -43.40 -35.42
CA ARG O 27 42.11 -44.86 -35.49
C ARG O 27 40.79 -45.50 -35.05
N GLY O 28 40.23 -44.99 -33.95
CA GLY O 28 38.94 -45.46 -33.43
C GLY O 28 37.78 -45.40 -34.42
N PHE O 29 37.77 -44.36 -35.26
CA PHE O 29 36.79 -44.28 -36.36
C PHE O 29 37.00 -45.43 -37.36
N GLN O 30 38.26 -45.65 -37.75
CA GLN O 30 38.62 -46.72 -38.68
C GLN O 30 38.19 -48.09 -38.14
N VAL O 31 38.26 -48.26 -36.82
CA VAL O 31 37.79 -49.48 -36.17
C VAL O 31 36.26 -49.62 -36.31
N TYR O 32 35.52 -48.52 -36.14
CA TYR O 32 34.08 -48.56 -36.39
C TYR O 32 33.83 -48.93 -37.86
N LYS O 33 34.38 -48.11 -38.75
CA LYS O 33 34.19 -48.26 -40.20
C LYS O 33 34.47 -49.69 -40.67
N GLN O 34 35.64 -50.19 -40.31
CA GLN O 34 36.09 -51.51 -40.78
C GLN O 34 35.38 -52.67 -40.07
N VAL O 35 35.22 -52.56 -38.75
CA VAL O 35 34.74 -53.67 -37.93
C VAL O 35 33.27 -53.48 -37.52
N CYS O 36 32.97 -52.43 -36.74
CA CYS O 36 31.63 -52.27 -36.14
C CYS O 36 30.53 -51.79 -37.10
N SER O 37 30.90 -51.21 -38.25
CA SER O 37 29.92 -50.61 -39.16
C SER O 37 28.97 -51.64 -39.81
N SER O 38 29.46 -52.86 -40.05
CA SER O 38 28.68 -53.93 -40.71
C SER O 38 27.46 -54.45 -39.90
N CYS O 39 27.54 -54.36 -38.57
CA CYS O 39 26.47 -54.79 -37.69
C CYS O 39 25.75 -53.66 -36.94
N HIS O 40 26.48 -52.59 -36.59
CA HIS O 40 25.98 -51.59 -35.63
C HIS O 40 25.58 -50.28 -36.28
N SER O 41 24.48 -49.72 -35.78
CA SER O 41 24.02 -48.40 -36.18
C SER O 41 24.85 -47.33 -35.46
N MET O 42 25.11 -46.23 -36.15
CA MET O 42 25.52 -44.97 -35.53
C MET O 42 24.76 -43.86 -36.23
N ASP O 43 23.58 -43.56 -35.70
CA ASP O 43 22.58 -42.76 -36.40
C ASP O 43 22.83 -41.25 -36.34
N TYR O 44 23.47 -40.78 -35.27
CA TYR O 44 23.60 -39.34 -34.99
C TYR O 44 24.98 -38.75 -35.30
N VAL O 45 25.74 -39.38 -36.20
CA VAL O 45 27.02 -38.85 -36.68
C VAL O 45 27.05 -38.83 -38.21
N ALA O 46 27.62 -37.77 -38.76
CA ALA O 46 27.83 -37.62 -40.20
C ALA O 46 29.31 -37.34 -40.48
N TYR O 47 29.71 -37.48 -41.73
CA TYR O 47 31.12 -37.37 -42.11
C TYR O 47 31.71 -35.97 -41.93
N ARG O 48 30.85 -34.95 -41.94
CA ARG O 48 31.25 -33.58 -41.60
C ARG O 48 31.67 -33.41 -40.13
N HIS O 49 31.07 -34.18 -39.21
CA HIS O 49 31.47 -34.16 -37.80
C HIS O 49 32.94 -34.58 -37.61
N LEU O 50 33.43 -35.47 -38.48
CA LEU O 50 34.84 -35.90 -38.46
C LEU O 50 35.82 -34.77 -38.82
N VAL O 51 35.36 -33.82 -39.64
CA VAL O 51 36.20 -32.71 -40.13
C VAL O 51 36.67 -31.85 -38.95
N GLY O 52 37.98 -31.64 -38.88
CA GLY O 52 38.58 -30.85 -37.80
C GLY O 52 38.71 -31.56 -36.46
N VAL O 53 38.24 -32.80 -36.37
CA VAL O 53 38.37 -33.60 -35.16
C VAL O 53 39.48 -34.62 -35.39
N CYS O 54 39.23 -35.55 -36.31
CA CYS O 54 40.20 -36.59 -36.67
C CYS O 54 40.68 -36.53 -38.13
N TYR O 55 39.91 -35.90 -39.01
CA TYR O 55 40.22 -35.83 -40.45
C TYR O 55 40.11 -34.40 -40.98
N THR O 56 40.66 -34.18 -42.17
CA THR O 56 40.45 -32.94 -42.92
C THR O 56 39.14 -33.02 -43.69
N GLU O 57 38.74 -31.87 -44.25
CA GLU O 57 37.53 -31.78 -45.08
C GLU O 57 37.62 -32.68 -46.31
N ASP O 58 38.77 -32.65 -46.98
CA ASP O 58 38.99 -33.45 -48.19
C ASP O 58 39.05 -34.95 -47.90
N GLU O 59 39.77 -35.31 -46.83
CA GLU O 59 39.83 -36.70 -46.37
C GLU O 59 38.47 -37.23 -45.95
N ALA O 60 37.74 -36.44 -45.16
CA ALA O 60 36.40 -36.80 -44.71
C ALA O 60 35.39 -36.91 -45.87
N LYS O 61 35.54 -36.04 -46.86
CA LYS O 61 34.72 -36.07 -48.08
C LYS O 61 34.97 -37.34 -48.90
N ALA O 62 36.25 -37.73 -49.02
CA ALA O 62 36.63 -38.96 -49.70
C ALA O 62 36.00 -40.20 -49.07
N LEU O 63 35.96 -40.24 -47.74
CA LEU O 63 35.37 -41.36 -46.99
C LEU O 63 33.86 -41.43 -47.13
N ALA O 64 33.23 -40.27 -47.18
CA ALA O 64 31.81 -40.19 -47.49
C ALA O 64 31.56 -40.71 -48.89
N GLU O 65 32.36 -40.22 -49.85
CA GLU O 65 32.28 -40.66 -51.25
C GLU O 65 32.49 -42.17 -51.45
N GLU O 66 33.35 -42.78 -50.62
CA GLU O 66 33.58 -44.24 -50.69
C GLU O 66 32.28 -45.02 -50.69
N VAL O 67 31.46 -44.79 -49.66
CA VAL O 67 30.14 -45.42 -49.58
C VAL O 67 29.13 -44.75 -50.50
N GLU O 68 28.11 -45.52 -50.89
CA GLU O 68 27.02 -45.04 -51.74
C GLU O 68 25.72 -45.13 -50.93
N VAL O 69 24.89 -44.10 -51.04
CA VAL O 69 23.63 -44.01 -50.28
C VAL O 69 22.48 -43.50 -51.15
N GLN O 70 21.25 -43.71 -50.65
CA GLN O 70 20.04 -43.37 -51.38
C GLN O 70 19.79 -41.86 -51.42
N ASP O 71 19.10 -41.43 -52.47
CA ASP O 71 18.65 -40.05 -52.60
C ASP O 71 17.47 -40.01 -53.58
N GLY O 72 16.61 -38.99 -53.42
CA GLY O 72 15.43 -38.85 -54.27
C GLY O 72 14.26 -38.18 -53.57
N PRO O 73 13.07 -38.19 -54.19
CA PRO O 73 12.81 -38.82 -55.50
C PRO O 73 13.37 -38.03 -56.68
N ASN O 74 13.55 -38.72 -57.81
CA ASN O 74 13.99 -38.08 -59.06
C ASN O 74 12.78 -37.53 -59.84
N GLU O 75 12.97 -37.13 -61.09
CA GLU O 75 11.88 -36.64 -61.94
C GLU O 75 10.88 -37.72 -62.34
N ASP O 76 11.37 -38.95 -62.56
CA ASP O 76 10.51 -40.12 -62.83
C ASP O 76 9.62 -40.53 -61.66
N GLY O 77 10.00 -40.13 -60.43
CA GLY O 77 9.24 -40.47 -59.23
C GLY O 77 9.70 -41.78 -58.65
N GLU O 78 11.02 -41.88 -58.45
CA GLU O 78 11.64 -43.07 -57.86
C GLU O 78 13.02 -42.75 -57.30
N MET O 79 13.50 -43.62 -56.42
CA MET O 79 14.75 -43.40 -55.69
C MET O 79 15.94 -44.00 -56.44
N PHE O 80 17.11 -43.44 -56.18
CA PHE O 80 18.36 -43.87 -56.81
C PHE O 80 19.52 -43.72 -55.82
N MET O 81 20.65 -44.34 -56.15
CA MET O 81 21.85 -44.29 -55.31
C MET O 81 22.83 -43.24 -55.83
N ARG O 82 23.63 -42.69 -54.92
CA ARG O 82 24.67 -41.73 -55.26
C ARG O 82 25.82 -41.84 -54.25
N PRO O 83 27.06 -41.45 -54.65
CA PRO O 83 28.18 -41.51 -53.71
C PRO O 83 28.00 -40.53 -52.57
N GLY O 84 28.39 -40.94 -51.35
CA GLY O 84 28.10 -40.16 -50.15
C GLY O 84 28.79 -38.82 -50.09
N LYS O 85 28.37 -38.00 -49.13
CA LYS O 85 28.90 -36.65 -48.97
C LYS O 85 29.08 -36.29 -47.49
N LEU O 86 29.76 -35.18 -47.24
CA LEU O 86 29.95 -34.64 -45.88
C LEU O 86 28.65 -34.57 -45.05
N SER O 87 27.56 -34.15 -45.69
CA SER O 87 26.26 -34.00 -45.02
C SER O 87 25.51 -35.32 -44.74
N ASP O 88 25.91 -36.41 -45.38
CA ASP O 88 25.30 -37.73 -45.14
C ASP O 88 25.69 -38.30 -43.78
N TYR O 89 24.68 -38.75 -43.04
CA TYR O 89 24.91 -39.50 -41.80
C TYR O 89 25.36 -40.93 -42.13
N PHE O 90 26.05 -41.54 -41.18
CA PHE O 90 26.70 -42.85 -41.37
C PHE O 90 25.67 -43.93 -41.75
N PRO O 91 25.98 -44.76 -42.79
CA PRO O 91 24.99 -45.74 -43.26
C PRO O 91 24.55 -46.74 -42.18
N LYS O 92 23.24 -46.86 -41.98
CA LYS O 92 22.67 -47.83 -41.05
C LYS O 92 22.78 -49.23 -41.68
N PRO O 93 23.21 -50.24 -40.89
CA PRO O 93 23.46 -51.57 -41.45
C PRO O 93 22.22 -52.30 -41.97
N TYR O 94 21.09 -52.14 -41.29
CA TYR O 94 19.82 -52.74 -41.73
C TYR O 94 18.73 -51.67 -41.83
N PRO O 95 17.64 -51.93 -42.57
CA PRO O 95 16.56 -50.94 -42.66
C PRO O 95 15.72 -50.72 -41.39
N ASN O 96 15.74 -51.66 -40.44
CA ASN O 96 14.94 -51.54 -39.21
C ASN O 96 15.46 -52.46 -38.09
N PRO O 97 14.92 -52.33 -36.85
CA PRO O 97 15.28 -53.25 -35.77
C PRO O 97 14.88 -54.73 -35.97
N GLU O 98 13.78 -55.00 -36.68
CA GLU O 98 13.35 -56.39 -36.92
C GLU O 98 14.28 -57.13 -37.89
N ALA O 99 14.90 -56.41 -38.83
CA ALA O 99 15.91 -56.96 -39.73
C ALA O 99 17.21 -57.29 -38.99
N ALA O 100 17.51 -56.52 -37.95
CA ALA O 100 18.66 -56.78 -37.08
C ALA O 100 18.47 -58.07 -36.28
N ARG O 101 17.31 -58.19 -35.63
CA ARG O 101 16.96 -59.38 -34.86
C ARG O 101 16.79 -60.62 -35.75
N ALA O 102 16.39 -60.40 -37.01
CA ALA O 102 16.38 -61.46 -38.02
C ALA O 102 17.80 -61.90 -38.36
N ALA O 103 18.67 -60.92 -38.63
CA ALA O 103 20.06 -61.19 -39.02
C ALA O 103 20.95 -61.74 -37.90
N ASN O 104 20.60 -61.48 -36.64
CA ASN O 104 21.48 -61.78 -35.51
C ASN O 104 20.78 -62.44 -34.33
N ASN O 105 20.25 -63.65 -34.58
CA ASN O 105 19.76 -64.58 -33.55
C ASN O 105 18.74 -63.97 -32.56
N GLY O 106 17.85 -63.12 -33.06
CA GLY O 106 16.86 -62.44 -32.23
C GLY O 106 17.44 -61.44 -31.24
N ALA O 107 18.56 -60.82 -31.60
CA ALA O 107 19.24 -59.84 -30.77
C ALA O 107 19.47 -58.55 -31.55
N LEU O 108 19.14 -57.42 -30.92
CA LEU O 108 19.29 -56.09 -31.53
C LEU O 108 20.68 -55.54 -31.17
N PRO O 109 21.56 -55.34 -32.17
CA PRO O 109 22.81 -54.63 -31.90
C PRO O 109 22.53 -53.12 -31.73
N PRO O 110 22.77 -52.58 -30.51
CA PRO O 110 22.34 -51.21 -30.22
C PRO O 110 23.13 -50.12 -30.95
N ASP O 111 22.60 -48.91 -30.92
CA ASP O 111 23.19 -47.76 -31.59
C ASP O 111 24.42 -47.30 -30.81
N LEU O 112 25.55 -47.13 -31.52
CA LEU O 112 26.83 -46.79 -30.87
C LEU O 112 27.13 -45.28 -30.78
N SER O 113 26.18 -44.42 -31.15
CA SER O 113 26.34 -42.98 -31.01
C SER O 113 26.53 -42.62 -29.54
N TYR O 114 25.59 -43.05 -28.70
CA TYR O 114 25.58 -42.70 -27.27
C TYR O 114 25.96 -43.83 -26.30
N ILE O 115 26.43 -44.96 -26.84
CA ILE O 115 26.67 -46.18 -26.04
C ILE O 115 27.52 -45.98 -24.78
N VAL O 116 28.52 -45.08 -24.87
CA VAL O 116 29.36 -44.74 -23.73
C VAL O 116 28.52 -44.08 -22.63
N ARG O 117 27.76 -43.05 -23.00
CA ARG O 117 26.84 -42.38 -22.08
C ARG O 117 25.62 -43.22 -21.69
N ALA O 118 25.24 -44.18 -22.54
CA ALA O 118 24.07 -45.02 -22.30
C ALA O 118 24.27 -46.13 -21.26
N ARG O 119 25.52 -46.61 -21.12
CA ARG O 119 25.83 -47.69 -20.18
C ARG O 119 26.62 -47.20 -18.97
N HIS O 120 26.44 -47.88 -17.84
CA HIS O 120 27.21 -47.59 -16.62
C HIS O 120 28.67 -47.98 -16.84
N GLY O 121 29.60 -47.09 -16.45
CA GLY O 121 31.04 -47.34 -16.61
C GLY O 121 31.61 -46.67 -17.85
N GLY O 122 30.89 -46.74 -18.96
CA GLY O 122 31.29 -46.05 -20.19
C GLY O 122 32.43 -46.78 -20.90
N GLU O 123 33.53 -46.07 -21.15
CA GLU O 123 34.66 -46.62 -21.90
C GLU O 123 35.28 -47.80 -21.17
N ASP O 124 35.36 -47.71 -19.84
CA ASP O 124 35.83 -48.80 -19.00
C ASP O 124 35.01 -50.08 -19.18
N TYR O 125 33.69 -49.92 -19.26
CA TYR O 125 32.79 -51.04 -19.54
C TYR O 125 32.92 -51.54 -20.98
N VAL O 126 32.94 -50.62 -21.95
CA VAL O 126 33.05 -51.01 -23.37
C VAL O 126 34.38 -51.70 -23.63
N PHE O 127 35.46 -51.15 -23.09
CA PHE O 127 36.80 -51.77 -23.21
C PHE O 127 36.85 -53.17 -22.57
N SER O 128 36.37 -53.27 -21.34
CA SER O 128 36.30 -54.57 -20.64
C SER O 128 35.36 -55.58 -21.30
N LEU O 129 34.34 -55.09 -22.00
CA LEU O 129 33.45 -55.97 -22.78
C LEU O 129 34.16 -56.51 -24.01
N LEU O 130 34.87 -55.64 -24.74
CA LEU O 130 35.60 -56.04 -25.95
C LEU O 130 36.76 -56.99 -25.67
N THR O 131 37.69 -56.54 -24.82
CA THR O 131 38.90 -57.30 -24.50
C THR O 131 38.65 -58.45 -23.52
N GLY O 132 37.59 -58.36 -22.71
CA GLY O 132 37.35 -59.32 -21.62
C GLY O 132 36.59 -60.61 -21.96
N TYR O 133 36.43 -60.93 -23.24
CA TYR O 133 35.88 -62.23 -23.64
C TYR O 133 36.72 -63.37 -23.08
N CYS O 134 36.06 -64.40 -22.57
CA CYS O 134 36.73 -65.57 -21.99
C CYS O 134 35.81 -66.79 -22.02
N GLU O 135 36.33 -67.94 -21.59
CA GLU O 135 35.60 -69.21 -21.68
C GLU O 135 34.60 -69.37 -20.54
N PRO O 136 33.45 -70.02 -20.81
CA PRO O 136 32.43 -70.20 -19.78
C PRO O 136 32.87 -71.23 -18.73
N PRO O 137 32.84 -70.87 -17.43
CA PRO O 137 33.30 -71.80 -16.39
C PRO O 137 32.36 -72.99 -16.20
N THR O 138 32.83 -73.98 -15.44
CA THR O 138 32.09 -75.22 -15.21
C THR O 138 30.72 -74.94 -14.60
N GLY O 139 29.68 -75.46 -15.24
CA GLY O 139 28.29 -75.18 -14.87
C GLY O 139 27.58 -74.31 -15.89
N VAL O 140 28.24 -73.24 -16.32
CA VAL O 140 27.68 -72.31 -17.30
C VAL O 140 27.63 -72.99 -18.67
N SER O 141 26.46 -73.51 -19.01
CA SER O 141 26.18 -74.08 -20.31
C SER O 141 25.26 -73.12 -21.07
N LEU O 142 25.86 -72.33 -21.97
CA LEU O 142 25.12 -71.37 -22.78
C LEU O 142 24.44 -72.07 -23.96
N ARG O 143 23.48 -71.37 -24.57
CA ARG O 143 22.67 -71.91 -25.67
C ARG O 143 23.14 -71.35 -27.01
N GLU O 144 22.45 -71.72 -28.09
CA GLU O 144 22.81 -71.27 -29.45
C GLU O 144 22.76 -69.75 -29.63
N GLY O 145 23.70 -69.23 -30.41
CA GLY O 145 23.81 -67.79 -30.69
C GLY O 145 24.50 -66.96 -29.62
N LEU O 146 24.94 -67.58 -28.53
CA LEU O 146 25.43 -66.86 -27.35
C LEU O 146 26.91 -67.13 -27.10
N TYR O 147 27.57 -66.15 -26.47
CA TYR O 147 28.98 -66.24 -26.09
C TYR O 147 29.10 -65.80 -24.64
N PHE O 148 30.11 -66.32 -23.94
CA PHE O 148 30.36 -65.93 -22.55
C PHE O 148 31.27 -64.71 -22.50
N ASN O 149 30.75 -63.62 -21.94
CA ASN O 149 31.55 -62.49 -21.49
C ASN O 149 31.05 -62.15 -20.07
N PRO O 150 31.99 -62.03 -19.10
CA PRO O 150 31.59 -61.80 -17.71
C PRO O 150 31.08 -60.38 -17.41
N TYR O 151 31.66 -59.38 -18.06
CA TYR O 151 31.29 -57.97 -17.83
C TYR O 151 29.87 -57.59 -18.28
N PHE O 152 29.33 -58.34 -19.25
CA PHE O 152 27.93 -58.19 -19.70
C PHE O 152 26.97 -58.63 -18.57
N PRO O 153 25.85 -57.88 -18.35
CA PRO O 153 24.98 -58.17 -17.19
C PRO O 153 24.50 -59.62 -17.04
N GLY O 154 23.95 -60.20 -18.11
CA GLY O 154 23.47 -61.58 -18.10
C GLY O 154 24.52 -62.68 -18.24
N GLN O 155 25.79 -62.29 -18.36
CA GLN O 155 26.92 -63.21 -18.63
C GLN O 155 26.88 -63.96 -19.97
N ALA O 156 25.79 -63.82 -20.74
CA ALA O 156 25.61 -64.53 -22.00
C ALA O 156 25.28 -63.50 -23.07
N ILE O 157 26.33 -62.96 -23.71
CA ILE O 157 26.17 -61.95 -24.75
C ILE O 157 25.85 -62.60 -26.10
N GLY O 158 24.99 -61.94 -26.87
CA GLY O 158 24.62 -62.40 -28.22
C GLY O 158 25.48 -61.84 -29.34
N MET O 159 26.70 -61.40 -29.00
CA MET O 159 27.64 -60.80 -29.95
C MET O 159 28.86 -61.70 -30.02
N ALA O 160 29.26 -62.05 -31.23
CA ALA O 160 30.50 -62.78 -31.45
C ALA O 160 31.64 -61.84 -31.11
N PRO O 161 32.77 -62.38 -30.62
CA PRO O 161 33.86 -61.48 -30.29
C PRO O 161 34.10 -60.62 -31.52
N PRO O 162 34.00 -59.30 -31.38
CA PRO O 162 34.08 -58.46 -32.58
C PRO O 162 35.50 -58.11 -33.01
N ILE O 163 36.42 -57.95 -32.07
CA ILE O 163 37.79 -57.60 -32.38
C ILE O 163 38.79 -58.61 -31.82
N TYR O 164 39.80 -58.91 -32.62
CA TYR O 164 40.89 -59.82 -32.28
C TYR O 164 42.15 -59.31 -32.97
N ASN O 165 43.31 -59.79 -32.53
CA ASN O 165 44.60 -59.25 -33.00
C ASN O 165 44.68 -59.05 -34.52
N GLU O 166 44.95 -57.81 -34.93
CA GLU O 166 45.06 -57.42 -36.35
C GLU O 166 43.85 -57.77 -37.26
N VAL O 167 42.66 -57.57 -36.72
CA VAL O 167 41.42 -57.63 -37.51
C VAL O 167 41.40 -56.56 -38.60
N LEU O 168 42.09 -55.43 -38.36
CA LEU O 168 42.31 -54.39 -39.37
C LEU O 168 43.76 -53.92 -39.34
N GLU O 169 44.09 -52.98 -40.22
CA GLU O 169 45.43 -52.34 -40.23
C GLU O 169 45.28 -50.83 -40.29
N PHE O 170 45.96 -50.14 -39.38
CA PHE O 170 45.83 -48.70 -39.23
C PHE O 170 46.69 -47.95 -40.25
N ASP O 171 46.13 -46.87 -40.80
CA ASP O 171 46.79 -46.08 -41.85
C ASP O 171 48.11 -45.43 -41.42
N ASP O 172 48.17 -44.97 -40.17
CA ASP O 172 49.39 -44.34 -39.62
C ASP O 172 50.54 -45.32 -39.30
N GLY O 173 50.28 -46.63 -39.39
CA GLY O 173 51.31 -47.64 -39.18
C GLY O 173 51.49 -47.96 -37.70
N THR O 174 50.37 -48.20 -37.03
CA THR O 174 50.32 -48.51 -35.60
C THR O 174 50.09 -50.03 -35.44
N PRO O 175 50.75 -50.66 -34.44
CA PRO O 175 50.50 -52.10 -34.22
C PRO O 175 49.05 -52.40 -33.82
N ALA O 176 48.30 -53.00 -34.74
CA ALA O 176 46.88 -53.30 -34.53
C ALA O 176 46.68 -54.55 -33.67
N THR O 177 46.95 -54.42 -32.38
CA THR O 177 46.69 -55.49 -31.40
C THR O 177 45.27 -55.32 -30.86
N MET O 178 44.71 -56.40 -30.30
CA MET O 178 43.33 -56.41 -29.81
C MET O 178 43.02 -55.28 -28.83
N SER O 179 43.88 -55.12 -27.82
CA SER O 179 43.69 -54.08 -26.81
C SER O 179 43.97 -52.67 -27.33
N GLN O 180 44.87 -52.55 -28.32
CA GLN O 180 45.11 -51.27 -29.01
C GLN O 180 43.87 -50.84 -29.82
N VAL O 181 43.21 -51.82 -30.46
CA VAL O 181 41.96 -51.58 -31.18
C VAL O 181 40.86 -51.12 -30.21
N ALA O 182 40.70 -51.88 -29.12
CA ALA O 182 39.74 -51.56 -28.05
C ALA O 182 39.96 -50.16 -27.46
N LYS O 183 41.23 -49.81 -27.26
CA LYS O 183 41.60 -48.48 -26.74
C LYS O 183 41.16 -47.37 -27.70
N ASP O 184 41.52 -47.52 -28.97
CA ASP O 184 41.25 -46.50 -29.98
C ASP O 184 39.75 -46.30 -30.23
N VAL O 185 39.02 -47.40 -30.40
CA VAL O 185 37.57 -47.33 -30.68
C VAL O 185 36.76 -46.81 -29.49
N CYS O 186 37.17 -47.13 -28.26
CA CYS O 186 36.55 -46.57 -27.05
C CYS O 186 36.84 -45.07 -26.93
N THR O 187 38.03 -44.65 -27.34
CA THR O 187 38.39 -43.23 -27.40
C THR O 187 37.56 -42.49 -28.48
N PHE O 188 37.16 -43.21 -29.54
CA PHE O 188 36.24 -42.70 -30.56
C PHE O 188 34.79 -42.69 -30.10
N LEU O 189 34.32 -43.78 -29.48
CA LEU O 189 32.93 -43.87 -29.00
C LEU O 189 32.62 -42.91 -27.85
N ARG O 190 33.67 -42.44 -27.15
CA ARG O 190 33.56 -41.30 -26.24
C ARG O 190 33.17 -40.06 -27.04
N TRP O 191 33.94 -39.78 -28.08
CA TRP O 191 33.73 -38.62 -28.93
C TRP O 191 32.37 -38.63 -29.65
N ALA O 192 31.95 -39.81 -30.11
CA ALA O 192 30.62 -39.96 -30.73
C ALA O 192 29.51 -39.55 -29.76
N ALA O 193 29.61 -40.01 -28.52
CA ALA O 193 28.63 -39.67 -27.48
C ALA O 193 28.77 -38.25 -26.94
N GLU O 194 30.00 -37.74 -26.87
CA GLU O 194 30.28 -36.42 -26.31
C GLU O 194 31.30 -35.67 -27.18
N PRO O 195 30.86 -35.14 -28.33
CA PRO O 195 31.78 -34.37 -29.19
C PRO O 195 32.24 -33.03 -28.58
N GLU O 196 31.41 -32.44 -27.73
CA GLU O 196 31.76 -31.25 -26.94
C GLU O 196 32.92 -31.39 -25.94
N HIS O 197 33.31 -32.63 -25.65
CA HIS O 197 34.29 -33.02 -24.61
C HIS O 197 35.54 -32.17 -24.41
N ASP O 198 36.18 -31.75 -25.50
CA ASP O 198 37.42 -30.95 -25.43
C ASP O 198 37.11 -29.51 -25.08
N HIS O 199 36.20 -28.94 -25.85
CA HIS O 199 35.74 -27.56 -25.69
C HIS O 199 35.16 -27.30 -24.30
N ARG O 200 34.36 -28.26 -23.83
CA ARG O 200 33.75 -28.22 -22.51
C ARG O 200 34.78 -28.15 -21.36
N LYS O 201 35.87 -28.91 -21.47
CA LYS O 201 36.93 -28.90 -20.44
C LYS O 201 37.75 -27.61 -20.48
N ARG O 202 37.89 -27.00 -21.66
CA ARG O 202 38.54 -25.69 -21.80
C ARG O 202 37.71 -24.60 -21.12
N MET O 203 36.40 -24.62 -21.36
CA MET O 203 35.45 -23.78 -20.62
C MET O 203 35.57 -24.03 -19.12
N GLY O 204 35.70 -25.31 -18.75
CA GLY O 204 35.97 -25.73 -17.38
C GLY O 204 37.17 -25.05 -16.73
N LEU O 205 38.32 -25.11 -17.41
CA LEU O 205 39.53 -24.41 -16.96
C LEU O 205 39.27 -22.92 -16.77
N LYS O 206 38.75 -22.31 -17.83
CA LYS O 206 38.46 -20.87 -17.83
C LYS O 206 37.46 -20.47 -16.75
N MET O 207 36.49 -21.35 -16.48
CA MET O 207 35.52 -21.14 -15.40
C MET O 207 36.18 -21.18 -14.03
N LEU O 208 37.02 -22.19 -13.80
CA LEU O 208 37.74 -22.35 -12.52
C LEU O 208 38.69 -21.18 -12.26
N LEU O 209 39.46 -20.82 -13.29
CA LEU O 209 40.30 -19.62 -13.26
C LEU O 209 39.51 -18.35 -12.92
N MET O 210 38.40 -18.15 -13.63
CA MET O 210 37.58 -16.94 -13.49
C MET O 210 36.82 -16.90 -12.16
N MET O 211 36.33 -18.04 -11.72
CA MET O 211 35.72 -18.17 -10.38
C MET O 211 36.78 -17.94 -9.29
N GLY O 212 37.97 -18.50 -9.50
CA GLY O 212 39.13 -18.24 -8.63
C GLY O 212 39.47 -16.77 -8.52
N LEU O 213 39.34 -16.04 -9.63
CA LEU O 213 39.54 -14.59 -9.64
C LEU O 213 38.41 -13.85 -8.90
N LEU O 214 37.16 -14.17 -9.26
CA LEU O 214 36.01 -13.36 -8.83
C LEU O 214 35.56 -13.59 -7.38
N LEU O 215 35.43 -14.84 -6.97
CA LEU O 215 34.94 -15.17 -5.61
C LEU O 215 35.59 -14.38 -4.47
N PRO O 216 36.94 -14.25 -4.46
CA PRO O 216 37.56 -13.37 -3.46
C PRO O 216 37.28 -11.89 -3.67
N LEU O 217 37.30 -11.43 -4.92
CA LEU O 217 36.99 -10.03 -5.27
C LEU O 217 35.58 -9.61 -4.85
N VAL O 218 34.60 -10.50 -5.05
CA VAL O 218 33.21 -10.25 -4.65
C VAL O 218 33.08 -10.32 -3.13
N TYR O 219 33.66 -11.37 -2.55
CA TYR O 219 33.73 -11.54 -1.09
C TYR O 219 34.39 -10.33 -0.42
N ALA O 220 35.42 -9.78 -1.05
CA ALA O 220 36.08 -8.56 -0.57
C ALA O 220 35.15 -7.34 -0.57
N MET O 221 34.35 -7.20 -1.63
CA MET O 221 33.34 -6.14 -1.70
C MET O 221 32.26 -6.31 -0.63
N LYS O 222 31.82 -7.54 -0.42
CA LYS O 222 30.87 -7.88 0.64
C LYS O 222 31.42 -7.51 2.01
N ARG O 223 32.68 -7.88 2.26
CA ARG O 223 33.35 -7.59 3.53
C ARG O 223 33.59 -6.09 3.71
N HIS O 224 34.04 -5.44 2.64
CA HIS O 224 34.20 -3.98 2.61
C HIS O 224 32.92 -3.24 2.99
N LYS O 225 31.77 -3.71 2.49
CA LYS O 225 30.48 -3.06 2.75
C LYS O 225 29.98 -3.37 4.17
N TRP O 226 29.95 -4.66 4.52
CA TRP O 226 29.52 -5.12 5.85
C TRP O 226 30.43 -4.69 7.01
N SER O 227 31.68 -4.33 6.72
CA SER O 227 32.64 -3.80 7.71
C SER O 227 32.04 -2.81 8.71
N VAL O 228 31.24 -1.88 8.17
CA VAL O 228 30.58 -0.82 8.97
C VAL O 228 29.85 -1.43 10.17
N LEU O 229 29.07 -2.48 9.92
CA LEU O 229 28.30 -3.17 10.96
C LEU O 229 29.15 -4.11 11.79
N LYS O 230 30.05 -4.85 11.12
CA LYS O 230 30.88 -5.87 11.80
C LYS O 230 31.86 -5.29 12.82
N SER O 231 32.29 -4.04 12.66
CA SER O 231 33.14 -3.37 13.63
C SER O 231 32.39 -2.55 14.68
N ARG O 232 31.09 -2.30 14.46
CA ARG O 232 30.33 -1.36 15.29
C ARG O 232 30.25 -1.78 16.74
N LYS O 233 30.00 -0.80 17.61
CA LYS O 233 30.10 -0.97 19.05
C LYS O 233 28.91 -0.30 19.74
N LEU O 234 28.09 -1.11 20.41
CA LEU O 234 26.83 -0.65 21.00
C LEU O 234 27.00 -0.25 22.46
N ALA O 235 26.67 1.00 22.78
CA ALA O 235 26.75 1.53 24.15
C ALA O 235 25.36 1.89 24.68
N TYR O 236 24.96 1.24 25.77
CA TYR O 236 23.71 1.54 26.48
C TYR O 236 24.00 2.57 27.56
N ARG O 237 23.17 3.62 27.62
CA ARG O 237 23.35 4.71 28.58
C ARG O 237 21.99 5.22 29.08
N PRO O 238 21.32 4.45 29.95
CA PRO O 238 20.06 4.92 30.52
C PRO O 238 20.25 6.06 31.54
N PRO O 239 19.18 6.83 31.83
CA PRO O 239 19.26 7.86 32.86
C PRO O 239 18.88 7.30 34.23
N LYS O 240 19.09 8.11 35.27
CA LYS O 240 18.76 7.74 36.64
C LYS O 240 17.46 8.40 37.13
N SER P 79 27.35 13.15 32.53
CA SER P 79 27.18 14.05 31.36
C SER P 79 27.30 13.30 30.04
N HIS P 80 26.95 13.99 28.94
CA HIS P 80 27.15 13.47 27.59
C HIS P 80 28.60 13.65 27.14
N THR P 81 29.36 14.49 27.84
CA THR P 81 30.81 14.64 27.66
C THR P 81 31.63 13.45 28.20
N ASP P 82 31.00 12.60 29.02
CA ASP P 82 31.58 11.31 29.43
C ASP P 82 31.74 10.35 28.24
N ILE P 83 30.92 10.55 27.20
CA ILE P 83 30.95 9.71 26.00
C ILE P 83 32.19 10.05 25.16
N LYS P 84 33.19 9.16 25.20
CA LYS P 84 34.26 9.14 24.21
C LYS P 84 34.00 7.97 23.27
N VAL P 85 34.47 8.10 22.03
CA VAL P 85 34.27 7.07 21.01
C VAL P 85 35.26 5.94 21.30
N PRO P 86 34.79 4.68 21.37
CA PRO P 86 35.68 3.54 21.59
C PRO P 86 36.79 3.39 20.55
N ASP P 87 37.83 2.64 20.91
CA ASP P 87 39.05 2.55 20.11
C ASP P 87 38.86 1.61 18.92
N PHE P 88 39.01 2.16 17.72
CA PHE P 88 38.95 1.40 16.46
C PHE P 88 40.33 1.03 15.91
N SER P 89 41.37 1.18 16.73
CA SER P 89 42.75 0.83 16.35
C SER P 89 42.91 -0.65 15.96
N ASP P 90 42.08 -1.51 16.52
CA ASP P 90 42.01 -2.92 16.11
C ASP P 90 41.55 -3.07 14.67
N TYR P 91 40.47 -2.38 14.30
CA TYR P 91 39.81 -2.55 13.00
C TYR P 91 40.36 -1.66 11.88
N ARG P 92 41.05 -0.57 12.24
CA ARG P 92 41.59 0.39 11.25
C ARG P 92 42.57 -0.22 10.25
N ARG P 93 42.74 0.47 9.12
CA ARG P 93 43.78 0.13 8.15
C ARG P 93 45.12 0.62 8.71
N PRO P 94 46.24 0.10 8.16
CA PRO P 94 47.56 0.61 8.57
C PRO P 94 47.79 2.09 8.22
N GLU P 95 47.19 2.55 7.12
CA GLU P 95 47.43 3.90 6.61
C GLU P 95 46.76 5.03 7.43
N VAL P 96 45.95 4.69 8.43
CA VAL P 96 45.26 5.69 9.28
C VAL P 96 45.42 5.44 10.78
N LEU P 97 46.40 4.64 11.19
CA LEU P 97 46.56 4.27 12.60
C LEU P 97 47.14 5.38 13.48
N ASP P 98 48.03 6.19 12.93
CA ASP P 98 48.67 7.29 13.66
C ASP P 98 47.67 8.43 13.86
N SER P 99 47.25 8.64 15.11
CA SER P 99 46.26 9.66 15.47
C SER P 99 46.79 11.09 15.48
N THR P 100 48.10 11.27 15.26
CA THR P 100 48.70 12.58 15.05
C THR P 100 48.87 12.95 13.55
N LYS P 101 48.32 12.12 12.66
CA LYS P 101 48.60 12.21 11.22
C LYS P 101 47.32 12.51 10.44
N SER P 102 47.40 13.46 9.50
CA SER P 102 46.29 13.78 8.60
C SER P 102 46.06 12.63 7.61
N SER P 103 44.82 12.15 7.56
CA SER P 103 44.45 11.02 6.70
C SER P 103 44.45 11.36 5.20
N LYS P 104 44.26 12.65 4.86
CA LYS P 104 44.08 13.09 3.46
C LYS P 104 45.11 12.59 2.46
N GLU P 105 46.37 12.46 2.90
CA GLU P 105 47.43 11.91 2.05
C GLU P 105 47.23 10.43 1.72
N SER P 106 46.69 9.67 2.68
CA SER P 106 46.35 8.25 2.47
C SER P 106 44.99 8.03 1.81
N SER P 107 44.05 8.96 1.99
CA SER P 107 42.66 8.83 1.53
C SER P 107 42.51 8.37 0.08
N GLU P 108 43.24 9.02 -0.82
CA GLU P 108 43.19 8.68 -2.25
C GLU P 108 43.69 7.26 -2.54
N ALA P 109 44.69 6.81 -1.78
CA ALA P 109 45.19 5.44 -1.88
C ALA P 109 44.18 4.42 -1.33
N ARG P 110 43.59 4.74 -0.18
CA ARG P 110 42.59 3.89 0.47
C ARG P 110 41.34 3.69 -0.40
N LYS P 111 40.89 4.78 -1.02
CA LYS P 111 39.79 4.72 -1.99
C LYS P 111 40.20 3.94 -3.24
N GLY P 112 41.36 4.30 -3.79
CA GLY P 112 41.92 3.65 -4.97
C GLY P 112 42.12 2.15 -4.86
N PHE P 113 42.42 1.67 -3.66
CA PHE P 113 42.54 0.23 -3.40
C PHE P 113 41.19 -0.47 -3.48
N SER P 114 40.20 0.05 -2.73
CA SER P 114 38.87 -0.56 -2.67
C SER P 114 38.13 -0.47 -4.00
N TYR P 115 38.14 0.71 -4.62
CA TYR P 115 37.51 0.91 -5.92
C TYR P 115 38.18 0.11 -7.06
N LEU P 116 39.45 -0.24 -6.89
CA LEU P 116 40.14 -1.16 -7.81
C LEU P 116 39.53 -2.56 -7.77
N VAL P 117 39.28 -3.05 -6.55
CA VAL P 117 38.67 -4.38 -6.35
C VAL P 117 37.34 -4.45 -7.12
N THR P 118 36.48 -3.46 -6.84
CA THR P 118 35.20 -3.30 -7.52
C THR P 118 35.31 -3.32 -9.05
N ALA P 119 36.20 -2.47 -9.57
CA ALA P 119 36.42 -2.37 -11.02
C ALA P 119 36.95 -3.69 -11.61
N THR P 120 37.91 -4.31 -10.93
CA THR P 120 38.44 -5.62 -11.34
C THR P 120 37.36 -6.69 -11.39
N THR P 121 36.46 -6.67 -10.40
CA THR P 121 35.30 -7.56 -10.37
C THR P 121 34.39 -7.32 -11.56
N THR P 122 34.06 -6.05 -11.81
CA THR P 122 33.18 -5.68 -12.93
C THR P 122 33.76 -6.10 -14.28
N VAL P 123 35.08 -5.94 -14.44
CA VAL P 123 35.79 -6.42 -15.64
C VAL P 123 35.67 -7.94 -15.78
N GLY P 124 35.89 -8.65 -14.68
CA GLY P 124 35.82 -10.12 -14.66
C GLY P 124 34.45 -10.67 -14.98
N VAL P 125 33.40 -9.99 -14.48
CA VAL P 125 32.01 -10.33 -14.79
C VAL P 125 31.69 -9.98 -16.25
N ALA P 126 32.16 -8.80 -16.68
CA ALA P 126 31.97 -8.34 -18.07
C ALA P 126 32.53 -9.33 -19.10
N TYR P 127 33.67 -9.93 -18.78
CA TYR P 127 34.24 -11.00 -19.61
C TYR P 127 33.29 -12.19 -19.69
N ALA P 128 32.78 -12.61 -18.54
CA ALA P 128 31.86 -13.73 -18.47
C ALA P 128 30.55 -13.43 -19.21
N ALA P 129 29.88 -12.35 -18.79
CA ALA P 129 28.60 -11.92 -19.37
C ALA P 129 28.60 -11.88 -20.89
N LYS P 130 29.70 -11.39 -21.46
CA LYS P 130 29.86 -11.32 -22.92
C LYS P 130 29.81 -12.71 -23.55
N ASN P 131 30.52 -13.65 -22.94
CA ASN P 131 30.58 -15.03 -23.44
C ASN P 131 29.24 -15.74 -23.29
N VAL P 132 28.60 -15.62 -22.12
CA VAL P 132 27.31 -16.28 -21.85
C VAL P 132 26.26 -15.84 -22.88
N VAL P 133 26.15 -14.53 -23.05
CA VAL P 133 25.19 -13.92 -23.99
C VAL P 133 25.50 -14.37 -25.42
N SER P 134 26.76 -14.24 -25.83
CA SER P 134 27.20 -14.62 -27.18
C SER P 134 26.88 -16.07 -27.55
N GLN P 135 26.95 -16.98 -26.57
CA GLN P 135 26.64 -18.38 -26.79
C GLN P 135 25.15 -18.62 -27.06
N PHE P 136 24.31 -17.98 -26.26
CA PHE P 136 22.85 -18.05 -26.45
C PHE P 136 22.48 -17.43 -27.81
N VAL P 137 23.09 -16.30 -28.13
CA VAL P 137 22.91 -15.66 -29.45
C VAL P 137 23.32 -16.61 -30.58
N SER P 138 24.44 -17.33 -30.39
CA SER P 138 24.93 -18.28 -31.40
C SER P 138 24.03 -19.51 -31.61
N SER P 139 23.37 -19.99 -30.55
CA SER P 139 22.39 -21.07 -30.69
C SER P 139 21.20 -20.64 -31.55
N MET P 140 20.77 -19.39 -31.35
CA MET P 140 19.68 -18.82 -32.14
C MET P 140 20.09 -18.62 -33.60
N SER P 141 21.39 -18.44 -33.86
CA SER P 141 21.93 -18.37 -35.21
C SER P 141 21.85 -19.72 -35.93
N ALA P 142 22.30 -19.74 -37.19
CA ALA P 142 22.18 -20.94 -38.05
C ALA P 142 23.09 -22.08 -37.58
N SER P 143 22.49 -23.27 -37.44
CA SER P 143 23.16 -24.43 -36.88
C SER P 143 24.19 -25.07 -37.85
N ALA P 144 24.85 -26.13 -37.38
CA ALA P 144 25.85 -26.84 -38.19
C ALA P 144 25.22 -27.60 -39.37
N ASP P 145 24.14 -28.34 -39.11
CA ASP P 145 23.49 -29.16 -40.13
C ASP P 145 22.84 -28.35 -41.26
N VAL P 146 22.34 -27.15 -40.95
CA VAL P 146 21.85 -26.23 -41.98
C VAL P 146 23.01 -25.62 -42.78
N LEU P 147 24.09 -25.23 -42.10
CA LEU P 147 25.29 -24.70 -42.76
C LEU P 147 25.95 -25.75 -43.66
N ALA P 148 25.88 -27.01 -43.25
CA ALA P 148 26.44 -28.12 -44.02
C ALA P 148 25.74 -28.31 -45.35
N MET P 149 24.41 -28.44 -45.31
CA MET P 149 23.62 -28.75 -46.51
C MET P 149 23.11 -27.50 -47.26
N SER P 150 23.81 -26.37 -47.10
CA SER P 150 23.43 -25.11 -47.76
C SER P 150 24.00 -25.03 -49.18
N TRP Q 13 15.82 -31.42 42.89
CA TRP Q 13 16.00 -32.81 42.37
C TRP Q 13 16.64 -32.81 40.99
N LEU Q 14 15.93 -32.25 40.01
CA LEU Q 14 16.43 -32.13 38.64
C LEU Q 14 16.78 -30.69 38.28
N GLU Q 15 16.81 -29.80 39.29
CA GLU Q 15 17.39 -28.46 39.13
C GLU Q 15 18.77 -28.50 38.46
N GLY Q 16 19.49 -29.59 38.67
CA GLY Q 16 20.72 -29.86 37.97
C GLY Q 16 20.59 -29.85 36.46
N ILE Q 17 19.76 -30.74 35.94
CA ILE Q 17 19.59 -30.88 34.49
C ILE Q 17 18.84 -29.68 33.92
N ARG Q 18 18.03 -29.00 34.74
CA ARG Q 18 17.44 -27.73 34.34
C ARG Q 18 18.55 -26.73 34.10
N LYS Q 19 19.50 -26.65 35.04
CA LYS Q 19 20.66 -25.79 34.90
C LYS Q 19 21.60 -26.22 33.74
N TRP Q 20 21.68 -27.52 33.49
CA TRP Q 20 22.39 -28.03 32.32
C TRP Q 20 21.74 -27.54 31.03
N TYR Q 21 20.42 -27.73 30.91
CA TYR Q 21 19.68 -27.29 29.73
C TYR Q 21 19.79 -25.79 29.49
N TYR Q 22 19.76 -25.00 30.57
CA TYR Q 22 19.93 -23.56 30.48
C TYR Q 22 21.23 -23.25 29.76
N ASN Q 23 22.32 -23.81 30.26
CA ASN Q 23 23.65 -23.64 29.65
C ASN Q 23 23.72 -24.22 28.24
N ALA Q 24 23.07 -25.37 28.04
CA ALA Q 24 23.00 -26.02 26.72
C ALA Q 24 22.14 -25.25 25.73
N ALA Q 25 21.18 -24.46 26.21
CA ALA Q 25 20.32 -23.64 25.36
C ALA Q 25 21.16 -22.60 24.61
N GLY Q 26 21.96 -21.84 25.36
CA GLY Q 26 22.97 -20.96 24.79
C GLY Q 26 22.62 -19.50 24.64
N PHE Q 27 21.36 -19.13 24.86
CA PHE Q 27 20.95 -17.71 24.88
C PHE Q 27 21.67 -16.87 25.94
N ASN Q 28 22.08 -17.52 27.03
CA ASN Q 28 22.91 -16.86 28.06
C ASN Q 28 24.30 -16.43 27.60
N LYS Q 29 24.85 -17.09 26.58
CA LYS Q 29 26.14 -16.69 25.98
C LYS Q 29 26.02 -15.38 25.21
N LEU Q 30 24.82 -15.09 24.71
CA LEU Q 30 24.50 -13.82 24.04
C LEU Q 30 24.10 -12.70 25.01
N GLY Q 31 23.99 -13.01 26.29
CA GLY Q 31 23.56 -12.04 27.30
C GLY Q 31 22.07 -11.77 27.21
N LEU Q 32 21.28 -12.84 27.05
CA LEU Q 32 19.82 -12.77 27.02
C LEU Q 32 19.27 -13.51 28.23
N MET Q 33 18.20 -12.98 28.81
CA MET Q 33 17.41 -13.71 29.79
C MET Q 33 16.37 -14.54 29.06
N ARG Q 34 15.77 -15.50 29.78
CA ARG Q 34 14.79 -16.44 29.20
C ARG Q 34 13.65 -15.75 28.45
N ASP Q 35 13.10 -14.71 29.08
CA ASP Q 35 11.92 -14.01 28.55
C ASP Q 35 12.23 -13.03 27.40
N ASP Q 36 13.51 -12.83 27.09
CA ASP Q 36 13.91 -12.13 25.85
C ASP Q 36 13.69 -13.00 24.61
N THR Q 37 13.78 -14.32 24.79
CA THR Q 37 13.67 -15.28 23.68
C THR Q 37 12.25 -15.84 23.46
N ILE Q 38 11.29 -15.43 24.29
CA ILE Q 38 9.90 -15.89 24.12
C ILE Q 38 9.36 -15.48 22.74
N HIS Q 39 8.65 -16.40 22.09
CA HIS Q 39 8.05 -16.14 20.78
C HIS Q 39 6.89 -15.19 20.97
N GLU Q 40 6.95 -14.05 20.28
CA GLU Q 40 5.87 -13.06 20.33
C GLU Q 40 4.57 -13.61 19.75
N ASN Q 41 3.47 -13.17 20.32
CA ASN Q 41 2.12 -13.48 19.84
C ASN Q 41 1.24 -12.32 20.31
N ASP Q 42 -0.07 -12.50 20.39
CA ASP Q 42 -0.96 -11.42 20.88
C ASP Q 42 -0.81 -11.17 22.38
N ASP Q 43 -0.61 -12.25 23.16
CA ASP Q 43 -0.45 -12.15 24.62
C ASP Q 43 0.90 -11.56 25.02
N VAL Q 44 1.97 -12.08 24.43
CA VAL Q 44 3.34 -11.63 24.72
C VAL Q 44 3.53 -10.16 24.30
N LYS Q 45 3.12 -9.82 23.07
CA LYS Q 45 3.14 -8.43 22.60
C LYS Q 45 2.47 -7.50 23.60
N GLU Q 46 1.30 -7.91 24.08
CA GLU Q 46 0.53 -7.16 25.07
C GLU Q 46 1.26 -7.05 26.42
N ALA Q 47 1.83 -8.16 26.88
CA ALA Q 47 2.64 -8.17 28.10
C ALA Q 47 3.86 -7.25 27.97
N ILE Q 48 4.53 -7.31 26.82
CA ILE Q 48 5.68 -6.45 26.51
C ILE Q 48 5.27 -4.97 26.47
N ARG Q 49 4.08 -4.69 25.95
CA ARG Q 49 3.54 -3.33 25.94
C ARG Q 49 3.25 -2.81 27.35
N ARG Q 50 2.76 -3.69 28.22
CA ARG Q 50 2.50 -3.35 29.63
C ARG Q 50 3.77 -3.12 30.47
N LEU Q 51 4.92 -3.61 30.02
CA LEU Q 51 6.20 -3.43 30.75
C LEU Q 51 6.50 -1.96 31.03
N PRO Q 52 7.02 -1.64 32.23
CA PRO Q 52 7.44 -0.27 32.50
C PRO Q 52 8.73 0.10 31.75
N GLU Q 53 8.95 1.40 31.60
CA GLU Q 53 10.02 1.95 30.75
C GLU Q 53 11.37 1.25 30.90
N ASN Q 54 11.78 1.01 32.15
CA ASN Q 54 13.08 0.41 32.45
C ASN Q 54 13.27 -1.00 31.89
N LEU Q 55 12.30 -1.89 32.16
CA LEU Q 55 12.38 -3.29 31.72
C LEU Q 55 12.24 -3.43 30.21
N TYR Q 56 11.43 -2.55 29.61
CA TYR Q 56 11.28 -2.50 28.15
C TYR Q 56 12.58 -2.04 27.49
N ASN Q 57 13.09 -0.88 27.91
CA ASN Q 57 14.33 -0.33 27.35
C ASN Q 57 15.56 -1.20 27.60
N ASP Q 58 15.53 -2.01 28.66
CA ASP Q 58 16.57 -3.00 28.93
C ASP Q 58 16.50 -4.17 27.94
N ARG Q 59 15.34 -4.80 27.82
CA ARG Q 59 15.18 -5.94 26.89
C ARG Q 59 15.48 -5.52 25.45
N VAL Q 60 15.12 -4.27 25.11
CA VAL Q 60 15.49 -3.66 23.85
C VAL Q 60 16.99 -3.78 23.60
N PHE Q 61 17.80 -3.33 24.56
CA PHE Q 61 19.25 -3.38 24.41
C PHE Q 61 19.81 -4.81 24.47
N ARG Q 62 19.31 -5.62 25.39
CA ARG Q 62 19.72 -7.02 25.50
C ARG Q 62 19.52 -7.77 24.19
N ILE Q 63 18.37 -7.54 23.57
CA ILE Q 63 18.06 -8.11 22.25
C ILE Q 63 18.89 -7.45 21.14
N LYS Q 64 19.00 -6.12 21.19
CA LYS Q 64 19.79 -5.37 20.20
C LYS Q 64 21.26 -5.77 20.18
N ARG Q 65 21.80 -6.07 21.36
CA ARG Q 65 23.17 -6.56 21.51
C ARG Q 65 23.31 -8.03 21.09
N ALA Q 66 22.32 -8.85 21.43
CA ALA Q 66 22.31 -10.28 21.09
C ALA Q 66 22.22 -10.53 19.58
N LEU Q 67 21.45 -9.70 18.89
CA LEU Q 67 21.38 -9.74 17.42
C LEU Q 67 22.71 -9.32 16.80
N ASP Q 68 23.30 -8.25 17.33
CA ASP Q 68 24.63 -7.77 16.89
C ASP Q 68 25.73 -8.84 17.08
N LEU Q 69 25.62 -9.60 18.17
CA LEU Q 69 26.47 -10.78 18.37
C LEU Q 69 26.19 -11.86 17.32
N SER Q 70 24.91 -12.17 17.12
CA SER Q 70 24.47 -13.19 16.16
C SER Q 70 24.87 -12.86 14.71
N MET Q 71 24.94 -11.57 14.38
CA MET Q 71 25.48 -11.12 13.10
C MET Q 71 26.94 -11.51 12.93
N ARG Q 72 27.74 -11.16 13.93
CA ARG Q 72 29.19 -11.41 13.90
C ARG Q 72 29.58 -12.86 14.20
N GLN Q 73 28.60 -13.71 14.54
CA GLN Q 73 28.78 -15.15 14.80
C GLN Q 73 29.62 -15.38 16.07
N GLN Q 74 29.48 -14.48 17.03
CA GLN Q 74 30.27 -14.51 18.26
C GLN Q 74 29.35 -14.54 19.49
N ILE Q 75 29.98 -14.72 20.66
CA ILE Q 75 29.31 -14.67 21.95
C ILE Q 75 30.10 -13.79 22.91
N LEU Q 76 29.52 -13.48 24.06
CA LEU Q 76 30.17 -12.63 25.06
C LEU Q 76 31.30 -13.37 25.78
N PRO Q 77 32.21 -12.63 26.43
CA PRO Q 77 33.17 -13.22 27.39
C PRO Q 77 32.46 -13.94 28.53
N LYS Q 78 33.09 -15.01 29.03
CA LYS Q 78 32.43 -15.98 29.92
C LYS Q 78 31.79 -15.39 31.20
N GLU Q 79 32.39 -14.34 31.75
CA GLU Q 79 31.85 -13.66 32.93
C GLU Q 79 30.55 -12.91 32.64
N GLN Q 80 30.44 -12.35 31.43
CA GLN Q 80 29.25 -11.61 31.01
C GLN Q 80 28.05 -12.50 30.65
N TRP Q 81 28.23 -13.82 30.62
CA TRP Q 81 27.14 -14.77 30.36
C TRP Q 81 26.07 -14.67 31.43
N THR Q 82 24.80 -14.87 31.04
CA THR Q 82 23.68 -14.81 31.99
C THR Q 82 23.72 -16.03 32.91
N LYS Q 83 23.40 -15.81 34.19
CA LYS Q 83 23.48 -16.87 35.21
C LYS Q 83 22.09 -17.46 35.47
N TYR Q 84 22.01 -18.79 35.51
CA TYR Q 84 20.78 -19.52 35.84
C TYR Q 84 20.14 -19.04 37.17
N GLU Q 85 20.98 -18.73 38.15
CA GLU Q 85 20.52 -18.16 39.42
C GLU Q 85 20.06 -16.70 39.29
N GLU Q 86 20.79 -15.90 38.52
CA GLU Q 86 20.46 -14.47 38.30
C GLU Q 86 19.64 -14.22 37.02
N ASP Q 87 18.89 -15.21 36.56
CA ASP Q 87 18.04 -15.08 35.38
C ASP Q 87 16.62 -14.69 35.83
N LYS Q 88 16.36 -13.39 35.84
CA LYS Q 88 15.07 -12.85 36.30
C LYS Q 88 13.96 -13.09 35.27
N SER Q 89 12.79 -13.52 35.76
CA SER Q 89 11.61 -13.75 34.93
C SER Q 89 10.75 -12.49 34.89
N TYR Q 90 11.30 -11.45 34.28
CA TYR Q 90 10.68 -10.11 34.25
C TYR Q 90 9.30 -10.06 33.58
N LEU Q 91 9.11 -10.85 32.52
CA LEU Q 91 7.89 -10.79 31.72
C LEU Q 91 6.70 -11.60 32.28
N GLU Q 92 6.98 -12.67 33.03
CA GLU Q 92 5.92 -13.61 33.49
C GLU Q 92 4.70 -12.99 34.20
N PRO Q 93 4.91 -12.23 35.29
CA PRO Q 93 3.75 -11.72 36.05
C PRO Q 93 2.73 -10.93 35.23
N TYR Q 94 3.22 -10.21 34.23
CA TYR Q 94 2.36 -9.49 33.27
C TYR Q 94 1.64 -10.47 32.34
N LEU Q 95 2.43 -11.34 31.71
CA LEU Q 95 1.93 -12.33 30.75
C LEU Q 95 0.90 -13.29 31.35
N LYS Q 96 1.08 -13.63 32.62
CA LYS Q 96 0.10 -14.43 33.37
C LYS Q 96 -1.24 -13.72 33.46
N GLU Q 97 -1.20 -12.41 33.76
CA GLU Q 97 -2.40 -11.60 33.89
C GLU Q 97 -3.12 -11.40 32.55
N VAL Q 98 -2.35 -11.15 31.48
CA VAL Q 98 -2.91 -11.02 30.13
C VAL Q 98 -3.63 -12.30 29.72
N ILE Q 99 -2.97 -13.44 29.95
CA ILE Q 99 -3.55 -14.76 29.67
C ILE Q 99 -4.80 -15.01 30.51
N ARG Q 100 -4.75 -14.67 31.79
CA ARG Q 100 -5.88 -14.88 32.71
C ARG Q 100 -7.09 -14.01 32.33
N GLU Q 101 -6.82 -12.79 31.89
CA GLU Q 101 -7.88 -11.89 31.40
C GLU Q 101 -8.48 -12.38 30.09
N ARG Q 102 -7.66 -12.91 29.19
CA ARG Q 102 -8.15 -13.51 27.93
C ARG Q 102 -8.99 -14.75 28.20
N LYS Q 103 -8.53 -15.60 29.11
CA LYS Q 103 -9.29 -16.77 29.56
C LYS Q 103 -10.64 -16.38 30.16
N GLU Q 104 -10.65 -15.32 30.98
CA GLU Q 104 -11.88 -14.77 31.54
C GLU Q 104 -12.85 -14.27 30.46
N ARG Q 105 -12.33 -13.52 29.50
CA ARG Q 105 -13.12 -13.03 28.35
C ARG Q 105 -13.71 -14.19 27.54
N GLU Q 106 -12.94 -15.26 27.38
CA GLU Q 106 -13.40 -16.47 26.69
C GLU Q 106 -14.43 -17.25 27.51
N GLU Q 107 -14.20 -17.37 28.81
CA GLU Q 107 -15.15 -18.01 29.73
C GLU Q 107 -16.47 -17.23 29.86
N TRP Q 108 -16.38 -15.90 29.79
CA TRP Q 108 -17.57 -15.04 29.77
C TRP Q 108 -18.30 -15.12 28.43
N ALA Q 109 -17.52 -15.11 27.34
CA ALA Q 109 -18.06 -15.29 25.98
C ALA Q 109 -18.70 -16.66 25.75
N LYS Q 110 -18.24 -17.68 26.49
CA LYS Q 110 -18.81 -19.03 26.44
C LYS Q 110 -20.30 -19.03 26.81
N LYS Q 111 -20.64 -18.36 27.92
CA LYS Q 111 -22.03 -18.21 28.34
C LYS Q 111 -22.76 -17.27 27.39
N ARG R 3 5.30 -0.52 8.23
CA ARG R 3 6.63 -1.19 8.10
C ARG R 3 7.60 -0.41 7.22
N GLN R 4 8.37 0.46 7.84
CA GLN R 4 9.29 1.36 7.16
C GLN R 4 10.35 1.75 8.17
N PHE R 5 11.43 2.39 7.72
CA PHE R 5 12.41 2.93 8.65
C PHE R 5 11.76 4.18 9.21
N GLY R 6 11.56 4.20 10.53
CA GLY R 6 10.85 5.27 11.22
C GLY R 6 9.62 4.79 11.96
N HIS R 7 8.99 3.71 11.47
CA HIS R 7 7.80 3.14 12.08
C HIS R 7 8.00 1.71 12.63
N LEU R 8 9.25 1.25 12.74
CA LEU R 8 9.54 -0.14 13.14
C LEU R 8 9.22 -0.40 14.62
N THR R 9 9.95 0.26 15.53
CA THR R 9 9.72 0.11 16.96
C THR R 9 10.34 1.25 17.80
N ARG R 10 9.98 1.25 19.09
CA ARG R 10 10.48 2.22 20.06
C ARG R 10 11.81 1.76 20.68
N VAL R 11 12.90 2.46 20.34
CA VAL R 11 14.24 2.19 20.89
C VAL R 11 14.71 3.43 21.63
N ARG R 12 15.21 3.26 22.85
CA ARG R 12 15.67 4.38 23.67
C ARG R 12 17.02 4.13 24.35
N HIS R 13 17.79 5.20 24.47
CA HIS R 13 19.05 5.25 25.26
C HIS R 13 20.20 4.38 24.72
N VAL R 14 20.18 4.06 23.42
CA VAL R 14 21.23 3.27 22.78
C VAL R 14 22.12 4.21 21.96
N ILE R 15 23.41 3.89 21.90
CA ILE R 15 24.36 4.63 21.05
C ILE R 15 25.16 3.63 20.20
N THR R 16 25.20 3.88 18.89
CA THR R 16 25.89 3.00 17.94
C THR R 16 27.07 3.77 17.33
N TYR R 17 28.29 3.34 17.64
CA TYR R 17 29.51 3.90 17.06
C TYR R 17 29.90 3.07 15.84
N SER R 18 30.04 3.72 14.69
CA SER R 18 30.38 3.06 13.44
C SER R 18 31.60 3.73 12.81
N LEU R 19 32.11 3.12 11.73
CA LEU R 19 33.31 3.61 11.05
C LEU R 19 33.19 3.39 9.55
N SER R 20 33.68 4.35 8.76
CA SER R 20 33.63 4.28 7.30
C SER R 20 34.38 3.07 6.79
N PRO R 21 33.86 2.40 5.75
CA PRO R 21 34.54 1.22 5.20
C PRO R 21 35.88 1.53 4.53
N PHE R 22 36.06 2.76 4.08
CA PHE R 22 37.35 3.22 3.54
C PHE R 22 38.36 3.50 4.65
N GLU R 23 37.88 4.02 5.78
CA GLU R 23 38.72 4.24 6.97
C GLU R 23 39.21 2.94 7.62
N GLN R 24 38.36 1.91 7.63
CA GLN R 24 38.68 0.63 8.29
C GLN R 24 39.07 -0.47 7.30
N ARG R 25 39.54 -1.58 7.85
CA ARG R 25 39.99 -2.72 7.05
C ARG R 25 38.84 -3.63 6.67
N ALA R 26 39.00 -4.35 5.55
CA ALA R 26 38.03 -5.34 5.09
C ALA R 26 38.15 -6.71 5.79
N PHE R 27 39.38 -7.20 5.94
CA PHE R 27 39.65 -8.48 6.61
C PHE R 27 40.47 -8.30 7.90
N PRO R 28 39.87 -7.71 8.95
CA PRO R 28 40.61 -7.46 10.20
C PRO R 28 40.76 -8.72 11.07
N HIS R 29 42.00 -9.18 11.23
CA HIS R 29 42.33 -10.36 12.05
C HIS R 29 41.52 -11.59 11.65
N TYR R 30 41.66 -11.95 10.37
CA TYR R 30 40.87 -13.00 9.74
C TYR R 30 41.31 -14.39 10.20
N PHE R 31 42.56 -14.76 9.91
CA PHE R 31 43.13 -16.02 10.39
C PHE R 31 43.48 -15.98 11.88
N SER R 32 43.84 -14.79 12.37
CA SER R 32 44.18 -14.59 13.79
C SER R 32 43.02 -14.95 14.72
N LYS R 33 41.94 -14.16 14.67
CA LYS R 33 40.78 -14.36 15.54
C LYS R 33 39.74 -15.34 14.98
N GLY R 34 39.71 -15.51 13.66
CA GLY R 34 38.66 -16.29 13.00
C GLY R 34 38.75 -17.80 13.23
N ILE R 35 39.91 -18.37 12.92
CA ILE R 35 40.08 -19.85 12.96
C ILE R 35 39.72 -20.42 14.34
N PRO R 36 40.11 -19.75 15.45
CA PRO R 36 39.60 -20.11 16.78
C PRO R 36 38.08 -20.00 16.92
N ASN R 37 37.51 -18.90 16.44
CA ASN R 37 36.06 -18.68 16.48
C ASN R 37 35.30 -19.72 15.65
N VAL R 38 35.85 -20.06 14.48
CA VAL R 38 35.32 -21.13 13.62
C VAL R 38 35.34 -22.45 14.36
N LEU R 39 36.48 -22.77 14.98
CA LEU R 39 36.62 -23.99 15.78
C LEU R 39 35.61 -24.04 16.93
N ARG R 40 35.50 -22.95 17.68
CA ARG R 40 34.53 -22.84 18.79
C ARG R 40 33.11 -23.14 18.34
N ARG R 41 32.71 -22.55 17.22
CA ARG R 41 31.40 -22.78 16.60
C ARG R 41 31.22 -24.24 16.19
N THR R 42 32.28 -24.84 15.65
CA THR R 42 32.27 -26.27 15.30
C THR R 42 32.07 -27.15 16.54
N ARG R 43 32.73 -26.79 17.65
CA ARG R 43 32.61 -27.57 18.90
C ARG R 43 31.20 -27.45 19.49
N ALA R 44 30.62 -26.26 19.38
CA ALA R 44 29.25 -26.02 19.83
C ALA R 44 28.23 -26.92 19.12
N CYS R 45 28.28 -26.94 17.79
CA CYS R 45 27.29 -27.67 16.98
C CYS R 45 27.56 -29.17 16.85
N ILE R 46 28.82 -29.57 16.65
CA ILE R 46 29.21 -30.96 16.28
C ILE R 46 28.41 -32.07 16.96
N LEU R 47 28.24 -31.97 18.28
CA LEU R 47 27.55 -32.99 19.07
C LEU R 47 26.08 -33.17 18.70
N ARG R 48 25.44 -32.07 18.29
CA ARG R 48 24.05 -32.08 17.84
C ARG R 48 23.91 -32.50 16.38
N VAL R 49 24.88 -32.10 15.54
CA VAL R 49 24.80 -32.23 14.09
C VAL R 49 25.29 -33.59 13.57
N ALA R 50 26.47 -34.01 14.04
CA ALA R 50 27.22 -35.13 13.46
C ALA R 50 26.64 -36.55 13.66
N PRO R 51 26.24 -36.90 14.91
CA PRO R 51 25.88 -38.31 15.20
C PRO R 51 24.81 -38.96 14.32
N PRO R 52 23.77 -38.19 13.90
CA PRO R 52 22.86 -38.73 12.88
C PRO R 52 23.51 -39.09 11.54
N PHE R 53 24.42 -38.25 11.06
CA PHE R 53 25.17 -38.53 9.82
C PHE R 53 26.16 -39.68 9.98
N VAL R 54 26.74 -39.82 11.17
CA VAL R 54 27.55 -41.00 11.52
C VAL R 54 26.66 -42.25 11.47
N ALA R 55 25.52 -42.18 12.15
CA ALA R 55 24.53 -43.26 12.15
C ALA R 55 24.04 -43.62 10.74
N PHE R 56 23.89 -42.61 9.88
CA PHE R 56 23.61 -42.84 8.46
C PHE R 56 24.74 -43.63 7.80
N TYR R 57 25.97 -43.18 8.01
CA TYR R 57 27.16 -43.85 7.45
C TYR R 57 27.27 -45.31 7.90
N LEU R 58 26.96 -45.58 9.17
CA LEU R 58 26.98 -46.95 9.71
C LEU R 58 25.92 -47.82 9.05
N VAL R 59 24.69 -47.32 8.99
CA VAL R 59 23.58 -48.02 8.32
C VAL R 59 23.83 -48.14 6.81
N TYR R 60 24.48 -47.13 6.22
CA TYR R 60 24.81 -47.14 4.78
C TYR R 60 25.77 -48.27 4.42
N THR R 61 26.96 -48.24 5.04
CA THR R 61 28.01 -49.25 4.76
C THR R 61 27.53 -50.65 5.14
N TRP R 62 26.90 -50.79 6.31
CA TRP R 62 26.32 -52.07 6.73
C TRP R 62 25.31 -52.61 5.73
N GLY R 63 24.39 -51.75 5.30
CA GLY R 63 23.32 -52.14 4.38
C GLY R 63 23.84 -52.55 3.01
N THR R 64 24.85 -51.82 2.53
CA THR R 64 25.54 -52.16 1.29
C THR R 64 26.38 -53.43 1.46
N GLN R 65 27.07 -53.56 2.59
CA GLN R 65 27.80 -54.79 2.95
C GLN R 65 26.88 -56.02 2.95
N GLU R 66 25.78 -55.90 3.67
CA GLU R 66 24.78 -56.97 3.78
C GLU R 66 24.06 -57.25 2.45
N PHE R 67 23.92 -56.23 1.60
CA PHE R 67 23.41 -56.42 0.24
C PHE R 67 24.38 -57.23 -0.62
N GLU R 68 25.68 -56.95 -0.51
CA GLU R 68 26.71 -57.70 -1.23
C GLU R 68 26.87 -59.14 -0.71
N LYS R 69 26.72 -59.33 0.60
CA LYS R 69 26.70 -60.67 1.20
C LYS R 69 25.55 -61.52 0.65
N SER R 70 24.34 -60.95 0.63
CA SER R 70 23.14 -61.65 0.13
C SER R 70 23.16 -61.88 -1.39
N LYS R 71 23.80 -60.98 -2.13
CA LYS R 71 24.01 -61.14 -3.59
C LYS R 71 24.84 -62.37 -3.97
N ARG R 72 25.91 -62.60 -3.22
CA ARG R 72 26.89 -63.66 -3.40
C ARG R 72 26.36 -65.06 -3.02
N LYS R 73 27.10 -66.09 -3.43
CA LYS R 73 26.81 -67.49 -3.09
C LYS R 73 26.74 -67.80 -1.59
N ASN R 74 26.17 -68.95 -1.31
CA ASN R 74 26.01 -69.45 0.05
C ASN R 74 26.45 -70.93 0.10
N PRO R 75 27.00 -71.37 1.26
CA PRO R 75 27.57 -72.71 1.34
C PRO R 75 26.56 -73.85 1.42
N ALA R 76 25.29 -73.54 1.71
CA ALA R 76 24.22 -74.55 1.74
C ALA R 76 23.62 -74.85 0.36
N ALA R 77 24.03 -74.11 -0.67
CA ALA R 77 23.59 -74.36 -2.05
C ALA R 77 24.10 -75.70 -2.56
N TYR R 78 23.33 -76.76 -2.29
CA TYR R 78 23.58 -78.10 -2.81
C TYR R 78 24.93 -78.71 -2.40
N GLU R 79 25.45 -78.31 -1.24
CA GLU R 79 26.68 -78.87 -0.68
C GLU R 79 26.35 -79.90 0.40
N ASN R 80 27.19 -80.95 0.48
CA ASN R 80 26.86 -82.21 1.17
C ASN R 80 25.54 -82.83 0.63
N ASP R 81 25.28 -82.60 -0.66
CA ASP R 81 24.08 -83.08 -1.36
C ASP R 81 24.42 -83.24 -2.85
N ARG R 82 24.79 -84.47 -3.24
CA ARG R 82 25.22 -84.76 -4.61
C ARG R 82 24.02 -84.90 -5.55
N GLU S 24 55.09 -61.85 -40.18
CA GLU S 24 55.39 -62.30 -38.77
C GLU S 24 54.14 -62.27 -37.90
N GLU S 25 54.11 -63.15 -36.90
CA GLU S 25 53.04 -63.17 -35.89
C GLU S 25 53.20 -62.00 -34.92
N LEU S 26 52.07 -61.51 -34.41
CA LEU S 26 52.02 -60.32 -33.54
C LEU S 26 51.63 -60.70 -32.11
N VAL S 27 51.98 -59.85 -31.15
CA VAL S 27 51.65 -60.09 -29.74
C VAL S 27 51.04 -58.85 -29.07
N ASP S 28 50.03 -59.10 -28.23
CA ASP S 28 49.28 -58.08 -27.53
C ASP S 28 49.86 -57.94 -26.11
N PRO S 29 50.24 -56.72 -25.69
CA PRO S 29 50.65 -56.47 -24.29
C PRO S 29 49.68 -56.98 -23.23
N LEU S 30 48.39 -56.98 -23.57
CA LEU S 30 47.33 -57.59 -22.76
C LEU S 30 47.71 -58.96 -22.19
N THR S 31 48.14 -59.86 -23.08
CA THR S 31 48.48 -61.23 -22.70
C THR S 31 49.75 -61.33 -21.84
N THR S 32 50.67 -60.37 -21.97
CA THR S 32 51.83 -60.26 -21.08
C THR S 32 51.39 -59.77 -19.70
N VAL S 33 50.69 -58.63 -19.67
CA VAL S 33 50.29 -57.97 -18.42
C VAL S 33 49.30 -58.83 -17.62
N ARG S 34 48.43 -59.57 -18.32
CA ARG S 34 47.51 -60.50 -17.66
C ARG S 34 48.24 -61.62 -16.91
N GLU S 35 49.25 -62.20 -17.55
CA GLU S 35 50.05 -63.27 -16.93
C GLU S 35 50.93 -62.73 -15.80
N GLN S 36 51.43 -61.49 -15.96
CA GLN S 36 52.13 -60.78 -14.88
C GLN S 36 51.24 -60.55 -13.66
N CYS S 37 50.00 -60.11 -13.90
CA CYS S 37 49.04 -59.84 -12.81
C CYS S 37 48.50 -61.12 -12.17
N GLU S 38 48.35 -62.18 -12.96
CA GLU S 38 47.98 -63.50 -12.44
C GLU S 38 48.96 -64.07 -11.39
N GLN S 39 50.18 -63.53 -11.34
CA GLN S 39 51.16 -63.87 -10.30
C GLN S 39 50.70 -63.55 -8.88
N LEU S 40 50.02 -62.41 -8.70
CA LEU S 40 49.68 -61.89 -7.36
C LEU S 40 48.90 -62.84 -6.46
N GLU S 41 49.05 -62.67 -5.15
CA GLU S 41 48.54 -63.60 -4.12
C GLU S 41 47.01 -63.76 -4.17
N LYS S 42 46.31 -62.64 -4.15
CA LYS S 42 44.84 -62.62 -4.25
C LYS S 42 44.31 -63.23 -5.56
N CYS S 43 45.06 -63.07 -6.65
CA CYS S 43 44.71 -63.67 -7.94
C CYS S 43 44.83 -65.19 -7.88
N VAL S 44 45.98 -65.69 -7.45
CA VAL S 44 46.19 -67.14 -7.29
C VAL S 44 45.31 -67.76 -6.19
N LYS S 45 44.99 -66.99 -5.16
CA LYS S 45 44.05 -67.46 -4.10
C LYS S 45 42.61 -67.60 -4.60
N ALA S 46 42.18 -66.69 -5.47
CA ALA S 46 40.87 -66.80 -6.14
C ALA S 46 40.86 -67.94 -7.15
N ARG S 47 41.99 -68.05 -7.85
CA ARG S 47 42.30 -69.15 -8.78
C ARG S 47 42.29 -70.53 -8.08
N GLU S 48 42.80 -70.57 -6.85
CA GLU S 48 42.70 -71.75 -5.99
C GLU S 48 41.26 -72.17 -5.72
N ARG S 49 40.44 -71.21 -5.28
CA ARG S 49 39.01 -71.45 -5.04
C ARG S 49 38.23 -71.76 -6.32
N LEU S 50 38.64 -71.18 -7.44
CA LEU S 50 38.05 -71.47 -8.76
C LEU S 50 38.31 -72.92 -9.16
N GLU S 51 39.58 -73.33 -9.09
CA GLU S 51 39.96 -74.74 -9.33
C GLU S 51 39.25 -75.69 -8.37
N LEU S 52 39.21 -75.30 -7.08
CA LEU S 52 38.51 -76.04 -6.04
C LEU S 52 37.01 -76.17 -6.32
N CYS S 53 36.43 -75.14 -6.95
CA CYS S 53 35.03 -75.19 -7.43
C CYS S 53 34.89 -76.08 -8.66
N ASP S 54 35.81 -75.95 -9.62
CA ASP S 54 35.77 -76.72 -10.87
C ASP S 54 35.68 -78.22 -10.61
N GLU S 55 36.54 -78.70 -9.71
CA GLU S 55 36.52 -80.10 -9.29
C GLU S 55 35.25 -80.47 -8.52
N ARG S 56 34.73 -79.55 -7.71
CA ARG S 56 33.45 -79.75 -7.02
C ARG S 56 32.32 -80.00 -8.01
N VAL S 57 32.13 -79.07 -8.93
CA VAL S 57 31.05 -79.16 -9.94
C VAL S 57 31.27 -80.36 -10.88
N SER S 58 32.52 -80.63 -11.22
CA SER S 58 32.88 -81.79 -12.05
C SER S 58 32.61 -83.12 -11.34
N SER S 59 33.06 -83.22 -10.09
CA SER S 59 32.86 -84.44 -9.28
C SER S 59 31.44 -84.79 -8.82
N ARG S 60 30.56 -83.79 -8.73
CA ARG S 60 29.17 -84.05 -8.36
C ARG S 60 28.49 -84.71 -9.56
N SER S 61 27.43 -85.48 -9.30
CA SER S 61 26.71 -86.18 -10.36
C SER S 61 25.90 -85.30 -11.32
N GLN S 62 24.93 -84.57 -10.78
CA GLN S 62 24.23 -83.53 -11.53
C GLN S 62 23.78 -82.43 -10.55
N THR S 63 24.13 -81.19 -10.89
CA THR S 63 23.90 -80.04 -10.02
C THR S 63 23.34 -78.88 -10.84
N GLU S 64 22.84 -77.86 -10.13
CA GLU S 64 22.33 -76.64 -10.75
C GLU S 64 23.25 -75.47 -10.46
N GLU S 65 24.54 -75.77 -10.27
CA GLU S 65 25.53 -74.83 -9.73
C GLU S 65 26.63 -74.57 -10.75
N ASP S 66 27.25 -73.39 -10.65
CA ASP S 66 28.35 -72.99 -11.52
C ASP S 66 29.47 -72.33 -10.73
N CYS S 67 30.61 -72.10 -11.39
CA CYS S 67 31.77 -71.45 -10.77
C CYS S 67 32.00 -70.04 -11.37
N THR S 68 30.91 -69.32 -11.62
CA THR S 68 30.99 -67.98 -12.20
C THR S 68 31.54 -67.00 -11.17
N GLU S 69 30.94 -66.99 -9.98
CA GLU S 69 31.37 -66.14 -8.88
C GLU S 69 32.89 -66.07 -8.70
N GLU S 70 33.53 -67.24 -8.70
CA GLU S 70 34.96 -67.37 -8.40
C GLU S 70 35.81 -66.90 -9.58
N LEU S 71 35.33 -67.16 -10.80
CA LEU S 71 35.92 -66.58 -12.02
C LEU S 71 35.86 -65.06 -11.98
N LEU S 72 34.72 -64.52 -11.53
CA LEU S 72 34.53 -63.07 -11.43
C LEU S 72 35.38 -62.45 -10.30
N ASP S 73 35.55 -63.18 -9.20
CA ASP S 73 36.47 -62.78 -8.12
C ASP S 73 37.90 -62.71 -8.65
N PHE S 74 38.30 -63.77 -9.36
CA PHE S 74 39.62 -63.86 -10.00
C PHE S 74 39.84 -62.73 -11.00
N LEU S 75 38.94 -62.62 -11.97
CA LEU S 75 39.02 -61.60 -13.01
C LEU S 75 39.02 -60.17 -12.47
N HIS S 76 38.24 -59.92 -11.42
CA HIS S 76 38.19 -58.61 -10.77
C HIS S 76 39.53 -58.24 -10.14
N ALA S 77 40.13 -59.21 -9.45
CA ALA S 77 41.46 -59.04 -8.85
C ALA S 77 42.54 -58.87 -9.92
N ARG S 78 42.43 -59.63 -11.01
CA ARG S 78 43.38 -59.56 -12.12
C ARG S 78 43.27 -58.24 -12.89
N ASP S 79 42.08 -57.97 -13.42
CA ASP S 79 41.87 -56.82 -14.31
C ASP S 79 42.03 -55.45 -13.65
N HIS S 80 41.91 -55.40 -12.33
CA HIS S 80 42.32 -54.22 -11.55
C HIS S 80 43.80 -53.96 -11.80
N CYS S 81 44.62 -54.99 -11.60
CA CYS S 81 46.06 -54.94 -11.87
C CYS S 81 46.39 -54.72 -13.37
N VAL S 82 45.61 -55.33 -14.26
CA VAL S 82 45.81 -55.15 -15.71
C VAL S 82 45.70 -53.67 -16.08
N ALA S 83 44.62 -53.05 -15.64
CA ALA S 83 44.35 -51.63 -15.89
C ALA S 83 45.45 -50.70 -15.36
N HIS S 84 46.05 -51.06 -14.23
CA HIS S 84 47.19 -50.31 -13.67
C HIS S 84 48.36 -50.12 -14.65
N LYS S 85 48.63 -51.12 -15.50
CA LYS S 85 49.81 -51.08 -16.39
C LYS S 85 49.63 -51.59 -17.84
N LEU S 86 48.40 -51.86 -18.27
CA LEU S 86 48.16 -52.27 -19.67
C LEU S 86 48.34 -51.08 -20.61
N PHE S 87 47.72 -49.96 -20.27
CA PHE S 87 47.76 -48.74 -21.10
C PHE S 87 49.17 -48.13 -21.23
N ASN S 88 50.07 -48.46 -20.32
CA ASN S 88 51.51 -48.14 -20.48
C ASN S 88 52.12 -48.66 -21.78
N SER S 89 51.70 -49.84 -22.21
CA SER S 89 52.17 -50.45 -23.46
C SER S 89 51.47 -49.89 -24.70
N LEU S 90 50.20 -49.53 -24.56
CA LEU S 90 49.38 -49.01 -25.66
C LEU S 90 49.61 -47.51 -25.86
N LYS S 91 49.24 -47.00 -27.03
CA LYS S 91 49.41 -45.58 -27.37
C LYS S 91 48.11 -44.96 -27.92
N VAL T 49 18.71 25.36 32.58
CA VAL T 49 17.83 26.00 33.62
C VAL T 49 17.89 25.21 34.94
N LEU T 50 19.09 25.09 35.51
CA LEU T 50 19.32 24.31 36.74
C LEU T 50 19.90 25.09 37.93
N CYS T 51 20.91 25.94 37.70
CA CYS T 51 21.59 26.68 38.75
C CYS T 51 21.16 28.15 38.76
N ARG T 52 21.66 28.90 39.74
CA ARG T 52 21.43 30.33 39.84
C ARG T 52 22.27 31.18 38.89
N GLU T 53 23.46 30.70 38.54
CA GLU T 53 24.35 31.42 37.63
C GLU T 53 23.73 31.66 36.26
N SER T 54 23.32 30.59 35.59
CA SER T 54 22.68 30.69 34.27
C SER T 54 21.31 31.38 34.33
N LEU T 55 20.58 31.14 35.41
CA LEU T 55 19.25 31.73 35.63
C LEU T 55 19.25 33.26 35.74
N ARG T 56 20.40 33.86 36.04
CA ARG T 56 20.57 35.32 36.02
C ARG T 56 20.40 35.88 34.62
N GLY T 57 19.69 37.01 34.51
CA GLY T 57 19.46 37.69 33.23
C GLY T 57 18.20 37.29 32.50
N GLN T 58 17.62 36.12 32.81
CA GLN T 58 16.39 35.66 32.16
C GLN T 58 15.13 36.42 32.58
N ALA T 59 15.17 37.11 33.72
CA ALA T 59 14.07 37.98 34.13
C ALA T 59 13.94 39.17 33.16
N ALA T 60 12.68 39.52 32.85
CA ALA T 60 12.33 40.45 31.77
C ALA T 60 13.04 41.82 31.83
N GLY T 61 13.99 42.02 30.92
CA GLY T 61 14.74 43.27 30.84
C GLY T 61 13.95 44.45 30.30
N ARG T 62 13.00 44.18 29.41
CA ARG T 62 12.17 45.22 28.79
C ARG T 62 10.93 44.60 28.11
N PRO T 63 9.94 45.42 27.71
CA PRO T 63 8.77 44.84 27.06
C PRO T 63 9.16 44.05 25.83
N LEU T 64 8.57 42.87 25.65
CA LEU T 64 8.95 42.01 24.54
C LEU T 64 8.68 42.69 23.19
N VAL T 65 9.55 42.37 22.22
CA VAL T 65 9.57 43.01 20.92
C VAL T 65 9.80 41.91 19.88
N ALA T 66 8.76 41.61 19.09
CA ALA T 66 8.77 40.49 18.18
C ALA T 66 9.35 40.95 16.85
N SER T 67 10.39 40.26 16.38
CA SER T 67 11.01 40.54 15.09
C SER T 67 10.89 39.32 14.19
N VAL T 68 10.36 39.53 12.99
CA VAL T 68 10.26 38.51 11.95
C VAL T 68 10.97 39.06 10.72
N SER T 69 11.51 38.18 9.88
CA SER T 69 12.24 38.59 8.68
C SER T 69 12.16 37.60 7.52
N LEU T 70 12.71 38.05 6.40
CA LEU T 70 12.89 37.23 5.20
C LEU T 70 14.05 36.25 5.40
N ASN T 71 15.19 36.77 5.81
CA ASN T 71 16.41 35.98 6.03
C ASN T 71 16.61 35.56 7.48
N VAL T 72 16.64 36.52 8.40
CA VAL T 72 17.04 36.27 9.80
C VAL T 72 15.94 35.49 10.55
N PRO T 73 16.34 34.56 11.46
CA PRO T 73 15.37 33.86 12.32
C PRO T 73 14.52 34.81 13.17
N ALA T 74 13.27 34.44 13.41
CA ALA T 74 12.35 35.26 14.21
C ALA T 74 12.76 35.25 15.67
N SER T 75 12.93 36.44 16.25
CA SER T 75 13.39 36.60 17.64
C SER T 75 12.40 37.38 18.48
N VAL T 76 12.55 37.28 19.80
CA VAL T 76 11.74 38.04 20.77
C VAL T 76 12.69 38.77 21.74
N ARG T 77 13.03 40.01 21.39
CA ARG T 77 14.02 40.79 22.15
C ARG T 77 13.45 41.35 23.44
N TYR T 78 14.12 41.07 24.55
CA TYR T 78 13.75 41.57 25.87
C TYR T 78 12.31 41.22 26.23
N ALA U 3 54.67 12.21 -1.57
CA ALA U 3 54.76 11.53 -2.91
C ALA U 3 53.45 10.83 -3.28
N PRO U 4 52.89 11.13 -4.47
CA PRO U 4 51.77 10.33 -4.98
C PRO U 4 52.11 8.84 -5.05
N THR U 5 51.22 8.01 -4.52
CA THR U 5 51.49 6.58 -4.30
C THR U 5 51.19 5.77 -5.58
N LEU U 6 51.08 4.45 -5.47
CA LEU U 6 50.78 3.58 -6.62
C LEU U 6 49.28 3.59 -6.92
N THR U 7 48.47 3.19 -5.94
CA THR U 7 47.02 3.02 -6.12
C THR U 7 46.26 4.36 -6.16
N ALA U 8 46.72 5.33 -5.37
CA ALA U 8 46.15 6.68 -5.37
C ALA U 8 46.28 7.37 -6.73
N ARG U 9 47.37 7.11 -7.43
CA ARG U 9 47.60 7.64 -8.77
C ARG U 9 46.57 7.12 -9.78
N LEU U 10 46.12 5.88 -9.59
CA LEU U 10 44.99 5.33 -10.36
C LEU U 10 43.69 6.06 -10.00
N TYR U 11 43.38 6.12 -8.70
CA TYR U 11 42.16 6.80 -8.24
C TYR U 11 42.06 8.22 -8.79
N SER U 12 43.10 9.02 -8.52
CA SER U 12 43.12 10.45 -8.83
C SER U 12 42.74 10.78 -10.26
N LEU U 13 43.37 10.10 -11.22
CA LEU U 13 43.20 10.40 -12.64
C LEU U 13 42.34 9.39 -13.42
N LEU U 14 42.35 8.12 -13.02
CA LEU U 14 41.66 7.07 -13.79
C LEU U 14 40.21 6.80 -13.33
N PHE U 15 39.99 6.54 -12.04
CA PHE U 15 38.62 6.28 -11.54
C PHE U 15 38.23 7.01 -10.23
N ARG U 16 38.18 8.34 -10.31
CA ARG U 16 37.50 9.17 -9.32
C ARG U 16 36.10 9.45 -9.83
N ARG U 17 36.01 9.98 -11.05
CA ARG U 17 34.75 10.15 -11.76
C ARG U 17 34.16 8.78 -12.06
N THR U 18 32.83 8.67 -12.05
CA THR U 18 32.17 7.44 -12.52
C THR U 18 32.16 7.39 -14.05
N SER U 19 32.32 8.55 -14.70
CA SER U 19 32.42 8.62 -16.16
C SER U 19 33.62 7.84 -16.70
N THR U 20 34.80 8.10 -16.15
CA THR U 20 36.03 7.41 -16.55
C THR U 20 36.14 5.99 -15.97
N PHE U 21 35.58 5.79 -14.77
CA PHE U 21 35.45 4.45 -14.15
C PHE U 21 34.99 3.39 -15.16
N ALA U 22 33.93 3.72 -15.89
CA ALA U 22 33.36 2.82 -16.89
C ALA U 22 34.27 2.66 -18.11
N LEU U 23 34.87 3.77 -18.56
CA LEU U 23 35.81 3.72 -19.69
C LEU U 23 37.02 2.84 -19.37
N THR U 24 37.47 2.89 -18.11
CA THR U 24 38.54 2.01 -17.63
C THR U 24 38.11 0.55 -17.66
N ILE U 25 36.95 0.26 -17.08
CA ILE U 25 36.39 -1.10 -17.06
C ILE U 25 36.23 -1.67 -18.47
N VAL U 26 35.58 -0.90 -19.33
CA VAL U 26 35.33 -1.31 -20.71
C VAL U 26 36.63 -1.66 -21.45
N VAL U 27 37.58 -0.72 -21.43
CA VAL U 27 38.89 -0.90 -22.10
C VAL U 27 39.72 -2.02 -21.43
N GLY U 28 39.71 -2.03 -20.11
CA GLY U 28 40.34 -3.08 -19.32
C GLY U 28 39.76 -4.46 -19.61
N ALA U 29 38.44 -4.53 -19.75
CA ALA U 29 37.74 -5.77 -20.10
C ALA U 29 38.04 -6.20 -21.53
N LEU U 30 38.11 -5.22 -22.44
CA LEU U 30 38.50 -5.46 -23.83
C LEU U 30 39.88 -6.12 -23.91
N PHE U 31 40.84 -5.58 -23.16
CA PHE U 31 42.21 -6.16 -23.08
C PHE U 31 42.23 -7.47 -22.30
N PHE U 32 41.54 -7.52 -21.16
CA PHE U 32 41.47 -8.73 -20.34
C PHE U 32 41.00 -9.93 -21.14
N GLU U 33 39.97 -9.75 -21.97
CA GLU U 33 39.44 -10.82 -22.81
C GLU U 33 40.52 -11.40 -23.71
N ARG U 34 41.24 -10.54 -24.43
CA ARG U 34 42.34 -10.98 -25.29
C ARG U 34 43.42 -11.68 -24.46
N ALA U 35 43.82 -11.07 -23.35
CA ALA U 35 44.87 -11.60 -22.49
C ALA U 35 44.52 -12.94 -21.87
N PHE U 36 43.36 -13.02 -21.21
CA PHE U 36 42.96 -14.22 -20.49
C PHE U 36 42.70 -15.41 -21.41
N ASP U 37 41.86 -15.23 -22.43
CA ASP U 37 41.55 -16.28 -23.41
C ASP U 37 42.84 -16.87 -23.98
N GLN U 38 43.69 -16.00 -24.51
CA GLN U 38 45.00 -16.37 -25.07
C GLN U 38 45.85 -17.19 -24.08
N GLY U 39 45.90 -16.73 -22.83
CA GLY U 39 46.64 -17.42 -21.77
C GLY U 39 46.06 -18.77 -21.41
N ALA U 40 44.77 -18.79 -21.09
CA ALA U 40 44.08 -20.03 -20.70
C ALA U 40 43.94 -21.03 -21.85
N ASP U 41 43.88 -20.54 -23.09
CA ASP U 41 43.97 -21.40 -24.29
C ASP U 41 45.32 -22.11 -24.32
N ALA U 42 46.39 -21.33 -24.22
CA ALA U 42 47.76 -21.84 -24.23
C ALA U 42 48.04 -22.82 -23.08
N ILE U 43 47.48 -22.53 -21.91
CA ILE U 43 47.58 -23.41 -20.74
C ILE U 43 46.89 -24.75 -21.02
N TYR U 44 45.66 -24.69 -21.52
CA TYR U 44 44.90 -25.89 -21.91
C TYR U 44 45.59 -26.68 -23.02
N GLU U 45 46.18 -25.97 -23.98
CA GLU U 45 46.88 -26.58 -25.11
C GLU U 45 48.21 -27.21 -24.71
N HIS U 46 48.90 -26.62 -23.73
CA HIS U 46 50.11 -27.21 -23.15
C HIS U 46 49.76 -28.40 -22.25
N ILE U 47 48.70 -28.26 -21.46
CA ILE U 47 48.14 -29.38 -20.67
C ILE U 47 47.87 -30.59 -21.57
N ASN U 48 47.22 -30.33 -22.70
CA ASN U 48 46.87 -31.35 -23.68
C ASN U 48 47.74 -31.24 -24.92
N GLU U 49 49.01 -31.57 -24.76
CA GLU U 49 49.99 -31.42 -25.83
C GLU U 49 49.91 -32.59 -26.80
N GLY U 50 49.94 -32.27 -28.10
CA GLY U 50 49.90 -33.28 -29.16
C GLY U 50 48.58 -34.00 -29.44
N LYS U 51 47.58 -33.84 -28.55
CA LYS U 51 46.33 -34.61 -28.62
C LYS U 51 45.21 -33.93 -29.41
N LEU U 52 45.26 -32.60 -29.50
CA LEU U 52 44.24 -31.82 -30.22
C LEU U 52 44.51 -31.82 -31.72
N TRP U 53 43.56 -31.31 -32.50
CA TRP U 53 43.66 -31.30 -33.96
C TRP U 53 44.77 -30.38 -34.46
N LYS U 54 44.84 -29.17 -33.91
CA LYS U 54 45.85 -28.17 -34.32
C LYS U 54 47.30 -28.65 -34.19
N HIS U 55 47.55 -29.55 -33.25
CA HIS U 55 48.87 -30.18 -33.09
C HIS U 55 49.17 -31.23 -34.17
N ILE U 56 48.15 -31.99 -34.57
CA ILE U 56 48.29 -33.04 -35.59
C ILE U 56 47.67 -32.67 -36.96
N LYS U 57 47.53 -31.37 -37.23
CA LYS U 57 46.89 -30.88 -38.46
C LYS U 57 47.87 -30.86 -39.63
N HIS U 58 49.07 -30.33 -39.37
CA HIS U 58 50.19 -30.36 -40.34
C HIS U 58 50.43 -31.77 -40.92
N LYS U 59 50.20 -32.77 -40.07
CA LYS U 59 50.29 -34.20 -40.41
C LYS U 59 49.57 -34.58 -41.71
N TYR U 60 48.28 -34.24 -41.78
CA TYR U 60 47.38 -34.72 -42.85
C TYR U 60 46.95 -33.61 -43.82
N GLU U 61 47.80 -32.60 -44.01
CA GLU U 61 47.44 -31.39 -44.76
C GLU U 61 48.65 -30.78 -45.45
N ARG V 1 -25.84 -24.21 15.48
CA ARG V 1 -27.18 -23.66 15.86
C ARG V 1 -27.98 -23.21 14.63
N ASN V 2 -27.63 -22.05 14.07
CA ASN V 2 -28.38 -21.41 12.99
C ASN V 2 -27.85 -21.75 11.59
N TRP V 3 -26.56 -22.09 11.51
CA TRP V 3 -25.92 -22.47 10.25
C TRP V 3 -26.12 -23.96 9.88
N VAL V 4 -26.86 -24.72 10.69
CA VAL V 4 -27.18 -26.13 10.39
C VAL V 4 -28.13 -26.31 9.16
N PRO V 5 -29.25 -25.55 9.10
CA PRO V 5 -30.07 -25.63 7.89
C PRO V 5 -29.43 -24.98 6.65
N THR V 6 -28.62 -23.94 6.87
CA THR V 6 -27.88 -23.29 5.78
C THR V 6 -26.79 -24.21 5.22
N ALA V 7 -25.95 -24.77 6.10
CA ALA V 7 -24.89 -25.69 5.69
C ALA V 7 -25.42 -27.00 5.10
N GLN V 8 -26.61 -27.43 5.53
CA GLN V 8 -27.30 -28.57 4.91
C GLN V 8 -27.80 -28.22 3.51
N LEU V 9 -28.36 -27.02 3.35
CA LEU V 9 -28.83 -26.56 2.04
C LEU V 9 -27.66 -26.35 1.08
N TRP V 10 -26.56 -25.75 1.56
CA TRP V 10 -25.32 -25.64 0.78
C TRP V 10 -24.67 -27.00 0.53
N GLY V 11 -24.82 -27.92 1.49
CA GLY V 11 -24.42 -29.32 1.32
C GLY V 11 -25.18 -30.02 0.20
N ALA V 12 -26.47 -29.71 0.08
CA ALA V 12 -27.30 -30.17 -1.04
C ALA V 12 -26.88 -29.50 -2.36
N VAL V 13 -26.71 -28.17 -2.32
CA VAL V 13 -26.28 -27.39 -3.50
C VAL V 13 -24.98 -27.93 -4.09
N GLY V 14 -24.00 -28.17 -3.23
CA GLY V 14 -22.73 -28.77 -3.62
C GLY V 14 -22.89 -30.18 -4.17
N ALA V 15 -23.71 -30.98 -3.48
CA ALA V 15 -23.96 -32.39 -3.86
C ALA V 15 -24.63 -32.51 -5.23
N VAL V 16 -25.74 -31.79 -5.39
CA VAL V 16 -26.52 -31.84 -6.63
C VAL V 16 -25.73 -31.17 -7.76
N GLY V 17 -24.99 -30.11 -7.44
CA GLY V 17 -24.14 -29.43 -8.41
C GLY V 17 -23.00 -30.27 -8.94
N LEU V 18 -22.37 -31.05 -8.07
CA LEU V 18 -21.29 -31.96 -8.47
C LEU V 18 -21.88 -33.10 -9.29
N VAL V 19 -23.11 -33.49 -8.97
CA VAL V 19 -23.85 -34.48 -9.75
C VAL V 19 -24.28 -33.91 -11.10
N SER V 20 -24.68 -32.63 -11.11
CA SER V 20 -25.01 -31.93 -12.36
C SER V 20 -23.84 -31.89 -13.35
N ALA V 21 -22.70 -31.35 -12.91
CA ALA V 21 -21.51 -31.15 -13.71
C ALA V 21 -20.84 -32.43 -14.23
N THR V 22 -21.05 -33.55 -13.54
CA THR V 22 -20.53 -34.85 -13.95
C THR V 22 -21.64 -35.88 -14.19
#